data_2K23
#
_entry.id   2K23
#
_entity_poly.entity_id   1
_entity_poly.type   'polypeptide(L)'
_entity_poly.pdbx_seq_one_letter_code
;QDSTQNLIPAPPLISVPLQPGFWTERFQGRWFVVGLAGNAVQKERQSRFTMYSTIYELQEDNSYNVTSILVRGQGCRYWI
RTFVPSSRPGQFTLGNIHSYPQIQSYDVQVADTDYDQFAMVFFQKTSENKQYFKVTLYGRTKGLSDELKERFVSFAKSLG
LKDNNIVFSVPTDQCIDN
;
_entity_poly.pdbx_strand_id   A
#
# COMPACT_ATOMS: atom_id res chain seq x y z
N GLN A 1 -11.61 -12.87 1.83
CA GLN A 1 -12.13 -11.99 0.77
C GLN A 1 -13.57 -12.41 0.40
N ASP A 2 -14.16 -11.69 -0.55
CA ASP A 2 -15.54 -11.93 -1.01
C ASP A 2 -16.51 -11.88 0.17
N SER A 3 -16.60 -10.73 0.79
CA SER A 3 -17.52 -10.49 1.88
C SER A 3 -17.82 -9.01 1.95
N THR A 4 -16.78 -8.22 1.75
CA THR A 4 -16.90 -6.78 1.67
C THR A 4 -17.41 -6.37 0.30
N GLN A 5 -18.70 -6.57 0.06
CA GLN A 5 -19.31 -6.22 -1.20
C GLN A 5 -19.89 -4.81 -1.15
N ASN A 6 -19.46 -4.07 -0.14
CA ASN A 6 -19.91 -2.71 0.08
C ASN A 6 -18.71 -1.80 0.18
N LEU A 7 -18.75 -0.69 -0.52
CA LEU A 7 -17.67 0.27 -0.46
C LEU A 7 -17.99 1.37 0.53
N ILE A 8 -17.00 1.67 1.36
CA ILE A 8 -17.02 2.80 2.26
C ILE A 8 -16.70 4.03 1.43
N PRO A 9 -16.88 5.22 2.01
CA PRO A 9 -16.39 6.49 1.47
C PRO A 9 -15.14 6.32 0.61
N ALA A 10 -15.35 6.03 -0.67
CA ALA A 10 -14.27 5.72 -1.61
C ALA A 10 -13.76 7.00 -2.26
N PRO A 11 -12.61 7.50 -1.79
CA PRO A 11 -11.99 8.72 -2.31
C PRO A 11 -11.17 8.43 -3.56
N PRO A 12 -11.18 9.35 -4.53
CA PRO A 12 -10.32 9.26 -5.69
C PRO A 12 -8.89 9.64 -5.33
N LEU A 13 -7.97 9.34 -6.23
CA LEU A 13 -6.57 9.73 -6.08
C LEU A 13 -6.49 11.18 -5.64
N ILE A 14 -7.36 11.96 -6.20
CA ILE A 14 -7.33 13.40 -6.09
C ILE A 14 -7.65 13.88 -4.66
N SER A 15 -8.04 12.96 -3.78
CA SER A 15 -8.27 13.29 -2.38
C SER A 15 -6.97 13.20 -1.59
N VAL A 16 -5.99 12.49 -2.14
CA VAL A 16 -4.74 12.23 -1.44
C VAL A 16 -3.59 13.04 -2.04
N PRO A 17 -2.81 13.74 -1.19
CA PRO A 17 -1.68 14.56 -1.61
C PRO A 17 -0.45 13.74 -2.01
N LEU A 18 0.53 14.43 -2.57
CA LEU A 18 1.74 13.78 -3.07
C LEU A 18 2.95 14.23 -2.27
N GLN A 19 3.97 13.39 -2.24
CA GLN A 19 5.24 13.76 -1.62
C GLN A 19 5.84 14.93 -2.41
N PRO A 20 5.96 16.11 -1.76
CA PRO A 20 6.31 17.38 -2.44
C PRO A 20 7.73 17.45 -2.96
N GLY A 21 8.44 16.38 -2.79
CA GLY A 21 9.81 16.29 -3.25
C GLY A 21 10.13 14.88 -3.72
N PHE A 22 9.31 14.39 -4.63
CA PHE A 22 9.37 13.00 -5.02
C PHE A 22 10.49 12.76 -6.03
N TRP A 23 11.25 11.71 -5.77
CA TRP A 23 12.32 11.28 -6.65
C TRP A 23 12.25 9.77 -6.81
N THR A 24 12.58 9.25 -7.99
CA THR A 24 12.50 7.82 -8.24
C THR A 24 13.28 7.01 -7.21
N GLU A 25 14.54 7.40 -7.01
CA GLU A 25 15.47 6.62 -6.20
C GLU A 25 15.19 6.75 -4.71
N ARG A 26 14.42 7.76 -4.30
CA ARG A 26 14.08 7.92 -2.88
C ARG A 26 12.83 7.12 -2.56
N PHE A 27 12.41 6.30 -3.53
CA PHE A 27 11.30 5.40 -3.35
C PHE A 27 11.74 4.01 -3.82
N GLN A 28 13.02 3.71 -3.61
CA GLN A 28 13.58 2.42 -3.99
C GLN A 28 14.12 1.69 -2.78
N GLY A 29 13.86 0.39 -2.73
CA GLY A 29 14.33 -0.43 -1.64
C GLY A 29 13.21 -1.19 -0.96
N ARG A 30 13.49 -1.71 0.22
CA ARG A 30 12.53 -2.52 0.94
C ARG A 30 11.74 -1.69 1.94
N TRP A 31 10.43 -1.67 1.79
CA TRP A 31 9.56 -1.02 2.76
C TRP A 31 8.64 -2.04 3.42
N PHE A 32 8.66 -2.06 4.75
CA PHE A 32 7.85 -2.98 5.53
C PHE A 32 6.51 -2.34 5.88
N VAL A 33 5.48 -3.16 5.99
CA VAL A 33 4.19 -2.67 6.44
C VAL A 33 4.17 -2.56 7.95
N VAL A 34 4.03 -1.35 8.45
CA VAL A 34 3.95 -1.12 9.88
C VAL A 34 2.54 -0.67 10.26
N GLY A 35 1.62 -0.74 9.29
CA GLY A 35 0.22 -0.52 9.56
C GLY A 35 -0.62 -0.54 8.30
N LEU A 36 -1.93 -0.76 8.44
CA LEU A 36 -2.79 -0.81 7.26
C LEU A 36 -4.22 -0.38 7.59
N ALA A 37 -4.78 0.44 6.74
CA ALA A 37 -6.14 0.93 6.88
C ALA A 37 -6.85 0.85 5.56
N GLY A 38 -8.17 0.75 5.56
CA GLY A 38 -8.91 0.74 4.31
C GLY A 38 -10.12 -0.14 4.35
N ASN A 39 -11.14 0.21 3.59
CA ASN A 39 -12.37 -0.57 3.61
C ASN A 39 -12.18 -1.90 2.89
N ALA A 40 -11.17 -1.94 2.03
CA ALA A 40 -10.79 -3.18 1.35
C ALA A 40 -9.78 -3.96 2.20
N VAL A 41 -9.44 -3.39 3.35
CA VAL A 41 -8.63 -4.05 4.34
C VAL A 41 -9.46 -5.10 5.08
N GLN A 42 -8.96 -6.33 5.12
CA GLN A 42 -9.64 -7.40 5.85
C GLN A 42 -9.47 -7.18 7.36
N LYS A 43 -10.26 -6.27 7.88
CA LYS A 43 -10.25 -5.93 9.29
C LYS A 43 -11.42 -6.64 9.97
N GLU A 44 -11.22 -7.93 10.25
CA GLU A 44 -12.29 -8.77 10.80
C GLU A 44 -12.73 -8.30 12.17
N ARG A 45 -11.79 -8.28 13.09
CA ARG A 45 -12.03 -7.86 14.45
C ARG A 45 -10.71 -7.57 15.11
N GLN A 46 -9.72 -8.39 14.76
CA GLN A 46 -8.37 -8.22 15.26
C GLN A 46 -7.44 -7.74 14.15
N SER A 47 -6.80 -8.68 13.46
CA SER A 47 -5.90 -8.33 12.37
C SER A 47 -5.65 -9.55 11.48
N ARG A 48 -6.51 -9.73 10.48
CA ARG A 48 -6.31 -10.80 9.50
C ARG A 48 -5.12 -10.46 8.62
N PHE A 49 -4.86 -9.17 8.47
CA PHE A 49 -3.72 -8.70 7.71
C PHE A 49 -2.43 -9.04 8.47
N THR A 50 -1.34 -9.01 7.74
CA THR A 50 -0.03 -9.34 8.28
C THR A 50 1.01 -8.62 7.42
N MET A 51 2.09 -8.14 8.02
CA MET A 51 3.03 -7.29 7.28
C MET A 51 3.76 -8.07 6.20
N TYR A 52 3.98 -7.39 5.10
CA TYR A 52 4.82 -7.88 4.03
C TYR A 52 5.76 -6.76 3.59
N SER A 53 6.65 -7.06 2.67
CA SER A 53 7.56 -6.06 2.15
C SER A 53 7.17 -5.69 0.74
N THR A 54 6.95 -4.40 0.51
CA THR A 54 6.83 -3.90 -0.85
C THR A 54 8.19 -3.35 -1.24
N ILE A 55 8.92 -4.11 -2.03
CA ILE A 55 10.29 -3.76 -2.33
C ILE A 55 10.42 -3.23 -3.74
N TYR A 56 10.40 -1.91 -3.85
CA TYR A 56 10.41 -1.25 -5.14
C TYR A 56 11.84 -1.08 -5.63
N GLU A 57 12.19 -1.78 -6.70
CA GLU A 57 13.52 -1.70 -7.26
C GLU A 57 13.45 -1.06 -8.65
N LEU A 58 14.25 -0.02 -8.87
CA LEU A 58 14.18 0.75 -10.11
C LEU A 58 14.74 0.00 -11.31
N GLN A 59 14.09 0.20 -12.45
CA GLN A 59 14.60 -0.29 -13.72
C GLN A 59 15.03 0.90 -14.58
N GLU A 60 15.44 0.63 -15.81
CA GLU A 60 15.96 1.68 -16.69
C GLU A 60 14.97 2.83 -16.85
N ASP A 61 13.68 2.52 -16.83
CA ASP A 61 12.66 3.51 -17.15
C ASP A 61 11.69 3.66 -15.98
N ASN A 62 12.27 3.76 -14.78
CA ASN A 62 11.53 3.98 -13.53
C ASN A 62 10.33 3.06 -13.32
N SER A 63 10.28 1.97 -14.06
CA SER A 63 9.36 0.89 -13.73
C SER A 63 9.98 0.13 -12.57
N TYR A 64 9.29 0.04 -11.45
CA TYR A 64 9.87 -0.61 -10.31
C TYR A 64 9.52 -2.09 -10.35
N ASN A 65 10.51 -2.94 -10.14
CA ASN A 65 10.22 -4.33 -9.91
C ASN A 65 10.03 -4.51 -8.42
N VAL A 66 8.78 -4.57 -8.02
CA VAL A 66 8.45 -4.59 -6.62
C VAL A 66 8.28 -6.00 -6.13
N THR A 67 9.02 -6.31 -5.10
CA THR A 67 9.06 -7.64 -4.56
C THR A 67 8.13 -7.72 -3.37
N SER A 68 6.93 -8.22 -3.59
CA SER A 68 6.00 -8.45 -2.51
C SER A 68 6.25 -9.82 -1.92
N ILE A 69 6.09 -9.96 -0.62
CA ILE A 69 6.33 -11.25 0.01
C ILE A 69 5.10 -11.74 0.74
N LEU A 70 4.72 -12.96 0.42
CA LEU A 70 3.49 -13.53 0.89
C LEU A 70 3.74 -14.92 1.41
N VAL A 71 2.91 -15.34 2.35
CA VAL A 71 2.96 -16.70 2.80
C VAL A 71 2.00 -17.52 1.95
N ARG A 72 2.57 -18.24 1.00
CA ARG A 72 1.81 -18.88 -0.06
C ARG A 72 1.95 -20.39 0.04
N GLY A 73 0.84 -21.09 -0.16
CA GLY A 73 0.82 -22.52 0.08
C GLY A 73 0.93 -22.82 1.56
N GLN A 74 2.05 -23.41 1.96
CA GLN A 74 2.33 -23.67 3.36
C GLN A 74 3.74 -23.20 3.70
N GLY A 75 4.22 -22.24 2.93
CA GLY A 75 5.53 -21.69 3.16
C GLY A 75 5.58 -20.23 2.80
N CYS A 76 6.75 -19.73 2.49
CA CYS A 76 6.90 -18.32 2.17
C CYS A 76 7.29 -18.18 0.70
N ARG A 77 6.80 -17.15 0.03
CA ARG A 77 7.15 -16.96 -1.36
C ARG A 77 6.96 -15.50 -1.77
N TYR A 78 7.92 -14.99 -2.53
CA TYR A 78 7.87 -13.62 -2.99
C TYR A 78 7.13 -13.55 -4.31
N TRP A 79 6.22 -12.60 -4.40
CA TRP A 79 5.50 -12.33 -5.63
C TRP A 79 5.91 -10.95 -6.14
N ILE A 80 6.72 -10.94 -7.18
CA ILE A 80 7.29 -9.71 -7.68
C ILE A 80 6.48 -9.19 -8.87
N ARG A 81 6.21 -7.89 -8.86
CA ARG A 81 5.41 -7.26 -9.89
C ARG A 81 6.03 -5.91 -10.28
N THR A 82 5.37 -5.14 -11.12
CA THR A 82 5.94 -3.88 -11.59
C THR A 82 5.09 -2.70 -11.14
N PHE A 83 5.75 -1.69 -10.59
CA PHE A 83 5.10 -0.44 -10.25
C PHE A 83 5.69 0.69 -11.07
N VAL A 84 4.86 1.32 -11.85
CA VAL A 84 5.29 2.38 -12.73
C VAL A 84 4.63 3.69 -12.33
N PRO A 85 5.40 4.78 -12.29
CA PRO A 85 4.86 6.11 -12.06
C PRO A 85 3.80 6.45 -13.09
N SER A 86 2.62 6.79 -12.60
CA SER A 86 1.46 7.08 -13.44
C SER A 86 1.61 8.44 -14.12
N SER A 87 0.52 9.18 -14.22
CA SER A 87 0.53 10.50 -14.85
C SER A 87 1.54 11.44 -14.18
N ARG A 88 1.92 11.11 -12.96
CA ARG A 88 2.94 11.88 -12.25
C ARG A 88 3.62 10.99 -11.21
N PRO A 89 4.94 11.18 -11.04
CA PRO A 89 5.72 10.46 -10.01
C PRO A 89 5.13 10.66 -8.63
N GLY A 90 4.70 9.57 -8.03
CA GLY A 90 3.98 9.64 -6.77
C GLY A 90 2.69 8.86 -6.86
N GLN A 91 2.03 9.01 -8.00
CA GLN A 91 0.94 8.12 -8.38
C GLN A 91 1.52 6.85 -8.93
N PHE A 92 1.18 5.73 -8.32
CA PHE A 92 1.75 4.47 -8.74
C PHE A 92 0.72 3.56 -9.32
N THR A 93 1.02 3.07 -10.49
CA THR A 93 0.20 2.10 -11.16
C THR A 93 1.06 0.90 -11.49
N LEU A 94 0.48 -0.10 -12.09
CA LEU A 94 1.19 -1.35 -12.28
C LEU A 94 1.84 -1.40 -13.65
N GLY A 95 3.09 -1.83 -13.65
CA GLY A 95 3.85 -1.99 -14.87
C GLY A 95 3.16 -2.92 -15.85
N ASN A 96 2.20 -3.69 -15.34
CA ASN A 96 1.44 -4.64 -16.13
C ASN A 96 -0.07 -4.53 -15.86
N ILE A 97 -0.51 -3.40 -15.30
CA ILE A 97 -1.94 -3.20 -15.03
C ILE A 97 -2.68 -2.89 -16.31
N HIS A 98 -1.93 -2.41 -17.29
CA HIS A 98 -2.49 -1.72 -18.43
C HIS A 98 -3.18 -2.68 -19.41
N SER A 99 -3.26 -3.94 -19.04
CA SER A 99 -4.02 -4.92 -19.81
C SER A 99 -5.21 -5.41 -18.97
N TYR A 100 -5.53 -4.63 -17.94
CA TYR A 100 -6.63 -4.93 -17.02
C TYR A 100 -7.96 -5.21 -17.75
N PRO A 101 -8.64 -6.29 -17.32
CA PRO A 101 -10.01 -6.60 -17.76
C PRO A 101 -11.08 -5.79 -17.01
N GLN A 102 -11.00 -5.79 -15.67
CA GLN A 102 -12.04 -5.22 -14.83
C GLN A 102 -11.58 -3.95 -14.10
N ILE A 103 -10.27 -3.81 -13.97
CA ILE A 103 -9.69 -2.70 -13.23
C ILE A 103 -10.03 -1.37 -13.88
N GLN A 104 -10.84 -0.59 -13.18
CA GLN A 104 -11.26 0.73 -13.64
C GLN A 104 -10.05 1.64 -13.72
N SER A 105 -9.28 1.64 -12.64
CA SER A 105 -8.03 2.37 -12.54
C SER A 105 -7.24 1.84 -11.36
N TYR A 106 -5.92 1.90 -11.43
CA TYR A 106 -5.11 1.58 -10.27
C TYR A 106 -4.04 2.64 -10.11
N ASP A 107 -4.19 3.44 -9.06
CA ASP A 107 -3.27 4.52 -8.77
C ASP A 107 -3.08 4.63 -7.27
N VAL A 108 -1.84 4.60 -6.83
CA VAL A 108 -1.53 4.77 -5.42
C VAL A 108 -0.84 6.11 -5.23
N GLN A 109 -1.10 6.75 -4.11
CA GLN A 109 -0.47 8.02 -3.80
C GLN A 109 0.25 7.93 -2.47
N VAL A 110 1.55 8.20 -2.46
CA VAL A 110 2.24 8.24 -1.20
C VAL A 110 2.24 9.67 -0.67
N ALA A 111 1.55 9.87 0.45
CA ALA A 111 1.41 11.20 1.04
C ALA A 111 2.76 11.71 1.50
N ASP A 112 3.56 10.81 2.04
CA ASP A 112 4.92 11.15 2.44
C ASP A 112 5.79 9.91 2.43
N THR A 113 6.93 10.01 1.78
CA THR A 113 7.89 8.92 1.72
C THR A 113 9.30 9.50 1.93
N ASP A 114 10.12 8.83 2.73
CA ASP A 114 11.46 9.32 3.01
C ASP A 114 12.47 8.18 3.04
N TYR A 115 13.74 8.54 2.93
CA TYR A 115 14.84 7.57 2.89
C TYR A 115 15.08 6.94 4.26
N ASP A 116 14.81 7.69 5.31
CA ASP A 116 15.03 7.21 6.67
C ASP A 116 13.73 7.20 7.44
N GLN A 117 12.95 8.24 7.21
CA GLN A 117 11.60 8.38 7.76
C GLN A 117 10.66 7.38 7.08
N PHE A 118 9.41 7.37 7.49
CA PHE A 118 8.47 6.34 7.09
C PHE A 118 7.63 6.84 5.93
N ALA A 119 6.68 6.03 5.49
CA ALA A 119 5.87 6.38 4.36
C ALA A 119 4.40 6.03 4.56
N MET A 120 3.54 6.95 4.18
CA MET A 120 2.09 6.77 4.28
C MET A 120 1.48 6.81 2.88
N VAL A 121 0.75 5.78 2.51
CA VAL A 121 0.28 5.66 1.13
C VAL A 121 -1.23 5.45 1.06
N PHE A 122 -1.85 6.06 0.05
CA PHE A 122 -3.24 5.79 -0.29
C PHE A 122 -3.27 4.92 -1.54
N PHE A 123 -3.89 3.76 -1.45
CA PHE A 123 -3.99 2.85 -2.58
C PHE A 123 -5.41 2.83 -3.15
N GLN A 124 -5.53 3.14 -4.44
CA GLN A 124 -6.84 3.13 -5.10
C GLN A 124 -6.90 2.03 -6.15
N LYS A 125 -7.73 1.03 -5.89
CA LYS A 125 -7.99 -0.02 -6.86
C LYS A 125 -9.47 -0.03 -7.22
N THR A 126 -9.79 0.24 -8.46
CA THR A 126 -11.17 0.20 -8.90
C THR A 126 -11.40 -1.02 -9.78
N SER A 127 -12.52 -1.70 -9.58
CA SER A 127 -12.86 -2.82 -10.42
C SER A 127 -14.37 -3.00 -10.51
N GLU A 128 -14.91 -2.92 -11.72
CA GLU A 128 -16.34 -3.15 -11.97
C GLU A 128 -17.20 -2.20 -11.13
N ASN A 129 -16.82 -0.93 -11.13
CA ASN A 129 -17.52 0.12 -10.39
C ASN A 129 -17.34 -0.03 -8.88
N LYS A 130 -16.72 -1.12 -8.45
CA LYS A 130 -16.44 -1.31 -7.05
C LYS A 130 -15.06 -0.75 -6.75
N GLN A 131 -15.01 0.22 -5.85
CA GLN A 131 -13.73 0.81 -5.48
C GLN A 131 -13.18 0.11 -4.24
N TYR A 132 -11.93 -0.31 -4.32
CA TYR A 132 -11.22 -0.86 -3.19
C TYR A 132 -10.05 0.05 -2.89
N PHE A 133 -10.02 0.54 -1.69
CA PHE A 133 -9.16 1.66 -1.34
C PHE A 133 -8.66 1.49 0.07
N LYS A 134 -7.39 1.81 0.28
CA LYS A 134 -6.79 1.64 1.58
C LYS A 134 -5.65 2.63 1.79
N VAL A 135 -5.30 2.84 3.05
CA VAL A 135 -4.20 3.70 3.42
C VAL A 135 -3.16 2.88 4.20
N THR A 136 -1.92 2.90 3.75
CA THR A 136 -0.90 2.03 4.30
C THR A 136 0.06 2.79 5.20
N LEU A 137 0.74 2.04 6.05
CA LEU A 137 1.85 2.57 6.82
C LEU A 137 3.09 1.73 6.51
N TYR A 138 4.04 2.30 5.79
CA TYR A 138 5.25 1.60 5.45
C TYR A 138 6.43 2.19 6.21
N GLY A 139 7.38 1.34 6.55
CA GLY A 139 8.55 1.78 7.27
C GLY A 139 9.83 1.32 6.61
N ARG A 140 10.89 2.08 6.84
CA ARG A 140 12.20 1.80 6.25
C ARG A 140 12.84 0.55 6.88
N THR A 141 12.23 0.04 7.95
CA THR A 141 12.72 -1.15 8.62
C THR A 141 11.70 -1.64 9.66
N LYS A 142 11.99 -2.78 10.27
CA LYS A 142 11.13 -3.37 11.32
C LYS A 142 11.21 -2.59 12.63
N GLY A 143 11.32 -1.27 12.56
CA GLY A 143 11.56 -0.51 13.78
C GLY A 143 11.12 0.93 13.66
N LEU A 144 9.84 1.11 13.31
CA LEU A 144 9.30 2.45 13.15
C LEU A 144 8.42 2.78 14.35
N SER A 145 8.70 3.93 14.95
CA SER A 145 8.07 4.33 16.21
C SER A 145 6.55 4.43 16.09
N ASP A 146 5.88 4.14 17.20
CA ASP A 146 4.42 4.16 17.30
C ASP A 146 3.85 5.52 16.88
N GLU A 147 4.67 6.55 17.01
CA GLU A 147 4.30 7.91 16.62
C GLU A 147 3.81 7.96 15.18
N LEU A 148 4.59 7.39 14.27
CA LEU A 148 4.27 7.47 12.85
C LEU A 148 3.10 6.54 12.50
N LYS A 149 2.96 5.46 13.25
CA LYS A 149 1.87 4.52 13.03
C LYS A 149 0.53 5.17 13.34
N GLU A 150 0.44 5.83 14.49
CA GLU A 150 -0.79 6.51 14.89
C GLU A 150 -1.16 7.56 13.85
N ARG A 151 -0.14 8.18 13.25
CA ARG A 151 -0.35 9.16 12.19
C ARG A 151 -1.06 8.52 10.99
N PHE A 152 -0.73 7.25 10.68
CA PHE A 152 -1.37 6.58 9.55
C PHE A 152 -2.85 6.36 9.82
N VAL A 153 -3.20 5.88 11.02
CA VAL A 153 -4.60 5.64 11.34
C VAL A 153 -5.37 6.97 11.25
N SER A 154 -4.70 8.06 11.63
CA SER A 154 -5.27 9.38 11.53
C SER A 154 -5.49 9.78 10.07
N PHE A 155 -4.51 9.44 9.23
CA PHE A 155 -4.63 9.68 7.79
C PHE A 155 -5.71 8.80 7.20
N ALA A 156 -5.87 7.61 7.77
CA ALA A 156 -6.91 6.68 7.37
C ALA A 156 -8.28 7.34 7.48
N LYS A 157 -8.47 8.12 8.53
CA LYS A 157 -9.74 8.79 8.77
C LYS A 157 -9.90 9.99 7.85
N SER A 158 -8.78 10.51 7.34
CA SER A 158 -8.80 11.68 6.48
C SER A 158 -9.48 11.36 5.14
N LEU A 159 -9.38 10.10 4.72
CA LEU A 159 -10.05 9.68 3.49
C LEU A 159 -11.51 9.33 3.77
N GLY A 160 -11.84 9.17 5.04
CA GLY A 160 -13.22 8.90 5.43
C GLY A 160 -13.42 7.48 5.92
N LEU A 161 -12.34 6.83 6.34
CA LEU A 161 -12.43 5.46 6.81
C LEU A 161 -12.39 5.37 8.32
N LYS A 162 -12.69 4.18 8.83
CA LYS A 162 -12.81 3.94 10.27
C LYS A 162 -11.86 2.85 10.74
N ASP A 163 -11.54 2.91 12.02
CA ASP A 163 -10.65 1.94 12.69
C ASP A 163 -11.11 0.51 12.47
N ASN A 164 -12.40 0.34 12.21
CA ASN A 164 -12.95 -1.00 12.00
C ASN A 164 -12.59 -1.53 10.63
N ASN A 165 -11.83 -0.75 9.89
CA ASN A 165 -11.22 -1.20 8.64
C ASN A 165 -9.75 -0.88 8.65
N ILE A 166 -9.18 -0.74 9.84
CA ILE A 166 -7.76 -0.45 10.00
C ILE A 166 -7.13 -1.48 10.94
N VAL A 167 -6.21 -2.28 10.42
CA VAL A 167 -5.54 -3.27 11.25
C VAL A 167 -4.09 -2.83 11.47
N PHE A 168 -3.42 -3.49 12.38
CA PHE A 168 -2.06 -3.14 12.72
C PHE A 168 -1.12 -4.26 12.30
N SER A 169 0.05 -3.87 11.82
CA SER A 169 1.02 -4.79 11.25
C SER A 169 1.34 -5.95 12.19
N VAL A 170 0.85 -7.12 11.82
CA VAL A 170 1.17 -8.34 12.54
C VAL A 170 2.57 -8.80 12.18
N PRO A 171 3.43 -9.01 13.19
CA PRO A 171 4.74 -9.62 12.99
C PRO A 171 4.61 -11.02 12.41
N THR A 172 4.79 -11.11 11.10
CA THR A 172 4.60 -12.36 10.38
C THR A 172 5.64 -13.39 10.78
N ASP A 173 5.18 -14.58 11.10
CA ASP A 173 6.05 -15.68 11.37
C ASP A 173 6.22 -16.48 10.10
N GLN A 174 7.16 -16.03 9.29
CA GLN A 174 7.39 -16.54 7.97
C GLN A 174 8.39 -15.62 7.28
N CYS A 175 8.88 -16.01 6.11
CA CYS A 175 9.82 -15.17 5.38
C CYS A 175 9.20 -13.81 5.07
N ILE A 176 10.03 -12.80 5.10
CA ILE A 176 9.64 -11.42 4.79
C ILE A 176 10.81 -10.50 5.08
N ASP A 177 11.54 -10.84 6.15
CA ASP A 177 12.69 -10.07 6.57
C ASP A 177 13.79 -10.20 5.51
N ASN A 178 13.84 -9.22 4.64
CA ASN A 178 14.70 -9.23 3.47
C ASN A 178 16.14 -8.88 3.81
N GLN A 1 -26.72 -9.60 -2.60
CA GLN A 1 -27.80 -8.95 -1.82
C GLN A 1 -27.79 -7.45 -2.10
N ASP A 2 -28.62 -6.70 -1.40
CA ASP A 2 -28.73 -5.25 -1.62
C ASP A 2 -27.38 -4.59 -1.42
N SER A 3 -26.71 -4.94 -0.33
CA SER A 3 -25.36 -4.46 -0.08
C SER A 3 -24.41 -5.65 -0.05
N THR A 4 -23.59 -5.77 -1.09
CA THR A 4 -22.64 -6.86 -1.19
C THR A 4 -21.36 -6.36 -1.84
N GLN A 5 -20.23 -6.56 -1.13
CA GLN A 5 -18.91 -6.05 -1.54
C GLN A 5 -19.00 -4.69 -2.20
N ASN A 6 -19.50 -3.76 -1.43
CA ASN A 6 -19.65 -2.38 -1.85
C ASN A 6 -18.46 -1.59 -1.36
N LEU A 7 -18.45 -0.30 -1.60
CA LEU A 7 -17.31 0.52 -1.26
C LEU A 7 -17.63 1.47 -0.11
N ILE A 8 -16.66 1.60 0.79
CA ILE A 8 -16.65 2.63 1.79
C ILE A 8 -16.28 3.93 1.10
N PRO A 9 -16.48 5.07 1.76
CA PRO A 9 -15.95 6.37 1.36
C PRO A 9 -14.66 6.32 0.52
N ALA A 10 -14.81 6.05 -0.78
CA ALA A 10 -13.67 5.88 -1.70
C ALA A 10 -13.13 7.23 -2.19
N PRO A 11 -11.97 7.65 -1.69
CA PRO A 11 -11.32 8.88 -2.07
C PRO A 11 -10.26 8.68 -3.17
N PRO A 12 -10.34 9.46 -4.25
CA PRO A 12 -9.33 9.46 -5.32
C PRO A 12 -8.02 10.08 -4.88
N LEU A 13 -6.99 9.93 -5.70
CA LEU A 13 -5.65 10.49 -5.45
C LEU A 13 -5.76 11.90 -4.89
N ILE A 14 -6.63 12.68 -5.46
CA ILE A 14 -6.68 14.10 -5.18
C ILE A 14 -7.10 14.40 -3.72
N SER A 15 -7.39 13.34 -2.96
CA SER A 15 -7.74 13.47 -1.55
C SER A 15 -6.51 13.26 -0.66
N VAL A 16 -5.47 12.68 -1.23
CA VAL A 16 -4.26 12.36 -0.47
C VAL A 16 -3.12 13.28 -0.90
N PRO A 17 -2.35 13.80 0.09
CA PRO A 17 -1.14 14.56 -0.19
C PRO A 17 -0.13 13.76 -0.99
N LEU A 18 0.71 14.44 -1.74
CA LEU A 18 1.65 13.77 -2.63
C LEU A 18 3.07 14.23 -2.36
N GLN A 19 4.05 13.38 -2.70
CA GLN A 19 5.45 13.76 -2.66
C GLN A 19 5.94 14.10 -4.06
N PRO A 20 5.77 15.35 -4.50
CA PRO A 20 6.17 15.81 -5.83
C PRO A 20 7.64 16.22 -5.86
N GLY A 21 8.24 16.13 -7.04
CA GLY A 21 9.65 16.45 -7.17
C GLY A 21 10.51 15.27 -6.77
N PHE A 22 9.86 14.21 -6.34
CA PHE A 22 10.55 12.99 -5.93
C PHE A 22 11.02 12.23 -7.17
N TRP A 23 11.87 11.24 -6.98
CA TRP A 23 12.56 10.62 -8.10
C TRP A 23 12.52 9.10 -8.02
N THR A 24 12.58 8.44 -9.17
CA THR A 24 12.58 6.98 -9.27
C THR A 24 13.54 6.34 -8.27
N GLU A 25 14.79 6.77 -8.36
CA GLU A 25 15.88 6.24 -7.55
C GLU A 25 15.59 6.36 -6.05
N ARG A 26 14.98 7.47 -5.66
CA ARG A 26 14.80 7.79 -4.25
C ARG A 26 13.66 6.98 -3.65
N PHE A 27 12.71 6.59 -4.49
CA PHE A 27 11.58 5.78 -4.05
C PHE A 27 11.86 4.32 -4.41
N GLN A 28 13.14 3.95 -4.42
CA GLN A 28 13.56 2.58 -4.69
C GLN A 28 13.94 1.88 -3.39
N GLY A 29 13.84 0.56 -3.39
CA GLY A 29 14.33 -0.23 -2.27
C GLY A 29 13.23 -0.83 -1.43
N ARG A 30 13.57 -1.14 -0.19
CA ARG A 30 12.70 -1.90 0.69
C ARG A 30 11.84 -1.01 1.58
N TRP A 31 10.55 -1.27 1.57
CA TRP A 31 9.65 -0.63 2.51
C TRP A 31 8.83 -1.67 3.24
N PHE A 32 8.92 -1.63 4.56
CA PHE A 32 8.21 -2.58 5.41
C PHE A 32 6.90 -1.99 5.89
N VAL A 33 5.83 -2.76 5.74
CA VAL A 33 4.52 -2.33 6.21
C VAL A 33 4.43 -2.49 7.73
N VAL A 34 4.13 -1.40 8.40
CA VAL A 34 3.97 -1.43 9.85
C VAL A 34 2.53 -1.04 10.20
N GLY A 35 1.75 -0.72 9.17
CA GLY A 35 0.36 -0.38 9.38
C GLY A 35 -0.48 -0.52 8.13
N LEU A 36 -1.78 -0.75 8.29
CA LEU A 36 -2.68 -0.89 7.16
C LEU A 36 -4.09 -0.44 7.54
N ALA A 37 -4.72 0.29 6.66
CA ALA A 37 -6.06 0.82 6.92
C ALA A 37 -6.85 0.90 5.63
N GLY A 38 -8.04 0.33 5.61
CA GLY A 38 -8.80 0.29 4.38
C GLY A 38 -10.01 -0.60 4.47
N ASN A 39 -11.00 -0.31 3.65
CA ASN A 39 -12.23 -1.08 3.65
C ASN A 39 -11.95 -2.49 3.09
N ALA A 40 -10.92 -2.58 2.27
CA ALA A 40 -10.49 -3.87 1.72
C ALA A 40 -9.48 -4.53 2.66
N VAL A 41 -9.13 -3.84 3.74
CA VAL A 41 -8.27 -4.39 4.77
C VAL A 41 -9.02 -5.48 5.55
N GLN A 42 -8.35 -6.61 5.75
CA GLN A 42 -8.92 -7.69 6.55
C GLN A 42 -8.84 -7.34 8.03
N LYS A 43 -9.77 -6.52 8.46
CA LYS A 43 -9.83 -6.05 9.83
C LYS A 43 -10.94 -6.81 10.57
N GLU A 44 -10.56 -7.83 11.33
CA GLU A 44 -11.54 -8.62 12.06
C GLU A 44 -11.92 -7.97 13.38
N ARG A 45 -10.92 -7.76 14.22
CA ARG A 45 -11.13 -7.16 15.53
C ARG A 45 -9.86 -6.47 15.98
N GLN A 46 -8.73 -6.98 15.52
CA GLN A 46 -7.44 -6.43 15.90
C GLN A 46 -6.54 -6.27 14.69
N SER A 47 -6.36 -7.35 13.92
CA SER A 47 -5.47 -7.38 12.77
C SER A 47 -5.31 -8.81 12.30
N ARG A 48 -5.96 -9.15 11.19
CA ARG A 48 -5.73 -10.44 10.56
C ARG A 48 -4.65 -10.28 9.49
N PHE A 49 -4.41 -9.03 9.14
CA PHE A 49 -3.35 -8.70 8.21
C PHE A 49 -2.00 -8.97 8.84
N THR A 50 -1.03 -9.21 8.00
CA THR A 50 0.30 -9.61 8.44
C THR A 50 1.31 -8.96 7.49
N MET A 51 2.35 -8.36 8.05
CA MET A 51 3.26 -7.49 7.29
C MET A 51 3.94 -8.18 6.11
N TYR A 52 4.11 -7.40 5.04
CA TYR A 52 4.85 -7.84 3.88
C TYR A 52 5.98 -6.85 3.58
N SER A 53 6.84 -7.21 2.65
CA SER A 53 7.87 -6.30 2.19
C SER A 53 7.60 -5.93 0.74
N THR A 54 7.41 -4.65 0.48
CA THR A 54 7.30 -4.16 -0.88
C THR A 54 8.64 -3.58 -1.31
N ILE A 55 9.36 -4.33 -2.14
CA ILE A 55 10.68 -3.90 -2.55
C ILE A 55 10.61 -3.35 -3.96
N TYR A 56 10.71 -2.04 -4.09
CA TYR A 56 10.62 -1.42 -5.40
C TYR A 56 11.98 -1.42 -6.06
N GLU A 57 12.16 -2.29 -7.05
CA GLU A 57 13.44 -2.42 -7.73
C GLU A 57 13.41 -1.64 -9.04
N LEU A 58 14.02 -0.46 -9.04
CA LEU A 58 14.03 0.42 -10.20
C LEU A 58 14.81 -0.20 -11.36
N GLN A 59 14.16 -0.28 -12.52
CA GLN A 59 14.75 -0.85 -13.71
C GLN A 59 15.07 0.22 -14.74
N GLU A 60 15.54 -0.21 -15.90
CA GLU A 60 15.88 0.68 -17.01
C GLU A 60 14.69 1.57 -17.43
N ASP A 61 13.48 1.08 -17.22
CA ASP A 61 12.28 1.74 -17.74
C ASP A 61 11.49 2.41 -16.60
N ASN A 62 12.20 2.73 -15.51
CA ASN A 62 11.58 3.26 -14.27
C ASN A 62 10.35 2.46 -13.87
N SER A 63 10.33 1.21 -14.30
CA SER A 63 9.36 0.26 -13.82
C SER A 63 10.03 -0.54 -12.72
N TYR A 64 9.42 -0.58 -11.56
CA TYR A 64 10.04 -1.24 -10.44
C TYR A 64 9.65 -2.71 -10.41
N ASN A 65 10.64 -3.58 -10.22
CA ASN A 65 10.35 -4.96 -9.89
C ASN A 65 10.02 -4.98 -8.42
N VAL A 66 8.76 -5.03 -8.12
CA VAL A 66 8.32 -4.89 -6.76
C VAL A 66 7.99 -6.22 -6.14
N THR A 67 8.82 -6.59 -5.20
CA THR A 67 8.63 -7.81 -4.47
C THR A 67 7.50 -7.60 -3.47
N SER A 68 6.51 -8.48 -3.50
CA SER A 68 5.48 -8.49 -2.48
C SER A 68 5.47 -9.86 -1.82
N ILE A 69 6.22 -10.01 -0.75
CA ILE A 69 6.33 -11.29 -0.07
C ILE A 69 5.13 -11.54 0.82
N LEU A 70 4.58 -12.73 0.67
CA LEU A 70 3.45 -13.16 1.46
C LEU A 70 3.51 -14.65 1.62
N VAL A 71 2.85 -15.15 2.65
CA VAL A 71 2.89 -16.56 2.96
C VAL A 71 1.79 -17.28 2.19
N ARG A 72 2.18 -17.92 1.10
CA ARG A 72 1.23 -18.51 0.18
C ARG A 72 1.24 -20.03 0.29
N GLY A 73 0.16 -20.58 0.80
CA GLY A 73 0.06 -22.01 0.97
C GLY A 73 0.57 -22.44 2.32
N GLN A 74 1.73 -23.09 2.32
CA GLN A 74 2.35 -23.55 3.56
C GLN A 74 3.81 -23.13 3.61
N GLY A 75 4.14 -22.04 2.95
CA GLY A 75 5.51 -21.56 2.93
C GLY A 75 5.60 -20.09 2.58
N CYS A 76 6.78 -19.63 2.25
CA CYS A 76 7.00 -18.22 1.97
C CYS A 76 7.29 -18.05 0.49
N ARG A 77 6.78 -16.98 -0.11
CA ARG A 77 7.09 -16.72 -1.51
C ARG A 77 7.01 -15.22 -1.82
N TYR A 78 7.90 -14.77 -2.69
CA TYR A 78 7.91 -13.39 -3.14
C TYR A 78 7.04 -13.26 -4.37
N TRP A 79 5.89 -12.61 -4.22
CA TRP A 79 5.02 -12.32 -5.33
C TRP A 79 5.44 -10.97 -5.92
N ILE A 80 6.10 -11.02 -7.06
CA ILE A 80 6.79 -9.86 -7.56
C ILE A 80 6.08 -9.24 -8.75
N ARG A 81 5.79 -7.95 -8.61
CA ARG A 81 5.02 -7.20 -9.59
C ARG A 81 5.85 -6.06 -10.15
N THR A 82 5.20 -5.19 -10.90
CA THR A 82 5.86 -4.03 -11.47
C THR A 82 5.14 -2.75 -11.09
N PHE A 83 5.88 -1.77 -10.57
CA PHE A 83 5.31 -0.46 -10.30
C PHE A 83 5.90 0.57 -11.25
N VAL A 84 5.05 1.37 -11.82
CA VAL A 84 5.47 2.38 -12.77
C VAL A 84 4.78 3.71 -12.45
N PRO A 85 5.52 4.81 -12.52
CA PRO A 85 4.97 6.15 -12.34
C PRO A 85 3.85 6.41 -13.34
N SER A 86 2.76 7.00 -12.87
CA SER A 86 1.65 7.34 -13.73
C SER A 86 2.02 8.53 -14.64
N SER A 87 1.09 9.45 -14.83
CA SER A 87 1.33 10.59 -15.68
C SER A 87 2.20 11.62 -14.95
N ARG A 88 2.38 11.41 -13.65
CA ARG A 88 3.19 12.29 -12.83
C ARG A 88 3.86 11.48 -11.72
N PRO A 89 5.14 11.79 -11.43
CA PRO A 89 5.87 11.17 -10.31
C PRO A 89 5.13 11.34 -9.00
N GLY A 90 5.03 10.27 -8.23
CA GLY A 90 4.27 10.29 -7.01
C GLY A 90 3.07 9.38 -7.11
N GLN A 91 2.34 9.49 -8.22
CA GLN A 91 1.20 8.63 -8.47
C GLN A 91 1.70 7.33 -9.07
N PHE A 92 1.49 6.22 -8.39
CA PHE A 92 2.08 4.98 -8.87
C PHE A 92 1.04 4.03 -9.40
N THR A 93 1.33 3.48 -10.57
CA THR A 93 0.50 2.49 -11.22
C THR A 93 1.29 1.20 -11.32
N LEU A 94 0.68 0.14 -11.82
CA LEU A 94 1.40 -1.12 -11.99
C LEU A 94 1.92 -1.22 -13.41
N GLY A 95 3.14 -1.72 -13.52
CA GLY A 95 3.81 -1.88 -14.80
C GLY A 95 2.93 -2.60 -15.80
N ASN A 96 2.14 -3.53 -15.29
CA ASN A 96 1.16 -4.23 -16.10
C ASN A 96 -0.22 -4.17 -15.45
N ILE A 97 -0.55 -3.03 -14.81
CA ILE A 97 -1.87 -2.84 -14.20
C ILE A 97 -2.96 -3.00 -15.24
N HIS A 98 -2.60 -2.65 -16.45
CA HIS A 98 -3.52 -2.62 -17.57
C HIS A 98 -3.70 -4.03 -18.15
N SER A 99 -3.10 -5.01 -17.50
CA SER A 99 -3.27 -6.40 -17.88
C SER A 99 -4.24 -7.08 -16.91
N TYR A 100 -4.75 -6.31 -15.97
CA TYR A 100 -5.74 -6.81 -15.02
C TYR A 100 -7.15 -6.60 -15.57
N PRO A 101 -8.00 -7.62 -15.38
CA PRO A 101 -9.32 -7.71 -16.03
C PRO A 101 -10.36 -6.69 -15.53
N GLN A 102 -10.50 -6.56 -14.22
CA GLN A 102 -11.59 -5.77 -13.66
C GLN A 102 -11.08 -4.45 -13.09
N ILE A 103 -9.79 -4.24 -13.12
CA ILE A 103 -9.21 -3.04 -12.55
C ILE A 103 -9.53 -1.82 -13.41
N GLN A 104 -10.24 -0.91 -12.80
CA GLN A 104 -10.71 0.31 -13.45
C GLN A 104 -9.58 1.32 -13.49
N SER A 105 -8.90 1.46 -12.36
CA SER A 105 -7.72 2.29 -12.23
C SER A 105 -6.97 1.88 -10.98
N TYR A 106 -5.69 2.18 -10.93
CA TYR A 106 -4.89 1.86 -9.76
C TYR A 106 -3.84 2.93 -9.53
N ASP A 107 -4.02 3.71 -8.48
CA ASP A 107 -3.07 4.76 -8.13
C ASP A 107 -2.67 4.64 -6.67
N VAL A 108 -1.38 4.52 -6.44
CA VAL A 108 -0.82 4.49 -5.10
C VAL A 108 0.22 5.58 -4.96
N GLN A 109 -0.07 6.52 -4.10
CA GLN A 109 0.79 7.67 -3.91
C GLN A 109 0.98 7.95 -2.43
N VAL A 110 2.17 8.38 -2.08
CA VAL A 110 2.50 8.65 -0.70
C VAL A 110 2.11 10.06 -0.31
N ALA A 111 1.59 10.19 0.89
CA ALA A 111 1.33 11.50 1.48
C ALA A 111 2.66 12.11 1.92
N ASP A 112 3.59 11.24 2.30
CA ASP A 112 4.94 11.65 2.68
C ASP A 112 5.86 10.44 2.71
N THR A 113 7.03 10.62 2.12
CA THR A 113 8.03 9.56 2.03
C THR A 113 9.41 10.13 2.35
N ASP A 114 10.23 9.36 3.08
CA ASP A 114 11.59 9.80 3.43
C ASP A 114 12.57 8.64 3.30
N TYR A 115 13.87 8.90 3.46
CA TYR A 115 14.87 7.84 3.31
C TYR A 115 14.84 6.89 4.50
N ASP A 116 14.84 7.43 5.72
CA ASP A 116 14.91 6.59 6.93
C ASP A 116 13.62 6.71 7.72
N GLN A 117 13.01 7.88 7.64
CA GLN A 117 11.68 8.12 8.18
C GLN A 117 10.66 7.25 7.45
N PHE A 118 9.42 7.36 7.85
CA PHE A 118 8.39 6.44 7.39
C PHE A 118 7.64 7.06 6.22
N ALA A 119 6.77 6.28 5.64
CA ALA A 119 6.02 6.72 4.48
C ALA A 119 4.57 6.31 4.59
N MET A 120 3.70 7.24 4.30
CA MET A 120 2.26 7.02 4.39
C MET A 120 1.66 6.97 3.00
N VAL A 121 1.26 5.80 2.56
CA VAL A 121 0.85 5.63 1.17
C VAL A 121 -0.63 5.29 1.06
N PHE A 122 -1.32 5.91 0.12
CA PHE A 122 -2.68 5.53 -0.19
C PHE A 122 -2.70 4.73 -1.50
N PHE A 123 -3.06 3.45 -1.39
CA PHE A 123 -3.19 2.55 -2.55
C PHE A 123 -4.65 2.49 -2.98
N GLN A 124 -4.93 2.86 -4.22
CA GLN A 124 -6.29 2.90 -4.73
C GLN A 124 -6.47 1.89 -5.85
N LYS A 125 -7.37 0.93 -5.66
CA LYS A 125 -7.67 -0.05 -6.69
C LYS A 125 -9.16 -0.07 -7.01
N THR A 126 -9.50 0.23 -8.23
CA THR A 126 -10.88 0.17 -8.66
C THR A 126 -11.09 -1.13 -9.38
N SER A 127 -12.19 -1.80 -9.10
CA SER A 127 -12.42 -3.10 -9.69
C SER A 127 -13.90 -3.41 -9.75
N GLU A 128 -14.36 -3.83 -10.91
CA GLU A 128 -15.75 -4.24 -11.11
C GLU A 128 -16.70 -3.08 -10.85
N ASN A 129 -16.21 -1.87 -11.15
CA ASN A 129 -16.95 -0.62 -10.97
C ASN A 129 -17.05 -0.23 -9.49
N LYS A 130 -16.55 -1.09 -8.61
CA LYS A 130 -16.42 -0.73 -7.20
C LYS A 130 -14.99 -0.31 -6.93
N GLN A 131 -14.76 0.40 -5.84
CA GLN A 131 -13.42 0.80 -5.49
C GLN A 131 -12.98 0.12 -4.20
N TYR A 132 -11.73 -0.27 -4.14
CA TYR A 132 -11.12 -0.75 -2.92
C TYR A 132 -9.86 0.05 -2.69
N PHE A 133 -9.69 0.52 -1.49
CA PHE A 133 -8.74 1.58 -1.23
C PHE A 133 -8.24 1.47 0.20
N LYS A 134 -6.97 1.76 0.39
CA LYS A 134 -6.37 1.63 1.69
C LYS A 134 -5.19 2.59 1.86
N VAL A 135 -4.89 2.93 3.09
CA VAL A 135 -3.71 3.69 3.41
C VAL A 135 -2.77 2.78 4.22
N THR A 136 -1.53 2.69 3.80
CA THR A 136 -0.60 1.80 4.45
C THR A 136 0.53 2.57 5.12
N LEU A 137 0.98 2.07 6.25
CA LEU A 137 2.11 2.65 6.95
C LEU A 137 3.36 1.87 6.62
N TYR A 138 4.28 2.50 5.91
CA TYR A 138 5.55 1.87 5.56
C TYR A 138 6.69 2.50 6.33
N GLY A 139 7.71 1.71 6.59
CA GLY A 139 8.91 2.21 7.24
C GLY A 139 10.15 1.58 6.64
N ARG A 140 11.30 2.23 6.81
CA ARG A 140 12.56 1.74 6.23
C ARG A 140 12.97 0.42 6.88
N THR A 141 12.48 0.19 8.09
CA THR A 141 12.84 -0.98 8.85
C THR A 141 11.71 -1.31 9.83
N LYS A 142 11.84 -2.41 10.56
CA LYS A 142 10.81 -2.84 11.51
C LYS A 142 10.85 -2.00 12.79
N GLY A 143 11.09 -0.70 12.65
CA GLY A 143 11.21 0.15 13.82
C GLY A 143 10.70 1.55 13.59
N LEU A 144 9.40 1.73 13.76
CA LEU A 144 8.77 3.04 13.64
C LEU A 144 7.94 3.32 14.89
N SER A 145 8.05 4.55 15.40
CA SER A 145 7.33 4.93 16.60
C SER A 145 5.83 4.90 16.36
N ASP A 146 5.10 4.52 17.41
CA ASP A 146 3.64 4.37 17.33
C ASP A 146 2.98 5.67 16.94
N GLU A 147 3.65 6.78 17.21
CA GLU A 147 3.15 8.10 16.87
C GLU A 147 2.85 8.18 15.37
N LEU A 148 3.79 7.74 14.54
CA LEU A 148 3.62 7.79 13.10
C LEU A 148 2.55 6.80 12.64
N LYS A 149 2.39 5.70 13.38
CA LYS A 149 1.37 4.72 13.03
C LYS A 149 -0.02 5.31 13.29
N GLU A 150 -0.20 5.88 14.47
CA GLU A 150 -1.46 6.50 14.83
C GLU A 150 -1.79 7.62 13.83
N ARG A 151 -0.75 8.28 13.35
CA ARG A 151 -0.89 9.27 12.30
C ARG A 151 -1.57 8.67 11.07
N PHE A 152 -1.15 7.47 10.68
CA PHE A 152 -1.72 6.82 9.49
C PHE A 152 -3.18 6.41 9.75
N VAL A 153 -3.46 5.87 10.94
CA VAL A 153 -4.82 5.40 11.24
C VAL A 153 -5.78 6.59 11.25
N SER A 154 -5.29 7.73 11.71
CA SER A 154 -6.07 8.95 11.69
C SER A 154 -6.26 9.40 10.24
N PHE A 155 -5.20 9.29 9.46
CA PHE A 155 -5.25 9.62 8.05
C PHE A 155 -6.22 8.68 7.33
N ALA A 156 -6.30 7.45 7.80
CA ALA A 156 -7.25 6.47 7.26
C ALA A 156 -8.67 7.02 7.38
N LYS A 157 -8.95 7.58 8.55
CA LYS A 157 -10.26 8.15 8.83
C LYS A 157 -10.42 9.51 8.16
N SER A 158 -9.31 10.15 7.84
CA SER A 158 -9.34 11.41 7.12
C SER A 158 -9.81 11.17 5.69
N LEU A 159 -9.46 10.01 5.13
CA LEU A 159 -9.98 9.60 3.84
C LEU A 159 -11.48 9.32 3.93
N GLY A 160 -11.92 8.90 5.11
CA GLY A 160 -13.33 8.59 5.33
C GLY A 160 -13.53 7.19 5.87
N LEU A 161 -12.44 6.47 6.05
CA LEU A 161 -12.50 5.10 6.52
C LEU A 161 -12.59 5.04 8.05
N LYS A 162 -12.85 3.85 8.55
CA LYS A 162 -13.07 3.65 9.98
C LYS A 162 -12.06 2.66 10.55
N ASP A 163 -11.72 2.86 11.82
CA ASP A 163 -10.75 2.03 12.54
C ASP A 163 -11.12 0.55 12.49
N ASN A 164 -12.39 0.26 12.30
CA ASN A 164 -12.87 -1.12 12.21
C ASN A 164 -12.40 -1.74 10.88
N ASN A 165 -11.79 -0.91 10.04
CA ASN A 165 -11.15 -1.39 8.83
C ASN A 165 -9.68 -0.99 8.81
N ILE A 166 -9.11 -0.79 10.00
CA ILE A 166 -7.71 -0.42 10.13
C ILE A 166 -6.98 -1.40 11.04
N VAL A 167 -5.91 -2.01 10.53
CA VAL A 167 -5.16 -3.00 11.30
C VAL A 167 -3.70 -2.59 11.41
N PHE A 168 -2.95 -3.36 12.18
CA PHE A 168 -1.52 -3.14 12.33
C PHE A 168 -0.81 -4.42 11.94
N SER A 169 0.01 -4.34 10.90
CA SER A 169 0.60 -5.52 10.29
C SER A 169 1.35 -6.38 11.29
N VAL A 170 0.86 -7.60 11.47
CA VAL A 170 1.49 -8.59 12.34
C VAL A 170 2.87 -8.94 11.83
N PRO A 171 3.85 -9.04 12.75
CA PRO A 171 5.20 -9.47 12.40
C PRO A 171 5.20 -10.89 11.86
N THR A 172 5.22 -11.00 10.54
CA THR A 172 5.10 -12.28 9.86
C THR A 172 6.30 -13.17 10.12
N ASP A 173 6.05 -14.43 10.41
CA ASP A 173 7.11 -15.40 10.55
C ASP A 173 7.27 -16.18 9.26
N GLN A 174 8.07 -15.60 8.37
CA GLN A 174 8.42 -16.21 7.09
C GLN A 174 9.62 -15.49 6.52
N CYS A 175 10.00 -15.86 5.32
CA CYS A 175 11.17 -15.29 4.64
C CYS A 175 10.87 -13.89 4.11
N ILE A 176 10.40 -13.00 4.98
CA ILE A 176 9.95 -11.67 4.58
C ILE A 176 11.12 -10.75 4.25
N ASP A 177 12.28 -11.03 4.85
CA ASP A 177 13.47 -10.23 4.62
C ASP A 177 14.01 -10.49 3.21
N ASN A 178 13.87 -9.49 2.34
CA ASN A 178 14.30 -9.62 0.95
C ASN A 178 15.47 -8.69 0.67
N GLN A 1 -22.66 -3.21 7.55
CA GLN A 1 -24.05 -3.70 7.61
C GLN A 1 -24.33 -4.60 6.42
N ASP A 2 -24.68 -4.00 5.29
CA ASP A 2 -24.80 -4.77 4.06
C ASP A 2 -23.44 -4.86 3.42
N SER A 3 -22.53 -5.55 4.09
CA SER A 3 -21.14 -5.60 3.69
C SER A 3 -20.92 -6.61 2.56
N THR A 4 -21.72 -6.47 1.51
CA THR A 4 -21.59 -7.29 0.33
C THR A 4 -20.63 -6.65 -0.67
N GLN A 5 -21.17 -5.73 -1.42
CA GLN A 5 -20.41 -4.97 -2.40
C GLN A 5 -20.65 -3.49 -2.19
N ASN A 6 -20.30 -3.02 -1.00
CA ASN A 6 -20.50 -1.63 -0.63
C ASN A 6 -19.15 -0.95 -0.37
N LEU A 7 -18.97 0.20 -0.98
CA LEU A 7 -17.70 0.90 -0.89
C LEU A 7 -17.74 2.00 0.15
N ILE A 8 -16.77 1.96 1.04
CA ILE A 8 -16.57 3.00 2.01
C ILE A 8 -15.93 4.17 1.31
N PRO A 9 -16.35 5.38 1.69
CA PRO A 9 -15.92 6.67 1.17
C PRO A 9 -14.72 6.63 0.24
N ALA A 10 -14.96 6.20 -1.00
CA ALA A 10 -13.89 6.02 -1.97
C ALA A 10 -13.41 7.38 -2.51
N PRO A 11 -12.20 7.79 -2.10
CA PRO A 11 -11.60 9.06 -2.46
C PRO A 11 -10.65 8.92 -3.65
N PRO A 12 -10.81 9.77 -4.67
CA PRO A 12 -9.94 9.78 -5.84
C PRO A 12 -8.54 10.26 -5.51
N LEU A 13 -7.62 10.05 -6.44
CA LEU A 13 -6.22 10.49 -6.33
C LEU A 13 -6.14 11.88 -5.73
N ILE A 14 -7.01 12.75 -6.19
CA ILE A 14 -6.88 14.16 -5.91
C ILE A 14 -7.17 14.50 -4.43
N SER A 15 -7.49 13.48 -3.63
CA SER A 15 -7.77 13.67 -2.22
C SER A 15 -6.52 13.49 -1.38
N VAL A 16 -5.48 12.93 -1.98
CA VAL A 16 -4.27 12.58 -1.26
C VAL A 16 -3.16 13.60 -1.51
N PRO A 17 -2.37 13.93 -0.47
CA PRO A 17 -1.14 14.71 -0.62
C PRO A 17 -0.07 13.89 -1.34
N LEU A 18 0.90 14.57 -1.93
CA LEU A 18 1.91 13.88 -2.72
C LEU A 18 3.31 14.33 -2.32
N GLN A 19 4.26 13.41 -2.39
CA GLN A 19 5.65 13.70 -2.06
C GLN A 19 6.19 14.77 -3.01
N PRO A 20 6.62 15.92 -2.48
CA PRO A 20 7.13 17.03 -3.29
C PRO A 20 8.57 16.81 -3.77
N GLY A 21 8.79 17.02 -5.06
CA GLY A 21 10.10 16.78 -5.64
C GLY A 21 10.44 15.30 -5.66
N PHE A 22 9.45 14.50 -5.99
CA PHE A 22 9.59 13.05 -5.99
C PHE A 22 10.41 12.57 -7.17
N TRP A 23 11.31 11.62 -6.91
CA TRP A 23 12.12 11.03 -7.96
C TRP A 23 11.99 9.51 -7.95
N THR A 24 12.15 8.89 -9.11
CA THR A 24 12.01 7.45 -9.26
C THR A 24 12.85 6.67 -8.23
N GLU A 25 14.13 7.04 -8.13
CA GLU A 25 15.08 6.32 -7.29
C GLU A 25 14.80 6.54 -5.81
N ARG A 26 14.05 7.59 -5.51
CA ARG A 26 13.79 7.97 -4.12
C ARG A 26 12.66 7.13 -3.53
N PHE A 27 12.19 6.17 -4.31
CA PHE A 27 11.15 5.26 -3.84
C PHE A 27 11.58 3.83 -4.17
N GLN A 28 12.87 3.57 -4.01
CA GLN A 28 13.45 2.26 -4.32
C GLN A 28 14.08 1.61 -3.09
N GLY A 29 13.85 0.32 -2.97
CA GLY A 29 14.45 -0.45 -1.89
C GLY A 29 13.45 -1.28 -1.11
N ARG A 30 13.91 -1.80 0.02
CA ARG A 30 13.11 -2.68 0.85
C ARG A 30 12.32 -1.87 1.88
N TRP A 31 11.01 -1.96 1.84
CA TRP A 31 10.19 -1.31 2.86
C TRP A 31 9.15 -2.28 3.43
N PHE A 32 8.96 -2.18 4.75
CA PHE A 32 8.11 -3.11 5.50
C PHE A 32 6.82 -2.43 5.94
N VAL A 33 5.71 -3.13 5.76
CA VAL A 33 4.41 -2.63 6.21
C VAL A 33 4.34 -2.59 7.73
N VAL A 34 4.12 -1.42 8.29
CA VAL A 34 4.01 -1.29 9.74
C VAL A 34 2.55 -1.01 10.13
N GLY A 35 1.72 -0.70 9.14
CA GLY A 35 0.31 -0.51 9.38
C GLY A 35 -0.51 -0.52 8.10
N LEU A 36 -1.81 -0.75 8.23
CA LEU A 36 -2.69 -0.82 7.07
C LEU A 36 -4.11 -0.45 7.45
N ALA A 37 -4.73 0.37 6.63
CA ALA A 37 -6.08 0.87 6.91
C ALA A 37 -6.87 0.93 5.63
N GLY A 38 -8.06 0.35 5.61
CA GLY A 38 -8.83 0.34 4.38
C GLY A 38 -10.04 -0.55 4.43
N ASN A 39 -10.98 -0.27 3.55
CA ASN A 39 -12.22 -1.04 3.50
C ASN A 39 -11.91 -2.41 2.90
N ALA A 40 -10.86 -2.46 2.08
CA ALA A 40 -10.37 -3.73 1.55
C ALA A 40 -9.45 -4.41 2.57
N VAL A 41 -9.12 -3.70 3.64
CA VAL A 41 -8.38 -4.27 4.76
C VAL A 41 -9.27 -5.23 5.52
N GLN A 42 -8.84 -6.48 5.63
CA GLN A 42 -9.59 -7.45 6.41
C GLN A 42 -9.36 -7.21 7.89
N LYS A 43 -10.08 -6.22 8.40
CA LYS A 43 -9.99 -5.83 9.79
C LYS A 43 -11.07 -6.57 10.57
N GLU A 44 -10.71 -7.70 11.15
CA GLU A 44 -11.67 -8.51 11.89
C GLU A 44 -12.01 -7.88 13.24
N ARG A 45 -10.98 -7.49 13.95
CA ARG A 45 -11.10 -6.98 15.30
C ARG A 45 -9.75 -6.47 15.78
N GLN A 46 -8.73 -7.25 15.46
CA GLN A 46 -7.39 -7.00 15.96
C GLN A 46 -6.45 -6.62 14.82
N SER A 47 -6.20 -7.60 13.94
CA SER A 47 -5.18 -7.47 12.90
C SER A 47 -4.97 -8.82 12.21
N ARG A 48 -5.92 -9.20 11.35
CA ARG A 48 -5.78 -10.43 10.57
C ARG A 48 -4.67 -10.23 9.53
N PHE A 49 -4.43 -8.96 9.19
CA PHE A 49 -3.39 -8.61 8.25
C PHE A 49 -2.02 -8.85 8.87
N THR A 50 -1.06 -9.07 8.01
CA THR A 50 0.30 -9.38 8.41
C THR A 50 1.26 -8.64 7.50
N MET A 51 2.35 -8.16 8.06
CA MET A 51 3.31 -7.36 7.29
C MET A 51 4.05 -8.20 6.27
N TYR A 52 4.27 -7.59 5.13
CA TYR A 52 5.09 -8.16 4.08
C TYR A 52 6.03 -7.08 3.57
N SER A 53 6.95 -7.44 2.70
CA SER A 53 7.88 -6.45 2.17
C SER A 53 7.52 -6.12 0.74
N THR A 54 7.41 -4.84 0.47
CA THR A 54 7.28 -4.35 -0.88
C THR A 54 8.63 -3.74 -1.27
N ILE A 55 9.36 -4.47 -2.10
CA ILE A 55 10.68 -4.03 -2.51
C ILE A 55 10.60 -3.41 -3.87
N TYR A 56 10.54 -2.09 -3.92
CA TYR A 56 10.44 -1.40 -5.20
C TYR A 56 11.84 -1.18 -5.75
N GLU A 57 12.19 -1.90 -6.80
CA GLU A 57 13.52 -1.77 -7.38
C GLU A 57 13.44 -1.17 -8.77
N LEU A 58 13.88 0.07 -8.89
CA LEU A 58 13.69 0.87 -10.10
C LEU A 58 14.57 0.39 -11.26
N GLN A 59 13.94 0.24 -12.43
CA GLN A 59 14.67 -0.04 -13.67
C GLN A 59 14.98 1.28 -14.37
N GLU A 60 15.58 1.22 -15.54
CA GLU A 60 15.92 2.43 -16.26
C GLU A 60 14.72 3.02 -16.98
N ASP A 61 13.57 2.36 -16.89
CA ASP A 61 12.36 2.87 -17.52
C ASP A 61 11.28 3.11 -16.46
N ASN A 62 11.73 3.60 -15.29
CA ASN A 62 10.88 3.90 -14.12
C ASN A 62 9.84 2.83 -13.84
N SER A 63 10.14 1.61 -14.23
CA SER A 63 9.33 0.47 -13.84
C SER A 63 10.03 -0.21 -12.67
N TYR A 64 9.34 -0.33 -11.56
CA TYR A 64 9.94 -0.90 -10.38
C TYR A 64 9.71 -2.40 -10.35
N ASN A 65 10.76 -3.17 -10.10
CA ASN A 65 10.60 -4.57 -9.80
C ASN A 65 10.25 -4.67 -8.34
N VAL A 66 8.97 -4.83 -8.06
CA VAL A 66 8.50 -4.80 -6.70
C VAL A 66 8.32 -6.20 -6.16
N THR A 67 9.18 -6.52 -5.22
CA THR A 67 9.23 -7.85 -4.67
C THR A 67 8.29 -7.94 -3.47
N SER A 68 7.08 -8.44 -3.71
CA SER A 68 6.09 -8.54 -2.65
C SER A 68 6.08 -9.95 -2.07
N ILE A 69 6.77 -10.12 -0.96
CA ILE A 69 6.87 -11.44 -0.33
C ILE A 69 5.63 -11.76 0.48
N LEU A 70 5.18 -12.99 0.36
CA LEU A 70 4.02 -13.47 1.08
C LEU A 70 4.19 -14.94 1.38
N VAL A 71 3.49 -15.40 2.39
CA VAL A 71 3.60 -16.77 2.81
C VAL A 71 2.73 -17.67 1.94
N ARG A 72 3.39 -18.40 1.07
CA ARG A 72 2.73 -19.24 0.08
C ARG A 72 3.54 -20.50 -0.17
N GLY A 73 2.85 -21.54 -0.60
CA GLY A 73 3.51 -22.82 -0.81
C GLY A 73 3.96 -23.43 0.50
N GLN A 74 3.22 -23.10 1.56
CA GLN A 74 3.53 -23.56 2.92
C GLN A 74 4.84 -22.96 3.41
N GLY A 75 5.29 -21.91 2.75
CA GLY A 75 6.55 -21.29 3.11
C GLY A 75 6.55 -19.82 2.81
N CYS A 76 7.72 -19.25 2.60
CA CYS A 76 7.82 -17.83 2.31
C CYS A 76 8.28 -17.67 0.87
N ARG A 77 7.61 -16.85 0.08
CA ARG A 77 8.04 -16.62 -1.29
C ARG A 77 7.83 -15.18 -1.69
N TYR A 78 8.65 -14.74 -2.62
CA TYR A 78 8.61 -13.39 -3.10
C TYR A 78 7.82 -13.34 -4.41
N TRP A 79 6.71 -12.64 -4.40
CA TRP A 79 5.91 -12.45 -5.60
C TRP A 79 6.20 -11.06 -6.16
N ILE A 80 6.94 -11.02 -7.26
CA ILE A 80 7.44 -9.76 -7.77
C ILE A 80 6.56 -9.24 -8.91
N ARG A 81 6.11 -8.00 -8.76
CA ARG A 81 5.28 -7.33 -9.75
C ARG A 81 5.98 -6.04 -10.20
N THR A 82 5.36 -5.30 -11.10
CA THR A 82 5.96 -4.06 -11.60
C THR A 82 5.12 -2.85 -11.19
N PHE A 83 5.77 -1.85 -10.62
CA PHE A 83 5.10 -0.60 -10.31
C PHE A 83 5.66 0.50 -11.20
N VAL A 84 4.78 1.24 -11.82
CA VAL A 84 5.17 2.29 -12.75
C VAL A 84 4.37 3.56 -12.44
N PRO A 85 4.98 4.74 -12.60
CA PRO A 85 4.31 6.02 -12.35
C PRO A 85 3.08 6.20 -13.22
N SER A 86 2.00 6.67 -12.62
CA SER A 86 0.76 6.92 -13.35
C SER A 86 0.88 8.19 -14.16
N SER A 87 1.66 8.11 -15.23
CA SER A 87 1.96 9.25 -16.08
C SER A 87 2.66 10.39 -15.33
N ARG A 88 2.74 10.27 -14.00
CA ARG A 88 3.40 11.28 -13.20
C ARG A 88 3.96 10.68 -11.92
N PRO A 89 5.21 11.07 -11.56
CA PRO A 89 5.87 10.60 -10.35
C PRO A 89 5.08 10.94 -9.09
N GLY A 90 4.84 9.93 -8.27
CA GLY A 90 4.01 10.09 -7.10
C GLY A 90 2.77 9.24 -7.19
N GLN A 91 2.15 9.29 -8.37
CA GLN A 91 1.04 8.40 -8.69
C GLN A 91 1.60 7.07 -9.16
N PHE A 92 1.13 5.98 -8.60
CA PHE A 92 1.66 4.69 -8.99
C PHE A 92 0.58 3.80 -9.59
N THR A 93 0.99 3.11 -10.62
CA THR A 93 0.16 2.13 -11.28
C THR A 93 0.98 0.85 -11.39
N LEU A 94 0.39 -0.20 -11.95
CA LEU A 94 1.13 -1.43 -12.16
C LEU A 94 1.70 -1.44 -13.56
N GLY A 95 2.93 -1.96 -13.66
CA GLY A 95 3.67 -2.01 -14.91
C GLY A 95 2.82 -2.52 -16.06
N ASN A 96 1.82 -3.33 -15.72
CA ASN A 96 0.77 -3.72 -16.65
C ASN A 96 -0.52 -3.96 -15.87
N ILE A 97 -1.04 -2.91 -15.24
CA ILE A 97 -2.28 -3.01 -14.47
C ILE A 97 -3.47 -3.27 -15.38
N HIS A 98 -3.37 -2.74 -16.59
CA HIS A 98 -4.49 -2.76 -17.51
C HIS A 98 -4.67 -4.14 -18.15
N SER A 99 -3.85 -5.10 -17.72
CA SER A 99 -4.01 -6.48 -18.12
C SER A 99 -5.18 -7.09 -17.36
N TYR A 100 -5.44 -6.52 -16.19
CA TYR A 100 -6.55 -6.94 -15.35
C TYR A 100 -7.86 -6.37 -15.90
N PRO A 101 -8.86 -7.25 -16.05
CA PRO A 101 -10.10 -6.94 -16.78
C PRO A 101 -11.09 -6.05 -16.01
N GLN A 102 -11.38 -6.42 -14.76
CA GLN A 102 -12.41 -5.74 -14.00
C GLN A 102 -11.89 -4.43 -13.41
N ILE A 103 -10.57 -4.34 -13.31
CA ILE A 103 -9.92 -3.19 -12.69
C ILE A 103 -10.19 -1.92 -13.51
N GLN A 104 -10.91 -1.01 -12.88
CA GLN A 104 -11.28 0.27 -13.47
C GLN A 104 -10.04 1.14 -13.58
N SER A 105 -9.21 1.02 -12.57
CA SER A 105 -7.94 1.72 -12.49
C SER A 105 -7.23 1.30 -11.22
N TYR A 106 -5.93 1.50 -11.16
CA TYR A 106 -5.18 1.24 -9.95
C TYR A 106 -4.17 2.35 -9.74
N ASP A 107 -4.42 3.16 -8.72
CA ASP A 107 -3.58 4.31 -8.43
C ASP A 107 -3.16 4.29 -6.96
N VAL A 108 -1.89 4.54 -6.74
CA VAL A 108 -1.35 4.59 -5.39
C VAL A 108 -0.40 5.77 -5.26
N GLN A 109 -0.67 6.59 -4.27
CA GLN A 109 0.12 7.79 -4.05
C GLN A 109 0.59 7.82 -2.61
N VAL A 110 1.82 8.20 -2.42
CA VAL A 110 2.35 8.33 -1.08
C VAL A 110 2.23 9.77 -0.61
N ALA A 111 1.55 9.96 0.52
CA ALA A 111 1.35 11.29 1.08
C ALA A 111 2.69 11.87 1.51
N ASP A 112 3.52 11.02 2.11
CA ASP A 112 4.89 11.41 2.46
C ASP A 112 5.75 10.17 2.53
N THR A 113 6.91 10.21 1.89
CA THR A 113 7.80 9.06 1.84
C THR A 113 9.25 9.44 2.12
N ASP A 114 9.96 8.56 2.80
CA ASP A 114 11.37 8.78 3.12
C ASP A 114 12.14 7.46 2.98
N TYR A 115 13.45 7.59 2.79
CA TYR A 115 14.33 6.44 2.57
C TYR A 115 14.56 5.65 3.85
N ASP A 116 14.43 6.30 5.00
CA ASP A 116 14.60 5.62 6.28
C ASP A 116 13.41 5.87 7.19
N GLN A 117 12.95 7.11 7.18
CA GLN A 117 11.74 7.51 7.89
C GLN A 117 10.53 6.80 7.28
N PHE A 118 9.36 7.04 7.84
CA PHE A 118 8.20 6.24 7.48
C PHE A 118 7.38 6.94 6.44
N ALA A 119 6.59 6.17 5.74
CA ALA A 119 5.86 6.66 4.58
C ALA A 119 4.41 6.22 4.57
N MET A 120 3.56 7.16 4.26
CA MET A 120 2.11 6.96 4.32
C MET A 120 1.54 6.91 2.91
N VAL A 121 1.05 5.76 2.49
CA VAL A 121 0.66 5.56 1.09
C VAL A 121 -0.81 5.18 0.94
N PHE A 122 -1.50 5.85 0.03
CA PHE A 122 -2.87 5.50 -0.31
C PHE A 122 -2.85 4.66 -1.60
N PHE A 123 -3.25 3.40 -1.48
CA PHE A 123 -3.38 2.47 -2.62
C PHE A 123 -4.85 2.32 -2.97
N GLN A 124 -5.19 2.44 -4.24
CA GLN A 124 -6.58 2.29 -4.67
C GLN A 124 -6.70 1.29 -5.82
N LYS A 125 -7.70 0.42 -5.70
CA LYS A 125 -8.01 -0.54 -6.74
C LYS A 125 -9.51 -0.50 -7.04
N THR A 126 -9.84 -0.13 -8.25
CA THR A 126 -11.23 -0.08 -8.66
C THR A 126 -11.59 -1.30 -9.49
N SER A 127 -12.76 -1.88 -9.26
CA SER A 127 -13.21 -3.00 -10.09
C SER A 127 -14.74 -3.05 -10.11
N GLU A 128 -15.33 -2.95 -11.31
CA GLU A 128 -16.79 -2.95 -11.49
C GLU A 128 -17.40 -1.75 -10.75
N ASN A 129 -16.70 -0.63 -10.80
CA ASN A 129 -17.07 0.57 -10.05
C ASN A 129 -17.02 0.32 -8.54
N LYS A 130 -16.70 -0.90 -8.14
CA LYS A 130 -16.41 -1.17 -6.74
C LYS A 130 -15.04 -0.60 -6.43
N GLN A 131 -15.05 0.47 -5.68
CA GLN A 131 -13.83 1.16 -5.36
C GLN A 131 -13.26 0.64 -4.04
N TYR A 132 -12.09 0.02 -4.10
CA TYR A 132 -11.43 -0.44 -2.90
C TYR A 132 -10.16 0.34 -2.71
N PHE A 133 -9.94 0.84 -1.53
CA PHE A 133 -8.75 1.61 -1.26
C PHE A 133 -8.25 1.36 0.14
N LYS A 134 -7.02 1.76 0.36
CA LYS A 134 -6.37 1.59 1.64
C LYS A 134 -5.32 2.67 1.83
N VAL A 135 -4.99 2.95 3.06
CA VAL A 135 -3.82 3.73 3.36
C VAL A 135 -2.85 2.85 4.15
N THR A 136 -1.70 2.60 3.59
CA THR A 136 -0.72 1.73 4.23
C THR A 136 0.45 2.56 4.73
N LEU A 137 0.98 2.18 5.87
CA LEU A 137 2.12 2.84 6.43
C LEU A 137 3.28 1.88 6.49
N TYR A 138 4.32 2.16 5.73
CA TYR A 138 5.49 1.32 5.73
C TYR A 138 6.69 2.05 6.32
N GLY A 139 7.60 1.28 6.87
CA GLY A 139 8.82 1.83 7.42
C GLY A 139 10.02 1.09 6.84
N ARG A 140 11.18 1.75 6.82
CA ARG A 140 12.37 1.13 6.24
C ARG A 140 12.82 -0.06 7.07
N THR A 141 12.56 0.02 8.35
CA THR A 141 12.95 -1.03 9.28
C THR A 141 11.75 -1.47 10.10
N LYS A 142 11.89 -2.58 10.80
CA LYS A 142 10.84 -3.11 11.68
C LYS A 142 10.68 -2.25 12.94
N GLY A 143 11.09 -1.00 12.86
CA GLY A 143 11.09 -0.15 14.03
C GLY A 143 10.48 1.21 13.77
N LEU A 144 9.15 1.24 13.72
CA LEU A 144 8.43 2.49 13.66
C LEU A 144 7.55 2.63 14.89
N SER A 145 7.67 3.74 15.58
CA SER A 145 6.91 3.99 16.79
C SER A 145 5.42 4.05 16.47
N ASP A 146 4.61 3.48 17.38
CA ASP A 146 3.16 3.46 17.23
C ASP A 146 2.59 4.85 17.04
N GLU A 147 3.34 5.85 17.48
CA GLU A 147 2.97 7.25 17.29
C GLU A 147 2.73 7.55 15.81
N LEU A 148 3.67 7.14 14.95
CA LEU A 148 3.54 7.42 13.52
C LEU A 148 2.44 6.56 12.92
N LYS A 149 2.23 5.39 13.51
CA LYS A 149 1.17 4.48 13.06
C LYS A 149 -0.20 5.08 13.37
N GLU A 150 -0.36 5.59 14.57
CA GLU A 150 -1.59 6.27 14.96
C GLU A 150 -1.89 7.41 13.98
N ARG A 151 -0.84 8.04 13.48
CA ARG A 151 -0.99 9.11 12.52
C ARG A 151 -1.51 8.59 11.17
N PHE A 152 -1.12 7.37 10.79
CA PHE A 152 -1.64 6.80 9.54
C PHE A 152 -3.11 6.43 9.70
N VAL A 153 -3.47 5.87 10.86
CA VAL A 153 -4.86 5.47 11.10
C VAL A 153 -5.76 6.70 11.07
N SER A 154 -5.22 7.82 11.55
CA SER A 154 -5.93 9.10 11.50
C SER A 154 -6.09 9.53 10.04
N PHE A 155 -5.05 9.31 9.24
CA PHE A 155 -5.09 9.63 7.83
C PHE A 155 -6.09 8.72 7.11
N ALA A 156 -6.22 7.48 7.59
CA ALA A 156 -7.21 6.55 7.07
C ALA A 156 -8.59 7.16 7.15
N LYS A 157 -8.86 7.74 8.31
CA LYS A 157 -10.13 8.37 8.60
C LYS A 157 -10.27 9.69 7.85
N SER A 158 -9.15 10.24 7.41
CA SER A 158 -9.15 11.47 6.63
C SER A 158 -9.66 11.19 5.22
N LEU A 159 -9.43 9.98 4.72
CA LEU A 159 -10.01 9.57 3.45
C LEU A 159 -11.48 9.19 3.65
N GLY A 160 -11.80 8.71 4.86
CA GLY A 160 -13.17 8.34 5.15
C GLY A 160 -13.30 6.98 5.83
N LEU A 161 -12.21 6.23 5.89
CA LEU A 161 -12.26 4.91 6.51
C LEU A 161 -12.10 4.98 8.00
N LYS A 162 -13.11 4.45 8.62
CA LYS A 162 -13.21 4.34 10.05
C LYS A 162 -12.34 3.19 10.56
N ASP A 163 -11.81 3.40 11.76
CA ASP A 163 -10.87 2.49 12.44
C ASP A 163 -11.31 1.03 12.38
N ASN A 164 -12.60 0.82 12.17
CA ASN A 164 -13.18 -0.52 12.07
C ASN A 164 -12.56 -1.31 10.92
N ASN A 165 -11.91 -0.63 9.99
CA ASN A 165 -11.20 -1.30 8.91
C ASN A 165 -9.73 -0.88 8.89
N ILE A 166 -9.18 -0.61 10.05
CA ILE A 166 -7.77 -0.27 10.17
C ILE A 166 -7.04 -1.25 11.07
N VAL A 167 -6.00 -1.89 10.54
CA VAL A 167 -5.24 -2.87 11.30
C VAL A 167 -3.78 -2.45 11.43
N PHE A 168 -3.04 -3.22 12.18
CA PHE A 168 -1.61 -3.04 12.31
C PHE A 168 -0.92 -4.32 11.87
N SER A 169 -0.04 -4.22 10.89
CA SER A 169 0.52 -5.39 10.24
C SER A 169 1.32 -6.26 11.21
N VAL A 170 0.91 -7.51 11.29
CA VAL A 170 1.52 -8.50 12.15
C VAL A 170 2.81 -9.05 11.54
N PRO A 171 3.90 -9.05 12.32
CA PRO A 171 5.12 -9.77 11.93
C PRO A 171 4.83 -11.26 11.77
N THR A 172 4.55 -11.67 10.55
CA THR A 172 4.13 -13.03 10.27
C THR A 172 5.28 -14.01 10.51
N ASP A 173 4.94 -15.26 10.78
CA ASP A 173 5.95 -16.28 11.01
C ASP A 173 6.44 -16.82 9.68
N GLN A 174 7.44 -16.16 9.14
CA GLN A 174 8.09 -16.54 7.90
C GLN A 174 9.31 -15.68 7.65
N CYS A 175 9.89 -15.84 6.49
CA CYS A 175 10.91 -14.94 6.01
C CYS A 175 10.22 -13.66 5.52
N ILE A 176 10.98 -12.60 5.32
CA ILE A 176 10.40 -11.35 4.85
C ILE A 176 11.50 -10.35 4.49
N ASP A 177 12.65 -10.47 5.12
CA ASP A 177 13.75 -9.55 4.89
C ASP A 177 14.40 -9.83 3.54
N ASN A 178 14.16 -8.95 2.60
CA ASN A 178 14.71 -9.07 1.26
C ASN A 178 16.18 -8.67 1.27
N GLN A 1 -30.32 -1.80 -0.48
CA GLN A 1 -30.55 -1.91 0.99
C GLN A 1 -29.35 -2.57 1.68
N ASP A 2 -28.64 -3.43 0.97
CA ASP A 2 -27.41 -4.02 1.48
C ASP A 2 -26.25 -3.07 1.25
N SER A 3 -26.42 -1.85 1.74
CA SER A 3 -25.50 -0.76 1.48
C SER A 3 -24.27 -0.82 2.40
N THR A 4 -23.71 -2.01 2.55
CA THR A 4 -22.51 -2.20 3.35
C THR A 4 -21.58 -3.17 2.64
N GLN A 5 -21.91 -3.49 1.40
CA GLN A 5 -21.14 -4.44 0.62
C GLN A 5 -20.61 -3.77 -0.64
N ASN A 6 -20.51 -2.44 -0.57
CA ASN A 6 -20.05 -1.65 -1.70
C ASN A 6 -18.77 -0.91 -1.33
N LEU A 7 -18.48 0.15 -2.06
CA LEU A 7 -17.28 0.94 -1.80
C LEU A 7 -17.46 1.77 -0.54
N ILE A 8 -16.42 1.79 0.29
CA ILE A 8 -16.34 2.73 1.38
C ILE A 8 -16.03 4.09 0.81
N PRO A 9 -16.33 5.15 1.57
CA PRO A 9 -15.99 6.54 1.26
C PRO A 9 -14.83 6.71 0.27
N ALA A 10 -15.14 6.56 -1.01
CA ALA A 10 -14.14 6.54 -2.08
C ALA A 10 -13.52 7.90 -2.31
N PRO A 11 -12.23 8.06 -1.95
CA PRO A 11 -11.45 9.25 -2.24
C PRO A 11 -10.58 9.07 -3.48
N PRO A 12 -10.73 9.97 -4.46
CA PRO A 12 -9.89 9.98 -5.65
C PRO A 12 -8.43 10.33 -5.34
N LEU A 13 -7.57 10.15 -6.32
CA LEU A 13 -6.16 10.56 -6.25
C LEU A 13 -6.05 11.95 -5.65
N ILE A 14 -7.04 12.74 -5.93
CA ILE A 14 -7.00 14.14 -5.65
C ILE A 14 -7.26 14.44 -4.16
N SER A 15 -7.62 13.40 -3.39
CA SER A 15 -7.86 13.57 -1.96
C SER A 15 -6.57 13.41 -1.17
N VAL A 16 -5.60 12.77 -1.79
CA VAL A 16 -4.37 12.42 -1.11
C VAL A 16 -3.29 13.48 -1.37
N PRO A 17 -2.55 13.87 -0.31
CA PRO A 17 -1.37 14.69 -0.47
C PRO A 17 -0.24 13.88 -1.07
N LEU A 18 0.62 14.52 -1.85
CA LEU A 18 1.63 13.80 -2.58
C LEU A 18 3.03 14.13 -2.06
N GLN A 19 3.93 13.17 -2.18
CA GLN A 19 5.32 13.33 -1.78
C GLN A 19 5.98 14.49 -2.54
N PRO A 20 6.32 15.58 -1.84
CA PRO A 20 7.02 16.71 -2.44
C PRO A 20 8.51 16.40 -2.59
N GLY A 21 9.07 16.73 -3.73
CA GLY A 21 10.44 16.36 -4.01
C GLY A 21 10.59 14.87 -4.16
N PHE A 22 9.92 14.32 -5.16
CA PHE A 22 9.89 12.88 -5.37
C PHE A 22 10.78 12.49 -6.54
N TRP A 23 11.56 11.43 -6.35
CA TRP A 23 12.41 10.90 -7.40
C TRP A 23 12.27 9.38 -7.50
N THR A 24 12.60 8.82 -8.65
CA THR A 24 12.54 7.37 -8.85
C THR A 24 13.42 6.63 -7.85
N GLU A 25 14.68 7.00 -7.82
CA GLU A 25 15.68 6.33 -6.99
C GLU A 25 15.40 6.55 -5.51
N ARG A 26 14.63 7.59 -5.21
CA ARG A 26 14.29 7.94 -3.85
C ARG A 26 13.20 7.01 -3.33
N PHE A 27 12.54 6.32 -4.25
CA PHE A 27 11.47 5.40 -3.91
C PHE A 27 11.87 3.97 -4.29
N GLN A 28 13.14 3.65 -4.08
CA GLN A 28 13.63 2.30 -4.33
C GLN A 28 14.20 1.69 -3.06
N GLY A 29 13.94 0.41 -2.87
CA GLY A 29 14.46 -0.29 -1.71
C GLY A 29 13.40 -1.10 -0.99
N ARG A 30 13.71 -1.49 0.24
CA ARG A 30 12.84 -2.35 1.02
C ARG A 30 12.00 -1.54 1.98
N TRP A 31 10.69 -1.58 1.79
CA TRP A 31 9.77 -0.94 2.71
C TRP A 31 8.96 -1.98 3.45
N PHE A 32 9.00 -1.89 4.77
CA PHE A 32 8.30 -2.84 5.63
C PHE A 32 6.91 -2.33 5.98
N VAL A 33 5.91 -3.17 5.81
CA VAL A 33 4.56 -2.83 6.24
C VAL A 33 4.49 -2.88 7.76
N VAL A 34 4.11 -1.77 8.38
CA VAL A 34 3.97 -1.73 9.83
C VAL A 34 2.51 -1.46 10.20
N GLY A 35 1.74 -0.95 9.26
CA GLY A 35 0.33 -0.68 9.51
C GLY A 35 -0.49 -0.71 8.24
N LEU A 36 -1.81 -0.91 8.38
CA LEU A 36 -2.68 -0.98 7.22
C LEU A 36 -4.09 -0.53 7.57
N ALA A 37 -4.69 0.24 6.68
CA ALA A 37 -6.02 0.79 6.89
C ALA A 37 -6.73 0.89 5.56
N GLY A 38 -7.94 0.36 5.45
CA GLY A 38 -8.60 0.39 4.16
C GLY A 38 -9.80 -0.53 4.09
N ASN A 39 -10.74 -0.21 3.20
CA ASN A 39 -11.95 -0.99 3.07
C ASN A 39 -11.63 -2.34 2.44
N ALA A 40 -10.46 -2.42 1.80
CA ALA A 40 -9.97 -3.67 1.23
C ALA A 40 -9.07 -4.39 2.23
N VAL A 41 -8.84 -3.74 3.37
CA VAL A 41 -8.05 -4.31 4.46
C VAL A 41 -8.82 -5.45 5.13
N GLN A 42 -8.12 -6.55 5.39
CA GLN A 42 -8.72 -7.65 6.14
C GLN A 42 -8.71 -7.32 7.62
N LYS A 43 -9.67 -6.52 8.04
CA LYS A 43 -9.80 -6.14 9.44
C LYS A 43 -10.95 -6.92 10.07
N GLU A 44 -10.62 -8.08 10.61
CA GLU A 44 -11.63 -8.99 11.15
C GLU A 44 -12.11 -8.57 12.53
N ARG A 45 -11.21 -8.55 13.50
CA ARG A 45 -11.53 -8.25 14.89
C ARG A 45 -10.26 -7.92 15.63
N GLN A 46 -9.18 -8.58 15.21
CA GLN A 46 -7.90 -8.42 15.89
C GLN A 46 -6.87 -7.81 14.95
N SER A 47 -6.26 -8.65 14.13
CA SER A 47 -5.29 -8.23 13.14
C SER A 47 -4.78 -9.45 12.39
N ARG A 48 -5.59 -9.97 11.46
CA ARG A 48 -5.20 -11.14 10.68
C ARG A 48 -4.10 -10.78 9.71
N PHE A 49 -4.06 -9.52 9.31
CA PHE A 49 -3.03 -9.03 8.41
C PHE A 49 -1.66 -9.16 9.06
N THR A 50 -0.68 -9.32 8.22
CA THR A 50 0.70 -9.55 8.62
C THR A 50 1.62 -8.81 7.67
N MET A 51 2.73 -8.33 8.18
CA MET A 51 3.64 -7.55 7.34
C MET A 51 4.31 -8.40 6.29
N TYR A 52 4.39 -7.82 5.11
CA TYR A 52 5.11 -8.37 4.00
C TYR A 52 6.01 -7.30 3.43
N SER A 53 6.73 -7.59 2.38
CA SER A 53 7.60 -6.57 1.83
C SER A 53 6.98 -5.95 0.60
N THR A 54 7.13 -4.65 0.46
CA THR A 54 6.99 -4.02 -0.83
C THR A 54 8.35 -3.41 -1.15
N ILE A 55 9.08 -4.10 -1.98
CA ILE A 55 10.45 -3.73 -2.27
C ILE A 55 10.58 -3.32 -3.71
N TYR A 56 10.57 -2.02 -3.94
CA TYR A 56 10.52 -1.50 -5.28
C TYR A 56 11.92 -1.37 -5.85
N GLU A 57 12.22 -2.18 -6.85
CA GLU A 57 13.51 -2.15 -7.49
C GLU A 57 13.42 -1.38 -8.79
N LEU A 58 13.91 -0.16 -8.75
CA LEU A 58 13.88 0.74 -9.90
C LEU A 58 14.70 0.21 -11.06
N GLN A 59 14.10 0.17 -12.23
CA GLN A 59 14.78 -0.28 -13.43
C GLN A 59 15.09 0.90 -14.33
N GLU A 60 15.65 0.63 -15.50
CA GLU A 60 16.05 1.69 -16.42
C GLU A 60 14.92 2.68 -16.73
N ASP A 61 13.67 2.21 -16.73
CA ASP A 61 12.57 3.05 -17.19
C ASP A 61 11.54 3.20 -16.09
N ASN A 62 12.04 3.41 -14.87
CA ASN A 62 11.22 3.69 -13.66
C ASN A 62 10.14 2.66 -13.37
N SER A 63 10.05 1.61 -14.16
CA SER A 63 9.19 0.51 -13.82
C SER A 63 9.87 -0.27 -12.71
N TYR A 64 9.26 -0.30 -11.55
CA TYR A 64 9.88 -0.95 -10.41
C TYR A 64 9.50 -2.40 -10.40
N ASN A 65 10.47 -3.26 -10.23
CA ASN A 65 10.19 -4.66 -9.98
C ASN A 65 10.05 -4.82 -8.50
N VAL A 66 8.83 -4.83 -8.04
CA VAL A 66 8.55 -4.74 -6.63
C VAL A 66 8.36 -6.10 -6.05
N THR A 67 9.06 -6.36 -4.99
CA THR A 67 9.13 -7.68 -4.43
C THR A 67 8.25 -7.77 -3.19
N SER A 68 7.13 -8.46 -3.30
CA SER A 68 6.21 -8.59 -2.19
C SER A 68 6.21 -10.02 -1.67
N ILE A 69 6.97 -10.26 -0.61
CA ILE A 69 7.07 -11.60 -0.07
C ILE A 69 5.92 -11.92 0.87
N LEU A 70 5.30 -13.07 0.64
CA LEU A 70 4.16 -13.52 1.42
C LEU A 70 4.28 -15.00 1.73
N VAL A 71 3.55 -15.46 2.74
CA VAL A 71 3.58 -16.87 3.12
C VAL A 71 2.50 -17.63 2.38
N ARG A 72 2.90 -18.35 1.35
CA ARG A 72 1.94 -19.01 0.48
C ARG A 72 1.93 -20.50 0.77
N GLY A 73 1.34 -20.86 1.91
CA GLY A 73 1.29 -22.24 2.31
C GLY A 73 2.23 -22.53 3.46
N GLN A 74 3.16 -23.44 3.24
CA GLN A 74 4.11 -23.82 4.27
C GLN A 74 5.49 -23.21 4.02
N GLY A 75 5.51 -22.05 3.38
CA GLY A 75 6.77 -21.40 3.12
C GLY A 75 6.62 -19.94 2.80
N CYS A 76 7.75 -19.27 2.56
CA CYS A 76 7.76 -17.86 2.28
C CYS A 76 8.14 -17.66 0.82
N ARG A 77 7.47 -16.77 0.11
CA ARG A 77 7.72 -16.60 -1.32
C ARG A 77 7.65 -15.13 -1.72
N TYR A 78 8.58 -14.73 -2.57
CA TYR A 78 8.59 -13.37 -3.09
C TYR A 78 7.64 -13.29 -4.28
N TRP A 79 6.59 -12.51 -4.15
CA TRP A 79 5.70 -12.25 -5.26
C TRP A 79 6.08 -10.90 -5.87
N ILE A 80 6.71 -10.93 -7.03
CA ILE A 80 7.23 -9.72 -7.62
C ILE A 80 6.32 -9.23 -8.74
N ARG A 81 6.05 -7.92 -8.75
CA ARG A 81 5.21 -7.30 -9.77
C ARG A 81 5.81 -5.95 -10.14
N THR A 82 5.24 -5.27 -11.12
CA THR A 82 5.81 -4.02 -11.60
C THR A 82 5.01 -2.81 -11.14
N PHE A 83 5.67 -1.88 -10.50
CA PHE A 83 5.08 -0.60 -10.14
C PHE A 83 5.71 0.49 -10.96
N VAL A 84 4.89 1.21 -11.68
CA VAL A 84 5.36 2.25 -12.57
C VAL A 84 4.74 3.57 -12.18
N PRO A 85 5.55 4.63 -12.12
CA PRO A 85 5.04 5.99 -12.00
C PRO A 85 4.12 6.30 -13.16
N SER A 86 2.94 6.83 -12.84
CA SER A 86 1.95 7.15 -13.86
C SER A 86 2.42 8.34 -14.70
N SER A 87 1.50 9.23 -15.05
CA SER A 87 1.85 10.35 -15.91
C SER A 87 2.55 11.43 -15.10
N ARG A 88 2.56 11.25 -13.79
CA ARG A 88 3.22 12.19 -12.89
C ARG A 88 3.78 11.46 -11.68
N PRO A 89 5.02 11.81 -11.28
CA PRO A 89 5.70 11.18 -10.14
C PRO A 89 4.91 11.32 -8.84
N GLY A 90 4.63 10.18 -8.21
CA GLY A 90 3.82 10.16 -7.03
C GLY A 90 2.60 9.28 -7.20
N GLN A 91 1.97 9.37 -8.36
CA GLN A 91 0.84 8.50 -8.71
C GLN A 91 1.39 7.20 -9.25
N PHE A 92 1.17 6.11 -8.54
CA PHE A 92 1.71 4.83 -8.96
C PHE A 92 0.64 3.95 -9.54
N THR A 93 1.05 3.19 -10.53
CA THR A 93 0.20 2.22 -11.17
C THR A 93 1.04 0.99 -11.48
N LEU A 94 0.44 0.00 -12.08
CA LEU A 94 1.14 -1.28 -12.30
C LEU A 94 1.76 -1.30 -13.69
N GLY A 95 2.97 -1.84 -13.73
CA GLY A 95 3.71 -1.99 -14.96
C GLY A 95 2.92 -2.77 -16.02
N ASN A 96 1.89 -3.46 -15.56
CA ASN A 96 1.05 -4.27 -16.42
C ASN A 96 -0.41 -4.24 -15.91
N ILE A 97 -0.82 -3.11 -15.33
CA ILE A 97 -2.16 -3.01 -14.71
C ILE A 97 -3.26 -3.12 -15.78
N HIS A 98 -2.96 -2.66 -16.98
CA HIS A 98 -3.98 -2.48 -17.99
C HIS A 98 -4.31 -3.79 -18.73
N SER A 99 -3.72 -4.89 -18.27
CA SER A 99 -4.09 -6.19 -18.81
C SER A 99 -5.19 -6.81 -17.94
N TYR A 100 -5.39 -6.22 -16.77
CA TYR A 100 -6.43 -6.68 -15.85
C TYR A 100 -7.78 -6.10 -16.27
N PRO A 101 -8.77 -6.99 -16.44
CA PRO A 101 -10.07 -6.66 -17.03
C PRO A 101 -11.02 -5.91 -16.08
N GLN A 102 -11.13 -6.37 -14.85
CA GLN A 102 -12.09 -5.80 -13.91
C GLN A 102 -11.55 -4.53 -13.27
N ILE A 103 -10.25 -4.36 -13.33
CA ILE A 103 -9.60 -3.21 -12.71
C ILE A 103 -9.93 -1.94 -13.49
N GLN A 104 -10.78 -1.12 -12.89
CA GLN A 104 -11.20 0.14 -13.48
C GLN A 104 -10.01 1.08 -13.54
N SER A 105 -9.23 1.10 -12.46
CA SER A 105 -8.03 1.87 -12.36
C SER A 105 -7.25 1.42 -11.13
N TYR A 106 -5.95 1.69 -11.11
CA TYR A 106 -5.15 1.39 -9.94
C TYR A 106 -4.18 2.52 -9.70
N ASP A 107 -4.39 3.25 -8.62
CA ASP A 107 -3.61 4.44 -8.31
C ASP A 107 -3.11 4.39 -6.88
N VAL A 108 -1.81 4.46 -6.70
CA VAL A 108 -1.24 4.49 -5.36
C VAL A 108 -0.34 5.70 -5.21
N GLN A 109 -0.64 6.52 -4.22
CA GLN A 109 0.11 7.73 -3.97
C GLN A 109 0.61 7.74 -2.54
N VAL A 110 1.85 8.10 -2.36
CA VAL A 110 2.40 8.20 -1.02
C VAL A 110 2.41 9.66 -0.58
N ALA A 111 1.92 9.91 0.63
CA ALA A 111 1.85 11.26 1.15
C ALA A 111 3.17 11.69 1.75
N ASP A 112 3.87 10.72 2.33
CA ASP A 112 5.16 10.96 2.98
C ASP A 112 6.06 9.77 2.76
N THR A 113 7.09 9.90 1.95
CA THR A 113 8.00 8.80 1.70
C THR A 113 9.47 9.25 1.74
N ASP A 114 10.28 8.53 2.48
CA ASP A 114 11.72 8.68 2.37
C ASP A 114 12.37 7.30 2.54
N TYR A 115 13.64 7.17 2.21
CA TYR A 115 14.30 5.87 2.26
C TYR A 115 14.50 5.39 3.71
N ASP A 116 14.85 6.33 4.59
CA ASP A 116 15.08 6.01 5.99
C ASP A 116 13.83 6.31 6.82
N GLN A 117 13.11 7.31 6.36
CA GLN A 117 11.89 7.77 7.02
C GLN A 117 10.73 6.81 6.78
N PHE A 118 9.61 7.10 7.39
CA PHE A 118 8.46 6.21 7.38
C PHE A 118 7.48 6.72 6.33
N ALA A 119 6.83 5.81 5.62
CA ALA A 119 6.01 6.21 4.47
C ALA A 119 4.54 5.90 4.68
N MET A 120 3.70 6.87 4.36
CA MET A 120 2.25 6.71 4.41
C MET A 120 1.70 6.71 3.00
N VAL A 121 1.27 5.55 2.52
CA VAL A 121 0.87 5.41 1.13
C VAL A 121 -0.61 5.04 1.00
N PHE A 122 -1.29 5.68 0.06
CA PHE A 122 -2.67 5.34 -0.27
C PHE A 122 -2.68 4.58 -1.61
N PHE A 123 -2.95 3.27 -1.53
CA PHE A 123 -3.12 2.43 -2.71
C PHE A 123 -4.60 2.32 -3.03
N GLN A 124 -4.98 2.62 -4.26
CA GLN A 124 -6.38 2.56 -4.65
C GLN A 124 -6.56 1.60 -5.81
N LYS A 125 -7.54 0.72 -5.69
CA LYS A 125 -7.87 -0.21 -6.76
C LYS A 125 -9.37 -0.21 -7.02
N THR A 126 -9.75 0.08 -8.23
CA THR A 126 -11.14 0.04 -8.62
C THR A 126 -11.40 -1.25 -9.38
N SER A 127 -12.50 -1.93 -9.09
CA SER A 127 -12.82 -3.17 -9.79
C SER A 127 -14.33 -3.40 -9.86
N GLU A 128 -14.89 -3.28 -11.06
CA GLU A 128 -16.32 -3.52 -11.30
C GLU A 128 -17.17 -2.68 -10.37
N ASN A 129 -16.98 -1.37 -10.46
CA ASN A 129 -17.80 -0.40 -9.74
C ASN A 129 -17.50 -0.39 -8.24
N LYS A 130 -16.74 -1.36 -7.78
CA LYS A 130 -16.33 -1.39 -6.39
C LYS A 130 -14.94 -0.80 -6.26
N GLN A 131 -14.87 0.34 -5.62
CA GLN A 131 -13.59 0.99 -5.39
C GLN A 131 -13.02 0.54 -4.05
N TYR A 132 -11.77 0.12 -4.05
CA TYR A 132 -11.09 -0.31 -2.83
C TYR A 132 -9.90 0.59 -2.58
N PHE A 133 -9.69 0.95 -1.33
CA PHE A 133 -8.63 1.88 -0.96
C PHE A 133 -7.94 1.42 0.31
N LYS A 134 -6.73 1.86 0.48
CA LYS A 134 -5.95 1.54 1.66
C LYS A 134 -4.93 2.63 1.91
N VAL A 135 -4.68 2.90 3.16
CA VAL A 135 -3.55 3.70 3.53
C VAL A 135 -2.61 2.82 4.35
N THR A 136 -1.45 2.55 3.78
CA THR A 136 -0.53 1.62 4.40
C THR A 136 0.63 2.36 5.03
N LEU A 137 1.04 1.90 6.20
CA LEU A 137 2.16 2.48 6.91
C LEU A 137 3.40 1.64 6.60
N TYR A 138 4.34 2.24 5.89
CA TYR A 138 5.60 1.58 5.58
C TYR A 138 6.74 2.23 6.36
N GLY A 139 7.82 1.51 6.49
CA GLY A 139 8.99 2.04 7.13
C GLY A 139 10.25 1.42 6.57
N ARG A 140 11.40 2.03 6.82
CA ARG A 140 12.67 1.44 6.42
C ARG A 140 12.92 0.16 7.21
N THR A 141 12.26 0.05 8.33
CA THR A 141 12.44 -1.08 9.23
C THR A 141 11.13 -1.35 9.97
N LYS A 142 11.08 -2.46 10.70
CA LYS A 142 9.88 -2.85 11.45
C LYS A 142 9.82 -2.12 12.79
N GLY A 143 10.69 -1.13 12.94
CA GLY A 143 10.79 -0.40 14.18
C GLY A 143 10.34 1.04 14.03
N LEU A 144 9.05 1.21 13.76
CA LEU A 144 8.47 2.54 13.60
C LEU A 144 7.63 2.88 14.81
N SER A 145 7.83 4.09 15.33
CA SER A 145 7.13 4.54 16.52
C SER A 145 5.63 4.58 16.31
N ASP A 146 4.88 4.32 17.39
CA ASP A 146 3.43 4.39 17.36
C ASP A 146 2.95 5.77 16.98
N GLU A 147 3.81 6.77 17.20
CA GLU A 147 3.51 8.14 16.80
C GLU A 147 3.23 8.22 15.31
N LEU A 148 4.12 7.64 14.51
CA LEU A 148 3.96 7.69 13.07
C LEU A 148 2.83 6.75 12.62
N LYS A 149 2.63 5.68 13.37
CA LYS A 149 1.60 4.71 13.04
C LYS A 149 0.21 5.27 13.30
N GLU A 150 0.02 5.93 14.45
CA GLU A 150 -1.26 6.57 14.73
C GLU A 150 -1.56 7.63 13.68
N ARG A 151 -0.51 8.28 13.19
CA ARG A 151 -0.65 9.23 12.09
C ARG A 151 -1.26 8.56 10.86
N PHE A 152 -0.86 7.31 10.57
CA PHE A 152 -1.43 6.59 9.44
C PHE A 152 -2.91 6.28 9.72
N VAL A 153 -3.22 5.78 10.92
CA VAL A 153 -4.61 5.44 11.24
C VAL A 153 -5.45 6.70 11.20
N SER A 154 -4.88 7.81 11.66
CA SER A 154 -5.57 9.10 11.62
C SER A 154 -5.86 9.50 10.18
N PHE A 155 -4.86 9.34 9.32
CA PHE A 155 -5.03 9.65 7.91
C PHE A 155 -6.04 8.70 7.29
N ALA A 156 -6.12 7.48 7.82
CA ALA A 156 -7.11 6.50 7.38
C ALA A 156 -8.52 7.10 7.48
N LYS A 157 -8.83 7.70 8.63
CA LYS A 157 -10.14 8.28 8.85
C LYS A 157 -10.30 9.61 8.11
N SER A 158 -9.22 10.39 8.07
CA SER A 158 -9.24 11.70 7.41
C SER A 158 -9.31 11.58 5.89
N LEU A 159 -9.05 10.37 5.40
CA LEU A 159 -9.16 10.09 3.98
C LEU A 159 -10.57 9.59 3.65
N GLY A 160 -11.30 9.18 4.68
CA GLY A 160 -12.67 8.73 4.49
C GLY A 160 -12.95 7.41 5.18
N LEU A 161 -11.92 6.65 5.44
CA LEU A 161 -12.09 5.33 6.03
C LEU A 161 -12.22 5.41 7.55
N LYS A 162 -12.24 4.26 8.19
CA LYS A 162 -12.53 4.17 9.61
C LYS A 162 -11.78 3.02 10.25
N ASP A 163 -11.58 3.12 11.56
CA ASP A 163 -10.85 2.15 12.36
C ASP A 163 -11.38 0.73 12.18
N ASN A 164 -12.61 0.65 11.72
CA ASN A 164 -13.26 -0.64 11.48
C ASN A 164 -12.49 -1.45 10.45
N ASN A 165 -11.73 -0.75 9.61
CA ASN A 165 -10.96 -1.39 8.56
C ASN A 165 -9.48 -1.04 8.67
N ILE A 166 -9.00 -0.87 9.90
CA ILE A 166 -7.58 -0.57 10.13
C ILE A 166 -6.93 -1.60 11.04
N VAL A 167 -5.89 -2.28 10.55
CA VAL A 167 -5.17 -3.28 11.34
C VAL A 167 -3.68 -2.88 11.43
N PHE A 168 -2.94 -3.56 12.29
CA PHE A 168 -1.52 -3.29 12.46
C PHE A 168 -0.72 -4.50 12.04
N SER A 169 0.24 -4.28 11.15
CA SER A 169 0.97 -5.37 10.52
C SER A 169 1.71 -6.23 11.54
N VAL A 170 1.42 -7.52 11.50
CA VAL A 170 2.03 -8.49 12.39
C VAL A 170 3.34 -8.99 11.81
N PRO A 171 4.41 -9.03 12.63
CA PRO A 171 5.66 -9.65 12.25
C PRO A 171 5.52 -11.18 12.17
N THR A 172 4.94 -11.63 11.08
CA THR A 172 4.66 -13.05 10.88
C THR A 172 5.94 -13.85 10.71
N ASP A 173 5.85 -15.15 10.95
CA ASP A 173 6.94 -16.06 10.71
C ASP A 173 7.15 -16.21 9.21
N GLN A 174 7.94 -15.32 8.67
CA GLN A 174 8.15 -15.27 7.24
C GLN A 174 9.49 -14.62 6.94
N CYS A 175 10.04 -14.94 5.78
CA CYS A 175 11.38 -14.50 5.39
C CYS A 175 11.33 -13.09 4.79
N ILE A 176 10.62 -12.21 5.47
CA ILE A 176 10.23 -10.92 4.93
C ILE A 176 11.34 -9.88 5.11
N ASP A 177 12.29 -10.18 5.99
CA ASP A 177 13.33 -9.23 6.32
C ASP A 177 14.46 -9.29 5.29
N ASN A 178 14.18 -8.82 4.08
CA ASN A 178 15.15 -8.83 2.99
C ASN A 178 16.06 -7.61 3.10
N GLN A 1 -28.91 -5.70 3.12
CA GLN A 1 -29.19 -5.23 4.48
C GLN A 1 -28.57 -3.84 4.70
N ASP A 2 -28.12 -3.56 5.92
CA ASP A 2 -27.50 -2.29 6.23
C ASP A 2 -26.09 -2.26 5.68
N SER A 3 -25.98 -1.74 4.46
CA SER A 3 -24.72 -1.63 3.72
C SER A 3 -24.06 -3.00 3.56
N THR A 4 -24.47 -3.71 2.52
CA THR A 4 -24.01 -5.07 2.29
C THR A 4 -23.04 -5.13 1.11
N GLN A 5 -21.88 -5.75 1.35
CA GLN A 5 -20.81 -5.94 0.35
C GLN A 5 -20.66 -4.75 -0.60
N ASN A 6 -20.60 -3.59 0.01
CA ASN A 6 -20.54 -2.34 -0.73
C ASN A 6 -19.24 -1.62 -0.38
N LEU A 7 -19.04 -0.50 -1.03
CA LEU A 7 -17.85 0.32 -0.80
C LEU A 7 -18.08 1.29 0.35
N ILE A 8 -17.05 1.47 1.14
CA ILE A 8 -16.98 2.52 2.14
C ILE A 8 -16.68 3.81 1.41
N PRO A 9 -16.84 4.95 2.09
CA PRO A 9 -16.35 6.25 1.64
C PRO A 9 -15.10 6.16 0.74
N ALA A 10 -15.33 5.92 -0.55
CA ALA A 10 -14.26 5.73 -1.52
C ALA A 10 -13.67 7.06 -1.96
N PRO A 11 -12.41 7.32 -1.57
CA PRO A 11 -11.69 8.53 -1.92
C PRO A 11 -10.80 8.32 -3.14
N PRO A 12 -10.67 9.35 -3.99
CA PRO A 12 -9.79 9.33 -5.14
C PRO A 12 -8.35 9.68 -4.78
N LEU A 13 -7.44 9.44 -5.71
CA LEU A 13 -6.03 9.81 -5.59
C LEU A 13 -5.93 11.23 -5.06
N ILE A 14 -6.79 12.05 -5.58
CA ILE A 14 -6.75 13.48 -5.35
C ILE A 14 -7.01 13.84 -3.88
N SER A 15 -7.35 12.84 -3.07
CA SER A 15 -7.59 13.06 -1.65
C SER A 15 -6.29 12.89 -0.86
N VAL A 16 -5.27 12.32 -1.50
CA VAL A 16 -3.99 12.09 -0.86
C VAL A 16 -2.94 13.07 -1.39
N PRO A 17 -2.11 13.63 -0.49
CA PRO A 17 -1.00 14.49 -0.87
C PRO A 17 0.16 13.68 -1.48
N LEU A 18 1.10 14.38 -2.09
CA LEU A 18 2.19 13.72 -2.81
C LEU A 18 3.55 14.16 -2.27
N GLN A 19 4.54 13.29 -2.42
CA GLN A 19 5.92 13.60 -2.04
C GLN A 19 6.52 14.54 -3.09
N PRO A 20 6.78 15.81 -2.71
CA PRO A 20 7.36 16.80 -3.62
C PRO A 20 8.86 16.59 -3.79
N GLY A 21 9.33 16.67 -5.02
CA GLY A 21 10.72 16.37 -5.30
C GLY A 21 10.95 14.88 -5.32
N PHE A 22 10.01 14.16 -5.91
CA PHE A 22 10.05 12.71 -5.96
C PHE A 22 10.97 12.24 -7.09
N TRP A 23 11.70 11.16 -6.84
CA TRP A 23 12.62 10.60 -7.83
C TRP A 23 12.41 9.09 -7.98
N THR A 24 12.57 8.58 -9.19
CA THR A 24 12.53 7.13 -9.44
C THR A 24 13.39 6.36 -8.44
N GLU A 25 14.65 6.76 -8.34
CA GLU A 25 15.62 6.06 -7.50
C GLU A 25 15.38 6.34 -6.01
N ARG A 26 14.72 7.45 -5.72
CA ARG A 26 14.58 7.92 -4.34
C ARG A 26 13.50 7.13 -3.58
N PHE A 27 12.74 6.34 -4.33
CA PHE A 27 11.68 5.53 -3.75
C PHE A 27 12.02 4.04 -3.95
N GLN A 28 13.31 3.76 -4.04
CA GLN A 28 13.78 2.40 -4.28
C GLN A 28 14.35 1.78 -3.01
N GLY A 29 14.06 0.50 -2.84
CA GLY A 29 14.59 -0.24 -1.70
C GLY A 29 13.53 -0.98 -0.92
N ARG A 30 13.87 -1.35 0.30
CA ARG A 30 13.00 -2.15 1.14
C ARG A 30 12.09 -1.28 1.99
N TRP A 31 10.78 -1.43 1.80
CA TRP A 31 9.81 -0.81 2.70
C TRP A 31 8.91 -1.87 3.31
N PHE A 32 8.89 -1.92 4.63
CA PHE A 32 8.12 -2.89 5.38
C PHE A 32 6.78 -2.32 5.79
N VAL A 33 5.74 -3.13 5.70
CA VAL A 33 4.43 -2.72 6.16
C VAL A 33 4.40 -2.70 7.67
N VAL A 34 4.09 -1.55 8.24
CA VAL A 34 3.99 -1.43 9.68
C VAL A 34 2.54 -1.16 10.09
N GLY A 35 1.70 -0.84 9.12
CA GLY A 35 0.28 -0.67 9.39
C GLY A 35 -0.55 -0.67 8.13
N LEU A 36 -1.87 -0.85 8.26
CA LEU A 36 -2.75 -0.91 7.12
C LEU A 36 -4.17 -0.48 7.48
N ALA A 37 -4.78 0.32 6.64
CA ALA A 37 -6.12 0.86 6.92
C ALA A 37 -6.91 0.97 5.63
N GLY A 38 -8.11 0.43 5.60
CA GLY A 38 -8.88 0.46 4.37
C GLY A 38 -10.07 -0.45 4.39
N ASN A 39 -11.03 -0.18 3.52
CA ASN A 39 -12.25 -0.96 3.47
C ASN A 39 -11.97 -2.32 2.79
N ALA A 40 -10.86 -2.38 2.07
CA ALA A 40 -10.41 -3.63 1.45
C ALA A 40 -9.37 -4.31 2.33
N VAL A 41 -9.09 -3.68 3.47
CA VAL A 41 -8.21 -4.24 4.49
C VAL A 41 -8.86 -5.43 5.19
N GLN A 42 -8.09 -6.49 5.40
CA GLN A 42 -8.55 -7.65 6.16
C GLN A 42 -8.63 -7.28 7.64
N LYS A 43 -9.72 -6.62 8.00
CA LYS A 43 -9.93 -6.14 9.36
C LYS A 43 -11.07 -6.92 9.99
N GLU A 44 -10.74 -8.07 10.56
CA GLU A 44 -11.75 -8.94 11.19
C GLU A 44 -12.32 -8.27 12.42
N ARG A 45 -11.43 -8.01 13.34
CA ARG A 45 -11.76 -7.39 14.61
C ARG A 45 -10.50 -6.73 15.14
N GLN A 46 -9.39 -7.43 14.96
CA GLN A 46 -8.09 -6.94 15.41
C GLN A 46 -7.15 -6.67 14.23
N SER A 47 -6.67 -7.73 13.58
CA SER A 47 -5.64 -7.64 12.54
C SER A 47 -5.36 -9.03 11.97
N ARG A 48 -5.99 -9.37 10.86
CA ARG A 48 -5.70 -10.62 10.19
C ARG A 48 -4.56 -10.41 9.20
N PHE A 49 -4.36 -9.16 8.85
CA PHE A 49 -3.26 -8.78 7.98
C PHE A 49 -1.93 -9.03 8.67
N THR A 50 -0.92 -9.19 7.85
CA THR A 50 0.42 -9.52 8.32
C THR A 50 1.43 -8.76 7.46
N MET A 51 2.51 -8.29 8.07
CA MET A 51 3.50 -7.52 7.32
C MET A 51 4.21 -8.37 6.29
N TYR A 52 4.49 -7.73 5.17
CA TYR A 52 5.36 -8.28 4.17
C TYR A 52 6.28 -7.18 3.68
N SER A 53 7.23 -7.51 2.83
CA SER A 53 8.14 -6.51 2.33
C SER A 53 7.80 -6.17 0.89
N THR A 54 7.56 -4.89 0.63
CA THR A 54 7.42 -4.41 -0.71
C THR A 54 8.73 -3.75 -1.12
N ILE A 55 9.52 -4.45 -1.91
CA ILE A 55 10.82 -3.96 -2.29
C ILE A 55 10.75 -3.35 -3.67
N TYR A 56 10.64 -2.03 -3.71
CA TYR A 56 10.53 -1.34 -4.98
C TYR A 56 11.91 -1.16 -5.57
N GLU A 57 12.20 -1.92 -6.61
CA GLU A 57 13.51 -1.85 -7.24
C GLU A 57 13.39 -1.24 -8.62
N LEU A 58 14.12 -0.16 -8.83
CA LEU A 58 14.01 0.61 -10.05
C LEU A 58 14.73 -0.06 -11.21
N GLN A 59 14.02 -0.29 -12.29
CA GLN A 59 14.57 -0.93 -13.47
C GLN A 59 14.94 0.14 -14.49
N GLU A 60 15.59 -0.24 -15.58
CA GLU A 60 16.03 0.71 -16.60
C GLU A 60 14.87 1.55 -17.14
N ASP A 61 13.66 1.02 -17.04
CA ASP A 61 12.49 1.59 -17.70
C ASP A 61 11.61 2.33 -16.69
N ASN A 62 12.22 2.72 -15.55
CA ASN A 62 11.51 3.31 -14.38
C ASN A 62 10.26 2.52 -13.99
N SER A 63 10.16 1.30 -14.48
CA SER A 63 9.21 0.34 -13.96
C SER A 63 9.89 -0.35 -12.80
N TYR A 64 9.23 -0.39 -11.67
CA TYR A 64 9.87 -0.97 -10.51
C TYR A 64 9.55 -2.44 -10.46
N ASN A 65 10.56 -3.25 -10.24
CA ASN A 65 10.36 -4.65 -9.95
C ASN A 65 10.23 -4.78 -8.45
N VAL A 66 9.00 -4.87 -8.03
CA VAL A 66 8.68 -4.83 -6.63
C VAL A 66 8.53 -6.22 -6.08
N THR A 67 9.35 -6.52 -5.10
CA THR A 67 9.41 -7.85 -4.55
C THR A 67 8.56 -7.93 -3.29
N SER A 68 7.33 -8.42 -3.44
CA SER A 68 6.42 -8.55 -2.30
C SER A 68 6.42 -9.99 -1.79
N ILE A 69 7.12 -10.21 -0.69
CA ILE A 69 7.28 -11.56 -0.15
C ILE A 69 6.04 -12.01 0.62
N LEU A 70 5.62 -13.25 0.38
CA LEU A 70 4.50 -13.84 1.07
C LEU A 70 4.87 -15.24 1.52
N VAL A 71 3.97 -15.88 2.24
CA VAL A 71 4.20 -17.24 2.69
C VAL A 71 3.48 -18.21 1.75
N ARG A 72 4.25 -18.83 0.87
CA ARG A 72 3.71 -19.62 -0.22
C ARG A 72 4.18 -21.06 -0.14
N GLY A 73 3.23 -21.98 0.01
CA GLY A 73 3.56 -23.39 0.03
C GLY A 73 4.32 -23.80 1.27
N GLN A 74 3.85 -23.35 2.43
CA GLN A 74 4.46 -23.69 3.71
C GLN A 74 5.92 -23.24 3.74
N GLY A 75 6.15 -22.04 3.24
CA GLY A 75 7.46 -21.44 3.26
C GLY A 75 7.37 -19.99 2.90
N CYS A 76 8.49 -19.32 2.75
CA CYS A 76 8.46 -17.91 2.44
C CYS A 76 8.95 -17.71 1.01
N ARG A 77 8.18 -16.99 0.21
CA ARG A 77 8.48 -16.86 -1.20
C ARG A 77 8.10 -15.46 -1.70
N TYR A 78 8.93 -14.91 -2.56
CA TYR A 78 8.75 -13.54 -3.01
C TYR A 78 7.86 -13.48 -4.25
N TRP A 79 6.90 -12.56 -4.23
CA TRP A 79 6.08 -12.27 -5.39
C TRP A 79 6.55 -10.96 -5.99
N ILE A 80 7.24 -11.02 -7.11
CA ILE A 80 7.79 -9.83 -7.69
C ILE A 80 6.91 -9.34 -8.85
N ARG A 81 6.39 -8.13 -8.71
CA ARG A 81 5.52 -7.54 -9.70
C ARG A 81 6.02 -6.15 -10.09
N THR A 82 5.32 -5.46 -10.97
CA THR A 82 5.83 -4.21 -11.50
C THR A 82 4.99 -3.01 -11.05
N PHE A 83 5.66 -2.01 -10.48
CA PHE A 83 5.03 -0.73 -10.16
C PHE A 83 5.63 0.34 -11.06
N VAL A 84 4.79 1.15 -11.66
CA VAL A 84 5.24 2.15 -12.61
C VAL A 84 4.59 3.51 -12.32
N PRO A 85 5.32 4.60 -12.58
CA PRO A 85 4.79 5.95 -12.41
C PRO A 85 3.64 6.21 -13.37
N SER A 86 2.60 6.86 -12.85
CA SER A 86 1.45 7.25 -13.65
C SER A 86 1.83 8.42 -14.58
N SER A 87 0.94 9.39 -14.73
CA SER A 87 1.21 10.55 -15.56
C SER A 87 2.24 11.45 -14.89
N ARG A 88 2.41 11.28 -13.58
CA ARG A 88 3.32 12.11 -12.80
C ARG A 88 3.99 11.28 -11.70
N PRO A 89 5.30 11.51 -11.49
CA PRO A 89 6.08 10.81 -10.46
C PRO A 89 5.47 10.95 -9.08
N GLY A 90 5.23 9.82 -8.44
CA GLY A 90 4.57 9.83 -7.15
C GLY A 90 3.27 9.05 -7.19
N GLN A 91 2.45 9.35 -8.20
CA GLN A 91 1.23 8.59 -8.44
C GLN A 91 1.61 7.31 -9.16
N PHE A 92 1.34 6.17 -8.54
CA PHE A 92 1.80 4.91 -9.07
C PHE A 92 0.68 4.12 -9.68
N THR A 93 1.05 3.37 -10.69
CA THR A 93 0.20 2.44 -11.37
C THR A 93 0.93 1.10 -11.42
N LEU A 94 0.30 0.08 -11.97
CA LEU A 94 0.97 -1.21 -12.08
C LEU A 94 1.63 -1.32 -13.44
N GLY A 95 2.82 -1.91 -13.43
CA GLY A 95 3.63 -2.06 -14.63
C GLY A 95 2.87 -2.75 -15.74
N ASN A 96 1.78 -3.42 -15.39
CA ASN A 96 0.92 -4.06 -16.35
C ASN A 96 -0.56 -3.88 -15.94
N ILE A 97 -0.85 -2.76 -15.26
CA ILE A 97 -2.21 -2.51 -14.73
C ILE A 97 -3.22 -2.45 -15.86
N HIS A 98 -2.78 -1.97 -17.00
CA HIS A 98 -3.66 -1.71 -18.12
C HIS A 98 -4.03 -2.99 -18.85
N SER A 99 -3.60 -4.13 -18.32
CA SER A 99 -3.95 -5.42 -18.87
C SER A 99 -4.89 -6.17 -17.92
N TYR A 100 -5.18 -5.55 -16.78
CA TYR A 100 -6.17 -6.10 -15.84
C TYR A 100 -7.56 -5.65 -16.29
N PRO A 101 -8.46 -6.64 -16.50
CA PRO A 101 -9.72 -6.43 -17.21
C PRO A 101 -10.76 -5.56 -16.50
N GLN A 102 -11.03 -5.86 -15.23
CA GLN A 102 -12.13 -5.18 -14.53
C GLN A 102 -11.63 -3.96 -13.76
N ILE A 103 -10.33 -3.75 -13.78
CA ILE A 103 -9.74 -2.63 -13.07
C ILE A 103 -10.11 -1.32 -13.78
N GLN A 104 -10.97 -0.57 -13.12
CA GLN A 104 -11.46 0.71 -13.62
C GLN A 104 -10.31 1.69 -13.62
N SER A 105 -9.58 1.72 -12.52
CA SER A 105 -8.39 2.52 -12.36
C SER A 105 -7.57 1.98 -11.20
N TYR A 106 -6.27 2.20 -11.23
CA TYR A 106 -5.44 1.89 -10.09
C TYR A 106 -4.42 3.00 -9.90
N ASP A 107 -4.59 3.76 -8.84
CA ASP A 107 -3.70 4.85 -8.52
C ASP A 107 -3.35 4.86 -7.05
N VAL A 108 -2.06 4.96 -6.79
CA VAL A 108 -1.55 5.06 -5.43
C VAL A 108 -0.40 6.05 -5.36
N GLN A 109 -0.45 6.97 -4.43
CA GLN A 109 0.68 7.86 -4.22
C GLN A 109 0.91 8.06 -2.74
N VAL A 110 2.17 8.25 -2.39
CA VAL A 110 2.57 8.38 -1.01
C VAL A 110 2.37 9.83 -0.54
N ALA A 111 1.80 9.98 0.65
CA ALA A 111 1.57 11.28 1.23
C ALA A 111 2.89 11.90 1.68
N ASP A 112 3.78 11.04 2.16
CA ASP A 112 5.14 11.46 2.53
C ASP A 112 6.02 10.24 2.60
N THR A 113 7.14 10.28 1.91
CA THR A 113 8.03 9.14 1.86
C THR A 113 9.49 9.56 2.04
N ASP A 114 10.21 8.79 2.84
CA ASP A 114 11.65 8.93 2.98
C ASP A 114 12.26 7.54 3.08
N TYR A 115 13.56 7.45 2.81
CA TYR A 115 14.23 6.15 2.79
C TYR A 115 14.44 5.60 4.19
N ASP A 116 14.76 6.47 5.14
CA ASP A 116 14.97 6.06 6.53
C ASP A 116 13.72 6.32 7.35
N GLN A 117 13.09 7.45 7.07
CA GLN A 117 11.83 7.81 7.69
C GLN A 117 10.72 6.89 7.21
N PHE A 118 9.53 7.08 7.74
CA PHE A 118 8.42 6.19 7.50
C PHE A 118 7.54 6.82 6.41
N ALA A 119 6.81 5.98 5.68
CA ALA A 119 6.03 6.46 4.55
C ALA A 119 4.55 6.10 4.67
N MET A 120 3.71 7.05 4.30
CA MET A 120 2.26 6.87 4.34
C MET A 120 1.68 6.86 2.93
N VAL A 121 1.21 5.71 2.47
CA VAL A 121 0.79 5.59 1.08
C VAL A 121 -0.71 5.32 0.95
N PHE A 122 -1.36 6.03 0.04
CA PHE A 122 -2.75 5.77 -0.30
C PHE A 122 -2.81 4.94 -1.59
N PHE A 123 -3.45 3.78 -1.52
CA PHE A 123 -3.62 2.89 -2.68
C PHE A 123 -5.10 2.79 -3.01
N GLN A 124 -5.43 2.94 -4.28
CA GLN A 124 -6.82 2.74 -4.71
C GLN A 124 -6.88 1.77 -5.88
N LYS A 125 -7.81 0.83 -5.80
CA LYS A 125 -8.11 -0.06 -6.90
C LYS A 125 -9.60 -0.02 -7.20
N THR A 126 -9.95 0.34 -8.42
CA THR A 126 -11.33 0.27 -8.83
C THR A 126 -11.53 -0.97 -9.65
N SER A 127 -12.61 -1.70 -9.40
CA SER A 127 -12.90 -2.91 -10.15
C SER A 127 -14.40 -3.16 -10.08
N GLU A 128 -14.97 -3.73 -11.15
CA GLU A 128 -16.42 -3.97 -11.26
C GLU A 128 -17.23 -2.72 -10.92
N ASN A 129 -16.65 -1.57 -11.16
CA ASN A 129 -17.25 -0.28 -10.83
C ASN A 129 -17.22 -0.01 -9.33
N LYS A 130 -16.88 -1.02 -8.54
CA LYS A 130 -16.81 -0.87 -7.10
C LYS A 130 -15.37 -0.61 -6.68
N GLN A 131 -15.18 0.36 -5.82
CA GLN A 131 -13.84 0.79 -5.46
C GLN A 131 -13.35 0.09 -4.21
N TYR A 132 -12.07 -0.25 -4.21
CA TYR A 132 -11.39 -0.73 -3.01
C TYR A 132 -10.19 0.16 -2.77
N PHE A 133 -9.98 0.55 -1.54
CA PHE A 133 -9.09 1.65 -1.23
C PHE A 133 -8.53 1.50 0.18
N LYS A 134 -7.26 1.86 0.34
CA LYS A 134 -6.60 1.74 1.63
C LYS A 134 -5.48 2.75 1.76
N VAL A 135 -5.10 3.05 3.00
CA VAL A 135 -3.88 3.75 3.29
C VAL A 135 -2.95 2.78 4.02
N THR A 136 -1.70 2.71 3.60
CA THR A 136 -0.79 1.75 4.18
C THR A 136 0.43 2.45 4.79
N LEU A 137 0.97 1.86 5.85
CA LEU A 137 2.10 2.44 6.55
C LEU A 137 3.35 1.62 6.26
N TYR A 138 4.35 2.26 5.68
CA TYR A 138 5.62 1.61 5.37
C TYR A 138 6.77 2.24 6.15
N GLY A 139 7.82 1.47 6.33
CA GLY A 139 9.02 1.95 6.99
C GLY A 139 10.25 1.25 6.43
N ARG A 140 11.43 1.83 6.61
CA ARG A 140 12.67 1.15 6.20
C ARG A 140 12.84 -0.15 6.98
N THR A 141 12.36 -0.13 8.21
CA THR A 141 12.46 -1.28 9.08
C THR A 141 11.18 -1.38 9.90
N LYS A 142 11.03 -2.47 10.65
CA LYS A 142 9.83 -2.69 11.46
C LYS A 142 9.90 -1.91 12.76
N GLY A 143 10.93 -1.08 12.85
CA GLY A 143 11.17 -0.28 14.03
C GLY A 143 10.57 1.11 13.91
N LEU A 144 9.28 1.17 13.63
CA LEU A 144 8.58 2.43 13.49
C LEU A 144 7.70 2.67 14.70
N SER A 145 7.80 3.87 15.26
CA SER A 145 7.09 4.24 16.47
C SER A 145 5.58 4.31 16.20
N ASP A 146 4.80 4.10 17.25
CA ASP A 146 3.33 4.13 17.13
C ASP A 146 2.84 5.50 16.70
N GLU A 147 3.65 6.54 16.97
CA GLU A 147 3.32 7.89 16.56
C GLU A 147 3.07 7.98 15.05
N LEU A 148 3.99 7.41 14.27
CA LEU A 148 3.88 7.49 12.82
C LEU A 148 2.74 6.59 12.32
N LYS A 149 2.50 5.52 13.06
CA LYS A 149 1.42 4.60 12.73
C LYS A 149 0.07 5.26 12.98
N GLU A 150 -0.07 5.91 14.12
CA GLU A 150 -1.29 6.64 14.43
C GLU A 150 -1.54 7.72 13.39
N ARG A 151 -0.47 8.29 12.85
CA ARG A 151 -0.60 9.24 11.75
C ARG A 151 -1.37 8.59 10.59
N PHE A 152 -0.98 7.37 10.22
CA PHE A 152 -1.66 6.70 9.11
C PHE A 152 -3.10 6.36 9.47
N VAL A 153 -3.34 5.86 10.68
CA VAL A 153 -4.70 5.47 11.07
C VAL A 153 -5.60 6.70 11.03
N SER A 154 -5.07 7.83 11.49
CA SER A 154 -5.82 9.09 11.47
C SER A 154 -6.10 9.50 10.03
N PHE A 155 -5.11 9.32 9.17
CA PHE A 155 -5.25 9.63 7.75
C PHE A 155 -6.26 8.67 7.12
N ALA A 156 -6.32 7.45 7.65
CA ALA A 156 -7.30 6.46 7.21
C ALA A 156 -8.71 7.04 7.32
N LYS A 157 -9.00 7.67 8.45
CA LYS A 157 -10.31 8.28 8.68
C LYS A 157 -10.46 9.54 7.83
N SER A 158 -9.34 10.13 7.42
CA SER A 158 -9.34 11.31 6.57
C SER A 158 -9.79 10.94 5.15
N LEU A 159 -9.56 9.69 4.76
CA LEU A 159 -10.06 9.19 3.48
C LEU A 159 -11.57 8.93 3.58
N GLY A 160 -12.07 8.85 4.81
CA GLY A 160 -13.47 8.57 5.02
C GLY A 160 -13.67 7.25 5.75
N LEU A 161 -12.60 6.49 5.87
CA LEU A 161 -12.64 5.19 6.52
C LEU A 161 -12.64 5.33 8.04
N LYS A 162 -12.56 4.20 8.71
CA LYS A 162 -12.71 4.13 10.15
C LYS A 162 -11.86 3.01 10.72
N ASP A 163 -11.53 3.12 12.01
CA ASP A 163 -10.71 2.13 12.72
C ASP A 163 -11.28 0.73 12.56
N ASN A 164 -12.58 0.67 12.28
CA ASN A 164 -13.28 -0.59 12.07
C ASN A 164 -12.65 -1.36 10.91
N ASN A 165 -11.98 -0.63 10.03
CA ASN A 165 -11.33 -1.22 8.87
C ASN A 165 -9.84 -0.87 8.85
N ILE A 166 -9.25 -0.70 10.02
CA ILE A 166 -7.83 -0.41 10.13
C ILE A 166 -7.14 -1.48 10.98
N VAL A 167 -6.08 -2.07 10.46
CA VAL A 167 -5.33 -3.10 11.18
C VAL A 167 -3.86 -2.70 11.30
N PHE A 168 -3.09 -3.50 12.01
CA PHE A 168 -1.67 -3.28 12.13
C PHE A 168 -0.94 -4.53 11.66
N SER A 169 0.14 -4.33 10.92
CA SER A 169 0.82 -5.44 10.29
C SER A 169 1.38 -6.42 11.32
N VAL A 170 0.86 -7.63 11.29
CA VAL A 170 1.29 -8.67 12.19
C VAL A 170 2.62 -9.25 11.73
N PRO A 171 3.59 -9.32 12.65
CA PRO A 171 4.85 -10.02 12.41
C PRO A 171 4.62 -11.52 12.39
N THR A 172 4.17 -12.02 11.24
CA THR A 172 3.91 -13.43 11.06
C THR A 172 5.21 -14.22 11.06
N ASP A 173 5.13 -15.53 11.25
CA ASP A 173 6.32 -16.36 11.15
C ASP A 173 6.69 -16.54 9.69
N GLN A 174 7.45 -15.59 9.20
CA GLN A 174 7.76 -15.49 7.79
C GLN A 174 9.05 -14.71 7.60
N CYS A 175 9.86 -15.15 6.66
CA CYS A 175 11.26 -14.71 6.55
C CYS A 175 11.36 -13.20 6.36
N ILE A 176 10.94 -12.72 5.19
CA ILE A 176 10.81 -11.28 4.90
C ILE A 176 12.18 -10.60 4.72
N ASP A 177 13.25 -11.35 4.91
CA ASP A 177 14.62 -10.82 4.88
C ASP A 177 15.11 -10.61 3.45
N ASN A 178 14.43 -9.76 2.70
CA ASN A 178 14.84 -9.42 1.34
C ASN A 178 15.84 -8.28 1.37
N GLN A 1 -32.92 0.11 0.32
CA GLN A 1 -32.53 0.35 1.72
C GLN A 1 -32.13 -0.95 2.39
N ASP A 2 -31.01 -0.90 3.10
CA ASP A 2 -30.39 -2.06 3.73
C ASP A 2 -29.01 -1.66 4.20
N SER A 3 -28.50 -2.39 5.16
CA SER A 3 -27.12 -2.24 5.61
C SER A 3 -26.17 -2.64 4.48
N THR A 4 -25.92 -1.70 3.59
CA THR A 4 -25.16 -1.95 2.39
C THR A 4 -23.66 -2.05 2.67
N GLN A 5 -23.11 -3.24 2.46
CA GLN A 5 -21.68 -3.47 2.64
C GLN A 5 -20.97 -3.26 1.31
N ASN A 6 -21.07 -2.06 0.81
CA ASN A 6 -20.42 -1.66 -0.43
C ASN A 6 -19.12 -0.95 -0.13
N LEU A 7 -18.64 -0.15 -1.07
CA LEU A 7 -17.41 0.59 -0.87
C LEU A 7 -17.57 1.62 0.22
N ILE A 8 -16.53 1.75 1.02
CA ILE A 8 -16.43 2.81 2.00
C ILE A 8 -15.87 4.02 1.29
N PRO A 9 -16.39 5.20 1.64
CA PRO A 9 -16.05 6.49 1.10
C PRO A 9 -14.82 6.50 0.19
N ALA A 10 -15.03 6.13 -1.07
CA ALA A 10 -13.95 5.92 -2.01
C ALA A 10 -13.43 7.23 -2.60
N PRO A 11 -12.27 7.69 -2.13
CA PRO A 11 -11.63 8.91 -2.57
C PRO A 11 -10.67 8.65 -3.72
N PRO A 12 -10.72 9.47 -4.77
CA PRO A 12 -9.78 9.36 -5.88
C PRO A 12 -8.37 9.73 -5.42
N LEU A 13 -7.39 9.41 -6.25
CA LEU A 13 -6.00 9.76 -5.98
C LEU A 13 -5.92 11.20 -5.52
N ILE A 14 -6.72 12.01 -6.16
CA ILE A 14 -6.67 13.45 -6.00
C ILE A 14 -7.07 13.90 -4.60
N SER A 15 -7.47 12.95 -3.75
CA SER A 15 -7.83 13.25 -2.38
C SER A 15 -6.60 13.17 -1.48
N VAL A 16 -5.59 12.45 -1.93
CA VAL A 16 -4.41 12.20 -1.11
C VAL A 16 -3.25 13.10 -1.55
N PRO A 17 -2.58 13.75 -0.58
CA PRO A 17 -1.44 14.63 -0.87
C PRO A 17 -0.19 13.85 -1.27
N LEU A 18 0.51 14.36 -2.27
CA LEU A 18 1.64 13.65 -2.86
C LEU A 18 2.96 14.12 -2.26
N GLN A 19 3.92 13.20 -2.15
CA GLN A 19 5.28 13.52 -1.76
C GLN A 19 5.95 14.34 -2.86
N PRO A 20 6.21 15.63 -2.59
CA PRO A 20 6.75 16.56 -3.58
C PRO A 20 8.25 16.34 -3.80
N GLY A 21 8.73 16.77 -4.96
CA GLY A 21 10.13 16.59 -5.31
C GLY A 21 10.48 15.12 -5.42
N PHE A 22 9.51 14.31 -5.83
CA PHE A 22 9.67 12.87 -5.88
C PHE A 22 10.75 12.46 -6.88
N TRP A 23 11.54 11.47 -6.50
CA TRP A 23 12.56 10.91 -7.37
C TRP A 23 12.49 9.39 -7.31
N THR A 24 12.66 8.79 -8.48
CA THR A 24 12.54 7.35 -8.68
C THR A 24 13.42 6.54 -7.74
N GLU A 25 14.62 7.03 -7.48
CA GLU A 25 15.59 6.31 -6.66
C GLU A 25 15.21 6.38 -5.18
N ARG A 26 14.41 7.38 -4.82
CA ARG A 26 14.05 7.61 -3.43
C ARG A 26 13.03 6.57 -2.97
N PHE A 27 12.28 6.02 -3.93
CA PHE A 27 11.27 5.03 -3.62
C PHE A 27 11.80 3.64 -3.98
N GLN A 28 13.09 3.44 -3.77
CA GLN A 28 13.74 2.17 -4.06
C GLN A 28 14.24 1.49 -2.78
N GLY A 29 14.05 0.17 -2.71
CA GLY A 29 14.55 -0.59 -1.58
C GLY A 29 13.45 -1.31 -0.82
N ARG A 30 13.77 -1.74 0.39
CA ARG A 30 12.84 -2.49 1.21
C ARG A 30 11.91 -1.57 1.97
N TRP A 31 10.61 -1.80 1.83
CA TRP A 31 9.64 -1.16 2.72
C TRP A 31 8.72 -2.20 3.33
N PHE A 32 8.77 -2.26 4.65
CA PHE A 32 7.96 -3.18 5.42
C PHE A 32 6.63 -2.55 5.79
N VAL A 33 5.56 -3.30 5.64
CA VAL A 33 4.25 -2.84 6.06
C VAL A 33 4.17 -2.83 7.58
N VAL A 34 4.09 -1.66 8.17
CA VAL A 34 4.00 -1.57 9.61
C VAL A 34 2.55 -1.29 10.03
N GLY A 35 1.75 -0.85 9.08
CA GLY A 35 0.34 -0.62 9.35
C GLY A 35 -0.51 -0.64 8.09
N LEU A 36 -1.82 -0.80 8.25
CA LEU A 36 -2.73 -0.86 7.13
C LEU A 36 -4.13 -0.46 7.56
N ALA A 37 -4.77 0.37 6.75
CA ALA A 37 -6.10 0.88 7.07
C ALA A 37 -6.94 0.97 5.82
N GLY A 38 -8.12 0.39 5.82
CA GLY A 38 -8.91 0.36 4.61
C GLY A 38 -10.07 -0.60 4.66
N ASN A 39 -11.02 -0.39 3.76
CA ASN A 39 -12.20 -1.24 3.71
C ASN A 39 -11.81 -2.62 3.20
N ALA A 40 -10.79 -2.65 2.33
CA ALA A 40 -10.29 -3.90 1.78
C ALA A 40 -9.25 -4.52 2.73
N VAL A 41 -9.00 -3.82 3.82
CA VAL A 41 -8.11 -4.32 4.88
C VAL A 41 -8.75 -5.51 5.60
N GLN A 42 -7.94 -6.54 5.84
CA GLN A 42 -8.39 -7.69 6.59
C GLN A 42 -8.47 -7.33 8.08
N LYS A 43 -9.54 -6.65 8.45
CA LYS A 43 -9.71 -6.15 9.79
C LYS A 43 -10.83 -6.93 10.50
N GLU A 44 -10.43 -7.75 11.45
CA GLU A 44 -11.38 -8.54 12.23
C GLU A 44 -11.74 -7.84 13.53
N ARG A 45 -10.72 -7.59 14.34
CA ARG A 45 -10.88 -7.02 15.65
C ARG A 45 -9.59 -6.33 16.08
N GLN A 46 -8.47 -6.91 15.68
CA GLN A 46 -7.17 -6.40 16.07
C GLN A 46 -6.18 -6.38 14.90
N SER A 47 -5.98 -7.52 14.25
CA SER A 47 -4.96 -7.63 13.22
C SER A 47 -4.96 -9.02 12.57
N ARG A 48 -5.80 -9.21 11.57
CA ARG A 48 -5.76 -10.42 10.76
C ARG A 48 -4.64 -10.28 9.74
N PHE A 49 -4.34 -9.04 9.41
CA PHE A 49 -3.31 -8.73 8.45
C PHE A 49 -1.92 -9.00 9.03
N THR A 50 -0.99 -9.22 8.16
CA THR A 50 0.37 -9.57 8.51
C THR A 50 1.31 -8.88 7.53
N MET A 51 2.39 -8.32 8.04
CA MET A 51 3.30 -7.52 7.22
C MET A 51 4.03 -8.36 6.19
N TYR A 52 4.26 -7.73 5.05
CA TYR A 52 5.09 -8.28 4.01
C TYR A 52 6.03 -7.19 3.52
N SER A 53 7.02 -7.53 2.72
CA SER A 53 7.92 -6.53 2.20
C SER A 53 7.60 -6.24 0.75
N THR A 54 7.52 -4.98 0.44
CA THR A 54 7.45 -4.56 -0.94
C THR A 54 8.79 -3.93 -1.28
N ILE A 55 9.63 -4.68 -1.99
CA ILE A 55 10.96 -4.21 -2.31
C ILE A 55 10.97 -3.58 -3.68
N TYR A 56 10.77 -2.28 -3.72
CA TYR A 56 10.66 -1.59 -4.99
C TYR A 56 12.05 -1.44 -5.60
N GLU A 57 12.33 -2.17 -6.67
CA GLU A 57 13.62 -2.09 -7.30
C GLU A 57 13.51 -1.32 -8.60
N LEU A 58 14.01 -0.09 -8.57
CA LEU A 58 13.94 0.82 -9.70
C LEU A 58 14.81 0.34 -10.85
N GLN A 59 14.19 0.19 -12.03
CA GLN A 59 14.94 -0.15 -13.23
C GLN A 59 15.42 1.15 -13.87
N GLU A 60 16.06 1.06 -15.03
CA GLU A 60 16.58 2.25 -15.68
C GLU A 60 15.47 3.18 -16.18
N ASP A 61 14.23 2.68 -16.25
CA ASP A 61 13.15 3.47 -16.82
C ASP A 61 11.96 3.53 -15.87
N ASN A 62 12.27 3.82 -14.61
CA ASN A 62 11.29 4.02 -13.51
C ASN A 62 10.27 2.89 -13.34
N SER A 63 10.34 1.86 -14.15
CA SER A 63 9.53 0.69 -13.90
C SER A 63 10.21 -0.11 -12.80
N TYR A 64 9.55 -0.22 -11.67
CA TYR A 64 10.12 -0.91 -10.54
C TYR A 64 9.75 -2.36 -10.64
N ASN A 65 10.71 -3.24 -10.45
CA ASN A 65 10.38 -4.62 -10.24
C ASN A 65 10.45 -4.87 -8.77
N VAL A 66 9.28 -4.90 -8.17
CA VAL A 66 9.15 -4.93 -6.75
C VAL A 66 9.01 -6.34 -6.24
N THR A 67 9.72 -6.62 -5.18
CA THR A 67 9.72 -7.95 -4.62
C THR A 67 8.72 -8.00 -3.47
N SER A 68 7.51 -8.47 -3.75
CA SER A 68 6.48 -8.55 -2.73
C SER A 68 6.43 -9.97 -2.20
N ILE A 69 6.81 -10.16 -0.96
CA ILE A 69 6.87 -11.50 -0.39
C ILE A 69 5.62 -11.83 0.39
N LEU A 70 4.97 -12.90 -0.03
CA LEU A 70 3.76 -13.39 0.61
C LEU A 70 3.92 -14.84 0.98
N VAL A 71 3.11 -15.29 1.92
CA VAL A 71 3.18 -16.65 2.39
C VAL A 71 2.26 -17.53 1.53
N ARG A 72 2.87 -18.45 0.84
CA ARG A 72 2.21 -19.28 -0.15
C ARG A 72 2.17 -20.73 0.33
N GLY A 73 1.53 -21.60 -0.43
CA GLY A 73 1.32 -22.98 0.01
C GLY A 73 2.58 -23.67 0.53
N GLN A 74 3.74 -23.31 0.00
CA GLN A 74 4.98 -23.99 0.33
C GLN A 74 5.86 -23.17 1.29
N GLY A 75 5.27 -22.19 1.96
CA GLY A 75 6.03 -21.37 2.87
C GLY A 75 5.98 -19.91 2.50
N CYS A 76 7.11 -19.23 2.56
CA CYS A 76 7.15 -17.83 2.19
C CYS A 76 7.99 -17.65 0.94
N ARG A 77 7.45 -16.94 -0.06
CA ARG A 77 8.13 -16.78 -1.33
C ARG A 77 7.96 -15.37 -1.86
N TYR A 78 8.95 -14.90 -2.60
CA TYR A 78 8.93 -13.57 -3.17
C TYR A 78 8.13 -13.55 -4.46
N TRP A 79 7.11 -12.71 -4.50
CA TRP A 79 6.34 -12.48 -5.70
C TRP A 79 6.69 -11.12 -6.26
N ILE A 80 7.45 -11.09 -7.33
CA ILE A 80 7.98 -9.85 -7.86
C ILE A 80 7.12 -9.32 -9.00
N ARG A 81 6.63 -8.10 -8.83
CA ARG A 81 5.72 -7.47 -9.78
C ARG A 81 6.19 -6.07 -10.14
N THR A 82 5.73 -5.52 -11.27
CA THR A 82 6.22 -4.25 -11.77
C THR A 82 5.37 -3.09 -11.24
N PHE A 83 6.03 -2.10 -10.68
CA PHE A 83 5.38 -0.86 -10.28
C PHE A 83 5.93 0.27 -11.11
N VAL A 84 5.05 0.98 -11.76
CA VAL A 84 5.45 2.03 -12.69
C VAL A 84 4.69 3.31 -12.38
N PRO A 85 5.40 4.45 -12.34
CA PRO A 85 4.78 5.76 -12.13
C PRO A 85 3.75 6.06 -13.21
N SER A 86 2.66 6.68 -12.81
CA SER A 86 1.59 7.07 -13.72
C SER A 86 2.03 8.25 -14.59
N SER A 87 1.08 9.08 -14.99
CA SER A 87 1.39 10.28 -15.75
C SER A 87 2.09 11.32 -14.86
N ARG A 88 2.02 11.11 -13.55
CA ARG A 88 2.68 12.01 -12.60
C ARG A 88 3.49 11.20 -11.59
N PRO A 89 4.80 11.46 -11.52
CA PRO A 89 5.71 10.80 -10.56
C PRO A 89 5.21 10.92 -9.13
N GLY A 90 4.98 9.79 -8.51
CA GLY A 90 4.38 9.78 -7.19
C GLY A 90 3.14 8.90 -7.18
N GLN A 91 2.27 9.12 -8.16
CA GLN A 91 1.12 8.26 -8.35
C GLN A 91 1.56 7.01 -9.09
N PHE A 92 1.37 5.85 -8.48
CA PHE A 92 1.92 4.63 -9.04
C PHE A 92 0.85 3.74 -9.62
N THR A 93 1.21 3.11 -10.71
CA THR A 93 0.40 2.10 -11.35
C THR A 93 1.20 0.81 -11.40
N LEU A 94 0.61 -0.27 -11.88
CA LEU A 94 1.36 -1.50 -12.04
C LEU A 94 1.92 -1.57 -13.43
N GLY A 95 3.16 -2.09 -13.56
CA GLY A 95 3.86 -2.13 -14.84
C GLY A 95 2.93 -2.50 -15.98
N ASN A 96 2.08 -3.47 -15.72
CA ASN A 96 0.96 -3.78 -16.59
C ASN A 96 -0.28 -4.12 -15.75
N ILE A 97 -0.90 -3.08 -15.19
CA ILE A 97 -2.08 -3.25 -14.34
C ILE A 97 -3.31 -3.60 -15.16
N HIS A 98 -3.36 -3.08 -16.37
CA HIS A 98 -4.56 -3.18 -17.18
C HIS A 98 -4.72 -4.58 -17.77
N SER A 99 -3.83 -5.49 -17.40
CA SER A 99 -3.96 -6.87 -17.80
C SER A 99 -4.97 -7.59 -16.92
N TYR A 100 -5.24 -6.98 -15.77
CA TYR A 100 -6.19 -7.53 -14.81
C TYR A 100 -7.62 -7.15 -15.22
N PRO A 101 -8.51 -8.15 -15.26
CA PRO A 101 -9.79 -8.09 -16.00
C PRO A 101 -10.76 -6.99 -15.57
N GLN A 102 -11.06 -6.91 -14.27
CA GLN A 102 -12.13 -6.01 -13.83
C GLN A 102 -11.57 -4.77 -13.15
N ILE A 103 -10.25 -4.61 -13.18
CA ILE A 103 -9.63 -3.48 -12.57
C ILE A 103 -9.88 -2.22 -13.39
N GLN A 104 -10.69 -1.35 -12.81
CA GLN A 104 -11.12 -0.12 -13.44
C GLN A 104 -9.95 0.85 -13.52
N SER A 105 -9.16 0.84 -12.46
CA SER A 105 -7.96 1.64 -12.35
C SER A 105 -7.21 1.23 -11.10
N TYR A 106 -5.90 1.44 -11.10
CA TYR A 106 -5.10 1.20 -9.92
C TYR A 106 -4.08 2.32 -9.76
N ASP A 107 -4.27 3.14 -8.74
CA ASP A 107 -3.37 4.23 -8.46
C ASP A 107 -3.05 4.30 -6.98
N VAL A 108 -1.78 4.41 -6.69
CA VAL A 108 -1.31 4.55 -5.31
C VAL A 108 -0.20 5.58 -5.25
N GLN A 109 -0.30 6.51 -4.33
CA GLN A 109 0.73 7.51 -4.18
C GLN A 109 1.00 7.75 -2.71
N VAL A 110 2.24 8.13 -2.43
CA VAL A 110 2.69 8.28 -1.07
C VAL A 110 2.68 9.76 -0.66
N ALA A 111 2.21 10.03 0.55
CA ALA A 111 2.18 11.39 1.08
C ALA A 111 3.52 11.77 1.66
N ASP A 112 4.10 10.84 2.41
CA ASP A 112 5.42 11.04 3.01
C ASP A 112 6.28 9.83 2.72
N THR A 113 7.33 10.00 1.94
CA THR A 113 8.23 8.90 1.65
C THR A 113 9.69 9.33 1.77
N ASP A 114 10.46 8.53 2.48
CA ASP A 114 11.89 8.75 2.60
C ASP A 114 12.61 7.40 2.59
N TYR A 115 13.87 7.41 2.17
CA TYR A 115 14.65 6.18 2.01
C TYR A 115 15.05 5.57 3.35
N ASP A 116 14.85 6.30 4.43
CA ASP A 116 15.10 5.79 5.78
C ASP A 116 13.87 5.97 6.65
N GLN A 117 13.29 7.16 6.58
CA GLN A 117 12.06 7.50 7.29
C GLN A 117 10.89 6.62 6.87
N PHE A 118 9.76 6.83 7.51
CA PHE A 118 8.60 5.96 7.37
C PHE A 118 7.64 6.58 6.36
N ALA A 119 6.98 5.75 5.56
CA ALA A 119 6.19 6.26 4.44
C ALA A 119 4.70 5.98 4.61
N MET A 120 3.90 6.99 4.27
CA MET A 120 2.44 6.88 4.33
C MET A 120 1.87 6.86 2.92
N VAL A 121 1.25 5.75 2.53
CA VAL A 121 0.81 5.59 1.15
C VAL A 121 -0.68 5.28 1.05
N PHE A 122 -1.33 5.93 0.09
CA PHE A 122 -2.73 5.64 -0.24
C PHE A 122 -2.76 4.76 -1.51
N PHE A 123 -3.31 3.56 -1.38
CA PHE A 123 -3.46 2.64 -2.53
C PHE A 123 -4.93 2.55 -2.91
N GLN A 124 -5.25 2.77 -4.17
CA GLN A 124 -6.63 2.64 -4.65
C GLN A 124 -6.74 1.54 -5.70
N LYS A 125 -7.73 0.68 -5.53
CA LYS A 125 -7.99 -0.40 -6.47
C LYS A 125 -9.47 -0.43 -6.83
N THR A 126 -9.77 -0.16 -8.08
CA THR A 126 -11.14 -0.22 -8.57
C THR A 126 -11.38 -1.53 -9.29
N SER A 127 -12.48 -2.20 -9.00
CA SER A 127 -12.79 -3.46 -9.66
C SER A 127 -14.29 -3.71 -9.70
N GLU A 128 -14.80 -3.94 -10.91
CA GLU A 128 -16.23 -4.18 -11.13
C GLU A 128 -17.05 -2.97 -10.69
N ASN A 129 -16.48 -1.80 -10.93
CA ASN A 129 -17.07 -0.52 -10.52
C ASN A 129 -17.14 -0.39 -9.00
N LYS A 130 -16.66 -1.41 -8.30
CA LYS A 130 -16.53 -1.32 -6.87
C LYS A 130 -15.14 -0.83 -6.52
N GLN A 131 -15.09 0.28 -5.82
CA GLN A 131 -13.83 0.91 -5.49
C GLN A 131 -13.38 0.50 -4.10
N TYR A 132 -12.15 0.04 -4.01
CA TYR A 132 -11.56 -0.32 -2.73
C TYR A 132 -10.24 0.40 -2.57
N PHE A 133 -10.02 0.96 -1.41
CA PHE A 133 -8.80 1.69 -1.17
C PHE A 133 -8.33 1.45 0.25
N LYS A 134 -7.07 1.73 0.48
CA LYS A 134 -6.50 1.62 1.81
C LYS A 134 -5.32 2.56 1.94
N VAL A 135 -5.05 3.00 3.15
CA VAL A 135 -3.83 3.73 3.43
C VAL A 135 -2.91 2.80 4.22
N THR A 136 -1.66 2.74 3.82
CA THR A 136 -0.74 1.80 4.42
C THR A 136 0.49 2.52 4.96
N LEU A 137 1.11 1.92 5.96
CA LEU A 137 2.29 2.47 6.58
C LEU A 137 3.49 1.59 6.26
N TYR A 138 4.47 2.16 5.56
CA TYR A 138 5.69 1.43 5.24
C TYR A 138 6.87 1.99 6.02
N GLY A 139 7.79 1.12 6.37
CA GLY A 139 9.01 1.53 7.03
C GLY A 139 10.21 0.85 6.42
N ARG A 140 11.39 1.46 6.56
CA ARG A 140 12.59 0.93 5.93
C ARG A 140 13.04 -0.38 6.59
N THR A 141 12.58 -0.60 7.82
CA THR A 141 12.97 -1.77 8.57
C THR A 141 11.81 -2.24 9.45
N LYS A 142 12.02 -3.33 10.18
CA LYS A 142 11.00 -3.95 11.01
C LYS A 142 10.80 -3.18 12.33
N GLY A 143 11.08 -1.88 12.30
CA GLY A 143 11.01 -1.10 13.52
C GLY A 143 10.55 0.33 13.29
N LEU A 144 9.24 0.54 13.36
CA LEU A 144 8.67 1.88 13.27
C LEU A 144 7.87 2.18 14.53
N SER A 145 7.99 3.40 15.02
CA SER A 145 7.34 3.83 16.26
C SER A 145 5.82 3.75 16.13
N ASP A 146 5.16 3.49 17.26
CA ASP A 146 3.71 3.44 17.34
C ASP A 146 3.12 4.81 17.02
N GLU A 147 3.94 5.83 17.20
CA GLU A 147 3.54 7.20 16.89
C GLU A 147 3.24 7.36 15.41
N LEU A 148 4.12 6.86 14.55
CA LEU A 148 3.97 7.04 13.11
C LEU A 148 2.81 6.23 12.54
N LYS A 149 2.50 5.10 13.16
CA LYS A 149 1.37 4.30 12.69
C LYS A 149 0.05 4.94 13.09
N GLU A 150 -0.05 5.40 14.33
CA GLU A 150 -1.22 6.15 14.75
C GLU A 150 -1.45 7.34 13.81
N ARG A 151 -0.35 7.91 13.34
CA ARG A 151 -0.41 8.97 12.34
C ARG A 151 -1.16 8.50 11.08
N PHE A 152 -0.88 7.28 10.62
CA PHE A 152 -1.55 6.78 9.42
C PHE A 152 -3.01 6.45 9.71
N VAL A 153 -3.33 5.92 10.89
CA VAL A 153 -4.71 5.53 11.20
C VAL A 153 -5.60 6.78 11.19
N SER A 154 -5.05 7.89 11.65
CA SER A 154 -5.76 9.16 11.61
C SER A 154 -5.88 9.65 10.17
N PHE A 155 -4.90 9.29 9.35
CA PHE A 155 -4.94 9.60 7.92
C PHE A 155 -5.97 8.70 7.22
N ALA A 156 -6.17 7.49 7.76
CA ALA A 156 -7.19 6.58 7.26
C ALA A 156 -8.56 7.24 7.37
N LYS A 157 -8.75 7.90 8.50
CA LYS A 157 -9.99 8.63 8.78
C LYS A 157 -10.09 9.89 7.94
N SER A 158 -8.94 10.39 7.53
CA SER A 158 -8.87 11.60 6.71
C SER A 158 -9.39 11.32 5.30
N LEU A 159 -9.23 10.09 4.82
CA LEU A 159 -9.79 9.69 3.52
C LEU A 159 -11.28 9.40 3.65
N GLY A 160 -11.73 9.07 4.86
CA GLY A 160 -13.14 8.80 5.08
C GLY A 160 -13.42 7.41 5.61
N LEU A 161 -12.37 6.63 5.81
CA LEU A 161 -12.52 5.26 6.30
C LEU A 161 -12.59 5.23 7.82
N LYS A 162 -12.89 4.06 8.36
CA LYS A 162 -13.14 3.90 9.79
C LYS A 162 -12.06 3.05 10.44
N ASP A 163 -11.77 3.36 11.70
CA ASP A 163 -10.83 2.60 12.55
C ASP A 163 -11.21 1.13 12.60
N ASN A 164 -12.49 0.85 12.39
CA ASN A 164 -13.02 -0.52 12.37
C ASN A 164 -12.43 -1.31 11.22
N ASN A 165 -11.80 -0.61 10.29
CA ASN A 165 -11.19 -1.22 9.12
C ASN A 165 -9.69 -0.91 9.09
N ILE A 166 -9.11 -0.63 10.25
CA ILE A 166 -7.69 -0.34 10.33
C ILE A 166 -6.99 -1.38 11.22
N VAL A 167 -5.94 -1.99 10.68
CA VAL A 167 -5.17 -2.98 11.42
C VAL A 167 -3.72 -2.55 11.54
N PHE A 168 -2.97 -3.33 12.29
CA PHE A 168 -1.54 -3.09 12.47
C PHE A 168 -0.80 -4.35 12.07
N SER A 169 0.08 -4.22 11.10
CA SER A 169 0.74 -5.36 10.48
C SER A 169 1.44 -6.26 11.50
N VAL A 170 1.26 -7.55 11.32
CA VAL A 170 1.81 -8.55 12.21
C VAL A 170 3.05 -9.22 11.60
N PRO A 171 4.15 -9.23 12.35
CA PRO A 171 5.34 -10.00 11.98
C PRO A 171 5.07 -11.50 12.01
N THR A 172 4.54 -12.01 10.92
CA THR A 172 4.15 -13.41 10.83
C THR A 172 5.39 -14.30 10.73
N ASP A 173 5.20 -15.59 10.96
CA ASP A 173 6.28 -16.56 10.78
C ASP A 173 6.50 -16.76 9.30
N GLN A 174 7.34 -15.91 8.76
CA GLN A 174 7.50 -15.79 7.33
C GLN A 174 8.77 -15.01 7.03
N CYS A 175 9.52 -15.48 6.04
CA CYS A 175 10.69 -14.75 5.58
C CYS A 175 10.22 -13.49 4.91
N ILE A 176 10.92 -12.38 5.09
CA ILE A 176 10.40 -11.11 4.64
C ILE A 176 11.51 -10.10 4.37
N ASP A 177 12.58 -10.18 5.13
CA ASP A 177 13.71 -9.28 4.98
C ASP A 177 14.53 -9.67 3.75
N ASN A 178 14.20 -9.05 2.63
CA ASN A 178 14.88 -9.33 1.37
C ASN A 178 16.08 -8.41 1.19
N GLN A 1 -30.36 -5.49 -5.71
CA GLN A 1 -30.81 -4.10 -5.91
C GLN A 1 -29.83 -3.11 -5.29
N ASP A 2 -29.80 -3.07 -3.96
CA ASP A 2 -28.95 -2.12 -3.24
C ASP A 2 -27.52 -2.67 -3.11
N SER A 3 -26.90 -2.91 -4.25
CA SER A 3 -25.53 -3.38 -4.29
C SER A 3 -24.58 -2.19 -4.46
N THR A 4 -25.11 -1.01 -4.21
CA THR A 4 -24.41 0.23 -4.48
C THR A 4 -23.31 0.52 -3.46
N GLN A 5 -23.73 1.07 -2.34
CA GLN A 5 -22.82 1.59 -1.34
C GLN A 5 -22.28 0.51 -0.41
N ASN A 6 -21.64 -0.47 -1.02
CA ASN A 6 -20.91 -1.50 -0.28
C ASN A 6 -19.54 -0.98 0.09
N LEU A 7 -19.16 0.05 -0.62
CA LEU A 7 -17.85 0.67 -0.49
C LEU A 7 -17.84 1.67 0.65
N ILE A 8 -16.80 1.62 1.46
CA ILE A 8 -16.56 2.65 2.44
C ILE A 8 -15.93 3.80 1.71
N PRO A 9 -16.48 4.99 1.95
CA PRO A 9 -16.13 6.28 1.37
C PRO A 9 -14.85 6.29 0.53
N ALA A 10 -14.90 5.68 -0.65
CA ALA A 10 -13.72 5.49 -1.47
C ALA A 10 -13.39 6.73 -2.28
N PRO A 11 -12.33 7.46 -1.86
CA PRO A 11 -11.86 8.67 -2.52
C PRO A 11 -10.90 8.37 -3.66
N PRO A 12 -10.97 9.15 -4.74
CA PRO A 12 -10.00 9.05 -5.84
C PRO A 12 -8.60 9.49 -5.42
N LEU A 13 -7.62 9.17 -6.25
CA LEU A 13 -6.23 9.58 -6.06
C LEU A 13 -6.17 11.05 -5.67
N ILE A 14 -7.01 11.82 -6.31
CA ILE A 14 -6.97 13.26 -6.22
C ILE A 14 -7.37 13.76 -4.82
N SER A 15 -7.71 12.84 -3.93
CA SER A 15 -8.07 13.18 -2.56
C SER A 15 -6.84 13.09 -1.66
N VAL A 16 -5.78 12.51 -2.16
CA VAL A 16 -4.58 12.27 -1.37
C VAL A 16 -3.41 13.12 -1.88
N PRO A 17 -2.69 13.78 -0.94
CA PRO A 17 -1.51 14.60 -1.27
C PRO A 17 -0.34 13.78 -1.79
N LEU A 18 0.65 14.47 -2.34
CA LEU A 18 1.81 13.83 -2.95
C LEU A 18 3.08 14.13 -2.15
N GLN A 19 4.05 13.22 -2.21
CA GLN A 19 5.33 13.44 -1.54
C GLN A 19 6.17 14.44 -2.32
N PRO A 20 6.64 15.50 -1.64
CA PRO A 20 7.46 16.55 -2.26
C PRO A 20 8.89 16.09 -2.52
N GLY A 21 9.46 16.55 -3.63
CA GLY A 21 10.83 16.22 -3.97
C GLY A 21 11.01 14.74 -4.24
N PHE A 22 10.11 14.15 -5.00
CA PHE A 22 10.16 12.74 -5.27
C PHE A 22 11.00 12.42 -6.49
N TRP A 23 11.81 11.37 -6.38
CA TRP A 23 12.58 10.85 -7.50
C TRP A 23 12.45 9.33 -7.52
N THR A 24 12.68 8.71 -8.67
CA THR A 24 12.50 7.26 -8.83
C THR A 24 13.20 6.46 -7.71
N GLU A 25 14.47 6.78 -7.47
CA GLU A 25 15.27 6.04 -6.50
C GLU A 25 14.81 6.32 -5.07
N ARG A 26 14.09 7.42 -4.88
CA ARG A 26 13.67 7.86 -3.54
C ARG A 26 12.58 6.96 -2.97
N PHE A 27 12.11 6.01 -3.75
CA PHE A 27 11.12 5.07 -3.28
C PHE A 27 11.56 3.64 -3.58
N GLN A 28 12.87 3.47 -3.73
CA GLN A 28 13.43 2.16 -4.04
C GLN A 28 13.97 1.50 -2.77
N GLY A 29 13.92 0.18 -2.75
CA GLY A 29 14.48 -0.56 -1.64
C GLY A 29 13.46 -1.39 -0.90
N ARG A 30 13.82 -1.76 0.32
CA ARG A 30 13.00 -2.66 1.12
C ARG A 30 11.95 -1.89 1.91
N TRP A 31 10.70 -2.01 1.50
CA TRP A 31 9.61 -1.40 2.22
C TRP A 31 8.93 -2.41 3.13
N PHE A 32 9.11 -2.23 4.42
CA PHE A 32 8.49 -3.09 5.41
C PHE A 32 7.15 -2.52 5.84
N VAL A 33 6.12 -3.35 5.80
CA VAL A 33 4.79 -2.92 6.21
C VAL A 33 4.69 -2.88 7.73
N VAL A 34 4.41 -1.71 8.27
CA VAL A 34 4.27 -1.56 9.72
C VAL A 34 2.82 -1.15 10.06
N GLY A 35 1.97 -1.08 9.04
CA GLY A 35 0.56 -0.84 9.29
C GLY A 35 -0.28 -0.91 8.03
N LEU A 36 -1.60 -1.04 8.20
CA LEU A 36 -2.51 -1.12 7.06
C LEU A 36 -3.93 -0.73 7.48
N ALA A 37 -4.58 0.10 6.68
CA ALA A 37 -5.90 0.64 7.04
C ALA A 37 -6.76 0.83 5.81
N GLY A 38 -7.97 0.31 5.82
CA GLY A 38 -8.80 0.44 4.65
C GLY A 38 -9.94 -0.52 4.59
N ASN A 39 -10.94 -0.19 3.79
CA ASN A 39 -12.11 -1.04 3.65
C ASN A 39 -11.72 -2.33 2.91
N ALA A 40 -10.70 -2.21 2.06
CA ALA A 40 -10.17 -3.37 1.35
C ALA A 40 -9.11 -4.08 2.20
N VAL A 41 -8.87 -3.53 3.38
CA VAL A 41 -8.02 -4.19 4.38
C VAL A 41 -8.75 -5.37 4.97
N GLN A 42 -8.13 -6.55 4.90
CA GLN A 42 -8.70 -7.73 5.49
C GLN A 42 -8.57 -7.66 7.00
N LYS A 43 -9.45 -6.89 7.62
CA LYS A 43 -9.46 -6.77 9.05
C LYS A 43 -10.53 -7.67 9.64
N GLU A 44 -10.08 -8.69 10.37
CA GLU A 44 -11.00 -9.55 11.10
C GLU A 44 -11.77 -8.75 12.14
N ARG A 45 -11.03 -8.09 13.02
CA ARG A 45 -11.58 -7.22 14.03
C ARG A 45 -10.45 -6.62 14.83
N GLN A 46 -9.49 -7.47 15.17
CA GLN A 46 -8.35 -7.05 15.98
C GLN A 46 -7.20 -6.54 15.10
N SER A 47 -6.37 -7.47 14.62
CA SER A 47 -5.23 -7.16 13.77
C SER A 47 -4.92 -8.39 12.92
N ARG A 48 -5.57 -8.48 11.78
CA ARG A 48 -5.22 -9.48 10.82
C ARG A 48 -4.18 -8.85 9.92
N PHE A 49 -4.06 -9.35 8.70
CA PHE A 49 -2.96 -8.96 7.82
C PHE A 49 -1.64 -9.42 8.47
N THR A 50 -0.54 -9.24 7.76
CA THR A 50 0.78 -9.64 8.23
C THR A 50 1.83 -8.93 7.41
N MET A 51 2.83 -8.37 8.07
CA MET A 51 3.84 -7.59 7.36
C MET A 51 4.59 -8.45 6.38
N TYR A 52 4.85 -7.87 5.23
CA TYR A 52 5.70 -8.48 4.24
C TYR A 52 6.64 -7.42 3.70
N SER A 53 7.62 -7.82 2.93
CA SER A 53 8.51 -6.85 2.35
C SER A 53 8.21 -6.68 0.88
N THR A 54 7.86 -5.47 0.53
CA THR A 54 7.70 -5.12 -0.86
C THR A 54 8.94 -4.36 -1.30
N ILE A 55 9.81 -5.04 -2.02
CA ILE A 55 11.09 -4.47 -2.38
C ILE A 55 11.01 -3.83 -3.76
N TYR A 56 10.79 -2.54 -3.80
CA TYR A 56 10.71 -1.82 -5.07
C TYR A 56 12.12 -1.69 -5.65
N GLU A 57 12.43 -2.43 -6.69
CA GLU A 57 13.74 -2.36 -7.32
C GLU A 57 13.64 -1.74 -8.71
N LEU A 58 14.52 -0.78 -8.99
CA LEU A 58 14.37 0.08 -10.16
C LEU A 58 14.92 -0.52 -11.45
N GLN A 59 14.12 -0.40 -12.51
CA GLN A 59 14.57 -0.70 -13.87
C GLN A 59 14.92 0.59 -14.58
N GLU A 60 15.26 0.50 -15.85
CA GLU A 60 15.64 1.67 -16.63
C GLU A 60 14.40 2.42 -17.10
N ASP A 61 13.24 1.82 -16.89
CA ASP A 61 11.97 2.38 -17.35
C ASP A 61 11.11 2.74 -16.15
N ASN A 62 11.78 3.02 -15.02
CA ASN A 62 11.15 3.28 -13.71
C ASN A 62 10.08 2.26 -13.34
N SER A 63 10.00 1.17 -14.07
CA SER A 63 9.18 0.05 -13.65
C SER A 63 9.95 -0.70 -12.59
N TYR A 64 9.38 -0.80 -11.42
CA TYR A 64 10.10 -1.44 -10.34
C TYR A 64 9.80 -2.92 -10.35
N ASN A 65 10.83 -3.75 -10.23
CA ASN A 65 10.62 -5.16 -10.00
C ASN A 65 10.52 -5.32 -8.50
N VAL A 66 9.30 -5.47 -8.04
CA VAL A 66 9.00 -5.29 -6.66
C VAL A 66 8.82 -6.61 -5.96
N THR A 67 9.85 -6.98 -5.24
CA THR A 67 9.92 -8.29 -4.63
C THR A 67 9.03 -8.33 -3.39
N SER A 68 7.84 -8.91 -3.54
CA SER A 68 6.87 -8.96 -2.46
C SER A 68 6.87 -10.35 -1.83
N ILE A 69 7.56 -10.50 -0.72
CA ILE A 69 7.67 -11.80 -0.08
C ILE A 69 6.46 -12.12 0.77
N LEU A 70 5.93 -13.31 0.56
CA LEU A 70 4.80 -13.80 1.32
C LEU A 70 4.95 -15.30 1.50
N VAL A 71 4.26 -15.84 2.49
CA VAL A 71 4.34 -17.27 2.76
C VAL A 71 3.55 -18.04 1.69
N ARG A 72 4.21 -19.02 1.09
CA ARG A 72 3.67 -19.69 -0.08
C ARG A 72 3.46 -21.18 0.19
N GLY A 73 2.31 -21.51 0.76
CA GLY A 73 1.95 -22.91 0.95
C GLY A 73 2.63 -23.56 2.13
N GLN A 74 3.94 -23.80 2.01
CA GLN A 74 4.69 -24.50 3.04
C GLN A 74 6.05 -23.83 3.28
N GLY A 75 6.05 -22.51 3.33
CA GLY A 75 7.28 -21.80 3.59
C GLY A 75 7.25 -20.41 3.01
N CYS A 76 8.41 -19.82 2.81
CA CYS A 76 8.48 -18.43 2.38
C CYS A 76 8.98 -18.38 0.94
N ARG A 77 8.53 -17.40 0.18
CA ARG A 77 9.05 -17.18 -1.16
C ARG A 77 8.76 -15.77 -1.61
N TYR A 78 9.68 -15.20 -2.38
CA TYR A 78 9.54 -13.86 -2.90
C TYR A 78 8.67 -13.88 -4.15
N TRP A 79 7.52 -13.24 -4.07
CA TRP A 79 6.67 -13.07 -5.23
C TRP A 79 6.90 -11.69 -5.78
N ILE A 80 7.61 -11.61 -6.90
CA ILE A 80 8.05 -10.32 -7.41
C ILE A 80 7.02 -9.75 -8.37
N ARG A 81 6.69 -8.49 -8.14
CA ARG A 81 5.61 -7.79 -8.83
C ARG A 81 6.21 -6.58 -9.56
N THR A 82 5.39 -5.73 -10.16
CA THR A 82 5.91 -4.55 -10.87
C THR A 82 5.13 -3.31 -10.47
N PHE A 83 5.83 -2.30 -9.99
CA PHE A 83 5.23 -1.02 -9.67
C PHE A 83 5.80 0.04 -10.59
N VAL A 84 4.93 0.72 -11.29
CA VAL A 84 5.34 1.69 -12.29
C VAL A 84 4.68 3.03 -12.03
N PRO A 85 5.49 4.07 -11.83
CA PRO A 85 5.00 5.45 -11.73
C PRO A 85 4.05 5.78 -12.88
N SER A 86 2.97 6.46 -12.53
CA SER A 86 1.97 6.89 -13.50
C SER A 86 2.53 7.97 -14.42
N SER A 87 1.73 8.99 -14.70
CA SER A 87 2.19 10.10 -15.51
C SER A 87 2.99 11.06 -14.64
N ARG A 88 2.92 10.88 -13.32
CA ARG A 88 3.66 11.72 -12.41
C ARG A 88 4.20 10.90 -11.24
N PRO A 89 5.50 11.08 -10.94
CA PRO A 89 6.16 10.42 -9.81
C PRO A 89 5.42 10.67 -8.50
N GLY A 90 5.19 9.60 -7.75
CA GLY A 90 4.37 9.67 -6.56
C GLY A 90 3.14 8.81 -6.70
N GLN A 91 2.46 8.98 -7.82
CA GLN A 91 1.29 8.16 -8.16
C GLN A 91 1.76 6.89 -8.83
N PHE A 92 1.58 5.75 -8.19
CA PHE A 92 2.09 4.50 -8.74
C PHE A 92 0.98 3.62 -9.25
N THR A 93 1.26 2.99 -10.38
CA THR A 93 0.38 2.02 -10.97
C THR A 93 1.11 0.67 -10.99
N LEU A 94 0.46 -0.38 -11.47
CA LEU A 94 1.13 -1.68 -11.54
C LEU A 94 1.74 -1.86 -12.92
N GLY A 95 2.91 -2.48 -12.92
CA GLY A 95 3.67 -2.69 -14.14
C GLY A 95 2.86 -3.37 -15.22
N ASN A 96 1.83 -4.10 -14.80
CA ASN A 96 0.90 -4.73 -15.73
C ASN A 96 -0.55 -4.48 -15.30
N ILE A 97 -0.82 -3.30 -14.73
CA ILE A 97 -2.17 -2.97 -14.28
C ILE A 97 -3.08 -2.62 -15.45
N HIS A 98 -2.49 -2.07 -16.50
CA HIS A 98 -3.23 -1.44 -17.56
C HIS A 98 -3.74 -2.46 -18.58
N SER A 99 -3.51 -3.73 -18.29
CA SER A 99 -4.03 -4.80 -19.13
C SER A 99 -5.29 -5.42 -18.50
N TYR A 100 -5.61 -5.00 -17.29
CA TYR A 100 -6.80 -5.48 -16.60
C TYR A 100 -8.03 -4.71 -17.05
N PRO A 101 -9.08 -5.45 -17.43
CA PRO A 101 -10.30 -4.87 -18.04
C PRO A 101 -11.25 -4.25 -17.02
N GLN A 102 -11.41 -4.92 -15.88
CA GLN A 102 -12.36 -4.49 -14.87
C GLN A 102 -11.79 -3.36 -14.02
N ILE A 103 -10.48 -3.31 -13.95
CA ILE A 103 -9.80 -2.33 -13.13
C ILE A 103 -9.96 -0.94 -13.74
N GLN A 104 -10.81 -0.14 -13.09
CA GLN A 104 -11.12 1.21 -13.52
C GLN A 104 -9.84 2.04 -13.51
N SER A 105 -9.06 1.81 -12.47
CA SER A 105 -7.73 2.35 -12.34
C SER A 105 -7.14 1.85 -11.04
N TYR A 106 -5.83 1.74 -11.00
CA TYR A 106 -5.15 1.43 -9.76
C TYR A 106 -4.10 2.49 -9.50
N ASP A 107 -4.35 3.32 -8.51
CA ASP A 107 -3.52 4.49 -8.27
C ASP A 107 -3.11 4.53 -6.82
N VAL A 108 -1.83 4.68 -6.55
CA VAL A 108 -1.38 4.86 -5.18
C VAL A 108 -0.57 6.15 -5.05
N GLN A 109 -0.85 6.89 -4.00
CA GLN A 109 -0.12 8.11 -3.70
C GLN A 109 0.52 7.99 -2.34
N VAL A 110 1.63 8.66 -2.14
CA VAL A 110 2.23 8.67 -0.83
C VAL A 110 2.03 10.04 -0.19
N ALA A 111 1.53 10.05 1.04
CA ALA A 111 1.37 11.28 1.78
C ALA A 111 2.74 11.84 2.15
N ASP A 112 3.55 10.99 2.77
CA ASP A 112 4.92 11.36 3.13
C ASP A 112 5.82 10.14 3.02
N THR A 113 6.84 10.20 2.16
CA THR A 113 7.82 9.12 2.06
C THR A 113 9.23 9.65 2.26
N ASP A 114 10.04 8.87 2.96
CA ASP A 114 11.45 9.18 3.13
C ASP A 114 12.26 7.88 3.08
N TYR A 115 13.55 8.02 2.81
CA TYR A 115 14.44 6.86 2.66
C TYR A 115 14.72 6.19 4.01
N ASP A 116 14.60 6.95 5.09
CA ASP A 116 14.87 6.42 6.43
C ASP A 116 13.64 6.58 7.32
N GLN A 117 12.92 7.68 7.10
CA GLN A 117 11.67 7.95 7.77
C GLN A 117 10.58 7.01 7.27
N PHE A 118 9.39 7.13 7.82
CA PHE A 118 8.31 6.18 7.56
C PHE A 118 7.39 6.76 6.49
N ALA A 119 6.73 5.89 5.73
CA ALA A 119 5.94 6.36 4.60
C ALA A 119 4.48 5.94 4.72
N MET A 120 3.60 6.88 4.43
CA MET A 120 2.16 6.63 4.43
C MET A 120 1.64 6.65 2.99
N VAL A 121 0.99 5.56 2.58
CA VAL A 121 0.57 5.44 1.18
C VAL A 121 -0.93 5.20 1.05
N PHE A 122 -1.57 5.96 0.17
CA PHE A 122 -2.97 5.74 -0.16
C PHE A 122 -3.04 4.86 -1.42
N PHE A 123 -3.64 3.69 -1.28
CA PHE A 123 -3.77 2.74 -2.38
C PHE A 123 -5.21 2.71 -2.89
N GLN A 124 -5.40 3.03 -4.16
CA GLN A 124 -6.74 3.00 -4.76
C GLN A 124 -6.89 1.79 -5.68
N LYS A 125 -7.95 1.03 -5.46
CA LYS A 125 -8.30 -0.09 -6.33
C LYS A 125 -9.72 0.08 -6.82
N THR A 126 -9.87 0.29 -8.12
CA THR A 126 -11.20 0.45 -8.68
C THR A 126 -11.51 -0.68 -9.65
N SER A 127 -12.69 -1.26 -9.53
CA SER A 127 -13.12 -2.32 -10.44
C SER A 127 -14.65 -2.36 -10.53
N GLU A 128 -15.19 -2.25 -11.75
CA GLU A 128 -16.64 -2.30 -11.96
C GLU A 128 -17.34 -1.19 -11.17
N ASN A 129 -16.69 -0.03 -11.11
CA ASN A 129 -17.15 1.11 -10.31
C ASN A 129 -17.14 0.82 -8.82
N LYS A 130 -16.75 -0.40 -8.44
CA LYS A 130 -16.59 -0.75 -7.04
C LYS A 130 -15.25 -0.22 -6.58
N GLN A 131 -15.29 0.89 -5.87
CA GLN A 131 -14.10 1.57 -5.44
C GLN A 131 -13.63 1.06 -4.08
N TYR A 132 -12.44 0.49 -4.03
CA TYR A 132 -11.86 0.07 -2.76
C TYR A 132 -10.54 0.78 -2.56
N PHE A 133 -10.24 1.15 -1.34
CA PHE A 133 -9.01 1.86 -1.05
C PHE A 133 -8.51 1.53 0.34
N LYS A 134 -7.24 1.79 0.55
CA LYS A 134 -6.62 1.63 1.85
C LYS A 134 -5.43 2.56 1.96
N VAL A 135 -5.00 2.84 3.18
CA VAL A 135 -3.77 3.56 3.41
C VAL A 135 -2.79 2.62 4.10
N THR A 136 -1.55 2.62 3.66
CA THR A 136 -0.55 1.71 4.18
C THR A 136 0.45 2.45 5.05
N LEU A 137 1.16 1.70 5.86
CA LEU A 137 2.27 2.24 6.62
C LEU A 137 3.52 1.44 6.30
N TYR A 138 4.46 2.07 5.62
CA TYR A 138 5.74 1.44 5.29
C TYR A 138 6.87 2.08 6.10
N GLY A 139 7.90 1.29 6.37
CA GLY A 139 9.03 1.80 7.11
C GLY A 139 10.33 1.20 6.65
N ARG A 140 11.44 1.77 7.09
CA ARG A 140 12.77 1.26 6.76
C ARG A 140 12.96 -0.16 7.26
N THR A 141 12.37 -0.46 8.40
CA THR A 141 12.50 -1.75 9.05
C THR A 141 11.40 -1.91 10.10
N LYS A 142 11.56 -2.85 11.03
CA LYS A 142 10.54 -3.08 12.06
C LYS A 142 10.62 -2.00 13.15
N GLY A 143 11.41 -0.97 12.88
CA GLY A 143 11.71 0.01 13.90
C GLY A 143 11.04 1.34 13.62
N LEU A 144 9.71 1.32 13.61
CA LEU A 144 8.94 2.53 13.42
C LEU A 144 8.15 2.86 14.68
N SER A 145 8.26 4.11 15.10
CA SER A 145 7.62 4.60 16.31
C SER A 145 6.12 4.34 16.32
N ASP A 146 5.57 4.22 17.51
CA ASP A 146 4.14 4.03 17.69
C ASP A 146 3.40 5.30 17.27
N GLU A 147 4.12 6.42 17.33
CA GLU A 147 3.60 7.70 16.92
C GLU A 147 3.24 7.70 15.43
N LEU A 148 4.14 7.15 14.61
CA LEU A 148 3.95 7.21 13.16
C LEU A 148 2.87 6.25 12.69
N LYS A 149 2.69 5.12 13.39
CA LYS A 149 1.68 4.16 12.97
C LYS A 149 0.28 4.65 13.32
N GLU A 150 0.09 5.09 14.54
CA GLU A 150 -1.17 5.69 14.93
C GLU A 150 -1.49 6.88 14.00
N ARG A 151 -0.44 7.55 13.54
CA ARG A 151 -0.59 8.65 12.61
C ARG A 151 -1.18 8.16 11.28
N PHE A 152 -0.78 6.97 10.83
CA PHE A 152 -1.31 6.41 9.59
C PHE A 152 -2.79 6.08 9.75
N VAL A 153 -3.16 5.47 10.88
CA VAL A 153 -4.56 5.10 11.10
C VAL A 153 -5.42 6.37 11.06
N SER A 154 -4.89 7.45 11.62
CA SER A 154 -5.58 8.72 11.61
C SER A 154 -5.78 9.21 10.17
N PHE A 155 -4.76 8.98 9.34
CA PHE A 155 -4.84 9.33 7.92
C PHE A 155 -5.88 8.44 7.23
N ALA A 156 -6.05 7.22 7.74
CA ALA A 156 -7.08 6.32 7.22
C ALA A 156 -8.46 6.96 7.34
N LYS A 157 -8.71 7.62 8.48
CA LYS A 157 -10.00 8.29 8.69
C LYS A 157 -10.06 9.59 7.88
N SER A 158 -8.91 10.11 7.51
CA SER A 158 -8.83 11.34 6.72
C SER A 158 -9.47 11.13 5.34
N LEU A 159 -9.31 9.92 4.80
CA LEU A 159 -9.96 9.57 3.54
C LEU A 159 -11.42 9.21 3.80
N GLY A 160 -11.72 8.82 5.03
CA GLY A 160 -13.10 8.52 5.39
C GLY A 160 -13.32 7.06 5.78
N LEU A 161 -12.37 6.47 6.48
CA LEU A 161 -12.50 5.07 6.93
C LEU A 161 -12.52 4.98 8.44
N LYS A 162 -12.70 3.77 8.95
CA LYS A 162 -12.88 3.54 10.37
C LYS A 162 -11.84 2.55 10.91
N ASP A 163 -11.56 2.66 12.20
CA ASP A 163 -10.70 1.71 12.94
C ASP A 163 -11.10 0.27 12.65
N ASN A 164 -12.37 0.06 12.34
CA ASN A 164 -12.93 -1.28 12.15
C ASN A 164 -12.32 -1.96 10.92
N ASN A 165 -11.60 -1.21 10.11
CA ASN A 165 -10.92 -1.76 8.95
C ASN A 165 -9.46 -1.34 8.91
N ILE A 166 -8.89 -1.06 10.08
CA ILE A 166 -7.50 -0.65 10.17
C ILE A 166 -6.69 -1.61 11.06
N VAL A 167 -5.88 -2.46 10.44
CA VAL A 167 -5.08 -3.41 11.20
C VAL A 167 -3.64 -2.91 11.35
N PHE A 168 -2.86 -3.63 12.10
CA PHE A 168 -1.48 -3.24 12.34
C PHE A 168 -0.53 -4.35 11.89
N SER A 169 0.73 -3.98 11.67
CA SER A 169 1.75 -4.92 11.23
C SER A 169 1.85 -6.12 12.17
N VAL A 170 1.40 -7.27 11.69
CA VAL A 170 1.56 -8.51 12.43
C VAL A 170 2.88 -9.16 12.06
N PRO A 171 3.77 -9.32 13.06
CA PRO A 171 5.03 -10.05 12.89
C PRO A 171 4.76 -11.52 12.60
N THR A 172 4.64 -11.85 11.33
CA THR A 172 4.32 -13.20 10.91
C THR A 172 5.56 -14.07 10.91
N ASP A 173 5.35 -15.38 11.02
CA ASP A 173 6.44 -16.33 10.88
C ASP A 173 6.72 -16.53 9.41
N GLN A 174 7.57 -15.68 8.90
CA GLN A 174 7.92 -15.68 7.49
C GLN A 174 9.34 -15.17 7.32
N CYS A 175 9.99 -15.65 6.28
CA CYS A 175 11.39 -15.37 6.03
C CYS A 175 11.55 -13.98 5.39
N ILE A 176 11.03 -12.99 6.07
CA ILE A 176 10.93 -11.64 5.55
C ILE A 176 12.26 -10.87 5.69
N ASP A 177 13.29 -11.35 5.01
CA ASP A 177 14.60 -10.72 5.02
C ASP A 177 15.21 -10.73 3.64
N ASN A 178 14.92 -9.70 2.86
CA ASN A 178 15.49 -9.58 1.53
C ASN A 178 16.61 -8.56 1.53
N GLN A 1 -22.99 9.66 0.17
CA GLN A 1 -23.61 8.31 0.03
C GLN A 1 -23.02 7.35 1.05
N ASP A 2 -23.86 6.47 1.57
CA ASP A 2 -23.45 5.55 2.62
C ASP A 2 -23.82 4.13 2.25
N SER A 3 -22.86 3.40 1.69
CA SER A 3 -23.07 2.03 1.29
C SER A 3 -22.95 1.09 2.49
N THR A 4 -23.61 -0.05 2.42
CA THR A 4 -23.57 -1.03 3.51
C THR A 4 -22.25 -1.78 3.54
N GLN A 5 -22.23 -2.88 2.84
CA GLN A 5 -21.02 -3.69 2.72
C GLN A 5 -20.43 -3.57 1.33
N ASN A 6 -20.74 -2.45 0.68
CA ASN A 6 -20.20 -2.13 -0.61
C ASN A 6 -18.88 -1.38 -0.44
N LEU A 7 -18.56 -0.50 -1.37
CA LEU A 7 -17.37 0.30 -1.27
C LEU A 7 -17.44 1.21 -0.06
N ILE A 8 -16.31 1.37 0.61
CA ILE A 8 -16.18 2.33 1.68
C ILE A 8 -15.77 3.64 1.08
N PRO A 9 -16.27 4.74 1.66
CA PRO A 9 -16.05 6.13 1.27
C PRO A 9 -14.93 6.31 0.26
N ALA A 10 -15.24 6.03 -1.01
CA ALA A 10 -14.24 5.88 -2.05
C ALA A 10 -13.71 7.22 -2.54
N PRO A 11 -12.49 7.56 -2.15
CA PRO A 11 -11.81 8.79 -2.53
C PRO A 11 -10.91 8.57 -3.72
N PRO A 12 -11.00 9.42 -4.75
CA PRO A 12 -10.10 9.36 -5.89
C PRO A 12 -8.66 9.65 -5.51
N LEU A 13 -7.74 9.31 -6.39
CA LEU A 13 -6.31 9.59 -6.20
C LEU A 13 -6.12 11.03 -5.74
N ILE A 14 -6.87 11.89 -6.36
CA ILE A 14 -6.73 13.32 -6.17
C ILE A 14 -6.95 13.76 -4.71
N SER A 15 -7.43 12.83 -3.87
CA SER A 15 -7.61 13.10 -2.47
C SER A 15 -6.28 13.02 -1.71
N VAL A 16 -5.34 12.24 -2.24
CA VAL A 16 -4.09 11.98 -1.57
C VAL A 16 -2.99 12.93 -2.05
N PRO A 17 -2.25 13.55 -1.10
CA PRO A 17 -1.12 14.44 -1.40
C PRO A 17 0.07 13.71 -2.02
N LEU A 18 0.88 14.44 -2.76
CA LEU A 18 2.00 13.88 -3.50
C LEU A 18 3.33 14.12 -2.79
N GLN A 19 4.23 13.14 -2.87
CA GLN A 19 5.61 13.34 -2.46
C GLN A 19 6.27 14.31 -3.45
N PRO A 20 6.54 15.56 -3.04
CA PRO A 20 7.00 16.61 -3.94
C PRO A 20 8.39 16.36 -4.49
N GLY A 21 8.50 16.37 -5.82
CA GLY A 21 9.77 16.21 -6.50
C GLY A 21 10.57 15.00 -6.02
N PHE A 22 10.00 13.82 -6.15
CA PHE A 22 10.68 12.62 -5.71
C PHE A 22 11.23 11.86 -6.92
N TRP A 23 12.07 10.88 -6.66
CA TRP A 23 12.80 10.21 -7.73
C TRP A 23 12.54 8.72 -7.76
N THR A 24 12.57 8.15 -8.95
CA THR A 24 12.41 6.72 -9.15
C THR A 24 13.29 5.90 -8.22
N GLU A 25 14.58 6.18 -8.29
CA GLU A 25 15.59 5.41 -7.57
C GLU A 25 15.56 5.69 -6.07
N ARG A 26 15.02 6.84 -5.69
CA ARG A 26 14.97 7.23 -4.30
C ARG A 26 13.73 6.65 -3.63
N PHE A 27 12.87 6.06 -4.45
CA PHE A 27 11.71 5.33 -3.96
C PHE A 27 11.95 3.84 -4.15
N GLN A 28 13.23 3.49 -4.34
CA GLN A 28 13.62 2.11 -4.55
C GLN A 28 14.18 1.50 -3.27
N GLY A 29 13.88 0.23 -3.05
CA GLY A 29 14.39 -0.47 -1.90
C GLY A 29 13.33 -1.23 -1.13
N ARG A 30 13.65 -1.57 0.11
CA ARG A 30 12.79 -2.41 0.93
C ARG A 30 11.87 -1.58 1.81
N TRP A 31 10.57 -1.77 1.64
CA TRP A 31 9.61 -1.16 2.53
C TRP A 31 8.70 -2.23 3.15
N PHE A 32 8.69 -2.25 4.47
CA PHE A 32 7.90 -3.21 5.22
C PHE A 32 6.55 -2.63 5.58
N VAL A 33 5.52 -3.44 5.46
CA VAL A 33 4.19 -3.03 5.90
C VAL A 33 4.14 -3.04 7.42
N VAL A 34 4.07 -1.87 8.03
CA VAL A 34 4.00 -1.77 9.47
C VAL A 34 2.56 -1.56 9.92
N GLY A 35 1.74 -1.05 9.00
CA GLY A 35 0.33 -0.86 9.28
C GLY A 35 -0.49 -0.87 8.01
N LEU A 36 -1.80 -1.05 8.13
CA LEU A 36 -2.65 -1.14 6.96
C LEU A 36 -4.10 -0.75 7.27
N ALA A 37 -4.65 0.10 6.43
CA ALA A 37 -6.03 0.52 6.53
C ALA A 37 -6.68 0.33 5.17
N GLY A 38 -7.96 0.06 5.13
CA GLY A 38 -8.63 -0.10 3.86
C GLY A 38 -9.83 -1.00 3.93
N ASN A 39 -10.80 -0.77 3.06
CA ASN A 39 -12.03 -1.54 3.07
C ASN A 39 -11.83 -2.90 2.42
N ALA A 40 -10.63 -3.09 1.85
CA ALA A 40 -10.26 -4.37 1.24
C ALA A 40 -9.21 -5.04 2.12
N VAL A 41 -8.91 -4.38 3.22
CA VAL A 41 -7.92 -4.84 4.18
C VAL A 41 -8.38 -6.06 4.96
N GLN A 42 -7.43 -6.96 5.24
CA GLN A 42 -7.73 -8.15 6.02
C GLN A 42 -7.91 -7.77 7.48
N LYS A 43 -9.10 -7.25 7.77
CA LYS A 43 -9.43 -6.72 9.07
C LYS A 43 -10.61 -7.51 9.64
N GLU A 44 -10.33 -8.39 10.59
CA GLU A 44 -11.40 -9.25 11.14
C GLU A 44 -12.21 -8.53 12.20
N ARG A 45 -11.54 -8.02 13.22
CA ARG A 45 -12.19 -7.29 14.30
C ARG A 45 -11.15 -6.72 15.23
N GLN A 46 -10.05 -7.45 15.39
CA GLN A 46 -9.00 -7.04 16.31
C GLN A 46 -7.81 -6.46 15.56
N SER A 47 -7.13 -7.31 14.81
CA SER A 47 -5.87 -6.93 14.16
C SER A 47 -5.26 -8.13 13.45
N ARG A 48 -5.78 -8.44 12.27
CA ARG A 48 -5.24 -9.53 11.50
C ARG A 48 -4.24 -8.99 10.50
N PHE A 49 -4.30 -9.49 9.26
CA PHE A 49 -3.31 -9.17 8.24
C PHE A 49 -1.92 -9.61 8.71
N THR A 50 -0.95 -9.57 7.83
CA THR A 50 0.40 -10.02 8.14
C THR A 50 1.39 -9.34 7.22
N MET A 51 2.37 -8.66 7.81
CA MET A 51 3.31 -7.84 7.04
C MET A 51 4.11 -8.65 6.03
N TYR A 52 4.36 -8.02 4.90
CA TYR A 52 5.30 -8.53 3.93
C TYR A 52 6.23 -7.40 3.51
N SER A 53 7.20 -7.69 2.67
CA SER A 53 8.12 -6.69 2.20
C SER A 53 7.81 -6.28 0.79
N THR A 54 7.49 -5.01 0.60
CA THR A 54 7.29 -4.46 -0.72
C THR A 54 8.61 -3.84 -1.16
N ILE A 55 9.32 -4.53 -2.03
CA ILE A 55 10.65 -4.10 -2.44
C ILE A 55 10.57 -3.51 -3.83
N TYR A 56 10.49 -2.20 -3.93
CA TYR A 56 10.36 -1.56 -5.21
C TYR A 56 11.73 -1.48 -5.89
N GLU A 57 11.93 -2.31 -6.90
CA GLU A 57 13.19 -2.33 -7.63
C GLU A 57 13.06 -1.67 -8.98
N LEU A 58 13.79 -0.58 -9.15
CA LEU A 58 13.69 0.24 -10.34
C LEU A 58 14.40 -0.40 -11.54
N GLN A 59 13.77 -0.30 -12.71
CA GLN A 59 14.37 -0.75 -13.95
C GLN A 59 14.68 0.45 -14.83
N GLU A 60 15.13 0.21 -16.06
CA GLU A 60 15.47 1.31 -16.97
C GLU A 60 14.26 2.19 -17.28
N ASP A 61 13.07 1.61 -17.22
CA ASP A 61 11.87 2.31 -17.69
C ASP A 61 10.96 2.64 -16.52
N ASN A 62 11.57 2.96 -15.38
CA ASN A 62 10.89 3.28 -14.11
C ASN A 62 9.83 2.26 -13.69
N SER A 63 9.74 1.15 -14.40
CA SER A 63 8.90 0.06 -13.96
C SER A 63 9.59 -0.64 -12.82
N TYR A 64 8.98 -0.64 -11.65
CA TYR A 64 9.59 -1.27 -10.52
C TYR A 64 9.17 -2.72 -10.48
N ASN A 65 10.13 -3.61 -10.27
CA ASN A 65 9.81 -4.98 -9.97
C ASN A 65 9.74 -5.07 -8.47
N VAL A 66 8.54 -5.05 -7.94
CA VAL A 66 8.38 -5.00 -6.51
C VAL A 66 8.06 -6.36 -5.94
N THR A 67 8.78 -6.70 -4.90
CA THR A 67 8.64 -7.97 -4.25
C THR A 67 7.48 -7.91 -3.25
N SER A 68 6.75 -8.99 -3.09
CA SER A 68 5.77 -9.13 -2.03
C SER A 68 5.85 -10.54 -1.46
N ILE A 69 6.64 -10.71 -0.42
CA ILE A 69 6.89 -12.04 0.13
C ILE A 69 5.76 -12.53 1.02
N LEU A 70 5.24 -13.67 0.66
CA LEU A 70 4.15 -14.30 1.38
C LEU A 70 4.39 -15.80 1.46
N VAL A 71 3.92 -16.43 2.51
CA VAL A 71 4.09 -17.86 2.66
C VAL A 71 3.05 -18.58 1.82
N ARG A 72 3.54 -19.20 0.77
CA ARG A 72 2.70 -19.84 -0.23
C ARG A 72 2.76 -21.36 -0.05
N GLY A 73 2.06 -21.83 0.97
CA GLY A 73 2.13 -23.23 1.34
C GLY A 73 2.78 -23.41 2.69
N GLN A 74 3.86 -24.15 2.73
CA GLN A 74 4.62 -24.35 3.97
C GLN A 74 6.00 -23.70 3.86
N GLY A 75 6.11 -22.76 2.93
CA GLY A 75 7.35 -22.04 2.74
C GLY A 75 7.10 -20.61 2.34
N CYS A 76 8.15 -19.82 2.26
CA CYS A 76 7.99 -18.40 2.01
C CYS A 76 8.46 -18.10 0.60
N ARG A 77 7.65 -17.40 -0.17
CA ARG A 77 8.01 -17.11 -1.54
C ARG A 77 7.76 -15.65 -1.87
N TYR A 78 8.68 -15.06 -2.61
CA TYR A 78 8.52 -13.69 -3.07
C TYR A 78 7.55 -13.64 -4.24
N TRP A 79 6.45 -12.93 -4.07
CA TRP A 79 5.52 -12.70 -5.16
C TRP A 79 5.77 -11.30 -5.71
N ILE A 80 6.39 -11.24 -6.88
CA ILE A 80 6.86 -9.96 -7.39
C ILE A 80 5.88 -9.38 -8.43
N ARG A 81 5.60 -8.09 -8.29
CA ARG A 81 4.70 -7.36 -9.18
C ARG A 81 5.42 -6.18 -9.80
N THR A 82 4.74 -5.47 -10.70
CA THR A 82 5.37 -4.32 -11.37
C THR A 82 4.66 -3.03 -10.98
N PHE A 83 5.42 -2.07 -10.49
CA PHE A 83 4.88 -0.76 -10.15
C PHE A 83 5.51 0.30 -11.04
N VAL A 84 4.67 0.98 -11.79
CA VAL A 84 5.13 1.98 -12.74
C VAL A 84 4.51 3.34 -12.41
N PRO A 85 5.35 4.39 -12.32
CA PRO A 85 4.89 5.75 -12.05
C PRO A 85 3.89 6.23 -13.10
N SER A 86 2.83 6.89 -12.61
CA SER A 86 1.78 7.41 -13.47
C SER A 86 2.28 8.66 -14.22
N SER A 87 1.40 9.64 -14.39
CA SER A 87 1.75 10.88 -15.06
C SER A 87 2.82 11.64 -14.28
N ARG A 88 2.93 11.36 -12.99
CA ARG A 88 3.89 12.02 -12.12
C ARG A 88 4.40 11.06 -11.04
N PRO A 89 5.71 11.11 -10.75
CA PRO A 89 6.33 10.28 -9.71
C PRO A 89 5.69 10.52 -8.34
N GLY A 90 5.19 9.45 -7.75
CA GLY A 90 4.43 9.56 -6.52
C GLY A 90 3.10 8.87 -6.66
N GLN A 91 2.46 9.11 -7.79
CA GLN A 91 1.26 8.38 -8.19
C GLN A 91 1.71 7.15 -8.96
N PHE A 92 1.47 5.98 -8.41
CA PHE A 92 1.96 4.76 -9.02
C PHE A 92 0.84 3.90 -9.54
N THR A 93 1.13 3.21 -10.63
CA THR A 93 0.21 2.30 -11.27
C THR A 93 0.92 0.95 -11.40
N LEU A 94 0.25 -0.08 -11.92
CA LEU A 94 0.90 -1.37 -12.09
C LEU A 94 1.46 -1.50 -13.49
N GLY A 95 2.64 -2.12 -13.56
CA GLY A 95 3.37 -2.26 -14.81
C GLY A 95 2.53 -2.84 -15.92
N ASN A 96 1.53 -3.62 -15.54
CA ASN A 96 0.52 -4.12 -16.46
C ASN A 96 -0.87 -4.04 -15.83
N ILE A 97 -1.15 -2.93 -15.15
CA ILE A 97 -2.41 -2.78 -14.43
C ILE A 97 -3.60 -2.86 -15.38
N HIS A 98 -3.43 -2.32 -16.57
CA HIS A 98 -4.51 -2.25 -17.52
C HIS A 98 -4.60 -3.55 -18.31
N SER A 99 -3.72 -4.49 -17.99
CA SER A 99 -3.80 -5.83 -18.54
C SER A 99 -4.74 -6.66 -17.66
N TYR A 100 -5.04 -6.14 -16.48
CA TYR A 100 -6.00 -6.74 -15.57
C TYR A 100 -7.40 -6.37 -16.02
N PRO A 101 -8.26 -7.37 -16.21
CA PRO A 101 -9.57 -7.22 -16.88
C PRO A 101 -10.62 -6.48 -16.05
N GLN A 102 -10.74 -6.83 -14.77
CA GLN A 102 -11.79 -6.27 -13.94
C GLN A 102 -11.37 -4.95 -13.32
N ILE A 103 -10.07 -4.70 -13.31
CA ILE A 103 -9.55 -3.51 -12.69
C ILE A 103 -9.92 -2.27 -13.51
N GLN A 104 -10.76 -1.45 -12.90
CA GLN A 104 -11.26 -0.25 -13.52
C GLN A 104 -10.14 0.78 -13.63
N SER A 105 -9.44 0.95 -12.52
CA SER A 105 -8.27 1.80 -12.45
C SER A 105 -7.44 1.40 -11.24
N TYR A 106 -6.18 1.83 -11.21
CA TYR A 106 -5.36 1.60 -10.04
C TYR A 106 -4.31 2.70 -9.93
N ASP A 107 -4.41 3.49 -8.90
CA ASP A 107 -3.49 4.58 -8.66
C ASP A 107 -3.23 4.74 -7.17
N VAL A 108 -1.97 4.92 -6.82
CA VAL A 108 -1.59 5.11 -5.43
C VAL A 108 -0.60 6.26 -5.31
N GLN A 109 -0.82 7.12 -4.32
CA GLN A 109 0.14 8.18 -4.03
C GLN A 109 0.57 8.09 -2.58
N VAL A 110 1.81 8.44 -2.31
CA VAL A 110 2.33 8.41 -0.97
C VAL A 110 2.50 9.83 -0.45
N ALA A 111 1.75 10.16 0.59
CA ALA A 111 1.71 11.52 1.13
C ALA A 111 3.05 11.91 1.74
N ASP A 112 3.73 10.92 2.31
CA ASP A 112 5.05 11.13 2.90
C ASP A 112 5.86 9.87 2.76
N THR A 113 6.92 9.94 1.98
CA THR A 113 7.78 8.80 1.75
C THR A 113 9.25 9.19 1.89
N ASP A 114 10.01 8.39 2.61
CA ASP A 114 11.44 8.61 2.72
C ASP A 114 12.16 7.26 2.75
N TYR A 115 13.41 7.26 2.30
CA TYR A 115 14.21 6.04 2.18
C TYR A 115 14.71 5.56 3.54
N ASP A 116 14.56 6.41 4.55
CA ASP A 116 14.99 6.08 5.90
C ASP A 116 13.81 6.20 6.85
N GLN A 117 13.12 7.32 6.72
CA GLN A 117 11.88 7.61 7.42
C GLN A 117 10.75 6.69 6.92
N PHE A 118 9.57 6.85 7.49
CA PHE A 118 8.46 5.93 7.26
C PHE A 118 7.56 6.54 6.19
N ALA A 119 6.85 5.70 5.44
CA ALA A 119 6.03 6.17 4.34
C ALA A 119 4.55 5.91 4.58
N MET A 120 3.74 6.91 4.32
CA MET A 120 2.30 6.83 4.51
C MET A 120 1.61 6.93 3.16
N VAL A 121 0.88 5.90 2.76
CA VAL A 121 0.44 5.80 1.36
C VAL A 121 -1.07 5.56 1.23
N PHE A 122 -1.62 6.07 0.14
CA PHE A 122 -3.00 5.82 -0.24
C PHE A 122 -3.01 5.01 -1.54
N PHE A 123 -3.56 3.81 -1.49
CA PHE A 123 -3.69 2.95 -2.66
C PHE A 123 -5.15 2.87 -3.10
N GLN A 124 -5.42 3.12 -4.36
CA GLN A 124 -6.78 3.03 -4.88
C GLN A 124 -6.89 1.91 -5.92
N LYS A 125 -7.80 0.98 -5.69
CA LYS A 125 -8.00 -0.17 -6.57
C LYS A 125 -9.47 -0.29 -6.96
N THR A 126 -9.76 -0.12 -8.23
CA THR A 126 -11.12 -0.27 -8.71
C THR A 126 -11.30 -1.62 -9.42
N SER A 127 -12.37 -2.32 -9.12
CA SER A 127 -12.71 -3.56 -9.82
C SER A 127 -14.20 -3.83 -9.69
N GLU A 128 -14.85 -4.20 -10.79
CA GLU A 128 -16.27 -4.56 -10.78
C GLU A 128 -17.14 -3.35 -10.43
N ASN A 129 -16.66 -2.17 -10.82
CA ASN A 129 -17.32 -0.89 -10.49
C ASN A 129 -17.24 -0.62 -8.99
N LYS A 130 -16.61 -1.54 -8.28
CA LYS A 130 -16.43 -1.42 -6.86
C LYS A 130 -15.05 -0.85 -6.59
N GLN A 131 -15.00 0.24 -5.86
CA GLN A 131 -13.74 0.85 -5.52
C GLN A 131 -13.28 0.37 -4.16
N TYR A 132 -12.07 -0.14 -4.11
CA TYR A 132 -11.46 -0.57 -2.86
C TYR A 132 -10.14 0.12 -2.71
N PHE A 133 -9.99 0.84 -1.64
CA PHE A 133 -8.78 1.60 -1.42
C PHE A 133 -8.19 1.25 -0.08
N LYS A 134 -6.95 1.62 0.12
CA LYS A 134 -6.25 1.31 1.34
C LYS A 134 -5.27 2.41 1.69
N VAL A 135 -5.08 2.62 2.97
CA VAL A 135 -4.05 3.51 3.45
C VAL A 135 -3.06 2.69 4.26
N THR A 136 -1.87 2.56 3.73
CA THR A 136 -0.90 1.64 4.30
C THR A 136 0.28 2.38 4.89
N LEU A 137 0.94 1.75 5.84
CA LEU A 137 2.10 2.31 6.49
C LEU A 137 3.33 1.46 6.16
N TYR A 138 4.31 2.06 5.51
CA TYR A 138 5.53 1.36 5.17
C TYR A 138 6.71 1.93 5.92
N GLY A 139 7.62 1.07 6.31
CA GLY A 139 8.86 1.50 6.95
C GLY A 139 10.03 0.73 6.39
N ARG A 140 11.23 1.29 6.44
CA ARG A 140 12.38 0.61 5.85
C ARG A 140 12.82 -0.57 6.73
N THR A 141 12.33 -0.59 7.95
CA THR A 141 12.70 -1.63 8.90
C THR A 141 11.55 -1.85 9.89
N LYS A 142 11.76 -2.77 10.83
CA LYS A 142 10.72 -3.14 11.80
C LYS A 142 10.69 -2.13 12.96
N GLY A 143 11.34 -1.00 12.76
CA GLY A 143 11.49 -0.04 13.85
C GLY A 143 10.78 1.26 13.59
N LEU A 144 9.46 1.20 13.50
CA LEU A 144 8.64 2.39 13.34
C LEU A 144 7.79 2.62 14.58
N SER A 145 7.80 3.85 15.07
CA SER A 145 7.07 4.21 16.28
C SER A 145 5.56 4.08 16.08
N ASP A 146 4.85 3.88 17.18
CA ASP A 146 3.39 3.74 17.13
C ASP A 146 2.75 5.05 16.67
N GLU A 147 3.46 6.15 16.88
CA GLU A 147 3.00 7.47 16.47
C GLU A 147 2.76 7.51 14.96
N LEU A 148 3.74 7.04 14.19
CA LEU A 148 3.64 7.09 12.74
C LEU A 148 2.54 6.16 12.25
N LYS A 149 2.27 5.11 13.01
CA LYS A 149 1.19 4.19 12.65
C LYS A 149 -0.16 4.85 12.93
N GLU A 150 -0.33 5.46 14.09
CA GLU A 150 -1.56 6.19 14.38
C GLU A 150 -1.74 7.32 13.38
N ARG A 151 -0.63 7.89 12.96
CA ARG A 151 -0.61 8.89 11.92
C ARG A 151 -1.30 8.37 10.66
N PHE A 152 -1.03 7.10 10.29
CA PHE A 152 -1.67 6.52 9.11
C PHE A 152 -3.14 6.19 9.40
N VAL A 153 -3.44 5.66 10.58
CA VAL A 153 -4.83 5.29 10.89
C VAL A 153 -5.72 6.53 10.87
N SER A 154 -5.17 7.66 11.31
CA SER A 154 -5.87 8.92 11.26
C SER A 154 -6.09 9.33 9.80
N PHE A 155 -5.05 9.15 9.00
CA PHE A 155 -5.13 9.44 7.57
C PHE A 155 -6.12 8.50 6.89
N ALA A 156 -6.20 7.27 7.41
CA ALA A 156 -7.15 6.28 6.90
C ALA A 156 -8.57 6.81 7.02
N LYS A 157 -8.86 7.41 8.16
CA LYS A 157 -10.21 7.87 8.49
C LYS A 157 -10.52 9.20 7.83
N SER A 158 -9.49 9.97 7.46
CA SER A 158 -9.71 11.21 6.74
C SER A 158 -10.08 10.93 5.29
N LEU A 159 -9.71 9.75 4.79
CA LEU A 159 -10.20 9.28 3.50
C LEU A 159 -11.65 8.83 3.64
N GLY A 160 -11.98 8.27 4.79
CA GLY A 160 -13.34 7.84 5.05
C GLY A 160 -13.43 6.48 5.71
N LEU A 161 -12.29 5.83 5.88
CA LEU A 161 -12.25 4.51 6.49
C LEU A 161 -12.31 4.60 8.01
N LYS A 162 -12.26 3.44 8.64
CA LYS A 162 -12.48 3.31 10.07
C LYS A 162 -11.64 2.15 10.61
N ASP A 163 -11.31 2.20 11.91
CA ASP A 163 -10.55 1.13 12.57
C ASP A 163 -11.13 -0.24 12.28
N ASN A 164 -12.42 -0.28 12.03
CA ASN A 164 -13.13 -1.53 11.69
C ASN A 164 -12.51 -2.17 10.44
N ASN A 165 -11.82 -1.35 9.66
CA ASN A 165 -11.12 -1.81 8.47
C ASN A 165 -9.69 -1.26 8.44
N ILE A 166 -9.08 -1.19 9.62
CA ILE A 166 -7.67 -0.80 9.73
C ILE A 166 -6.95 -1.72 10.72
N VAL A 167 -5.89 -2.36 10.27
CA VAL A 167 -5.14 -3.28 11.11
C VAL A 167 -3.69 -2.84 11.25
N PHE A 168 -2.99 -3.47 12.17
CA PHE A 168 -1.57 -3.22 12.38
C PHE A 168 -0.81 -4.48 12.03
N SER A 169 0.07 -4.37 11.05
CA SER A 169 0.73 -5.51 10.44
C SER A 169 1.37 -6.44 11.46
N VAL A 170 0.92 -7.69 11.42
CA VAL A 170 1.46 -8.73 12.29
C VAL A 170 2.87 -9.11 11.89
N PRO A 171 3.79 -9.14 12.87
CA PRO A 171 5.14 -9.69 12.69
C PRO A 171 5.09 -11.18 12.41
N THR A 172 4.55 -11.51 11.25
CA THR A 172 4.26 -12.88 10.84
C THR A 172 5.53 -13.68 10.61
N ASP A 173 5.40 -14.99 10.63
CA ASP A 173 6.49 -15.87 10.27
C ASP A 173 6.34 -16.19 8.80
N GLN A 174 6.89 -15.30 7.99
CA GLN A 174 6.81 -15.38 6.55
C GLN A 174 8.18 -15.22 5.97
N CYS A 175 9.15 -15.46 6.82
CA CYS A 175 10.57 -15.29 6.50
C CYS A 175 10.88 -13.79 6.37
N ILE A 176 10.34 -13.17 5.32
CA ILE A 176 10.39 -11.72 5.10
C ILE A 176 11.82 -11.16 5.18
N ASP A 177 11.95 -9.84 5.03
CA ASP A 177 13.26 -9.15 5.03
C ASP A 177 14.03 -9.45 3.76
N ASN A 178 14.43 -8.40 3.06
CA ASN A 178 15.14 -8.55 1.81
C ASN A 178 16.50 -7.88 1.92
N GLN A 1 -28.81 -10.13 2.33
CA GLN A 1 -29.11 -11.43 1.67
C GLN A 1 -28.24 -11.59 0.43
N ASP A 2 -28.53 -10.79 -0.58
CA ASP A 2 -27.71 -10.76 -1.78
C ASP A 2 -27.59 -9.33 -2.28
N SER A 3 -27.08 -8.48 -1.40
CA SER A 3 -26.82 -7.09 -1.72
C SER A 3 -25.32 -6.86 -1.63
N THR A 4 -24.79 -6.04 -2.53
CA THR A 4 -23.35 -5.80 -2.56
C THR A 4 -22.93 -5.00 -1.33
N GLN A 5 -21.68 -5.17 -0.94
CA GLN A 5 -21.15 -4.55 0.24
C GLN A 5 -20.53 -3.22 -0.13
N ASN A 6 -21.40 -2.25 -0.17
CA ASN A 6 -21.08 -0.86 -0.46
C ASN A 6 -19.71 -0.45 0.02
N LEU A 7 -18.97 0.12 -0.92
CA LEU A 7 -17.62 0.59 -0.67
C LEU A 7 -17.59 1.61 0.46
N ILE A 8 -16.52 1.56 1.24
CA ILE A 8 -16.26 2.58 2.22
C ILE A 8 -15.83 3.82 1.49
N PRO A 9 -16.28 4.97 2.00
CA PRO A 9 -15.96 6.30 1.54
C PRO A 9 -14.80 6.37 0.55
N ALA A 10 -15.10 6.06 -0.71
CA ALA A 10 -14.07 5.87 -1.73
C ALA A 10 -13.57 7.21 -2.27
N PRO A 11 -12.34 7.60 -1.89
CA PRO A 11 -11.69 8.81 -2.34
C PRO A 11 -10.82 8.54 -3.55
N PRO A 12 -10.79 9.47 -4.50
CA PRO A 12 -9.90 9.39 -5.64
C PRO A 12 -8.47 9.76 -5.27
N LEU A 13 -7.54 9.45 -6.16
CA LEU A 13 -6.13 9.79 -6.00
C LEU A 13 -5.98 11.22 -5.49
N ILE A 14 -6.73 12.12 -6.08
CA ILE A 14 -6.53 13.55 -5.86
C ILE A 14 -6.86 13.97 -4.41
N SER A 15 -7.34 13.04 -3.60
CA SER A 15 -7.60 13.31 -2.20
C SER A 15 -6.31 13.17 -1.38
N VAL A 16 -5.34 12.43 -1.91
CA VAL A 16 -4.10 12.18 -1.20
C VAL A 16 -3.01 13.17 -1.63
N PRO A 17 -2.26 13.73 -0.66
CA PRO A 17 -1.12 14.61 -0.93
C PRO A 17 0.09 13.84 -1.46
N LEU A 18 0.94 14.53 -2.20
CA LEU A 18 2.09 13.88 -2.83
C LEU A 18 3.38 14.26 -2.11
N GLN A 19 4.37 13.36 -2.15
CA GLN A 19 5.67 13.60 -1.51
C GLN A 19 6.40 14.74 -2.21
N PRO A 20 7.13 15.58 -1.46
CA PRO A 20 7.92 16.66 -2.04
C PRO A 20 9.28 16.19 -2.55
N GLY A 21 9.59 16.52 -3.80
CA GLY A 21 10.88 16.19 -4.38
C GLY A 21 11.08 14.70 -4.59
N PHE A 22 10.17 14.08 -5.35
CA PHE A 22 10.23 12.65 -5.60
C PHE A 22 11.22 12.31 -6.72
N TRP A 23 12.00 11.26 -6.50
CA TRP A 23 12.86 10.70 -7.53
C TRP A 23 12.73 9.18 -7.52
N THR A 24 12.99 8.54 -8.65
CA THR A 24 12.86 7.08 -8.78
C THR A 24 13.57 6.34 -7.64
N GLU A 25 14.87 6.60 -7.53
CA GLU A 25 15.74 5.88 -6.62
C GLU A 25 15.43 6.25 -5.16
N ARG A 26 14.79 7.39 -4.97
CA ARG A 26 14.44 7.87 -3.63
C ARG A 26 13.30 7.06 -3.03
N PHE A 27 12.70 6.22 -3.85
CA PHE A 27 11.58 5.38 -3.42
C PHE A 27 11.96 3.91 -3.59
N GLN A 28 13.25 3.65 -3.64
CA GLN A 28 13.73 2.30 -3.88
C GLN A 28 14.28 1.65 -2.62
N GLY A 29 13.97 0.37 -2.45
CA GLY A 29 14.47 -0.38 -1.32
C GLY A 29 13.38 -1.16 -0.62
N ARG A 30 13.70 -1.64 0.57
CA ARG A 30 12.77 -2.45 1.35
C ARG A 30 11.86 -1.57 2.17
N TRP A 31 10.57 -1.66 1.91
CA TRP A 31 9.60 -0.94 2.70
C TRP A 31 8.69 -1.93 3.41
N PHE A 32 8.85 -1.99 4.72
CA PHE A 32 8.10 -2.92 5.53
C PHE A 32 6.78 -2.32 5.95
N VAL A 33 5.73 -3.11 5.89
CA VAL A 33 4.43 -2.68 6.36
C VAL A 33 4.38 -2.75 7.88
N VAL A 34 4.19 -1.62 8.52
CA VAL A 34 4.10 -1.61 9.97
C VAL A 34 2.65 -1.34 10.39
N GLY A 35 1.85 -0.86 9.44
CA GLY A 35 0.44 -0.67 9.70
C GLY A 35 -0.34 -0.62 8.40
N LEU A 36 -1.65 -0.79 8.47
CA LEU A 36 -2.46 -0.76 7.27
C LEU A 36 -3.91 -0.40 7.57
N ALA A 37 -4.48 0.42 6.72
CA ALA A 37 -5.85 0.88 6.86
C ALA A 37 -6.53 0.79 5.52
N GLY A 38 -7.79 0.42 5.50
CA GLY A 38 -8.50 0.34 4.23
C GLY A 38 -9.68 -0.58 4.28
N ASN A 39 -10.67 -0.31 3.46
CA ASN A 39 -11.89 -1.09 3.46
C ASN A 39 -11.63 -2.48 2.86
N ALA A 40 -10.54 -2.58 2.10
CA ALA A 40 -10.12 -3.85 1.52
C ALA A 40 -9.08 -4.52 2.42
N VAL A 41 -8.74 -3.84 3.49
CA VAL A 41 -7.82 -4.37 4.49
C VAL A 41 -8.46 -5.56 5.21
N GLN A 42 -7.69 -6.63 5.40
CA GLN A 42 -8.15 -7.78 6.14
C GLN A 42 -8.25 -7.44 7.63
N LYS A 43 -9.31 -6.74 7.97
CA LYS A 43 -9.55 -6.28 9.33
C LYS A 43 -10.80 -6.97 9.87
N GLU A 44 -10.59 -7.99 10.69
CA GLU A 44 -11.71 -8.75 11.23
C GLU A 44 -12.13 -8.24 12.60
N ARG A 45 -11.18 -8.18 13.50
CA ARG A 45 -11.41 -7.75 14.86
C ARG A 45 -10.08 -7.53 15.54
N GLN A 46 -9.17 -8.44 15.27
CA GLN A 46 -7.84 -8.40 15.85
C GLN A 46 -6.85 -7.78 14.89
N SER A 47 -6.50 -8.54 13.85
CA SER A 47 -5.43 -8.18 12.93
C SER A 47 -5.15 -9.35 11.99
N ARG A 48 -6.05 -9.56 11.03
CA ARG A 48 -5.89 -10.65 10.07
C ARG A 48 -4.72 -10.39 9.14
N PHE A 49 -4.47 -9.11 8.87
CA PHE A 49 -3.36 -8.72 8.01
C PHE A 49 -2.03 -8.91 8.74
N THR A 50 -1.01 -9.10 7.95
CA THR A 50 0.34 -9.36 8.43
C THR A 50 1.32 -8.61 7.54
N MET A 51 2.40 -8.13 8.13
CA MET A 51 3.38 -7.36 7.37
C MET A 51 4.04 -8.22 6.31
N TYR A 52 4.27 -7.60 5.18
CA TYR A 52 5.09 -8.17 4.13
C TYR A 52 6.07 -7.10 3.68
N SER A 53 7.01 -7.47 2.84
CA SER A 53 7.97 -6.50 2.36
C SER A 53 7.65 -6.13 0.93
N THR A 54 7.42 -4.85 0.69
CA THR A 54 7.28 -4.35 -0.65
C THR A 54 8.60 -3.70 -1.04
N ILE A 55 9.40 -4.41 -1.83
CA ILE A 55 10.72 -3.94 -2.18
C ILE A 55 10.66 -3.28 -3.55
N TYR A 56 10.54 -1.96 -3.57
CA TYR A 56 10.45 -1.25 -4.83
C TYR A 56 11.85 -1.10 -5.41
N GLU A 57 12.15 -1.84 -6.46
CA GLU A 57 13.50 -1.81 -7.01
C GLU A 57 13.47 -1.27 -8.44
N LEU A 58 14.38 -0.35 -8.73
CA LEU A 58 14.42 0.32 -10.03
C LEU A 58 14.84 -0.62 -11.15
N GLN A 59 14.21 -0.44 -12.31
CA GLN A 59 14.65 -1.06 -13.54
C GLN A 59 15.19 0.02 -14.46
N GLU A 60 15.56 -0.35 -15.67
CA GLU A 60 16.15 0.61 -16.60
C GLU A 60 15.18 1.75 -16.94
N ASP A 61 13.88 1.49 -16.88
CA ASP A 61 12.90 2.45 -17.36
C ASP A 61 11.93 2.85 -16.26
N ASN A 62 12.48 3.10 -15.07
CA ASN A 62 11.71 3.53 -13.88
C ASN A 62 10.46 2.68 -13.60
N SER A 63 10.36 1.53 -14.24
CA SER A 63 9.41 0.53 -13.82
C SER A 63 10.01 -0.17 -12.62
N TYR A 64 9.28 -0.24 -11.53
CA TYR A 64 9.84 -0.84 -10.34
C TYR A 64 9.51 -2.31 -10.34
N ASN A 65 10.51 -3.13 -10.09
CA ASN A 65 10.28 -4.51 -9.83
C ASN A 65 10.15 -4.66 -8.34
N VAL A 66 8.93 -4.73 -7.87
CA VAL A 66 8.70 -4.76 -6.45
C VAL A 66 8.52 -6.17 -5.96
N THR A 67 9.26 -6.48 -4.94
CA THR A 67 9.33 -7.83 -4.44
C THR A 67 8.51 -7.95 -3.17
N SER A 68 7.27 -8.42 -3.29
CA SER A 68 6.38 -8.53 -2.14
C SER A 68 6.34 -9.96 -1.61
N ILE A 69 7.11 -10.20 -0.55
CA ILE A 69 7.18 -11.53 0.04
C ILE A 69 5.97 -11.82 0.90
N LEU A 70 5.47 -13.04 0.77
CA LEU A 70 4.32 -13.50 1.53
C LEU A 70 4.38 -15.00 1.70
N VAL A 71 3.68 -15.49 2.72
CA VAL A 71 3.69 -16.90 3.04
C VAL A 71 2.67 -17.62 2.18
N ARG A 72 3.15 -18.53 1.34
CA ARG A 72 2.30 -19.18 0.36
C ARG A 72 2.48 -20.69 0.42
N GLY A 73 1.46 -21.37 0.90
CA GLY A 73 1.49 -22.82 0.92
C GLY A 73 2.33 -23.37 2.06
N GLN A 74 3.55 -23.79 1.76
CA GLN A 74 4.42 -24.37 2.76
C GLN A 74 5.74 -23.61 2.84
N GLY A 75 5.66 -22.29 2.94
CA GLY A 75 6.85 -21.50 3.16
C GLY A 75 6.67 -20.03 2.80
N CYS A 76 7.76 -19.32 2.61
CA CYS A 76 7.71 -17.91 2.27
C CYS A 76 8.20 -17.75 0.84
N ARG A 77 7.58 -16.88 0.07
CA ARG A 77 8.06 -16.61 -1.27
C ARG A 77 7.88 -15.14 -1.60
N TYR A 78 8.80 -14.62 -2.40
CA TYR A 78 8.69 -13.27 -2.88
C TYR A 78 7.75 -13.23 -4.09
N TRP A 79 6.74 -12.39 -4.01
CA TRP A 79 5.85 -12.17 -5.14
C TRP A 79 6.19 -10.82 -5.76
N ILE A 80 6.83 -10.86 -6.91
CA ILE A 80 7.38 -9.65 -7.52
C ILE A 80 6.48 -9.17 -8.65
N ARG A 81 6.32 -7.84 -8.76
CA ARG A 81 5.47 -7.25 -9.79
C ARG A 81 6.07 -5.92 -10.26
N THR A 82 5.47 -5.32 -11.27
CA THR A 82 5.98 -4.07 -11.81
C THR A 82 5.13 -2.89 -11.36
N PHE A 83 5.76 -1.94 -10.69
CA PHE A 83 5.12 -0.68 -10.31
C PHE A 83 5.70 0.46 -11.14
N VAL A 84 4.87 1.11 -11.91
CA VAL A 84 5.32 2.13 -12.83
C VAL A 84 4.65 3.47 -12.52
N PRO A 85 5.38 4.57 -12.67
CA PRO A 85 4.85 5.92 -12.47
C PRO A 85 3.66 6.20 -13.37
N SER A 86 2.64 6.81 -12.80
CA SER A 86 1.43 7.16 -13.52
C SER A 86 1.67 8.43 -14.35
N SER A 87 0.69 9.32 -14.38
CA SER A 87 0.80 10.55 -15.15
C SER A 87 1.87 11.47 -14.57
N ARG A 88 2.30 11.15 -13.36
CA ARG A 88 3.28 11.96 -12.64
C ARG A 88 3.99 11.11 -11.60
N PRO A 89 5.30 11.37 -11.40
CA PRO A 89 6.10 10.67 -10.39
C PRO A 89 5.49 10.81 -9.00
N GLY A 90 5.31 9.68 -8.32
CA GLY A 90 4.65 9.68 -7.04
C GLY A 90 3.35 8.89 -7.11
N GLN A 91 2.56 9.19 -8.13
CA GLN A 91 1.34 8.44 -8.42
C GLN A 91 1.73 7.18 -9.17
N PHE A 92 1.38 6.02 -8.66
CA PHE A 92 1.85 4.77 -9.23
C PHE A 92 0.74 3.94 -9.84
N THR A 93 1.12 3.25 -10.91
CA THR A 93 0.26 2.33 -11.60
C THR A 93 0.97 0.98 -11.68
N LEU A 94 0.33 -0.02 -12.26
CA LEU A 94 0.99 -1.30 -12.44
C LEU A 94 1.65 -1.35 -13.79
N GLY A 95 2.85 -1.95 -13.84
CA GLY A 95 3.67 -1.91 -15.04
C GLY A 95 2.88 -2.16 -16.31
N ASN A 96 1.92 -3.07 -16.21
CA ASN A 96 0.96 -3.28 -17.29
C ASN A 96 -0.45 -3.43 -16.70
N ILE A 97 -0.87 -2.44 -15.91
CA ILE A 97 -2.24 -2.42 -15.38
C ILE A 97 -3.21 -2.21 -16.52
N HIS A 98 -2.74 -1.51 -17.54
CA HIS A 98 -3.60 -1.00 -18.60
C HIS A 98 -4.18 -2.10 -19.49
N SER A 99 -3.93 -3.34 -19.13
CA SER A 99 -4.57 -4.47 -19.77
C SER A 99 -5.80 -4.88 -18.97
N TYR A 100 -6.08 -4.09 -17.93
CA TYR A 100 -7.18 -4.31 -17.01
C TYR A 100 -8.52 -4.61 -17.67
N PRO A 101 -9.07 -5.80 -17.40
CA PRO A 101 -10.45 -6.13 -17.72
C PRO A 101 -11.42 -5.58 -16.67
N GLN A 102 -11.13 -5.90 -15.40
CA GLN A 102 -12.00 -5.54 -14.29
C GLN A 102 -11.59 -4.21 -13.66
N ILE A 103 -10.30 -3.91 -13.71
CA ILE A 103 -9.77 -2.71 -13.10
C ILE A 103 -10.34 -1.48 -13.82
N GLN A 104 -10.93 -0.60 -13.03
CA GLN A 104 -11.50 0.63 -13.56
C GLN A 104 -10.39 1.68 -13.59
N SER A 105 -9.51 1.57 -12.61
CA SER A 105 -8.35 2.43 -12.48
C SER A 105 -7.51 1.95 -11.31
N TYR A 106 -6.21 2.14 -11.40
CA TYR A 106 -5.32 1.82 -10.28
C TYR A 106 -4.24 2.88 -10.16
N ASP A 107 -4.34 3.68 -9.11
CA ASP A 107 -3.38 4.76 -8.89
C ASP A 107 -3.10 4.92 -7.41
N VAL A 108 -1.84 4.84 -7.04
CA VAL A 108 -1.44 4.96 -5.66
C VAL A 108 -0.28 5.92 -5.51
N GLN A 109 -0.41 6.90 -4.63
CA GLN A 109 0.71 7.79 -4.37
C GLN A 109 0.91 7.99 -2.88
N VAL A 110 2.14 8.23 -2.50
CA VAL A 110 2.51 8.34 -1.10
C VAL A 110 2.36 9.79 -0.65
N ALA A 111 1.70 9.98 0.50
CA ALA A 111 1.47 11.30 1.06
C ALA A 111 2.80 11.90 1.52
N ASP A 112 3.64 11.05 2.07
CA ASP A 112 5.01 11.46 2.41
C ASP A 112 5.90 10.23 2.55
N THR A 113 7.07 10.30 1.95
CA THR A 113 8.00 9.18 1.92
C THR A 113 9.43 9.69 2.22
N ASP A 114 10.10 9.07 3.19
CA ASP A 114 11.43 9.56 3.59
C ASP A 114 12.47 8.46 3.60
N TYR A 115 13.74 8.88 3.60
CA TYR A 115 14.89 7.99 3.56
C TYR A 115 15.13 7.28 4.89
N ASP A 116 14.67 7.90 5.98
CA ASP A 116 14.83 7.33 7.31
C ASP A 116 13.49 7.29 8.03
N GLN A 117 12.75 8.38 7.86
CA GLN A 117 11.36 8.47 8.30
C GLN A 117 10.50 7.49 7.51
N PHE A 118 9.22 7.46 7.84
CA PHE A 118 8.33 6.44 7.32
C PHE A 118 7.55 6.97 6.13
N ALA A 119 6.69 6.13 5.56
CA ALA A 119 5.98 6.49 4.36
C ALA A 119 4.51 6.09 4.42
N MET A 120 3.65 7.05 4.16
CA MET A 120 2.21 6.85 4.20
C MET A 120 1.63 6.89 2.79
N VAL A 121 1.13 5.76 2.30
CA VAL A 121 0.71 5.68 0.91
C VAL A 121 -0.79 5.44 0.78
N PHE A 122 -1.41 6.13 -0.16
CA PHE A 122 -2.81 5.89 -0.51
C PHE A 122 -2.88 5.05 -1.78
N PHE A 123 -3.48 3.87 -1.68
CA PHE A 123 -3.65 2.98 -2.82
C PHE A 123 -5.10 3.01 -3.32
N GLN A 124 -5.29 3.41 -4.56
CA GLN A 124 -6.61 3.41 -5.18
C GLN A 124 -6.77 2.20 -6.08
N LYS A 125 -7.81 1.43 -5.84
CA LYS A 125 -8.10 0.23 -6.63
C LYS A 125 -9.58 0.21 -7.00
N THR A 126 -9.88 0.36 -8.27
CA THR A 126 -11.25 0.27 -8.73
C THR A 126 -11.43 -0.98 -9.54
N SER A 127 -12.47 -1.74 -9.25
CA SER A 127 -12.70 -2.98 -9.96
C SER A 127 -14.16 -3.37 -9.87
N GLU A 128 -14.74 -3.73 -11.00
CA GLU A 128 -16.12 -4.22 -11.04
C GLU A 128 -17.08 -3.14 -10.57
N ASN A 129 -16.80 -1.89 -10.94
CA ASN A 129 -17.67 -0.75 -10.64
C ASN A 129 -17.52 -0.30 -9.19
N LYS A 130 -16.89 -1.13 -8.36
CA LYS A 130 -16.68 -0.75 -6.98
C LYS A 130 -15.24 -0.37 -6.72
N GLN A 131 -15.04 0.62 -5.87
CA GLN A 131 -13.71 1.06 -5.51
C GLN A 131 -13.31 0.49 -4.16
N TYR A 132 -12.06 0.08 -4.08
CA TYR A 132 -11.48 -0.40 -2.83
C TYR A 132 -10.17 0.32 -2.64
N PHE A 133 -9.93 0.83 -1.46
CA PHE A 133 -8.74 1.62 -1.24
C PHE A 133 -8.20 1.37 0.15
N LYS A 134 -6.95 1.74 0.34
CA LYS A 134 -6.29 1.58 1.61
C LYS A 134 -5.19 2.62 1.78
N VAL A 135 -4.88 2.96 3.02
CA VAL A 135 -3.72 3.77 3.29
C VAL A 135 -2.69 2.90 4.04
N THR A 136 -1.45 2.94 3.59
CA THR A 136 -0.44 2.03 4.10
C THR A 136 0.49 2.75 5.07
N LEU A 137 1.01 2.01 6.03
CA LEU A 137 2.08 2.50 6.87
C LEU A 137 3.35 1.71 6.56
N TYR A 138 4.20 2.27 5.73
CA TYR A 138 5.47 1.64 5.39
C TYR A 138 6.59 2.35 6.10
N GLY A 139 7.74 1.69 6.18
CA GLY A 139 8.87 2.28 6.85
C GLY A 139 10.19 1.77 6.30
N ARG A 140 11.27 2.41 6.73
CA ARG A 140 12.63 1.96 6.42
C ARG A 140 12.80 0.47 6.72
N THR A 141 12.09 0.01 7.74
CA THR A 141 12.14 -1.36 8.18
C THR A 141 10.98 -1.60 9.16
N LYS A 142 11.03 -2.68 9.92
CA LYS A 142 10.00 -2.99 10.90
C LYS A 142 10.10 -2.09 12.12
N GLY A 143 11.02 -1.14 12.05
CA GLY A 143 11.32 -0.30 13.19
C GLY A 143 10.76 1.10 13.02
N LEU A 144 9.48 1.25 13.31
CA LEU A 144 8.81 2.54 13.25
C LEU A 144 8.00 2.79 14.52
N SER A 145 8.19 3.96 15.11
CA SER A 145 7.52 4.35 16.33
C SER A 145 6.00 4.32 16.18
N ASP A 146 5.31 4.14 17.30
CA ASP A 146 3.85 4.09 17.31
C ASP A 146 3.26 5.45 16.95
N GLU A 147 4.05 6.48 17.19
CA GLU A 147 3.64 7.85 16.91
C GLU A 147 3.33 8.04 15.43
N LEU A 148 4.19 7.49 14.56
CA LEU A 148 3.98 7.60 13.13
C LEU A 148 2.85 6.69 12.66
N LYS A 149 2.64 5.58 13.37
CA LYS A 149 1.55 4.67 13.03
C LYS A 149 0.20 5.29 13.40
N GLU A 150 0.14 5.95 14.54
CA GLU A 150 -1.06 6.68 14.94
C GLU A 150 -1.39 7.72 13.87
N ARG A 151 -0.35 8.29 13.30
CA ARG A 151 -0.48 9.26 12.23
C ARG A 151 -1.11 8.63 10.98
N PHE A 152 -0.78 7.35 10.71
CA PHE A 152 -1.36 6.67 9.55
C PHE A 152 -2.85 6.37 9.80
N VAL A 153 -3.19 5.89 11.01
CA VAL A 153 -4.59 5.59 11.31
C VAL A 153 -5.40 6.88 11.23
N SER A 154 -4.77 7.99 11.62
CA SER A 154 -5.40 9.30 11.52
C SER A 154 -5.63 9.66 10.06
N PHE A 155 -4.61 9.43 9.23
CA PHE A 155 -4.73 9.68 7.80
C PHE A 155 -5.76 8.73 7.18
N ALA A 156 -5.89 7.54 7.78
CA ALA A 156 -6.91 6.58 7.38
C ALA A 156 -8.28 7.21 7.51
N LYS A 157 -8.48 7.97 8.59
CA LYS A 157 -9.77 8.61 8.85
C LYS A 157 -9.96 9.81 7.92
N SER A 158 -8.86 10.36 7.43
CA SER A 158 -8.89 11.52 6.55
C SER A 158 -9.51 11.14 5.20
N LEU A 159 -9.23 9.93 4.73
CA LEU A 159 -9.86 9.45 3.50
C LEU A 159 -11.32 9.06 3.77
N GLY A 160 -11.61 8.73 5.02
CA GLY A 160 -12.97 8.41 5.41
C GLY A 160 -13.14 6.99 5.93
N LEU A 161 -12.05 6.40 6.39
CA LEU A 161 -12.09 5.03 6.90
C LEU A 161 -12.16 5.00 8.41
N LYS A 162 -12.34 3.79 8.94
CA LYS A 162 -12.58 3.58 10.35
C LYS A 162 -11.64 2.49 10.85
N ASP A 163 -11.33 2.51 12.15
CA ASP A 163 -10.45 1.51 12.78
C ASP A 163 -10.95 0.10 12.51
N ASN A 164 -12.24 -0.01 12.23
CA ASN A 164 -12.86 -1.31 11.93
C ASN A 164 -12.26 -1.91 10.67
N ASN A 165 -11.58 -1.09 9.88
CA ASN A 165 -10.89 -1.56 8.69
C ASN A 165 -9.44 -1.08 8.70
N ILE A 166 -8.86 -0.97 9.89
CA ILE A 166 -7.46 -0.60 10.02
C ILE A 166 -6.76 -1.57 10.96
N VAL A 167 -5.84 -2.36 10.44
CA VAL A 167 -5.08 -3.29 11.27
C VAL A 167 -3.67 -2.77 11.47
N PHE A 168 -2.92 -3.48 12.27
CA PHE A 168 -1.53 -3.17 12.51
C PHE A 168 -0.71 -4.37 12.11
N SER A 169 0.20 -4.17 11.17
CA SER A 169 0.88 -5.25 10.49
C SER A 169 1.54 -6.23 11.44
N VAL A 170 0.97 -7.43 11.50
CA VAL A 170 1.51 -8.53 12.27
C VAL A 170 2.81 -9.03 11.67
N PRO A 171 3.87 -9.12 12.46
CA PRO A 171 5.09 -9.79 12.05
C PRO A 171 4.80 -11.25 11.74
N THR A 172 4.62 -11.58 10.48
CA THR A 172 4.22 -12.92 10.09
C THR A 172 5.33 -13.91 10.41
N ASP A 173 4.92 -15.12 10.76
CA ASP A 173 5.87 -16.15 11.12
C ASP A 173 6.44 -16.79 9.87
N GLN A 174 7.48 -16.16 9.35
CA GLN A 174 8.17 -16.62 8.16
C GLN A 174 9.38 -15.74 7.87
N CYS A 175 10.04 -16.05 6.78
CA CYS A 175 11.05 -15.18 6.20
C CYS A 175 10.37 -14.02 5.51
N ILE A 176 10.93 -12.82 5.62
CA ILE A 176 10.33 -11.64 5.04
C ILE A 176 11.37 -10.54 4.79
N ASP A 177 12.37 -10.49 5.65
CA ASP A 177 13.38 -9.43 5.59
C ASP A 177 14.27 -9.61 4.37
N ASN A 178 14.17 -8.68 3.44
CA ASN A 178 14.93 -8.73 2.21
C ASN A 178 16.31 -8.12 2.42
N GLN A 1 -28.57 -6.40 4.15
CA GLN A 1 -29.51 -5.36 3.67
C GLN A 1 -28.90 -3.98 3.85
N ASP A 2 -28.93 -3.51 5.10
CA ASP A 2 -28.36 -2.21 5.45
C ASP A 2 -26.86 -2.33 5.68
N SER A 3 -26.41 -3.55 6.00
CA SER A 3 -25.01 -3.81 6.22
C SER A 3 -24.18 -3.44 4.99
N THR A 4 -23.36 -2.41 5.13
CA THR A 4 -22.55 -1.94 4.03
C THR A 4 -21.46 -2.95 3.69
N GLN A 5 -21.57 -3.54 2.52
CA GLN A 5 -20.55 -4.46 2.03
C GLN A 5 -20.06 -4.00 0.67
N ASN A 6 -20.47 -2.80 0.35
CA ASN A 6 -20.10 -2.15 -0.89
C ASN A 6 -18.91 -1.24 -0.63
N LEU A 7 -18.58 -0.37 -1.55
CA LEU A 7 -17.44 0.53 -1.40
C LEU A 7 -17.65 1.46 -0.21
N ILE A 8 -16.59 1.64 0.55
CA ILE A 8 -16.54 2.64 1.60
C ILE A 8 -16.10 3.93 0.95
N PRO A 9 -16.65 5.06 1.42
CA PRO A 9 -16.39 6.40 0.96
C PRO A 9 -15.20 6.54 0.01
N ALA A 10 -15.44 6.26 -1.27
CA ALA A 10 -14.38 6.14 -2.26
C ALA A 10 -13.83 7.51 -2.69
N PRO A 11 -12.62 7.85 -2.24
CA PRO A 11 -11.92 9.08 -2.59
C PRO A 11 -10.97 8.86 -3.77
N PRO A 12 -11.11 9.65 -4.83
CA PRO A 12 -10.21 9.60 -5.98
C PRO A 12 -8.80 10.05 -5.63
N LEU A 13 -7.86 9.80 -6.53
CA LEU A 13 -6.45 10.17 -6.36
C LEU A 13 -6.33 11.57 -5.77
N ILE A 14 -7.15 12.47 -6.28
CA ILE A 14 -7.02 13.88 -5.96
C ILE A 14 -7.31 14.18 -4.48
N SER A 15 -7.73 13.15 -3.74
CA SER A 15 -7.99 13.27 -2.31
C SER A 15 -6.72 13.02 -1.50
N VAL A 16 -5.69 12.50 -2.17
CA VAL A 16 -4.45 12.17 -1.50
C VAL A 16 -3.30 13.07 -1.96
N PRO A 17 -2.58 13.68 -1.01
CA PRO A 17 -1.43 14.55 -1.32
C PRO A 17 -0.23 13.79 -1.84
N LEU A 18 0.58 14.47 -2.64
CA LEU A 18 1.78 13.88 -3.23
C LEU A 18 3.03 14.37 -2.50
N GLN A 19 4.04 13.50 -2.46
CA GLN A 19 5.30 13.83 -1.82
C GLN A 19 6.24 14.52 -2.80
N PRO A 20 6.58 15.79 -2.55
CA PRO A 20 7.50 16.56 -3.39
C PRO A 20 8.95 16.09 -3.24
N GLY A 21 9.74 16.31 -4.28
CA GLY A 21 11.10 15.81 -4.28
C GLY A 21 11.13 14.33 -4.52
N PHE A 22 10.27 13.89 -5.41
CA PHE A 22 10.08 12.48 -5.66
C PHE A 22 10.95 11.99 -6.81
N TRP A 23 11.71 10.94 -6.55
CA TRP A 23 12.58 10.35 -7.57
C TRP A 23 12.45 8.83 -7.58
N THR A 24 12.79 8.21 -8.68
CA THR A 24 12.64 6.76 -8.84
C THR A 24 13.45 5.98 -7.80
N GLU A 25 14.75 6.20 -7.77
CA GLU A 25 15.64 5.45 -6.89
C GLU A 25 15.43 5.90 -5.45
N ARG A 26 14.85 7.07 -5.30
CA ARG A 26 14.60 7.67 -3.99
C ARG A 26 13.45 6.94 -3.31
N PHE A 27 12.61 6.31 -4.12
CA PHE A 27 11.50 5.50 -3.62
C PHE A 27 11.75 4.04 -4.05
N GLN A 28 12.98 3.57 -3.81
CA GLN A 28 13.40 2.24 -4.24
C GLN A 28 14.04 1.49 -3.07
N GLY A 29 14.02 0.17 -3.14
CA GLY A 29 14.63 -0.64 -2.10
C GLY A 29 13.63 -1.38 -1.25
N ARG A 30 14.04 -1.76 -0.05
CA ARG A 30 13.18 -2.50 0.86
C ARG A 30 12.23 -1.57 1.58
N TRP A 31 10.95 -1.72 1.33
CA TRP A 31 9.94 -0.98 2.07
C TRP A 31 9.05 -1.94 2.82
N PHE A 32 9.12 -1.87 4.14
CA PHE A 32 8.40 -2.78 5.01
C PHE A 32 7.07 -2.21 5.43
N VAL A 33 6.04 -3.03 5.35
CA VAL A 33 4.72 -2.63 5.81
C VAL A 33 4.64 -2.74 7.32
N VAL A 34 4.32 -1.65 7.98
CA VAL A 34 4.17 -1.68 9.43
C VAL A 34 2.70 -1.48 9.82
N GLY A 35 1.91 -0.95 8.89
CA GLY A 35 0.50 -0.74 9.14
C GLY A 35 -0.34 -0.79 7.87
N LEU A 36 -1.64 -1.00 8.04
CA LEU A 36 -2.54 -1.10 6.89
C LEU A 36 -3.95 -0.65 7.29
N ALA A 37 -4.62 0.07 6.42
CA ALA A 37 -5.94 0.61 6.73
C ALA A 37 -6.78 0.74 5.48
N GLY A 38 -7.99 0.20 5.47
CA GLY A 38 -8.80 0.33 4.29
C GLY A 38 -9.94 -0.65 4.20
N ASN A 39 -10.90 -0.34 3.34
CA ASN A 39 -12.08 -1.16 3.14
C ASN A 39 -11.70 -2.51 2.53
N ALA A 40 -10.72 -2.47 1.65
CA ALA A 40 -10.24 -3.68 0.99
C ALA A 40 -9.20 -4.39 1.85
N VAL A 41 -8.88 -3.78 2.98
CA VAL A 41 -7.94 -4.35 3.95
C VAL A 41 -8.53 -5.58 4.61
N GLN A 42 -7.75 -6.66 4.64
CA GLN A 42 -8.16 -7.88 5.34
C GLN A 42 -8.02 -7.68 6.85
N LYS A 43 -9.00 -7.01 7.43
CA LYS A 43 -8.99 -6.69 8.84
C LYS A 43 -9.76 -7.78 9.61
N GLU A 44 -9.01 -8.56 10.39
CA GLU A 44 -9.58 -9.67 11.16
C GLU A 44 -10.51 -9.20 12.26
N ARG A 45 -9.97 -8.44 13.18
CA ARG A 45 -10.72 -7.83 14.26
C ARG A 45 -9.73 -7.04 15.10
N GLN A 46 -8.60 -7.66 15.38
CA GLN A 46 -7.50 -6.97 16.01
C GLN A 46 -6.52 -6.51 14.93
N SER A 47 -5.97 -7.47 14.17
CA SER A 47 -4.95 -7.21 13.17
C SER A 47 -4.41 -8.51 12.61
N ARG A 48 -4.79 -8.84 11.38
CA ARG A 48 -4.11 -9.89 10.64
C ARG A 48 -3.27 -9.24 9.54
N PHE A 49 -3.52 -9.58 8.28
CA PHE A 49 -2.80 -9.00 7.14
C PHE A 49 -1.36 -9.50 7.11
N THR A 50 -0.60 -9.18 8.14
CA THR A 50 0.79 -9.61 8.27
C THR A 50 1.69 -8.86 7.29
N MET A 51 2.82 -8.38 7.77
CA MET A 51 3.73 -7.57 6.95
C MET A 51 4.44 -8.40 5.91
N TYR A 52 4.60 -7.80 4.75
CA TYR A 52 5.45 -8.36 3.73
C TYR A 52 6.46 -7.29 3.32
N SER A 53 7.45 -7.67 2.55
CA SER A 53 8.44 -6.71 2.10
C SER A 53 8.20 -6.36 0.66
N THR A 54 7.90 -5.09 0.40
CA THR A 54 7.76 -4.62 -0.95
C THR A 54 9.07 -4.02 -1.38
N ILE A 55 9.81 -4.78 -2.16
CA ILE A 55 11.11 -4.33 -2.62
C ILE A 55 10.97 -3.87 -4.05
N TYR A 56 10.95 -2.56 -4.23
CA TYR A 56 10.77 -2.01 -5.56
C TYR A 56 12.12 -1.98 -6.27
N GLU A 57 12.31 -2.89 -7.21
CA GLU A 57 13.56 -2.92 -7.95
C GLU A 57 13.44 -2.08 -9.21
N LEU A 58 14.01 -0.89 -9.15
CA LEU A 58 13.91 0.08 -10.24
C LEU A 58 14.69 -0.38 -11.47
N GLN A 59 14.06 -0.27 -12.64
CA GLN A 59 14.70 -0.61 -13.89
C GLN A 59 14.90 0.65 -14.73
N GLU A 60 15.38 0.50 -15.95
CA GLU A 60 15.68 1.66 -16.79
C GLU A 60 14.45 2.55 -17.04
N ASP A 61 13.26 1.96 -17.04
CA ASP A 61 12.06 2.72 -17.42
C ASP A 61 11.15 2.87 -16.21
N ASN A 62 11.76 3.08 -15.05
CA ASN A 62 11.06 3.31 -13.77
C ASN A 62 9.97 2.28 -13.48
N SER A 63 10.06 1.12 -14.10
CA SER A 63 9.21 0.02 -13.73
C SER A 63 9.90 -0.73 -12.61
N TYR A 64 9.24 -0.83 -11.47
CA TYR A 64 9.85 -1.50 -10.34
C TYR A 64 9.52 -2.97 -10.36
N ASN A 65 10.53 -3.81 -10.20
CA ASN A 65 10.29 -5.21 -9.94
C ASN A 65 10.02 -5.34 -8.46
N VAL A 66 8.76 -5.42 -8.15
CA VAL A 66 8.28 -5.30 -6.79
C VAL A 66 8.20 -6.66 -6.15
N THR A 67 9.22 -7.00 -5.40
CA THR A 67 9.33 -8.32 -4.82
C THR A 67 8.73 -8.32 -3.43
N SER A 68 7.47 -8.71 -3.32
CA SER A 68 6.79 -8.74 -2.03
C SER A 68 6.67 -10.17 -1.52
N ILE A 69 7.41 -10.47 -0.45
CA ILE A 69 7.43 -11.82 0.09
C ILE A 69 6.27 -12.04 1.06
N LEU A 70 5.53 -13.10 0.83
CA LEU A 70 4.42 -13.46 1.67
C LEU A 70 4.39 -14.97 1.85
N VAL A 71 3.83 -15.40 2.96
CA VAL A 71 3.80 -16.79 3.29
C VAL A 71 2.59 -17.45 2.64
N ARG A 72 2.85 -18.17 1.55
CA ARG A 72 1.78 -18.75 0.74
C ARG A 72 1.82 -20.27 0.80
N GLY A 73 0.83 -20.85 1.48
CA GLY A 73 0.74 -22.30 1.55
C GLY A 73 1.73 -22.89 2.55
N GLN A 74 1.84 -22.26 3.71
CA GLN A 74 2.72 -22.71 4.79
C GLN A 74 4.19 -22.65 4.37
N GLY A 75 4.46 -21.83 3.37
CA GLY A 75 5.81 -21.63 2.91
C GLY A 75 6.05 -20.17 2.57
N CYS A 76 7.28 -19.79 2.32
CA CYS A 76 7.59 -18.40 2.07
C CYS A 76 7.98 -18.22 0.61
N ARG A 77 7.34 -17.28 -0.07
CA ARG A 77 7.59 -17.06 -1.48
C ARG A 77 7.59 -15.57 -1.79
N TYR A 78 8.38 -15.18 -2.79
CA TYR A 78 8.42 -13.81 -3.22
C TYR A 78 7.42 -13.57 -4.34
N TRP A 79 6.45 -12.72 -4.08
CA TRP A 79 5.46 -12.33 -5.07
C TRP A 79 5.94 -11.07 -5.75
N ILE A 80 6.41 -11.18 -6.99
CA ILE A 80 6.99 -10.03 -7.66
C ILE A 80 6.05 -9.48 -8.73
N ARG A 81 5.69 -8.21 -8.57
CA ARG A 81 4.85 -7.49 -9.52
C ARG A 81 5.56 -6.24 -10.00
N THR A 82 4.87 -5.36 -10.70
CA THR A 82 5.53 -4.19 -11.26
C THR A 82 4.82 -2.90 -10.85
N PHE A 83 5.56 -2.00 -10.23
CA PHE A 83 5.05 -0.68 -9.88
C PHE A 83 5.67 0.34 -10.80
N VAL A 84 4.84 1.11 -11.45
CA VAL A 84 5.31 2.08 -12.42
C VAL A 84 4.68 3.45 -12.15
N PRO A 85 5.52 4.49 -11.99
CA PRO A 85 5.06 5.87 -11.98
C PRO A 85 4.18 6.16 -13.19
N SER A 86 3.00 6.69 -12.90
CA SER A 86 2.02 7.02 -13.92
C SER A 86 2.47 8.25 -14.73
N SER A 87 1.51 9.03 -15.22
CA SER A 87 1.80 10.22 -15.99
C SER A 87 2.67 11.20 -15.21
N ARG A 88 2.63 11.12 -13.89
CA ARG A 88 3.44 11.99 -13.07
C ARG A 88 4.00 11.21 -11.88
N PRO A 89 5.25 11.51 -11.48
CA PRO A 89 5.92 10.85 -10.36
C PRO A 89 5.11 10.95 -9.08
N GLY A 90 4.98 9.84 -8.37
CA GLY A 90 4.18 9.81 -7.17
C GLY A 90 2.92 9.00 -7.37
N GLN A 91 2.29 9.18 -8.52
CA GLN A 91 1.13 8.40 -8.89
C GLN A 91 1.59 7.04 -9.37
N PHE A 92 1.26 5.99 -8.63
CA PHE A 92 1.71 4.67 -9.00
C PHE A 92 0.60 3.86 -9.64
N THR A 93 0.98 3.13 -10.66
CA THR A 93 0.11 2.19 -11.32
C THR A 93 0.88 0.90 -11.54
N LEU A 94 0.27 -0.09 -12.14
CA LEU A 94 0.90 -1.40 -12.28
C LEU A 94 1.59 -1.52 -13.62
N GLY A 95 2.80 -2.08 -13.56
CA GLY A 95 3.62 -2.27 -14.74
C GLY A 95 2.89 -3.00 -15.86
N ASN A 96 1.92 -3.83 -15.46
CA ASN A 96 1.09 -4.56 -16.42
C ASN A 96 -0.37 -4.50 -16.00
N ILE A 97 -0.78 -3.33 -15.48
CA ILE A 97 -2.15 -3.12 -14.98
C ILE A 97 -3.19 -3.39 -16.06
N HIS A 98 -2.81 -3.08 -17.29
CA HIS A 98 -3.73 -3.07 -18.42
C HIS A 98 -4.16 -4.49 -18.80
N SER A 99 -3.58 -5.48 -18.14
CA SER A 99 -3.93 -6.87 -18.40
C SER A 99 -5.02 -7.34 -17.45
N TYR A 100 -5.29 -6.55 -16.41
CA TYR A 100 -6.28 -6.91 -15.42
C TYR A 100 -7.66 -6.40 -15.83
N PRO A 101 -8.63 -7.32 -15.91
CA PRO A 101 -9.95 -7.06 -16.50
C PRO A 101 -10.91 -6.28 -15.59
N GLN A 102 -10.99 -6.67 -14.33
CA GLN A 102 -11.94 -6.05 -13.40
C GLN A 102 -11.49 -4.66 -13.02
N ILE A 103 -10.19 -4.42 -13.12
CA ILE A 103 -9.59 -3.17 -12.70
C ILE A 103 -9.97 -2.05 -13.67
N GLN A 104 -10.65 -1.06 -13.13
CA GLN A 104 -11.09 0.11 -13.88
C GLN A 104 -9.92 1.06 -14.05
N SER A 105 -9.27 1.33 -12.93
CA SER A 105 -8.10 2.17 -12.88
C SER A 105 -7.36 1.88 -11.59
N TYR A 106 -6.08 2.14 -11.56
CA TYR A 106 -5.30 1.93 -10.35
C TYR A 106 -4.28 3.04 -10.20
N ASP A 107 -4.44 3.85 -9.18
CA ASP A 107 -3.57 4.98 -8.95
C ASP A 107 -3.33 5.19 -7.46
N VAL A 108 -2.06 5.20 -7.09
CA VAL A 108 -1.67 5.41 -5.69
C VAL A 108 -0.80 6.66 -5.55
N GLN A 109 -0.94 7.35 -4.42
CA GLN A 109 -0.05 8.45 -4.06
C GLN A 109 0.57 8.18 -2.70
N VAL A 110 1.84 8.51 -2.53
CA VAL A 110 2.44 8.47 -1.23
C VAL A 110 2.37 9.87 -0.61
N ALA A 111 1.57 10.00 0.46
CA ALA A 111 1.32 11.28 1.10
C ALA A 111 2.63 11.90 1.56
N ASP A 112 3.52 11.05 2.04
CA ASP A 112 4.88 11.48 2.33
C ASP A 112 5.78 10.26 2.47
N THR A 113 6.95 10.35 1.89
CA THR A 113 7.90 9.26 1.90
C THR A 113 9.30 9.77 2.24
N ASP A 114 10.05 9.02 3.02
CA ASP A 114 11.44 9.37 3.32
C ASP A 114 12.30 8.11 3.40
N TYR A 115 13.59 8.27 3.16
CA TYR A 115 14.54 7.16 3.10
C TYR A 115 14.87 6.58 4.48
N ASP A 116 14.58 7.35 5.53
CA ASP A 116 14.85 6.92 6.90
C ASP A 116 13.57 7.05 7.72
N GLN A 117 12.85 8.11 7.45
CA GLN A 117 11.52 8.33 7.99
C GLN A 117 10.51 7.37 7.38
N PHE A 118 9.28 7.46 7.83
CA PHE A 118 8.27 6.50 7.49
C PHE A 118 7.41 7.05 6.35
N ALA A 119 6.74 6.18 5.61
CA ALA A 119 5.98 6.62 4.45
C ALA A 119 4.51 6.23 4.55
N MET A 120 3.65 7.16 4.20
CA MET A 120 2.22 6.95 4.21
C MET A 120 1.68 6.94 2.79
N VAL A 121 1.08 5.84 2.36
CA VAL A 121 0.65 5.71 0.97
C VAL A 121 -0.83 5.37 0.84
N PHE A 122 -1.53 6.13 0.02
CA PHE A 122 -2.91 5.84 -0.33
C PHE A 122 -2.91 5.07 -1.64
N PHE A 123 -3.57 3.91 -1.65
CA PHE A 123 -3.67 3.09 -2.86
C PHE A 123 -5.12 2.97 -3.28
N GLN A 124 -5.42 3.40 -4.49
CA GLN A 124 -6.78 3.29 -5.01
C GLN A 124 -6.84 2.23 -6.09
N LYS A 125 -7.80 1.34 -5.98
CA LYS A 125 -8.09 0.38 -7.03
C LYS A 125 -9.56 0.41 -7.37
N THR A 126 -9.87 0.59 -8.63
CA THR A 126 -11.24 0.52 -9.07
C THR A 126 -11.48 -0.83 -9.71
N SER A 127 -12.57 -1.48 -9.37
CA SER A 127 -12.86 -2.79 -9.92
C SER A 127 -14.36 -3.03 -9.96
N GLU A 128 -14.88 -3.40 -11.13
CA GLU A 128 -16.31 -3.66 -11.31
C GLU A 128 -17.11 -2.38 -11.02
N ASN A 129 -16.54 -1.25 -11.42
CA ASN A 129 -17.14 0.07 -11.19
C ASN A 129 -17.09 0.44 -9.71
N LYS A 130 -16.75 -0.54 -8.87
CA LYS A 130 -16.66 -0.31 -7.45
C LYS A 130 -15.24 0.13 -7.12
N GLN A 131 -15.11 1.20 -6.38
CA GLN A 131 -13.78 1.66 -6.01
C GLN A 131 -13.41 1.13 -4.63
N TYR A 132 -12.20 0.66 -4.51
CA TYR A 132 -11.67 0.20 -3.23
C TYR A 132 -10.39 0.94 -2.94
N PHE A 133 -10.28 1.46 -1.75
CA PHE A 133 -9.12 2.24 -1.37
C PHE A 133 -8.64 1.84 0.00
N LYS A 134 -7.36 2.01 0.20
CA LYS A 134 -6.75 1.76 1.49
C LYS A 134 -5.48 2.60 1.63
N VAL A 135 -5.08 2.87 2.85
CA VAL A 135 -3.83 3.55 3.12
C VAL A 135 -2.88 2.56 3.79
N THR A 136 -1.60 2.63 3.46
CA THR A 136 -0.63 1.71 4.01
C THR A 136 0.52 2.46 4.67
N LEU A 137 1.08 1.85 5.70
CA LEU A 137 2.18 2.44 6.45
C LEU A 137 3.46 1.68 6.14
N TYR A 138 4.35 2.35 5.41
CA TYR A 138 5.65 1.76 5.09
C TYR A 138 6.75 2.37 5.93
N GLY A 139 7.79 1.59 6.18
CA GLY A 139 8.91 2.09 6.93
C GLY A 139 10.23 1.55 6.39
N ARG A 140 11.34 2.13 6.84
CA ARG A 140 12.66 1.71 6.40
C ARG A 140 12.96 0.27 6.82
N THR A 141 12.31 -0.19 7.88
CA THR A 141 12.55 -1.52 8.42
C THR A 141 11.47 -1.88 9.44
N LYS A 142 11.65 -3.00 10.15
CA LYS A 142 10.75 -3.39 11.24
C LYS A 142 11.01 -2.51 12.46
N GLY A 143 10.93 -1.20 12.29
CA GLY A 143 11.17 -0.30 13.40
C GLY A 143 10.64 1.10 13.14
N LEU A 144 9.36 1.29 13.40
CA LEU A 144 8.72 2.59 13.24
C LEU A 144 7.97 2.96 14.51
N SER A 145 8.00 4.23 14.86
CA SER A 145 7.37 4.73 16.08
C SER A 145 5.87 4.53 16.02
N ASP A 146 5.26 4.35 17.20
CA ASP A 146 3.83 4.14 17.30
C ASP A 146 3.09 5.39 16.85
N GLU A 147 3.76 6.53 16.96
CA GLU A 147 3.19 7.81 16.59
C GLU A 147 2.95 7.89 15.08
N LEU A 148 3.90 7.36 14.30
CA LEU A 148 3.79 7.42 12.86
C LEU A 148 2.71 6.45 12.37
N LYS A 149 2.51 5.36 13.09
CA LYS A 149 1.46 4.41 12.73
C LYS A 149 0.11 5.04 13.02
N GLU A 150 -0.01 5.63 14.20
CA GLU A 150 -1.23 6.34 14.57
C GLU A 150 -1.52 7.44 13.55
N ARG A 151 -0.44 8.04 13.03
CA ARG A 151 -0.56 9.06 12.00
C ARG A 151 -1.20 8.47 10.74
N PHE A 152 -0.88 7.21 10.42
CA PHE A 152 -1.48 6.56 9.26
C PHE A 152 -2.94 6.20 9.54
N VAL A 153 -3.23 5.67 10.73
CA VAL A 153 -4.60 5.29 11.06
C VAL A 153 -5.50 6.53 11.03
N SER A 154 -4.94 7.66 11.45
CA SER A 154 -5.66 8.93 11.39
C SER A 154 -5.88 9.34 9.94
N PHE A 155 -4.88 9.08 9.10
CA PHE A 155 -4.98 9.37 7.68
C PHE A 155 -6.01 8.44 7.04
N ALA A 156 -6.13 7.22 7.57
CA ALA A 156 -7.14 6.28 7.15
C ALA A 156 -8.54 6.89 7.30
N LYS A 157 -8.75 7.56 8.43
CA LYS A 157 -10.03 8.22 8.72
C LYS A 157 -10.20 9.46 7.86
N SER A 158 -9.08 10.07 7.50
CA SER A 158 -9.07 11.28 6.69
C SER A 158 -9.68 11.03 5.31
N LEU A 159 -9.48 9.84 4.77
CA LEU A 159 -10.07 9.48 3.49
C LEU A 159 -11.55 9.13 3.65
N GLY A 160 -11.95 8.84 4.88
CA GLY A 160 -13.35 8.53 5.15
C GLY A 160 -13.57 7.07 5.54
N LEU A 161 -12.49 6.41 5.94
CA LEU A 161 -12.58 4.99 6.31
C LEU A 161 -12.60 4.83 7.82
N LYS A 162 -12.94 3.63 8.25
CA LYS A 162 -13.15 3.33 9.65
C LYS A 162 -12.02 2.49 10.23
N ASP A 163 -11.73 2.74 11.51
CA ASP A 163 -10.72 1.99 12.27
C ASP A 163 -11.01 0.50 12.25
N ASN A 164 -12.28 0.16 12.07
CA ASN A 164 -12.74 -1.21 11.94
C ASN A 164 -11.98 -1.95 10.85
N ASN A 165 -11.61 -1.22 9.80
CA ASN A 165 -10.92 -1.81 8.66
C ASN A 165 -9.44 -1.43 8.65
N ILE A 166 -8.88 -1.17 9.82
CA ILE A 166 -7.47 -0.82 9.92
C ILE A 166 -6.72 -1.85 10.78
N VAL A 167 -5.60 -2.34 10.28
CA VAL A 167 -4.81 -3.35 10.99
C VAL A 167 -3.33 -2.94 10.99
N PHE A 168 -2.57 -3.53 11.89
CA PHE A 168 -1.14 -3.29 11.97
C PHE A 168 -0.43 -4.52 11.44
N SER A 169 0.60 -4.30 10.64
CA SER A 169 1.25 -5.38 9.93
C SER A 169 1.97 -6.34 10.88
N VAL A 170 1.42 -7.54 10.97
CA VAL A 170 1.98 -8.60 11.80
C VAL A 170 3.39 -8.97 11.35
N PRO A 171 4.37 -8.83 12.24
CA PRO A 171 5.72 -9.34 12.02
C PRO A 171 5.72 -10.86 12.02
N THR A 172 5.52 -11.45 10.85
CA THR A 172 5.39 -12.89 10.74
C THR A 172 6.69 -13.59 11.05
N ASP A 173 6.57 -14.83 11.49
CA ASP A 173 7.72 -15.67 11.73
C ASP A 173 7.89 -16.58 10.52
N GLN A 174 8.57 -16.05 9.53
CA GLN A 174 8.75 -16.71 8.26
C GLN A 174 9.72 -15.90 7.42
N CYS A 175 10.09 -16.39 6.26
CA CYS A 175 11.02 -15.69 5.38
C CYS A 175 10.50 -14.30 5.05
N ILE A 176 11.34 -13.30 5.28
CA ILE A 176 11.05 -11.91 4.95
C ILE A 176 12.33 -11.10 5.13
N ASP A 177 13.44 -11.72 4.75
CA ASP A 177 14.76 -11.12 4.91
C ASP A 177 14.98 -10.06 3.85
N ASN A 178 14.89 -10.50 2.59
CA ASN A 178 14.98 -9.60 1.43
C ASN A 178 16.31 -8.86 1.39
N GLN A 1 -30.95 5.76 -2.61
CA GLN A 1 -29.95 4.68 -2.46
C GLN A 1 -30.28 3.81 -1.26
N ASP A 2 -30.22 2.51 -1.46
CA ASP A 2 -30.54 1.55 -0.40
C ASP A 2 -29.38 0.61 -0.15
N SER A 3 -28.37 0.69 -1.02
CA SER A 3 -27.24 -0.22 -0.96
C SER A 3 -26.39 -0.02 0.30
N THR A 4 -26.11 -1.12 0.98
CA THR A 4 -25.32 -1.13 2.19
C THR A 4 -24.32 -2.27 2.15
N GLN A 5 -23.22 -2.13 2.91
CA GLN A 5 -22.14 -3.11 2.92
C GLN A 5 -21.46 -3.21 1.56
N ASN A 6 -21.22 -2.07 0.95
CA ASN A 6 -20.51 -1.98 -0.30
C ASN A 6 -19.13 -1.40 -0.06
N LEU A 7 -18.61 -0.66 -1.03
CA LEU A 7 -17.37 0.07 -0.85
C LEU A 7 -17.56 1.14 0.22
N ILE A 8 -16.59 1.24 1.10
CA ILE A 8 -16.51 2.34 2.05
C ILE A 8 -16.18 3.59 1.27
N PRO A 9 -16.49 4.74 1.84
CA PRO A 9 -16.04 6.06 1.39
C PRO A 9 -14.74 6.05 0.58
N ALA A 10 -14.82 5.67 -0.70
CA ALA A 10 -13.67 5.52 -1.58
C ALA A 10 -13.26 6.86 -2.18
N PRO A 11 -12.17 7.46 -1.68
CA PRO A 11 -11.65 8.73 -2.17
C PRO A 11 -10.71 8.53 -3.34
N PRO A 12 -10.79 9.43 -4.34
CA PRO A 12 -9.92 9.37 -5.51
C PRO A 12 -8.45 9.63 -5.18
N LEU A 13 -7.58 9.27 -6.12
CA LEU A 13 -6.15 9.52 -6.01
C LEU A 13 -5.92 10.96 -5.57
N ILE A 14 -6.68 11.83 -6.17
CA ILE A 14 -6.50 13.26 -6.03
C ILE A 14 -6.71 13.73 -4.58
N SER A 15 -7.19 12.83 -3.72
CA SER A 15 -7.41 13.13 -2.32
C SER A 15 -6.16 12.85 -1.49
N VAL A 16 -5.22 12.10 -2.06
CA VAL A 16 -4.01 11.73 -1.35
C VAL A 16 -2.84 12.63 -1.74
N PRO A 17 -2.09 13.12 -0.74
CA PRO A 17 -0.91 13.97 -0.96
C PRO A 17 0.22 13.25 -1.68
N LEU A 18 1.14 14.04 -2.23
CA LEU A 18 2.29 13.51 -2.95
C LEU A 18 3.57 13.87 -2.21
N GLN A 19 4.49 12.92 -2.12
CA GLN A 19 5.76 13.12 -1.41
C GLN A 19 6.55 14.28 -2.02
N PRO A 20 7.21 15.08 -1.17
CA PRO A 20 8.05 16.19 -1.64
C PRO A 20 9.45 15.72 -2.02
N GLY A 21 9.87 16.06 -3.24
CA GLY A 21 11.19 15.71 -3.71
C GLY A 21 11.31 14.23 -4.03
N PHE A 22 10.61 13.81 -5.07
CA PHE A 22 10.58 12.41 -5.44
C PHE A 22 11.54 12.11 -6.59
N TRP A 23 12.23 10.99 -6.47
CA TRP A 23 13.12 10.49 -7.51
C TRP A 23 12.87 9.01 -7.71
N THR A 24 13.26 8.47 -8.86
CA THR A 24 13.11 7.05 -9.14
C THR A 24 13.73 6.20 -8.03
N GLU A 25 15.01 6.43 -7.77
CA GLU A 25 15.75 5.65 -6.78
C GLU A 25 15.35 6.06 -5.37
N ARG A 26 14.72 7.23 -5.26
CA ARG A 26 14.22 7.73 -3.98
C ARG A 26 13.14 6.79 -3.44
N PHE A 27 12.52 6.04 -4.33
CA PHE A 27 11.51 5.06 -3.94
C PHE A 27 11.99 3.66 -4.31
N GLN A 28 13.24 3.35 -3.97
CA GLN A 28 13.80 2.05 -4.28
C GLN A 28 14.37 1.38 -3.04
N GLY A 29 14.14 0.09 -2.94
CA GLY A 29 14.66 -0.68 -1.83
C GLY A 29 13.59 -1.38 -1.03
N ARG A 30 13.94 -1.74 0.19
CA ARG A 30 13.05 -2.52 1.05
C ARG A 30 12.19 -1.62 1.92
N TRP A 31 10.88 -1.78 1.83
CA TRP A 31 9.96 -1.13 2.76
C TRP A 31 8.97 -2.14 3.33
N PHE A 32 8.87 -2.14 4.66
CA PHE A 32 8.00 -3.07 5.37
C PHE A 32 6.68 -2.40 5.72
N VAL A 33 5.60 -3.19 5.75
CA VAL A 33 4.30 -2.66 6.14
C VAL A 33 4.14 -2.76 7.66
N VAL A 34 4.32 -1.63 8.32
CA VAL A 34 4.22 -1.58 9.77
C VAL A 34 2.77 -1.28 10.20
N GLY A 35 1.94 -0.95 9.22
CA GLY A 35 0.53 -0.74 9.50
C GLY A 35 -0.29 -0.70 8.23
N LEU A 36 -1.61 -0.79 8.36
CA LEU A 36 -2.49 -0.77 7.20
C LEU A 36 -3.90 -0.37 7.58
N ALA A 37 -4.55 0.41 6.74
CA ALA A 37 -5.89 0.90 7.04
C ALA A 37 -6.70 1.01 5.78
N GLY A 38 -7.88 0.43 5.75
CA GLY A 38 -8.66 0.42 4.54
C GLY A 38 -9.79 -0.56 4.55
N ASN A 39 -10.73 -0.36 3.65
CA ASN A 39 -11.93 -1.18 3.61
C ASN A 39 -11.60 -2.55 2.99
N ALA A 40 -10.51 -2.62 2.24
CA ALA A 40 -10.04 -3.88 1.66
C ALA A 40 -8.96 -4.49 2.56
N VAL A 41 -8.71 -3.83 3.68
CA VAL A 41 -7.75 -4.31 4.67
C VAL A 41 -8.24 -5.59 5.36
N GLN A 42 -7.31 -6.50 5.64
CA GLN A 42 -7.62 -7.71 6.39
C GLN A 42 -7.77 -7.38 7.87
N LYS A 43 -8.93 -6.85 8.22
CA LYS A 43 -9.20 -6.37 9.55
C LYS A 43 -10.30 -7.23 10.19
N GLU A 44 -9.90 -8.32 10.83
CA GLU A 44 -10.88 -9.23 11.42
C GLU A 44 -11.36 -8.75 12.77
N ARG A 45 -10.43 -8.59 13.70
CA ARG A 45 -10.73 -8.14 15.04
C ARG A 45 -9.55 -7.36 15.57
N GLN A 46 -8.38 -7.79 15.14
CA GLN A 46 -7.14 -7.19 15.61
C GLN A 46 -6.29 -6.71 14.43
N SER A 47 -5.81 -7.68 13.66
CA SER A 47 -4.84 -7.43 12.59
C SER A 47 -4.37 -8.75 11.99
N ARG A 48 -5.11 -9.27 11.02
CA ARG A 48 -4.73 -10.53 10.37
C ARG A 48 -3.81 -10.25 9.19
N PHE A 49 -3.66 -8.97 8.87
CA PHE A 49 -2.88 -8.54 7.72
C PHE A 49 -1.40 -8.84 7.87
N THR A 50 -0.98 -8.96 9.11
CA THR A 50 0.43 -9.15 9.46
C THR A 50 1.32 -8.12 8.76
N MET A 51 2.46 -8.55 8.27
CA MET A 51 3.33 -7.69 7.46
C MET A 51 4.05 -8.49 6.41
N TYR A 52 4.35 -7.80 5.32
CA TYR A 52 5.21 -8.33 4.28
C TYR A 52 6.05 -7.20 3.70
N SER A 53 6.91 -7.52 2.74
CA SER A 53 7.82 -6.54 2.20
C SER A 53 7.51 -6.23 0.75
N THR A 54 7.51 -4.95 0.43
CA THR A 54 7.46 -4.50 -0.95
C THR A 54 8.81 -3.91 -1.31
N ILE A 55 9.57 -4.66 -2.10
CA ILE A 55 10.91 -4.24 -2.46
C ILE A 55 10.94 -3.68 -3.87
N TYR A 56 10.88 -2.38 -3.98
CA TYR A 56 10.82 -1.74 -5.29
C TYR A 56 12.23 -1.55 -5.82
N GLU A 57 12.52 -2.13 -6.97
CA GLU A 57 13.85 -2.01 -7.57
C GLU A 57 13.75 -1.37 -8.95
N LEU A 58 14.71 -0.52 -9.29
CA LEU A 58 14.68 0.23 -10.54
C LEU A 58 14.99 -0.62 -11.75
N GLN A 59 14.22 -0.40 -12.80
CA GLN A 59 14.51 -0.94 -14.12
C GLN A 59 14.95 0.22 -14.99
N GLU A 60 15.46 -0.09 -16.16
CA GLU A 60 16.06 0.90 -17.06
C GLU A 60 15.07 1.96 -17.54
N ASP A 61 13.79 1.78 -17.24
CA ASP A 61 12.78 2.74 -17.63
C ASP A 61 11.78 2.97 -16.50
N ASN A 62 12.34 3.23 -15.31
CA ASN A 62 11.59 3.53 -14.06
C ASN A 62 10.41 2.60 -13.76
N SER A 63 10.29 1.50 -14.48
CA SER A 63 9.37 0.46 -14.11
C SER A 63 10.01 -0.32 -12.98
N TYR A 64 9.39 -0.36 -11.82
CA TYR A 64 10.04 -0.99 -10.70
C TYR A 64 9.70 -2.47 -10.67
N ASN A 65 10.71 -3.29 -10.50
CA ASN A 65 10.49 -4.70 -10.24
C ASN A 65 10.39 -4.87 -8.75
N VAL A 66 9.16 -4.99 -8.30
CA VAL A 66 8.86 -4.86 -6.90
C VAL A 66 8.57 -6.20 -6.29
N THR A 67 9.44 -6.60 -5.40
CA THR A 67 9.31 -7.87 -4.72
C THR A 67 8.26 -7.73 -3.63
N SER A 68 7.04 -8.15 -3.92
CA SER A 68 5.98 -8.12 -2.95
C SER A 68 5.78 -9.51 -2.37
N ILE A 69 6.48 -9.80 -1.29
CA ILE A 69 6.36 -11.10 -0.65
C ILE A 69 5.06 -11.20 0.11
N LEU A 70 4.50 -12.38 0.13
CA LEU A 70 3.29 -12.65 0.86
C LEU A 70 3.26 -14.10 1.24
N VAL A 71 2.62 -14.39 2.35
CA VAL A 71 2.51 -15.74 2.81
C VAL A 71 1.48 -16.48 1.99
N ARG A 72 1.85 -17.66 1.53
CA ARG A 72 1.06 -18.41 0.58
C ARG A 72 0.80 -19.81 1.15
N GLY A 73 0.01 -20.59 0.45
CA GLY A 73 -0.27 -21.94 0.89
C GLY A 73 0.99 -22.73 1.23
N GLN A 74 2.06 -22.50 0.48
CA GLN A 74 3.30 -23.24 0.66
C GLN A 74 4.32 -22.42 1.46
N GLY A 75 3.85 -21.67 2.45
CA GLY A 75 4.75 -20.93 3.29
C GLY A 75 4.84 -19.49 2.88
N CYS A 76 6.01 -19.07 2.47
CA CYS A 76 6.20 -17.70 2.03
C CYS A 76 6.50 -17.73 0.53
N ARG A 77 6.13 -16.69 -0.18
CA ARG A 77 6.53 -16.55 -1.57
C ARG A 77 6.64 -15.09 -1.94
N TYR A 78 7.66 -14.78 -2.70
CA TYR A 78 7.88 -13.42 -3.16
C TYR A 78 7.18 -13.21 -4.48
N TRP A 79 6.18 -12.35 -4.48
CA TRP A 79 5.46 -12.03 -5.69
C TRP A 79 6.03 -10.75 -6.29
N ILE A 80 6.82 -10.88 -7.34
CA ILE A 80 7.50 -9.73 -7.90
C ILE A 80 6.72 -9.18 -9.10
N ARG A 81 6.30 -7.94 -8.98
CA ARG A 81 5.47 -7.29 -9.98
C ARG A 81 6.06 -5.94 -10.35
N THR A 82 5.42 -5.23 -11.26
CA THR A 82 5.96 -3.98 -11.76
C THR A 82 5.16 -2.79 -11.27
N PHE A 83 5.84 -1.86 -10.61
CA PHE A 83 5.24 -0.59 -10.21
C PHE A 83 5.84 0.51 -11.07
N VAL A 84 4.99 1.25 -11.74
CA VAL A 84 5.44 2.28 -12.65
C VAL A 84 4.82 3.62 -12.30
N PRO A 85 5.58 4.70 -12.43
CA PRO A 85 5.07 6.05 -12.26
C PRO A 85 4.01 6.35 -13.32
N SER A 86 2.82 6.64 -12.86
CA SER A 86 1.70 6.94 -13.74
C SER A 86 1.83 8.36 -14.28
N SER A 87 0.72 9.10 -14.26
CA SER A 87 0.70 10.49 -14.71
C SER A 87 1.71 11.33 -13.93
N ARG A 88 2.21 10.80 -12.82
CA ARG A 88 3.22 11.51 -12.04
C ARG A 88 3.98 10.56 -11.12
N PRO A 89 5.30 10.74 -11.01
CA PRO A 89 6.12 9.96 -10.08
C PRO A 89 5.69 10.21 -8.64
N GLY A 90 5.27 9.15 -7.96
CA GLY A 90 4.63 9.27 -6.68
C GLY A 90 3.28 8.59 -6.70
N GLN A 91 2.52 8.90 -7.74
CA GLN A 91 1.32 8.16 -8.09
C GLN A 91 1.74 6.90 -8.86
N PHE A 92 1.53 5.73 -8.28
CA PHE A 92 2.03 4.51 -8.87
C PHE A 92 0.93 3.63 -9.39
N THR A 93 1.18 3.08 -10.55
CA THR A 93 0.32 2.10 -11.15
C THR A 93 1.16 0.88 -11.49
N LEU A 94 0.55 -0.12 -12.09
CA LEU A 94 1.27 -1.35 -12.36
C LEU A 94 1.84 -1.33 -13.76
N GLY A 95 3.07 -1.84 -13.86
CA GLY A 95 3.81 -1.87 -15.11
C GLY A 95 3.01 -2.48 -16.24
N ASN A 96 2.07 -3.36 -15.88
CA ASN A 96 1.18 -3.99 -16.84
C ASN A 96 -0.25 -3.99 -16.30
N ILE A 97 -0.63 -2.89 -15.65
CA ILE A 97 -1.96 -2.77 -15.04
C ILE A 97 -3.06 -2.83 -16.10
N HIS A 98 -2.76 -2.30 -17.28
CA HIS A 98 -3.76 -2.14 -18.31
C HIS A 98 -3.94 -3.45 -19.07
N SER A 99 -3.25 -4.48 -18.60
CA SER A 99 -3.44 -5.83 -19.09
C SER A 99 -4.58 -6.50 -18.31
N TYR A 100 -4.96 -5.85 -17.20
CA TYR A 100 -6.04 -6.32 -16.37
C TYR A 100 -7.34 -5.65 -16.77
N PRO A 101 -8.36 -6.46 -17.08
CA PRO A 101 -9.61 -6.00 -17.67
C PRO A 101 -10.58 -5.35 -16.67
N GLN A 102 -10.77 -5.99 -15.53
CA GLN A 102 -11.74 -5.54 -14.54
C GLN A 102 -11.27 -4.27 -13.83
N ILE A 103 -9.96 -4.06 -13.84
CA ILE A 103 -9.35 -2.96 -13.12
C ILE A 103 -9.71 -1.63 -13.78
N GLN A 104 -10.62 -0.93 -13.12
CA GLN A 104 -11.08 0.39 -13.54
C GLN A 104 -9.89 1.34 -13.63
N SER A 105 -9.09 1.31 -12.57
CA SER A 105 -7.86 2.06 -12.48
C SER A 105 -7.07 1.58 -11.29
N TYR A 106 -5.78 1.80 -11.30
CA TYR A 106 -4.96 1.48 -10.15
C TYR A 106 -3.89 2.53 -9.97
N ASP A 107 -4.01 3.31 -8.92
CA ASP A 107 -3.06 4.38 -8.63
C ASP A 107 -2.87 4.51 -7.13
N VAL A 108 -1.62 4.64 -6.72
CA VAL A 108 -1.31 4.80 -5.31
C VAL A 108 -0.35 5.98 -5.13
N GLN A 109 -0.60 6.82 -4.13
CA GLN A 109 0.33 7.90 -3.82
C GLN A 109 0.75 7.84 -2.38
N VAL A 110 2.05 7.95 -2.16
CA VAL A 110 2.58 8.03 -0.82
C VAL A 110 2.72 9.49 -0.41
N ALA A 111 2.05 9.86 0.68
CA ALA A 111 2.00 11.25 1.14
C ALA A 111 3.38 11.71 1.59
N ASP A 112 4.11 10.82 2.24
CA ASP A 112 5.47 11.09 2.68
C ASP A 112 6.25 9.79 2.70
N THR A 113 7.40 9.79 2.04
CA THR A 113 8.18 8.57 1.91
C THR A 113 9.66 8.83 2.16
N ASP A 114 10.22 8.12 3.14
CA ASP A 114 11.65 8.20 3.39
C ASP A 114 12.22 6.82 3.73
N TYR A 115 13.55 6.69 3.66
CA TYR A 115 14.23 5.43 3.92
C TYR A 115 14.29 5.12 5.42
N ASP A 116 14.57 6.14 6.22
CA ASP A 116 14.73 5.97 7.66
C ASP A 116 13.44 6.38 8.35
N GLN A 117 12.86 7.45 7.85
CA GLN A 117 11.51 7.87 8.20
C GLN A 117 10.53 6.89 7.57
N PHE A 118 9.26 7.07 7.85
CA PHE A 118 8.27 6.10 7.43
C PHE A 118 7.55 6.60 6.18
N ALA A 119 6.60 5.83 5.69
CA ALA A 119 5.92 6.17 4.45
C ALA A 119 4.43 5.84 4.51
N MET A 120 3.60 6.83 4.21
CA MET A 120 2.15 6.67 4.24
C MET A 120 1.59 6.68 2.82
N VAL A 121 1.14 5.53 2.34
CA VAL A 121 0.72 5.41 0.94
C VAL A 121 -0.77 5.08 0.84
N PHE A 122 -1.51 5.82 0.03
CA PHE A 122 -2.88 5.46 -0.25
C PHE A 122 -2.93 4.65 -1.54
N PHE A 123 -3.25 3.36 -1.39
CA PHE A 123 -3.39 2.44 -2.52
C PHE A 123 -4.84 2.37 -2.95
N GLN A 124 -5.12 2.66 -4.21
CA GLN A 124 -6.47 2.53 -4.74
C GLN A 124 -6.53 1.53 -5.87
N LYS A 125 -7.42 0.57 -5.74
CA LYS A 125 -7.66 -0.42 -6.79
C LYS A 125 -9.15 -0.48 -7.09
N THR A 126 -9.51 -0.08 -8.30
CA THR A 126 -10.89 -0.15 -8.72
C THR A 126 -11.09 -1.34 -9.64
N SER A 127 -12.16 -2.09 -9.44
CA SER A 127 -12.44 -3.23 -10.30
C SER A 127 -13.95 -3.53 -10.32
N GLU A 128 -14.54 -3.52 -11.51
CA GLU A 128 -15.98 -3.79 -11.66
C GLU A 128 -16.81 -2.78 -10.86
N ASN A 129 -16.36 -1.53 -10.91
CA ASN A 129 -17.00 -0.43 -10.16
C ASN A 129 -16.79 -0.60 -8.66
N LYS A 130 -16.24 -1.74 -8.25
CA LYS A 130 -15.92 -1.98 -6.87
C LYS A 130 -14.61 -1.29 -6.53
N GLN A 131 -14.70 -0.29 -5.67
CA GLN A 131 -13.55 0.48 -5.28
C GLN A 131 -12.90 -0.10 -4.01
N TYR A 132 -11.66 -0.54 -4.12
CA TYR A 132 -10.91 -1.00 -2.96
C TYR A 132 -9.75 -0.05 -2.74
N PHE A 133 -9.58 0.36 -1.50
CA PHE A 133 -8.68 1.44 -1.18
C PHE A 133 -8.19 1.31 0.25
N LYS A 134 -6.94 1.65 0.46
CA LYS A 134 -6.34 1.58 1.79
C LYS A 134 -5.19 2.56 1.90
N VAL A 135 -4.87 2.95 3.13
CA VAL A 135 -3.66 3.71 3.39
C VAL A 135 -2.68 2.80 4.10
N THR A 136 -1.46 2.74 3.59
CA THR A 136 -0.45 1.84 4.11
C THR A 136 0.50 2.59 5.05
N LEU A 137 1.14 1.85 5.92
CA LEU A 137 2.19 2.39 6.75
C LEU A 137 3.47 1.61 6.48
N TYR A 138 4.38 2.21 5.71
CA TYR A 138 5.66 1.60 5.40
C TYR A 138 6.75 2.21 6.27
N GLY A 139 7.85 1.49 6.41
CA GLY A 139 8.97 1.97 7.18
C GLY A 139 10.28 1.36 6.72
N ARG A 140 11.40 1.81 7.29
CA ARG A 140 12.71 1.25 6.99
C ARG A 140 12.69 -0.27 7.17
N THR A 141 12.17 -0.69 8.31
CA THR A 141 12.04 -2.11 8.61
C THR A 141 10.84 -2.31 9.55
N LYS A 142 10.84 -3.40 10.30
CA LYS A 142 9.72 -3.73 11.18
C LYS A 142 9.74 -2.88 12.46
N GLY A 143 10.49 -1.79 12.44
CA GLY A 143 10.65 -0.97 13.61
C GLY A 143 10.32 0.50 13.37
N LEU A 144 9.06 0.86 13.57
CA LEU A 144 8.63 2.25 13.51
C LEU A 144 7.87 2.60 14.78
N SER A 145 7.91 3.87 15.16
CA SER A 145 7.20 4.34 16.33
C SER A 145 5.70 4.19 16.14
N ASP A 146 5.01 3.85 17.22
CA ASP A 146 3.55 3.75 17.19
C ASP A 146 2.94 5.11 16.92
N GLU A 147 3.69 6.17 17.19
CA GLU A 147 3.24 7.52 16.91
C GLU A 147 2.93 7.70 15.42
N LEU A 148 3.88 7.28 14.58
CA LEU A 148 3.72 7.41 13.13
C LEU A 148 2.62 6.48 12.64
N LYS A 149 2.43 5.36 13.35
CA LYS A 149 1.36 4.43 13.03
C LYS A 149 0.00 5.06 13.33
N GLU A 150 -0.16 5.57 14.54
CA GLU A 150 -1.41 6.25 14.92
C GLU A 150 -1.70 7.40 13.96
N ARG A 151 -0.64 8.04 13.48
CA ARG A 151 -0.80 9.09 12.48
C ARG A 151 -1.45 8.54 11.21
N PHE A 152 -1.02 7.38 10.76
CA PHE A 152 -1.56 6.79 9.53
C PHE A 152 -3.02 6.40 9.74
N VAL A 153 -3.34 5.84 10.91
CA VAL A 153 -4.72 5.42 11.17
C VAL A 153 -5.62 6.65 11.15
N SER A 154 -5.11 7.77 11.68
CA SER A 154 -5.85 9.01 11.68
C SER A 154 -6.05 9.51 10.25
N PHE A 155 -5.05 9.26 9.40
CA PHE A 155 -5.13 9.59 7.99
C PHE A 155 -6.14 8.70 7.30
N ALA A 156 -6.24 7.44 7.76
CA ALA A 156 -7.22 6.50 7.25
C ALA A 156 -8.63 7.07 7.36
N LYS A 157 -8.93 7.63 8.54
CA LYS A 157 -10.26 8.23 8.78
C LYS A 157 -10.42 9.54 8.01
N SER A 158 -9.29 10.15 7.65
CA SER A 158 -9.32 11.41 6.92
C SER A 158 -9.76 11.19 5.48
N LEU A 159 -9.47 10.01 4.94
CA LEU A 159 -9.99 9.64 3.62
C LEU A 159 -11.48 9.33 3.71
N GLY A 160 -11.90 8.80 4.86
CA GLY A 160 -13.29 8.45 5.05
C GLY A 160 -13.47 7.09 5.69
N LEU A 161 -12.37 6.41 5.97
CA LEU A 161 -12.43 5.09 6.57
C LEU A 161 -12.43 5.18 8.09
N LYS A 162 -12.36 4.02 8.74
CA LYS A 162 -12.54 3.93 10.17
C LYS A 162 -11.70 2.81 10.76
N ASP A 163 -11.35 2.99 12.02
CA ASP A 163 -10.48 2.07 12.78
C ASP A 163 -10.99 0.64 12.75
N ASN A 164 -12.28 0.51 12.49
CA ASN A 164 -12.93 -0.81 12.40
C ASN A 164 -12.34 -1.61 11.24
N ASN A 165 -11.66 -0.92 10.34
CA ASN A 165 -11.00 -1.56 9.22
C ASN A 165 -9.56 -1.04 9.09
N ILE A 166 -8.92 -0.87 10.24
CA ILE A 166 -7.50 -0.46 10.29
C ILE A 166 -6.70 -1.43 11.15
N VAL A 167 -5.62 -1.98 10.60
CA VAL A 167 -4.81 -2.98 11.29
C VAL A 167 -3.35 -2.52 11.37
N PHE A 168 -2.53 -3.33 12.04
CA PHE A 168 -1.12 -3.01 12.22
C PHE A 168 -0.26 -4.21 11.85
N SER A 169 1.03 -3.95 11.63
CA SER A 169 1.98 -4.99 11.30
C SER A 169 2.01 -6.09 12.35
N VAL A 170 2.09 -7.31 11.87
CA VAL A 170 2.24 -8.47 12.72
C VAL A 170 3.46 -9.24 12.27
N PRO A 171 4.42 -9.48 13.17
CA PRO A 171 5.58 -10.33 12.89
C PRO A 171 5.14 -11.74 12.50
N THR A 172 4.76 -11.89 11.23
CA THR A 172 4.33 -13.17 10.72
C THR A 172 5.50 -14.12 10.68
N ASP A 173 5.23 -15.40 10.74
CA ASP A 173 6.29 -16.39 10.71
C ASP A 173 6.44 -16.90 9.30
N GLN A 174 7.23 -16.17 8.55
CA GLN A 174 7.61 -16.52 7.20
C GLN A 174 8.94 -15.87 6.90
N CYS A 175 9.49 -16.18 5.74
CA CYS A 175 10.80 -15.69 5.34
C CYS A 175 10.90 -14.17 5.48
N ILE A 176 10.08 -13.44 4.68
CA ILE A 176 10.08 -11.97 4.63
C ILE A 176 11.50 -11.40 4.77
N ASP A 177 12.42 -11.99 4.02
CA ASP A 177 13.83 -11.63 4.08
C ASP A 177 14.22 -10.88 2.82
N ASN A 178 14.74 -9.69 3.01
CA ASN A 178 15.03 -8.81 1.90
C ASN A 178 16.36 -8.09 2.12
N GLN A 1 -22.11 -7.88 2.57
CA GLN A 1 -22.03 -8.55 3.89
C GLN A 1 -21.14 -7.76 4.83
N ASP A 2 -20.73 -8.38 5.94
CA ASP A 2 -19.90 -7.73 6.94
C ASP A 2 -18.53 -7.37 6.36
N SER A 3 -17.95 -8.30 5.62
CA SER A 3 -16.63 -8.09 5.04
C SER A 3 -16.74 -7.43 3.66
N THR A 4 -17.96 -7.13 3.25
CA THR A 4 -18.21 -6.44 2.00
C THR A 4 -19.22 -5.33 2.21
N GLN A 5 -18.74 -4.20 2.68
CA GLN A 5 -19.59 -3.08 3.06
C GLN A 5 -19.78 -2.12 1.89
N ASN A 6 -20.07 -2.69 0.71
CA ASN A 6 -20.16 -1.93 -0.51
C ASN A 6 -18.84 -1.21 -0.73
N LEU A 7 -18.92 -0.01 -1.23
CA LEU A 7 -17.77 0.86 -1.25
C LEU A 7 -17.82 1.78 -0.05
N ILE A 8 -16.73 1.85 0.67
CA ILE A 8 -16.59 2.80 1.75
C ILE A 8 -16.13 4.10 1.16
N PRO A 9 -16.64 5.20 1.72
CA PRO A 9 -16.33 6.58 1.37
C PRO A 9 -15.12 6.72 0.45
N ALA A 10 -15.34 6.48 -0.84
CA ALA A 10 -14.25 6.30 -1.78
C ALA A 10 -13.72 7.62 -2.32
N PRO A 11 -12.52 8.02 -1.87
CA PRO A 11 -11.82 9.19 -2.34
C PRO A 11 -10.89 8.84 -3.50
N PRO A 12 -10.90 9.65 -4.56
CA PRO A 12 -10.01 9.47 -5.68
C PRO A 12 -8.57 9.85 -5.33
N LEU A 13 -7.65 9.50 -6.21
CA LEU A 13 -6.24 9.88 -6.07
C LEU A 13 -6.13 11.34 -5.66
N ILE A 14 -7.05 12.11 -6.18
CA ILE A 14 -7.03 13.55 -6.06
C ILE A 14 -7.31 14.02 -4.62
N SER A 15 -7.53 13.09 -3.70
CA SER A 15 -7.70 13.42 -2.30
C SER A 15 -6.41 13.23 -1.52
N VAL A 16 -5.47 12.46 -2.08
CA VAL A 16 -4.25 12.14 -1.36
C VAL A 16 -3.13 13.12 -1.70
N PRO A 17 -2.45 13.64 -0.65
CA PRO A 17 -1.25 14.47 -0.82
C PRO A 17 -0.11 13.64 -1.39
N LEU A 18 0.90 14.32 -1.93
CA LEU A 18 2.00 13.64 -2.59
C LEU A 18 3.33 14.08 -2.00
N GLN A 19 4.30 13.16 -2.05
CA GLN A 19 5.68 13.50 -1.78
C GLN A 19 6.21 14.29 -2.98
N PRO A 20 6.30 15.62 -2.83
CA PRO A 20 6.42 16.56 -3.96
C PRO A 20 7.63 16.32 -4.85
N GLY A 21 7.36 16.17 -6.14
CA GLY A 21 8.41 16.02 -7.13
C GLY A 21 9.38 14.89 -6.83
N PHE A 22 8.85 13.76 -6.38
CA PHE A 22 9.70 12.64 -6.06
C PHE A 22 10.08 11.88 -7.33
N TRP A 23 11.11 11.05 -7.26
CA TRP A 23 11.68 10.47 -8.46
C TRP A 23 11.92 8.97 -8.31
N THR A 24 12.02 8.28 -9.45
CA THR A 24 12.19 6.84 -9.51
C THR A 24 13.25 6.31 -8.53
N GLU A 25 14.45 6.85 -8.65
CA GLU A 25 15.62 6.34 -7.94
C GLU A 25 15.48 6.49 -6.43
N ARG A 26 14.96 7.63 -5.98
CA ARG A 26 14.94 7.94 -4.55
C ARG A 26 13.80 7.22 -3.82
N PHE A 27 12.84 6.70 -4.57
CA PHE A 27 11.70 6.01 -3.97
C PHE A 27 11.97 4.51 -3.89
N GLN A 28 13.08 4.10 -4.47
CA GLN A 28 13.46 2.69 -4.57
C GLN A 28 13.99 2.15 -3.24
N GLY A 29 13.74 0.86 -3.00
CA GLY A 29 14.26 0.19 -1.82
C GLY A 29 13.23 -0.68 -1.13
N ARG A 30 13.59 -1.20 0.04
CA ARG A 30 12.70 -2.05 0.82
C ARG A 30 11.77 -1.21 1.67
N TRP A 31 10.48 -1.34 1.44
CA TRP A 31 9.50 -0.68 2.28
C TRP A 31 8.70 -1.72 3.04
N PHE A 32 8.83 -1.69 4.35
CA PHE A 32 8.22 -2.68 5.22
C PHE A 32 6.90 -2.20 5.75
N VAL A 33 5.87 -3.03 5.61
CA VAL A 33 4.55 -2.71 6.14
C VAL A 33 4.57 -2.73 7.66
N VAL A 34 3.94 -1.75 8.27
CA VAL A 34 3.78 -1.73 9.71
C VAL A 34 2.29 -1.59 10.06
N GLY A 35 1.50 -1.08 9.12
CA GLY A 35 0.08 -0.95 9.35
C GLY A 35 -0.71 -0.90 8.04
N LEU A 36 -2.02 -1.14 8.14
CA LEU A 36 -2.87 -1.16 6.95
C LEU A 36 -4.29 -0.75 7.33
N ALA A 37 -4.93 0.04 6.48
CA ALA A 37 -6.25 0.57 6.77
C ALA A 37 -7.04 0.74 5.49
N GLY A 38 -8.24 0.19 5.43
CA GLY A 38 -9.01 0.29 4.21
C GLY A 38 -10.20 -0.62 4.15
N ASN A 39 -11.16 -0.26 3.32
CA ASN A 39 -12.36 -1.07 3.15
C ASN A 39 -12.01 -2.37 2.42
N ALA A 40 -10.94 -2.29 1.64
CA ALA A 40 -10.41 -3.46 0.94
C ALA A 40 -9.46 -4.22 1.86
N VAL A 41 -9.21 -3.65 3.03
CA VAL A 41 -8.44 -4.31 4.07
C VAL A 41 -9.28 -5.39 4.74
N GLN A 42 -8.77 -6.62 4.74
CA GLN A 42 -9.45 -7.71 5.42
C GLN A 42 -9.23 -7.59 6.94
N LYS A 43 -10.00 -6.69 7.54
CA LYS A 43 -9.96 -6.47 8.96
C LYS A 43 -11.05 -7.32 9.61
N GLU A 44 -10.68 -8.49 10.09
CA GLU A 44 -11.66 -9.41 10.66
C GLU A 44 -12.12 -8.96 12.04
N ARG A 45 -11.17 -8.73 12.92
CA ARG A 45 -11.49 -8.24 14.27
C ARG A 45 -10.22 -7.78 14.98
N GLN A 46 -9.08 -8.28 14.52
CA GLN A 46 -7.79 -7.88 15.11
C GLN A 46 -6.76 -7.59 14.03
N SER A 47 -6.51 -8.55 13.15
CA SER A 47 -5.45 -8.48 12.15
C SER A 47 -5.32 -9.81 11.42
N ARG A 48 -5.96 -9.92 10.26
CA ARG A 48 -5.73 -11.05 9.39
C ARG A 48 -4.58 -10.72 8.44
N PHE A 49 -4.29 -9.42 8.35
CA PHE A 49 -3.20 -8.96 7.53
C PHE A 49 -1.87 -9.18 8.23
N THR A 50 -0.85 -9.31 7.44
CA THR A 50 0.48 -9.65 7.91
C THR A 50 1.50 -8.81 7.16
N MET A 51 2.56 -8.41 7.85
CA MET A 51 3.56 -7.57 7.22
C MET A 51 4.40 -8.35 6.22
N TYR A 52 4.65 -7.72 5.10
CA TYR A 52 5.56 -8.24 4.11
C TYR A 52 6.51 -7.14 3.71
N SER A 53 7.42 -7.44 2.81
CA SER A 53 8.32 -6.44 2.29
C SER A 53 7.85 -6.06 0.90
N THR A 54 7.64 -4.78 0.67
CA THR A 54 7.38 -4.28 -0.65
C THR A 54 8.61 -3.53 -1.13
N ILE A 55 9.36 -4.17 -1.99
CA ILE A 55 10.65 -3.67 -2.39
C ILE A 55 10.61 -3.27 -3.84
N TYR A 56 10.53 -1.98 -4.09
CA TYR A 56 10.40 -1.49 -5.44
C TYR A 56 11.77 -1.45 -6.09
N GLU A 57 12.04 -2.42 -6.96
CA GLU A 57 13.32 -2.53 -7.62
C GLU A 57 13.28 -1.80 -8.96
N LEU A 58 13.88 -0.61 -8.99
CA LEU A 58 13.82 0.25 -10.16
C LEU A 58 14.56 -0.36 -11.34
N GLN A 59 13.84 -0.60 -12.43
CA GLN A 59 14.43 -1.14 -13.63
C GLN A 59 14.79 -0.03 -14.60
N GLU A 60 15.27 -0.40 -15.77
CA GLU A 60 15.75 0.55 -16.75
C GLU A 60 14.62 1.36 -17.38
N ASP A 61 13.38 0.99 -17.12
CA ASP A 61 12.24 1.66 -17.73
C ASP A 61 11.26 2.15 -16.67
N ASN A 62 11.83 2.57 -15.53
CA ASN A 62 11.09 3.07 -14.35
C ASN A 62 9.95 2.16 -13.90
N SER A 63 9.92 0.95 -14.40
CA SER A 63 9.03 -0.04 -13.87
C SER A 63 9.74 -0.73 -12.72
N TYR A 64 9.10 -0.78 -11.58
CA TYR A 64 9.75 -1.38 -10.43
C TYR A 64 9.43 -2.86 -10.36
N ASN A 65 10.44 -3.69 -10.15
CA ASN A 65 10.21 -5.07 -9.79
C ASN A 65 9.98 -5.11 -8.31
N VAL A 66 8.74 -5.18 -7.93
CA VAL A 66 8.36 -4.95 -6.56
C VAL A 66 8.25 -6.26 -5.82
N THR A 67 9.23 -6.48 -4.97
CA THR A 67 9.41 -7.75 -4.33
C THR A 67 8.60 -7.82 -3.05
N SER A 68 7.43 -8.44 -3.14
CA SER A 68 6.57 -8.63 -1.99
C SER A 68 6.72 -10.04 -1.47
N ILE A 69 7.23 -10.19 -0.26
CA ILE A 69 7.46 -11.52 0.30
C ILE A 69 6.31 -11.98 1.18
N LEU A 70 5.61 -12.99 0.71
CA LEU A 70 4.50 -13.56 1.43
C LEU A 70 4.80 -15.02 1.69
N VAL A 71 4.02 -15.64 2.55
CA VAL A 71 4.21 -17.04 2.81
C VAL A 71 3.39 -17.85 1.84
N ARG A 72 4.09 -18.37 0.84
CA ARG A 72 3.46 -19.10 -0.25
C ARG A 72 3.60 -20.59 0.00
N GLY A 73 2.49 -21.26 0.21
CA GLY A 73 2.53 -22.67 0.55
C GLY A 73 2.86 -22.88 2.01
N GLN A 74 4.04 -23.40 2.27
CA GLN A 74 4.51 -23.63 3.64
C GLN A 74 5.88 -22.97 3.85
N GLY A 75 6.20 -22.03 2.98
CA GLY A 75 7.49 -21.35 3.07
C GLY A 75 7.36 -19.89 2.67
N CYS A 76 8.48 -19.21 2.47
CA CYS A 76 8.44 -17.79 2.15
C CYS A 76 8.87 -17.61 0.70
N ARG A 77 8.09 -16.87 -0.07
CA ARG A 77 8.45 -16.62 -1.45
C ARG A 77 8.12 -15.20 -1.84
N TYR A 78 9.00 -14.61 -2.60
CA TYR A 78 8.80 -13.25 -3.08
C TYR A 78 7.87 -13.27 -4.29
N TRP A 79 6.65 -12.83 -4.09
CA TRP A 79 5.72 -12.66 -5.18
C TRP A 79 5.89 -11.25 -5.70
N ILE A 80 6.50 -11.16 -6.86
CA ILE A 80 7.02 -9.90 -7.33
C ILE A 80 6.19 -9.35 -8.47
N ARG A 81 5.71 -8.13 -8.27
CA ARG A 81 4.86 -7.45 -9.23
C ARG A 81 5.58 -6.22 -9.74
N THR A 82 4.90 -5.36 -10.49
CA THR A 82 5.54 -4.19 -11.06
C THR A 82 4.78 -2.93 -10.69
N PHE A 83 5.50 -1.94 -10.19
CA PHE A 83 4.96 -0.61 -9.94
C PHE A 83 5.55 0.36 -10.93
N VAL A 84 4.71 1.19 -11.50
CA VAL A 84 5.15 2.16 -12.49
C VAL A 84 4.56 3.53 -12.19
N PRO A 85 5.32 4.60 -12.45
CA PRO A 85 4.83 5.96 -12.34
C PRO A 85 3.76 6.22 -13.40
N SER A 86 2.62 6.75 -12.96
CA SER A 86 1.50 7.02 -13.85
C SER A 86 1.81 8.25 -14.72
N SER A 87 0.81 9.09 -14.93
CA SER A 87 0.99 10.33 -15.67
C SER A 87 1.97 11.26 -14.95
N ARG A 88 2.14 11.04 -13.65
CA ARG A 88 3.06 11.84 -12.84
C ARG A 88 3.68 11.01 -11.72
N PRO A 89 5.00 11.16 -11.51
CA PRO A 89 5.73 10.48 -10.45
C PRO A 89 5.15 10.78 -9.06
N GLY A 90 5.07 9.76 -8.23
CA GLY A 90 4.42 9.90 -6.95
C GLY A 90 3.08 9.20 -6.96
N GLN A 91 2.36 9.35 -8.07
CA GLN A 91 1.14 8.60 -8.31
C GLN A 91 1.53 7.33 -9.05
N PHE A 92 1.37 6.19 -8.40
CA PHE A 92 1.87 4.96 -8.94
C PHE A 92 0.73 4.03 -9.32
N THR A 93 1.03 3.20 -10.29
CA THR A 93 0.11 2.21 -10.79
C THR A 93 0.90 0.94 -11.05
N LEU A 94 0.25 -0.09 -11.54
CA LEU A 94 0.93 -1.37 -11.71
C LEU A 94 1.47 -1.48 -13.12
N GLY A 95 2.73 -1.95 -13.18
CA GLY A 95 3.49 -2.10 -14.41
C GLY A 95 2.69 -2.77 -15.49
N ASN A 96 1.86 -3.72 -15.09
CA ASN A 96 0.90 -4.31 -15.98
C ASN A 96 -0.47 -4.40 -15.30
N ILE A 97 -0.96 -3.26 -14.83
CA ILE A 97 -2.34 -3.18 -14.36
C ILE A 97 -3.25 -3.24 -15.57
N HIS A 98 -2.74 -2.76 -16.68
CA HIS A 98 -3.54 -2.46 -17.86
C HIS A 98 -4.01 -3.71 -18.61
N SER A 99 -3.76 -4.88 -18.04
CA SER A 99 -4.43 -6.10 -18.48
C SER A 99 -5.69 -6.34 -17.65
N TYR A 100 -5.99 -5.36 -16.79
CA TYR A 100 -7.18 -5.41 -15.93
C TYR A 100 -8.47 -5.59 -16.72
N PRO A 101 -9.35 -6.47 -16.24
CA PRO A 101 -10.69 -6.62 -16.80
C PRO A 101 -11.66 -5.54 -16.30
N GLN A 102 -11.76 -5.37 -14.98
CA GLN A 102 -12.75 -4.47 -14.39
C GLN A 102 -12.11 -3.34 -13.59
N ILE A 103 -10.79 -3.28 -13.58
CA ILE A 103 -10.09 -2.30 -12.76
C ILE A 103 -10.22 -0.90 -13.35
N GLN A 104 -11.23 -0.20 -12.85
CA GLN A 104 -11.56 1.15 -13.29
C GLN A 104 -10.35 2.05 -13.23
N SER A 105 -9.59 1.89 -12.16
CA SER A 105 -8.32 2.58 -12.00
C SER A 105 -7.55 1.97 -10.83
N TYR A 106 -6.24 2.02 -10.92
CA TYR A 106 -5.40 1.71 -9.78
C TYR A 106 -4.31 2.76 -9.67
N ASP A 107 -4.40 3.56 -8.63
CA ASP A 107 -3.46 4.65 -8.42
C ASP A 107 -3.17 4.82 -6.94
N VAL A 108 -1.93 5.15 -6.65
CA VAL A 108 -1.50 5.33 -5.27
C VAL A 108 -0.49 6.48 -5.17
N GLN A 109 -0.66 7.34 -4.18
CA GLN A 109 0.33 8.37 -3.91
C GLN A 109 0.81 8.25 -2.46
N VAL A 110 2.09 8.46 -2.26
CA VAL A 110 2.64 8.52 -0.92
C VAL A 110 2.65 9.98 -0.45
N ALA A 111 2.02 10.24 0.68
CA ALA A 111 1.89 11.60 1.18
C ALA A 111 3.22 12.12 1.71
N ASP A 112 3.99 11.22 2.29
CA ASP A 112 5.32 11.56 2.78
C ASP A 112 6.18 10.30 2.85
N THR A 113 7.32 10.35 2.19
CA THR A 113 8.21 9.22 2.09
C THR A 113 9.67 9.68 2.32
N ASP A 114 10.38 9.05 3.24
CA ASP A 114 11.76 9.46 3.53
C ASP A 114 12.69 8.25 3.66
N TYR A 115 13.98 8.55 3.66
CA TYR A 115 15.03 7.52 3.62
C TYR A 115 15.18 6.77 4.95
N ASP A 116 14.88 7.43 6.06
CA ASP A 116 14.90 6.76 7.37
C ASP A 116 13.54 6.89 8.03
N GLN A 117 12.88 8.00 7.76
CA GLN A 117 11.53 8.27 8.23
C GLN A 117 10.53 7.28 7.60
N PHE A 118 9.29 7.41 7.99
CA PHE A 118 8.27 6.44 7.64
C PHE A 118 7.50 6.96 6.43
N ALA A 119 6.66 6.14 5.83
CA ALA A 119 5.94 6.55 4.64
C ALA A 119 4.46 6.26 4.74
N MET A 120 3.67 7.26 4.41
CA MET A 120 2.21 7.17 4.46
C MET A 120 1.63 7.16 3.05
N VAL A 121 1.09 6.02 2.63
CA VAL A 121 0.65 5.86 1.25
C VAL A 121 -0.83 5.56 1.13
N PHE A 122 -1.51 6.26 0.23
CA PHE A 122 -2.90 5.98 -0.09
C PHE A 122 -2.95 5.17 -1.40
N PHE A 123 -3.58 4.00 -1.35
CA PHE A 123 -3.73 3.15 -2.53
C PHE A 123 -5.21 3.08 -2.93
N GLN A 124 -5.50 3.30 -4.20
CA GLN A 124 -6.88 3.31 -4.68
C GLN A 124 -7.11 2.15 -5.67
N LYS A 125 -8.16 1.38 -5.44
CA LYS A 125 -8.48 0.23 -6.28
C LYS A 125 -9.97 0.26 -6.66
N THR A 126 -10.25 0.47 -7.92
CA THR A 126 -11.62 0.50 -8.39
C THR A 126 -11.87 -0.68 -9.31
N SER A 127 -12.93 -1.43 -9.06
CA SER A 127 -13.25 -2.58 -9.90
C SER A 127 -14.73 -2.92 -9.82
N GLU A 128 -15.37 -3.14 -10.97
CA GLU A 128 -16.78 -3.55 -11.01
C GLU A 128 -17.67 -2.46 -10.39
N ASN A 129 -17.24 -1.21 -10.56
CA ASN A 129 -17.92 -0.05 -9.97
C ASN A 129 -17.82 -0.05 -8.45
N LYS A 130 -17.16 -1.07 -7.92
CA LYS A 130 -16.91 -1.14 -6.50
C LYS A 130 -15.61 -0.43 -6.19
N GLN A 131 -15.75 0.74 -5.62
CA GLN A 131 -14.62 1.60 -5.34
C GLN A 131 -13.98 1.24 -4.00
N TYR A 132 -12.72 0.84 -4.03
CA TYR A 132 -12.00 0.48 -2.83
C TYR A 132 -10.76 1.33 -2.71
N PHE A 133 -10.32 1.54 -1.50
CA PHE A 133 -9.08 2.24 -1.25
C PHE A 133 -8.55 1.81 0.10
N LYS A 134 -7.26 2.03 0.29
CA LYS A 134 -6.63 1.74 1.55
C LYS A 134 -5.42 2.63 1.77
N VAL A 135 -5.15 2.92 3.01
CA VAL A 135 -3.95 3.63 3.37
C VAL A 135 -3.01 2.67 4.07
N THR A 136 -1.77 2.64 3.66
CA THR A 136 -0.82 1.68 4.20
C THR A 136 0.36 2.39 4.85
N LEU A 137 0.79 1.87 5.98
CA LEU A 137 1.88 2.45 6.72
C LEU A 137 3.15 1.66 6.47
N TYR A 138 4.10 2.28 5.77
CA TYR A 138 5.38 1.64 5.51
C TYR A 138 6.48 2.28 6.35
N GLY A 139 7.42 1.46 6.77
CA GLY A 139 8.56 1.95 7.49
C GLY A 139 9.84 1.38 6.94
N ARG A 140 10.86 2.21 6.84
CA ARG A 140 12.10 1.82 6.17
C ARG A 140 12.79 0.65 6.89
N THR A 141 12.57 0.51 8.19
CA THR A 141 13.24 -0.52 8.96
C THR A 141 12.37 -1.00 10.12
N LYS A 142 11.05 -0.84 9.97
CA LYS A 142 10.06 -1.12 11.04
C LYS A 142 10.40 -0.46 12.38
N GLY A 143 11.37 0.43 12.36
CA GLY A 143 11.70 1.20 13.55
C GLY A 143 10.92 2.48 13.60
N LEU A 144 9.62 2.36 13.68
CA LEU A 144 8.72 3.50 13.59
C LEU A 144 8.02 3.73 14.91
N SER A 145 7.83 4.99 15.26
CA SER A 145 7.12 5.35 16.47
C SER A 145 5.63 5.10 16.31
N ASP A 146 4.95 4.83 17.42
CA ASP A 146 3.51 4.57 17.41
C ASP A 146 2.75 5.80 16.96
N GLU A 147 3.38 6.97 17.13
CA GLU A 147 2.82 8.24 16.68
C GLU A 147 2.49 8.19 15.19
N LEU A 148 3.44 7.74 14.38
CA LEU A 148 3.26 7.73 12.94
C LEU A 148 2.23 6.68 12.53
N LYS A 149 2.09 5.63 13.32
CA LYS A 149 1.12 4.58 13.03
C LYS A 149 -0.29 5.03 13.37
N GLU A 150 -0.49 5.63 14.53
CA GLU A 150 -1.78 6.22 14.88
C GLU A 150 -2.12 7.30 13.87
N ARG A 151 -1.09 8.01 13.41
CA ARG A 151 -1.21 8.97 12.33
C ARG A 151 -1.81 8.31 11.08
N PHE A 152 -1.39 7.07 10.80
CA PHE A 152 -1.89 6.34 9.65
C PHE A 152 -3.36 5.97 9.84
N VAL A 153 -3.70 5.46 11.02
CA VAL A 153 -5.08 5.05 11.27
C VAL A 153 -5.98 6.28 11.24
N SER A 154 -5.46 7.41 11.73
CA SER A 154 -6.17 8.68 11.67
C SER A 154 -6.33 9.13 10.22
N PHE A 155 -5.27 8.96 9.44
CA PHE A 155 -5.30 9.30 8.02
C PHE A 155 -6.26 8.38 7.28
N ALA A 156 -6.38 7.14 7.75
CA ALA A 156 -7.33 6.19 7.20
C ALA A 156 -8.73 6.77 7.26
N LYS A 157 -9.05 7.32 8.42
CA LYS A 157 -10.36 7.90 8.66
C LYS A 157 -10.47 9.28 8.01
N SER A 158 -9.33 9.88 7.72
CA SER A 158 -9.29 11.20 7.08
C SER A 158 -9.77 11.11 5.63
N LEU A 159 -9.56 9.96 5.00
CA LEU A 159 -10.10 9.72 3.67
C LEU A 159 -11.60 9.43 3.76
N GLY A 160 -12.01 8.85 4.88
CA GLY A 160 -13.42 8.54 5.10
C GLY A 160 -13.64 7.17 5.70
N LEU A 161 -12.57 6.41 5.87
CA LEU A 161 -12.67 5.06 6.42
C LEU A 161 -12.78 5.09 7.94
N LYS A 162 -12.72 3.92 8.54
CA LYS A 162 -12.94 3.75 9.96
C LYS A 162 -12.09 2.60 10.49
N ASP A 163 -11.73 2.71 11.77
CA ASP A 163 -10.81 1.79 12.43
C ASP A 163 -11.28 0.34 12.33
N ASN A 164 -12.56 0.16 12.06
CA ASN A 164 -13.17 -1.16 11.88
C ASN A 164 -12.54 -1.90 10.71
N ASN A 165 -11.95 -1.15 9.78
CA ASN A 165 -11.28 -1.74 8.63
C ASN A 165 -9.80 -1.36 8.63
N ILE A 166 -9.25 -1.19 9.82
CA ILE A 166 -7.84 -0.85 9.95
C ILE A 166 -7.13 -1.88 10.82
N VAL A 167 -6.08 -2.48 10.28
CA VAL A 167 -5.32 -3.50 11.01
C VAL A 167 -3.87 -3.10 11.16
N PHE A 168 -3.17 -3.75 12.06
CA PHE A 168 -1.75 -3.53 12.25
C PHE A 168 -1.03 -4.78 11.81
N SER A 169 -0.08 -4.62 10.89
CA SER A 169 0.53 -5.76 10.22
C SER A 169 1.14 -6.74 11.21
N VAL A 170 0.72 -7.99 11.10
CA VAL A 170 1.25 -9.07 11.91
C VAL A 170 2.69 -9.38 11.54
N PRO A 171 3.56 -9.51 12.54
CA PRO A 171 4.92 -9.99 12.33
C PRO A 171 4.87 -11.43 11.83
N THR A 172 4.94 -11.57 10.52
CA THR A 172 4.72 -12.85 9.88
C THR A 172 5.81 -13.84 10.23
N ASP A 173 5.42 -15.08 10.45
CA ASP A 173 6.36 -16.12 10.81
C ASP A 173 6.94 -16.74 9.55
N GLN A 174 7.99 -16.11 9.06
CA GLN A 174 8.73 -16.58 7.90
C GLN A 174 9.99 -15.73 7.76
N CYS A 175 10.53 -15.68 6.55
CA CYS A 175 11.74 -14.94 6.27
C CYS A 175 11.52 -13.44 6.46
N ILE A 176 11.04 -12.77 5.40
CA ILE A 176 10.72 -11.32 5.42
C ILE A 176 11.72 -10.54 6.30
N ASP A 177 12.92 -10.34 5.78
CA ASP A 177 14.01 -9.76 6.56
C ASP A 177 14.99 -9.01 5.66
N ASN A 178 14.47 -8.47 4.57
CA ASN A 178 15.31 -7.85 3.56
C ASN A 178 15.71 -6.44 3.96
N GLN A 1 -22.39 -13.15 6.48
CA GLN A 1 -21.64 -11.96 6.04
C GLN A 1 -22.61 -10.99 5.36
N ASP A 2 -22.14 -10.28 4.34
CA ASP A 2 -22.96 -9.34 3.58
C ASP A 2 -23.47 -8.21 4.46
N SER A 3 -22.52 -7.50 5.07
CA SER A 3 -22.86 -6.31 5.82
C SER A 3 -23.15 -5.18 4.86
N THR A 4 -22.17 -4.86 4.04
CA THR A 4 -22.33 -3.89 2.98
C THR A 4 -21.22 -4.09 1.94
N GLN A 5 -21.57 -4.73 0.83
CA GLN A 5 -20.61 -5.00 -0.22
C GLN A 5 -20.52 -3.83 -1.19
N ASN A 6 -20.24 -2.68 -0.65
CA ASN A 6 -20.13 -1.45 -1.42
C ASN A 6 -18.71 -0.93 -1.36
N LEU A 7 -18.52 0.28 -1.86
CA LEU A 7 -17.25 0.96 -1.72
C LEU A 7 -17.31 1.89 -0.51
N ILE A 8 -16.30 1.82 0.33
CA ILE A 8 -16.16 2.77 1.40
C ILE A 8 -15.61 4.03 0.83
N PRO A 9 -16.08 5.16 1.37
CA PRO A 9 -15.73 6.52 0.99
C PRO A 9 -14.53 6.63 0.08
N ALA A 10 -14.74 6.34 -1.21
CA ALA A 10 -13.65 6.23 -2.17
C ALA A 10 -13.16 7.61 -2.59
N PRO A 11 -11.98 8.00 -2.11
CA PRO A 11 -11.38 9.29 -2.39
C PRO A 11 -10.55 9.27 -3.68
N PRO A 12 -10.70 10.29 -4.52
CA PRO A 12 -9.89 10.43 -5.73
C PRO A 12 -8.45 10.77 -5.39
N LEU A 13 -7.59 10.66 -6.38
CA LEU A 13 -6.18 10.99 -6.24
C LEU A 13 -6.00 12.29 -5.47
N ILE A 14 -6.82 13.24 -5.77
CA ILE A 14 -6.59 14.60 -5.32
C ILE A 14 -6.86 14.76 -3.81
N SER A 15 -7.40 13.71 -3.18
CA SER A 15 -7.62 13.75 -1.74
C SER A 15 -6.33 13.47 -0.99
N VAL A 16 -5.40 12.81 -1.66
CA VAL A 16 -4.17 12.39 -1.03
C VAL A 16 -3.04 13.39 -1.29
N PRO A 17 -2.30 13.78 -0.25
CA PRO A 17 -1.09 14.58 -0.40
C PRO A 17 0.02 13.78 -1.07
N LEU A 18 0.94 14.46 -1.72
CA LEU A 18 1.97 13.78 -2.49
C LEU A 18 3.37 14.20 -2.03
N GLN A 19 4.32 13.27 -2.17
CA GLN A 19 5.71 13.52 -1.79
C GLN A 19 6.32 14.57 -2.71
N PRO A 20 6.65 15.75 -2.17
CA PRO A 20 7.21 16.86 -2.95
C PRO A 20 8.64 16.60 -3.40
N GLY A 21 8.91 16.85 -4.67
CA GLY A 21 10.23 16.60 -5.23
C GLY A 21 10.52 15.11 -5.34
N PHE A 22 9.56 14.37 -5.86
CA PHE A 22 9.65 12.93 -5.92
C PHE A 22 10.59 12.47 -7.05
N TRP A 23 11.42 11.49 -6.75
CA TRP A 23 12.32 10.92 -7.73
C TRP A 23 12.28 9.39 -7.67
N THR A 24 12.46 8.74 -8.82
CA THR A 24 12.36 7.29 -8.94
C THR A 24 13.15 6.54 -7.86
N GLU A 25 14.44 6.82 -7.82
CA GLU A 25 15.37 6.06 -7.00
C GLU A 25 15.17 6.35 -5.51
N ARG A 26 14.44 7.43 -5.21
CA ARG A 26 14.19 7.80 -3.81
C ARG A 26 13.03 6.98 -3.27
N PHE A 27 12.38 6.24 -4.16
CA PHE A 27 11.31 5.34 -3.79
C PHE A 27 11.74 3.92 -4.13
N GLN A 28 13.05 3.69 -4.04
CA GLN A 28 13.63 2.40 -4.38
C GLN A 28 14.28 1.75 -3.16
N GLY A 29 14.05 0.47 -3.01
CA GLY A 29 14.62 -0.26 -1.90
C GLY A 29 13.59 -1.00 -1.08
N ARG A 30 13.94 -1.25 0.18
CA ARG A 30 13.11 -2.05 1.04
C ARG A 30 12.12 -1.20 1.82
N TRP A 31 10.84 -1.41 1.57
CA TRP A 31 9.81 -0.76 2.35
C TRP A 31 9.00 -1.80 3.11
N PHE A 32 9.01 -1.67 4.41
CA PHE A 32 8.39 -2.64 5.31
C PHE A 32 7.06 -2.11 5.83
N VAL A 33 6.04 -2.96 5.85
CA VAL A 33 4.72 -2.53 6.30
C VAL A 33 4.60 -2.63 7.81
N VAL A 34 3.96 -1.65 8.41
CA VAL A 34 3.75 -1.65 9.84
C VAL A 34 2.27 -1.44 10.16
N GLY A 35 1.51 -0.93 9.18
CA GLY A 35 0.08 -0.72 9.38
C GLY A 35 -0.70 -0.74 8.08
N LEU A 36 -2.02 -0.86 8.18
CA LEU A 36 -2.88 -0.93 7.01
C LEU A 36 -4.32 -0.52 7.36
N ALA A 37 -4.91 0.29 6.51
CA ALA A 37 -6.28 0.77 6.70
C ALA A 37 -7.02 0.65 5.39
N GLY A 38 -8.24 0.17 5.41
CA GLY A 38 -8.97 0.02 4.18
C GLY A 38 -10.22 -0.82 4.31
N ASN A 39 -11.19 -0.52 3.46
CA ASN A 39 -12.46 -1.25 3.46
C ASN A 39 -12.21 -2.71 3.04
N ALA A 40 -11.17 -2.90 2.25
CA ALA A 40 -10.81 -4.22 1.74
C ALA A 40 -9.74 -4.85 2.64
N VAL A 41 -9.36 -4.12 3.67
CA VAL A 41 -8.39 -4.60 4.66
C VAL A 41 -8.94 -5.78 5.46
N GLN A 42 -8.07 -6.77 5.70
CA GLN A 42 -8.42 -7.91 6.55
C GLN A 42 -8.47 -7.48 8.01
N LYS A 43 -9.58 -6.85 8.38
CA LYS A 43 -9.77 -6.35 9.73
C LYS A 43 -10.91 -7.12 10.40
N GLU A 44 -10.56 -8.11 11.21
CA GLU A 44 -11.58 -8.89 11.90
C GLU A 44 -11.99 -8.20 13.20
N ARG A 45 -11.02 -7.99 14.07
CA ARG A 45 -11.24 -7.26 15.31
C ARG A 45 -9.92 -6.66 15.79
N GLN A 46 -8.84 -7.34 15.46
CA GLN A 46 -7.51 -6.92 15.86
C GLN A 46 -6.70 -6.55 14.63
N SER A 47 -6.45 -7.56 13.81
CA SER A 47 -5.57 -7.45 12.67
C SER A 47 -5.32 -8.84 12.07
N ARG A 48 -6.02 -9.15 10.98
CA ARG A 48 -5.78 -10.43 10.31
C ARG A 48 -4.79 -10.23 9.17
N PHE A 49 -4.54 -8.96 8.85
CA PHE A 49 -3.52 -8.60 7.89
C PHE A 49 -2.14 -8.83 8.48
N THR A 50 -1.18 -9.03 7.62
CA THR A 50 0.17 -9.38 8.01
C THR A 50 1.17 -8.58 7.19
N MET A 51 2.21 -8.11 7.86
CA MET A 51 3.25 -7.31 7.21
C MET A 51 4.01 -8.13 6.16
N TYR A 52 4.37 -7.46 5.09
CA TYR A 52 5.23 -8.01 4.07
C TYR A 52 6.30 -6.98 3.69
N SER A 53 7.21 -7.34 2.80
CA SER A 53 8.19 -6.37 2.32
C SER A 53 7.94 -6.08 0.86
N THR A 54 7.67 -4.83 0.56
CA THR A 54 7.55 -4.40 -0.83
C THR A 54 8.86 -3.75 -1.22
N ILE A 55 9.67 -4.48 -1.95
CA ILE A 55 10.99 -3.99 -2.31
C ILE A 55 10.96 -3.45 -3.73
N TYR A 56 10.81 -2.14 -3.85
CA TYR A 56 10.68 -1.51 -5.16
C TYR A 56 12.05 -1.33 -5.79
N GLU A 57 12.31 -2.02 -6.88
CA GLU A 57 13.59 -1.89 -7.58
C GLU A 57 13.40 -1.11 -8.88
N LEU A 58 14.36 -0.26 -9.22
CA LEU A 58 14.28 0.52 -10.46
C LEU A 58 14.71 -0.32 -11.66
N GLN A 59 13.94 -0.22 -12.74
CA GLN A 59 14.28 -0.88 -13.98
C GLN A 59 14.50 0.17 -15.05
N GLU A 60 14.91 -0.28 -16.22
CA GLU A 60 15.40 0.57 -17.31
C GLU A 60 14.54 1.79 -17.61
N ASP A 61 13.25 1.69 -17.34
CA ASP A 61 12.34 2.78 -17.63
C ASP A 61 11.38 2.98 -16.48
N ASN A 62 11.96 3.06 -15.28
CA ASN A 62 11.24 3.39 -14.03
C ASN A 62 9.99 2.55 -13.79
N SER A 63 9.91 1.39 -14.43
CA SER A 63 8.97 0.36 -14.00
C SER A 63 9.66 -0.36 -12.85
N TYR A 64 9.00 -0.47 -11.72
CA TYR A 64 9.67 -0.98 -10.56
C TYR A 64 9.51 -2.49 -10.48
N ASN A 65 10.62 -3.17 -10.22
CA ASN A 65 10.58 -4.57 -9.92
C ASN A 65 10.33 -4.67 -8.43
N VAL A 66 9.10 -4.90 -8.07
CA VAL A 66 8.72 -4.85 -6.69
C VAL A 66 8.65 -6.24 -6.11
N THR A 67 9.57 -6.49 -5.21
CA THR A 67 9.70 -7.79 -4.61
C THR A 67 8.85 -7.83 -3.36
N SER A 68 7.65 -8.36 -3.48
CA SER A 68 6.74 -8.45 -2.36
C SER A 68 6.79 -9.83 -1.76
N ILE A 69 7.38 -9.95 -0.59
CA ILE A 69 7.47 -11.25 0.07
C ILE A 69 6.24 -11.50 0.91
N LEU A 70 5.59 -12.61 0.64
CA LEU A 70 4.36 -12.97 1.30
C LEU A 70 4.32 -14.47 1.48
N VAL A 71 3.52 -14.91 2.42
CA VAL A 71 3.46 -16.31 2.77
C VAL A 71 2.67 -17.07 1.72
N ARG A 72 3.34 -18.05 1.13
CA ARG A 72 2.82 -18.83 0.03
C ARG A 72 2.73 -20.30 0.45
N GLY A 73 2.22 -21.15 -0.43
CA GLY A 73 2.08 -22.56 -0.11
C GLY A 73 3.36 -23.19 0.46
N GLN A 74 4.51 -22.68 0.05
CA GLN A 74 5.79 -23.21 0.53
C GLN A 74 6.48 -22.25 1.48
N GLY A 75 5.73 -21.72 2.43
CA GLY A 75 6.32 -20.89 3.45
C GLY A 75 6.28 -19.43 3.07
N CYS A 76 7.42 -18.78 3.07
CA CYS A 76 7.48 -17.39 2.67
C CYS A 76 8.21 -17.29 1.35
N ARG A 77 7.71 -16.48 0.43
CA ARG A 77 8.30 -16.39 -0.88
C ARG A 77 8.16 -14.97 -1.43
N TYR A 78 9.17 -14.54 -2.17
CA TYR A 78 9.15 -13.23 -2.79
C TYR A 78 8.34 -13.30 -4.08
N TRP A 79 7.20 -12.63 -4.10
CA TRP A 79 6.42 -12.50 -5.31
C TRP A 79 6.69 -11.12 -5.91
N ILE A 80 7.43 -11.10 -7.01
CA ILE A 80 7.90 -9.85 -7.58
C ILE A 80 7.01 -9.42 -8.74
N ARG A 81 6.46 -8.22 -8.64
CA ARG A 81 5.57 -7.67 -9.67
C ARG A 81 6.11 -6.31 -10.12
N THR A 82 5.35 -5.57 -10.93
CA THR A 82 5.84 -4.32 -11.48
C THR A 82 4.99 -3.14 -10.99
N PHE A 83 5.65 -2.05 -10.65
CA PHE A 83 4.97 -0.80 -10.32
C PHE A 83 5.46 0.31 -11.23
N VAL A 84 4.55 1.03 -11.86
CA VAL A 84 4.89 2.01 -12.87
C VAL A 84 4.16 3.32 -12.62
N PRO A 85 4.85 4.46 -12.82
CA PRO A 85 4.27 5.79 -12.62
C PRO A 85 3.08 6.04 -13.55
N SER A 86 2.03 6.63 -12.99
CA SER A 86 0.82 6.95 -13.74
C SER A 86 1.04 8.22 -14.58
N SER A 87 -0.01 9.04 -14.68
CA SER A 87 0.06 10.29 -15.42
C SER A 87 1.13 11.22 -14.87
N ARG A 88 1.50 11.03 -13.61
CA ARG A 88 2.53 11.83 -12.98
C ARG A 88 3.12 11.09 -11.78
N PRO A 89 4.43 11.26 -11.55
CA PRO A 89 5.15 10.63 -10.43
C PRO A 89 4.47 10.88 -9.09
N GLY A 90 4.45 9.86 -8.26
CA GLY A 90 3.75 9.94 -6.99
C GLY A 90 2.46 9.14 -7.05
N GLN A 91 1.77 9.27 -8.17
CA GLN A 91 0.60 8.46 -8.47
C GLN A 91 1.08 7.19 -9.16
N PHE A 92 0.93 6.04 -8.52
CA PHE A 92 1.50 4.84 -9.06
C PHE A 92 0.45 3.86 -9.55
N THR A 93 0.75 3.27 -10.67
CA THR A 93 0.00 2.14 -11.15
C THR A 93 0.94 0.96 -11.08
N LEU A 94 0.47 -0.24 -11.32
CA LEU A 94 1.39 -1.35 -11.41
C LEU A 94 1.62 -1.67 -12.87
N GLY A 95 2.81 -2.20 -13.17
CA GLY A 95 3.24 -2.40 -14.54
C GLY A 95 2.18 -3.06 -15.39
N ASN A 96 1.58 -2.27 -16.26
CA ASN A 96 0.47 -2.70 -17.14
C ASN A 96 -0.78 -3.06 -16.33
N ILE A 97 -1.24 -2.14 -15.49
CA ILE A 97 -2.42 -2.37 -14.65
C ILE A 97 -3.67 -2.66 -15.48
N HIS A 98 -3.91 -1.87 -16.51
CA HIS A 98 -5.17 -1.95 -17.23
C HIS A 98 -5.18 -3.16 -18.17
N SER A 99 -4.14 -3.98 -18.06
CA SER A 99 -4.12 -5.29 -18.72
C SER A 99 -5.02 -6.23 -17.93
N TYR A 100 -5.39 -5.80 -16.73
CA TYR A 100 -6.42 -6.48 -15.93
C TYR A 100 -7.80 -6.08 -16.42
N PRO A 101 -8.68 -7.06 -16.63
CA PRO A 101 -9.97 -6.87 -17.32
C PRO A 101 -11.01 -6.10 -16.52
N GLN A 102 -11.06 -6.33 -15.22
CA GLN A 102 -12.10 -5.73 -14.38
C GLN A 102 -11.60 -4.47 -13.70
N ILE A 103 -10.29 -4.31 -13.66
CA ILE A 103 -9.69 -3.19 -12.96
C ILE A 103 -9.86 -1.91 -13.77
N GLN A 104 -10.70 -1.05 -13.22
CA GLN A 104 -11.03 0.24 -13.80
C GLN A 104 -9.78 1.11 -13.80
N SER A 105 -9.22 1.26 -12.61
CA SER A 105 -8.02 2.03 -12.41
C SER A 105 -7.29 1.49 -11.19
N TYR A 106 -6.01 1.79 -11.08
CA TYR A 106 -5.25 1.44 -9.90
C TYR A 106 -4.16 2.48 -9.68
N ASP A 107 -4.34 3.27 -8.64
CA ASP A 107 -3.41 4.35 -8.34
C ASP A 107 -3.02 4.32 -6.87
N VAL A 108 -1.73 4.35 -6.63
CA VAL A 108 -1.18 4.39 -5.29
C VAL A 108 -0.26 5.59 -5.15
N GLN A 109 -0.66 6.52 -4.30
CA GLN A 109 0.09 7.74 -4.06
C GLN A 109 0.61 7.75 -2.64
N VAL A 110 1.88 8.04 -2.50
CA VAL A 110 2.46 8.15 -1.17
C VAL A 110 2.33 9.59 -0.69
N ALA A 111 1.77 9.75 0.50
CA ALA A 111 1.58 11.06 1.10
C ALA A 111 2.92 11.66 1.49
N ASP A 112 3.80 10.80 2.00
CA ASP A 112 5.16 11.20 2.32
C ASP A 112 6.04 9.97 2.38
N THR A 113 7.14 10.01 1.66
CA THR A 113 8.05 8.87 1.60
C THR A 113 9.50 9.31 1.75
N ASP A 114 10.25 8.59 2.59
CA ASP A 114 11.68 8.78 2.71
C ASP A 114 12.34 7.42 2.93
N TYR A 115 13.63 7.32 2.66
CA TYR A 115 14.34 6.04 2.77
C TYR A 115 14.55 5.65 4.24
N ASP A 116 14.70 6.65 5.10
CA ASP A 116 14.92 6.41 6.53
C ASP A 116 13.66 6.73 7.32
N GLN A 117 12.95 7.75 6.85
CA GLN A 117 11.66 8.12 7.41
C GLN A 117 10.61 7.06 7.04
N PHE A 118 9.41 7.21 7.57
CA PHE A 118 8.34 6.24 7.39
C PHE A 118 7.40 6.77 6.30
N ALA A 119 6.81 5.86 5.52
CA ALA A 119 6.05 6.29 4.35
C ALA A 119 4.58 5.94 4.46
N MET A 120 3.75 6.91 4.16
CA MET A 120 2.30 6.77 4.21
C MET A 120 1.74 6.69 2.79
N VAL A 121 1.14 5.57 2.41
CA VAL A 121 0.71 5.40 1.03
C VAL A 121 -0.78 5.09 0.92
N PHE A 122 -1.42 5.69 -0.08
CA PHE A 122 -2.81 5.40 -0.41
C PHE A 122 -2.84 4.57 -1.70
N PHE A 123 -3.29 3.32 -1.58
CA PHE A 123 -3.44 2.43 -2.74
C PHE A 123 -4.92 2.34 -3.12
N GLN A 124 -5.23 2.54 -4.38
CA GLN A 124 -6.62 2.46 -4.83
C GLN A 124 -6.79 1.39 -5.91
N LYS A 125 -7.79 0.54 -5.73
CA LYS A 125 -8.10 -0.53 -6.66
C LYS A 125 -9.56 -0.44 -7.10
N THR A 126 -9.79 -0.20 -8.38
CA THR A 126 -11.15 -0.14 -8.90
C THR A 126 -11.46 -1.41 -9.67
N SER A 127 -12.60 -2.01 -9.40
CA SER A 127 -13.04 -3.17 -10.17
C SER A 127 -14.57 -3.23 -10.21
N GLU A 128 -15.12 -3.39 -11.40
CA GLU A 128 -16.58 -3.38 -11.61
C GLU A 128 -17.20 -2.11 -11.02
N ASN A 129 -16.51 -0.98 -11.22
CA ASN A 129 -16.92 0.32 -10.69
C ASN A 129 -16.98 0.33 -9.16
N LYS A 130 -16.63 -0.80 -8.55
CA LYS A 130 -16.51 -0.86 -7.10
C LYS A 130 -15.11 -0.45 -6.72
N GLN A 131 -14.99 0.73 -6.15
CA GLN A 131 -13.69 1.28 -5.82
C GLN A 131 -13.30 0.92 -4.39
N TYR A 132 -12.21 0.21 -4.26
CA TYR A 132 -11.69 -0.16 -2.95
C TYR A 132 -10.32 0.46 -2.79
N PHE A 133 -10.05 0.97 -1.62
CA PHE A 133 -8.79 1.65 -1.38
C PHE A 133 -8.27 1.33 -0.01
N LYS A 134 -7.03 1.68 0.22
CA LYS A 134 -6.39 1.47 1.50
C LYS A 134 -5.31 2.51 1.73
N VAL A 135 -5.07 2.86 2.97
CA VAL A 135 -3.90 3.64 3.32
C VAL A 135 -2.96 2.73 4.11
N THR A 136 -1.77 2.52 3.58
CA THR A 136 -0.85 1.58 4.17
C THR A 136 0.35 2.31 4.77
N LEU A 137 0.87 1.75 5.84
CA LEU A 137 1.99 2.36 6.54
C LEU A 137 3.25 1.54 6.28
N TYR A 138 4.16 2.12 5.50
CA TYR A 138 5.45 1.50 5.23
C TYR A 138 6.55 2.22 6.01
N GLY A 139 7.71 1.60 6.08
CA GLY A 139 8.82 2.17 6.78
C GLY A 139 10.14 1.70 6.22
N ARG A 140 11.23 2.28 6.72
CA ARG A 140 12.57 1.91 6.32
C ARG A 140 12.84 0.44 6.60
N THR A 141 12.35 -0.04 7.74
CA THR A 141 12.59 -1.41 8.17
C THR A 141 11.79 -1.69 9.44
N LYS A 142 12.19 -2.70 10.22
CA LYS A 142 11.46 -3.12 11.42
C LYS A 142 11.57 -2.09 12.56
N GLY A 143 11.79 -0.81 12.22
CA GLY A 143 11.99 0.19 13.25
C GLY A 143 11.14 1.43 13.05
N LEU A 144 9.83 1.27 13.24
CA LEU A 144 8.90 2.39 13.20
C LEU A 144 8.08 2.42 14.47
N SER A 145 7.87 3.61 15.03
CA SER A 145 7.13 3.79 16.26
C SER A 145 5.62 3.71 16.01
N ASP A 146 4.85 3.54 17.07
CA ASP A 146 3.38 3.51 16.96
C ASP A 146 2.86 4.87 16.57
N GLU A 147 3.61 5.92 16.91
CA GLU A 147 3.23 7.29 16.63
C GLU A 147 2.96 7.50 15.14
N LEU A 148 3.87 7.01 14.31
CA LEU A 148 3.74 7.17 12.86
C LEU A 148 2.60 6.31 12.31
N LYS A 149 2.33 5.18 12.96
CA LYS A 149 1.22 4.33 12.56
C LYS A 149 -0.10 5.00 12.91
N GLU A 150 -0.18 5.54 14.12
CA GLU A 150 -1.37 6.25 14.56
C GLU A 150 -1.66 7.40 13.60
N ARG A 151 -0.60 7.99 13.08
CA ARG A 151 -0.73 9.03 12.08
C ARG A 151 -1.43 8.51 10.83
N PHE A 152 -1.09 7.29 10.38
CA PHE A 152 -1.74 6.72 9.21
C PHE A 152 -3.20 6.38 9.51
N VAL A 153 -3.48 5.83 10.70
CA VAL A 153 -4.84 5.46 11.05
C VAL A 153 -5.70 6.72 11.10
N SER A 154 -5.09 7.82 11.54
CA SER A 154 -5.74 9.11 11.55
C SER A 154 -6.04 9.54 10.12
N PHE A 155 -5.05 9.40 9.24
CA PHE A 155 -5.22 9.73 7.83
C PHE A 155 -6.26 8.81 7.20
N ALA A 156 -6.33 7.57 7.68
CA ALA A 156 -7.31 6.60 7.20
C ALA A 156 -8.71 7.19 7.31
N LYS A 157 -9.02 7.71 8.49
CA LYS A 157 -10.34 8.25 8.78
C LYS A 157 -10.53 9.62 8.14
N SER A 158 -9.48 10.41 8.09
CA SER A 158 -9.54 11.75 7.49
C SER A 158 -9.53 11.65 5.97
N LEU A 159 -9.32 10.46 5.46
CA LEU A 159 -9.39 10.20 4.03
C LEU A 159 -10.77 9.66 3.66
N GLY A 160 -11.46 9.08 4.64
CA GLY A 160 -12.81 8.60 4.41
C GLY A 160 -13.14 7.32 5.16
N LEU A 161 -12.12 6.54 5.46
CA LEU A 161 -12.30 5.23 6.09
C LEU A 161 -12.52 5.37 7.60
N LYS A 162 -12.54 4.22 8.28
CA LYS A 162 -12.84 4.17 9.70
C LYS A 162 -12.03 3.08 10.37
N ASP A 163 -11.70 3.34 11.65
CA ASP A 163 -10.86 2.47 12.48
C ASP A 163 -11.29 1.01 12.45
N ASN A 164 -12.56 0.80 12.15
CA ASN A 164 -13.14 -0.53 12.14
C ASN A 164 -12.52 -1.37 11.02
N ASN A 165 -12.00 -0.69 9.99
CA ASN A 165 -11.37 -1.37 8.87
C ASN A 165 -9.89 -1.00 8.80
N ILE A 166 -9.27 -0.79 9.96
CA ILE A 166 -7.84 -0.50 10.02
C ILE A 166 -7.13 -1.48 10.94
N VAL A 167 -6.03 -2.04 10.47
CA VAL A 167 -5.25 -2.98 11.28
C VAL A 167 -3.78 -2.55 11.31
N PHE A 168 -3.04 -3.17 12.20
CA PHE A 168 -1.61 -2.95 12.29
C PHE A 168 -0.91 -4.23 11.85
N SER A 169 -0.04 -4.10 10.85
CA SER A 169 0.56 -5.25 10.19
C SER A 169 1.12 -6.26 11.19
N VAL A 170 0.68 -7.49 11.07
CA VAL A 170 1.10 -8.57 11.93
C VAL A 170 2.40 -9.18 11.42
N PRO A 171 3.41 -9.28 12.30
CA PRO A 171 4.63 -10.02 12.03
C PRO A 171 4.32 -11.51 11.92
N THR A 172 3.96 -11.95 10.71
CA THR A 172 3.62 -13.34 10.49
C THR A 172 4.86 -14.21 10.65
N ASP A 173 4.65 -15.49 10.92
CA ASP A 173 5.77 -16.38 11.15
C ASP A 173 6.28 -16.90 9.81
N GLN A 174 7.15 -16.11 9.21
CA GLN A 174 7.79 -16.40 7.94
C GLN A 174 8.95 -15.44 7.75
N CYS A 175 9.73 -15.64 6.70
CA CYS A 175 10.79 -14.69 6.36
C CYS A 175 10.19 -13.44 5.77
N ILE A 176 10.73 -12.30 6.15
CA ILE A 176 10.26 -11.00 5.67
C ILE A 176 11.30 -9.96 6.06
N ASP A 177 12.55 -10.32 5.85
CA ASP A 177 13.66 -9.52 6.31
C ASP A 177 14.00 -8.42 5.32
N ASN A 178 14.19 -7.22 5.84
CA ASN A 178 14.54 -6.06 5.03
C ASN A 178 15.52 -5.19 5.81
N GLN A 1 -21.54 2.51 8.39
CA GLN A 1 -22.84 2.48 7.68
C GLN A 1 -23.52 1.14 7.87
N ASP A 2 -24.84 1.16 8.01
CA ASP A 2 -25.62 -0.06 8.23
C ASP A 2 -26.77 -0.12 7.22
N SER A 3 -26.78 0.83 6.30
CA SER A 3 -27.81 0.90 5.27
C SER A 3 -27.45 0.05 4.06
N THR A 4 -26.16 -0.20 3.88
CA THR A 4 -25.68 -0.96 2.75
C THR A 4 -24.26 -1.49 3.05
N GLN A 5 -23.83 -2.48 2.29
CA GLN A 5 -22.49 -3.04 2.45
C GLN A 5 -21.71 -2.94 1.15
N ASN A 6 -21.74 -1.76 0.56
CA ASN A 6 -21.05 -1.51 -0.70
C ASN A 6 -19.64 -0.99 -0.40
N LEU A 7 -19.02 -0.35 -1.38
CA LEU A 7 -17.70 0.21 -1.21
C LEU A 7 -17.71 1.27 -0.10
N ILE A 8 -16.69 1.21 0.74
CA ILE A 8 -16.51 2.22 1.76
C ILE A 8 -16.00 3.47 1.11
N PRO A 9 -16.56 4.60 1.58
CA PRO A 9 -16.24 5.96 1.18
C PRO A 9 -14.99 6.07 0.32
N ALA A 10 -15.13 5.78 -0.97
CA ALA A 10 -14.00 5.62 -1.86
C ALA A 10 -13.53 6.96 -2.42
N PRO A 11 -12.39 7.46 -1.93
CA PRO A 11 -11.76 8.69 -2.40
C PRO A 11 -10.83 8.42 -3.56
N PRO A 12 -10.75 9.37 -4.52
CA PRO A 12 -9.83 9.27 -5.63
C PRO A 12 -8.40 9.59 -5.22
N LEU A 13 -7.46 9.28 -6.10
CA LEU A 13 -6.04 9.54 -5.88
C LEU A 13 -5.82 10.94 -5.31
N ILE A 14 -6.53 11.90 -5.87
CA ILE A 14 -6.30 13.30 -5.57
C ILE A 14 -6.60 13.65 -4.10
N SER A 15 -7.11 12.67 -3.36
CA SER A 15 -7.34 12.81 -1.93
C SER A 15 -6.06 12.55 -1.14
N VAL A 16 -5.10 11.90 -1.77
CA VAL A 16 -3.82 11.59 -1.13
C VAL A 16 -2.73 12.52 -1.65
N PRO A 17 -1.90 13.07 -0.74
CA PRO A 17 -0.75 13.91 -1.11
C PRO A 17 0.33 13.14 -1.88
N LEU A 18 1.16 13.88 -2.59
CA LEU A 18 2.26 13.30 -3.36
C LEU A 18 3.60 13.64 -2.70
N GLN A 19 4.57 12.73 -2.83
CA GLN A 19 5.93 12.98 -2.34
C GLN A 19 6.61 14.01 -3.26
N PRO A 20 6.81 15.25 -2.80
CA PRO A 20 7.42 16.30 -3.62
C PRO A 20 8.90 16.05 -3.89
N GLY A 21 9.31 16.24 -5.14
CA GLY A 21 10.68 15.95 -5.51
C GLY A 21 10.94 14.46 -5.54
N PHE A 22 9.95 13.71 -5.97
CA PHE A 22 10.03 12.26 -6.04
C PHE A 22 10.92 11.82 -7.19
N TRP A 23 11.70 10.78 -6.95
CA TRP A 23 12.57 10.21 -7.96
C TRP A 23 12.33 8.71 -8.05
N THR A 24 12.69 8.11 -9.18
CA THR A 24 12.55 6.67 -9.36
C THR A 24 13.22 5.90 -8.22
N GLU A 25 14.52 6.16 -8.05
CA GLU A 25 15.33 5.41 -7.08
C GLU A 25 14.97 5.81 -5.66
N ARG A 26 14.24 6.92 -5.52
CA ARG A 26 13.74 7.37 -4.22
C ARG A 26 12.82 6.31 -3.62
N PHE A 27 12.09 5.65 -4.50
CA PHE A 27 11.13 4.63 -4.10
C PHE A 27 11.66 3.25 -4.50
N GLN A 28 12.92 2.98 -4.16
CA GLN A 28 13.56 1.73 -4.54
C GLN A 28 14.18 1.04 -3.33
N GLY A 29 14.03 -0.27 -3.25
CA GLY A 29 14.61 -1.05 -2.19
C GLY A 29 13.59 -1.79 -1.37
N ARG A 30 14.02 -2.33 -0.23
CA ARG A 30 13.16 -3.11 0.63
C ARG A 30 12.49 -2.21 1.66
N TRP A 31 11.17 -2.20 1.68
CA TRP A 31 10.44 -1.51 2.73
C TRP A 31 9.41 -2.44 3.37
N PHE A 32 9.29 -2.35 4.69
CA PHE A 32 8.44 -3.24 5.46
C PHE A 32 7.17 -2.52 5.93
N VAL A 33 6.04 -3.20 5.82
CA VAL A 33 4.76 -2.63 6.26
C VAL A 33 4.72 -2.56 7.78
N VAL A 34 4.08 -1.51 8.29
CA VAL A 34 3.94 -1.33 9.74
C VAL A 34 2.46 -1.15 10.10
N GLY A 35 1.63 -0.87 9.10
CA GLY A 35 0.20 -0.73 9.32
C GLY A 35 -0.59 -0.78 8.02
N LEU A 36 -1.90 -0.98 8.13
CA LEU A 36 -2.76 -1.09 6.97
C LEU A 36 -4.19 -0.72 7.32
N ALA A 37 -4.81 0.10 6.50
CA ALA A 37 -6.16 0.59 6.78
C ALA A 37 -6.95 0.69 5.49
N GLY A 38 -8.13 0.10 5.45
CA GLY A 38 -8.89 0.11 4.22
C GLY A 38 -10.03 -0.87 4.22
N ASN A 39 -11.02 -0.62 3.40
CA ASN A 39 -12.17 -1.51 3.33
C ASN A 39 -11.77 -2.82 2.67
N ALA A 40 -10.68 -2.76 1.90
CA ALA A 40 -10.12 -3.94 1.28
C ALA A 40 -9.10 -4.59 2.22
N VAL A 41 -8.85 -3.95 3.35
CA VAL A 41 -8.06 -4.54 4.43
C VAL A 41 -8.82 -5.71 5.01
N GLN A 42 -8.20 -6.89 4.96
CA GLN A 42 -8.81 -8.05 5.57
C GLN A 42 -8.61 -8.00 7.08
N LYS A 43 -9.42 -7.19 7.72
CA LYS A 43 -9.41 -7.09 9.17
C LYS A 43 -10.48 -7.99 9.73
N GLU A 44 -10.08 -9.03 10.47
CA GLU A 44 -11.03 -9.86 11.17
C GLU A 44 -11.65 -9.05 12.28
N ARG A 45 -10.76 -8.42 13.00
CA ARG A 45 -11.04 -7.58 14.15
C ARG A 45 -9.70 -7.22 14.77
N GLN A 46 -8.73 -8.11 14.58
CA GLN A 46 -7.40 -7.93 15.15
C GLN A 46 -6.41 -7.42 14.10
N SER A 47 -5.79 -8.36 13.39
CA SER A 47 -4.72 -8.01 12.44
C SER A 47 -4.25 -9.25 11.66
N ARG A 48 -5.17 -9.87 10.93
CA ARG A 48 -4.85 -11.07 10.17
C ARG A 48 -4.05 -10.74 8.91
N PHE A 49 -3.87 -9.45 8.67
CA PHE A 49 -3.16 -8.95 7.50
C PHE A 49 -1.73 -9.50 7.41
N THR A 50 -1.00 -9.41 8.50
CA THR A 50 0.45 -9.73 8.56
C THR A 50 1.28 -8.92 7.54
N MET A 51 2.40 -8.38 8.01
CA MET A 51 3.26 -7.54 7.17
C MET A 51 3.97 -8.35 6.10
N TYR A 52 4.21 -7.68 4.99
CA TYR A 52 5.02 -8.21 3.92
C TYR A 52 6.04 -7.17 3.49
N SER A 53 6.97 -7.55 2.63
CA SER A 53 7.94 -6.59 2.13
C SER A 53 7.59 -6.21 0.72
N THR A 54 7.37 -4.92 0.50
CA THR A 54 7.22 -4.40 -0.84
C THR A 54 8.58 -3.87 -1.28
N ILE A 55 9.22 -4.62 -2.15
CA ILE A 55 10.58 -4.32 -2.53
C ILE A 55 10.62 -3.86 -3.97
N TYR A 56 10.62 -2.54 -4.15
CA TYR A 56 10.54 -1.95 -5.47
C TYR A 56 11.94 -1.79 -6.05
N GLU A 57 12.22 -2.48 -7.14
CA GLU A 57 13.54 -2.40 -7.75
C GLU A 57 13.45 -1.75 -9.12
N LEU A 58 14.33 -0.78 -9.36
CA LEU A 58 14.30 0.02 -10.58
C LEU A 58 14.76 -0.75 -11.81
N GLN A 59 13.89 -0.83 -12.80
CA GLN A 59 14.27 -1.28 -14.12
C GLN A 59 14.83 -0.07 -14.85
N GLU A 60 15.45 -0.31 -16.00
CA GLU A 60 16.08 0.76 -16.77
C GLU A 60 15.07 1.76 -17.33
N ASP A 61 13.78 1.50 -17.10
CA ASP A 61 12.75 2.42 -17.56
C ASP A 61 11.65 2.57 -16.51
N ASN A 62 12.08 2.92 -15.30
CA ASN A 62 11.20 3.24 -14.15
C ASN A 62 10.08 2.23 -13.89
N SER A 63 10.14 1.07 -14.52
CA SER A 63 9.25 0.00 -14.15
C SER A 63 9.84 -0.70 -12.95
N TYR A 64 9.13 -0.72 -11.85
CA TYR A 64 9.68 -1.32 -10.66
C TYR A 64 9.28 -2.77 -10.62
N ASN A 65 10.25 -3.64 -10.37
CA ASN A 65 9.92 -5.02 -10.09
C ASN A 65 9.77 -5.13 -8.59
N VAL A 66 8.53 -5.13 -8.17
CA VAL A 66 8.22 -5.02 -6.78
C VAL A 66 8.05 -6.39 -6.16
N THR A 67 8.98 -6.69 -5.29
CA THR A 67 9.09 -8.01 -4.71
C THR A 67 8.24 -8.07 -3.46
N SER A 68 7.01 -8.57 -3.60
CA SER A 68 6.09 -8.63 -2.49
C SER A 68 6.03 -10.04 -1.91
N ILE A 69 6.80 -10.27 -0.86
CA ILE A 69 6.86 -11.57 -0.25
C ILE A 69 5.63 -11.86 0.57
N LEU A 70 5.09 -13.04 0.36
CA LEU A 70 3.92 -13.49 1.08
C LEU A 70 4.05 -14.97 1.38
N VAL A 71 3.49 -15.36 2.50
CA VAL A 71 3.60 -16.73 2.95
C VAL A 71 2.63 -17.61 2.19
N ARG A 72 3.17 -18.42 1.30
CA ARG A 72 2.38 -19.25 0.41
C ARG A 72 2.02 -20.55 1.12
N GLY A 73 1.11 -20.46 2.07
CA GLY A 73 0.72 -21.62 2.84
C GLY A 73 1.62 -21.86 4.02
N GLN A 74 2.52 -22.84 3.91
CA GLN A 74 3.41 -23.19 5.00
C GLN A 74 4.86 -22.83 4.65
N GLY A 75 5.03 -21.90 3.73
CA GLY A 75 6.37 -21.50 3.32
C GLY A 75 6.42 -20.05 2.89
N CYS A 76 7.60 -19.58 2.53
CA CYS A 76 7.78 -18.18 2.17
C CYS A 76 8.09 -18.08 0.67
N ARG A 77 7.60 -17.04 0.03
CA ARG A 77 7.92 -16.82 -1.37
C ARG A 77 7.76 -15.35 -1.72
N TYR A 78 8.67 -14.83 -2.52
CA TYR A 78 8.59 -13.46 -2.99
C TYR A 78 7.71 -13.42 -4.24
N TRP A 79 6.64 -12.66 -4.19
CA TRP A 79 5.79 -12.48 -5.35
C TRP A 79 6.09 -11.12 -5.98
N ILE A 80 6.76 -11.13 -7.11
CA ILE A 80 7.23 -9.90 -7.71
C ILE A 80 6.30 -9.44 -8.83
N ARG A 81 5.75 -8.23 -8.65
CA ARG A 81 4.86 -7.62 -9.63
C ARG A 81 5.54 -6.36 -10.19
N THR A 82 4.83 -5.55 -10.97
CA THR A 82 5.47 -4.39 -11.56
C THR A 82 4.71 -3.12 -11.21
N PHE A 83 5.42 -2.15 -10.65
CA PHE A 83 4.85 -0.85 -10.36
C PHE A 83 5.51 0.18 -11.27
N VAL A 84 4.70 0.97 -11.94
CA VAL A 84 5.19 1.95 -12.86
C VAL A 84 4.51 3.29 -12.60
N PRO A 85 5.29 4.38 -12.49
CA PRO A 85 4.76 5.72 -12.27
C PRO A 85 3.79 6.13 -13.38
N SER A 86 2.70 6.74 -12.97
CA SER A 86 1.66 7.20 -13.90
C SER A 86 2.15 8.44 -14.66
N SER A 87 1.26 9.42 -14.81
CA SER A 87 1.58 10.67 -15.45
C SER A 87 2.61 11.45 -14.62
N ARG A 88 2.68 11.11 -13.34
CA ARG A 88 3.60 11.78 -12.42
C ARG A 88 4.21 10.78 -11.45
N PRO A 89 5.54 10.79 -11.32
CA PRO A 89 6.26 9.97 -10.36
C PRO A 89 5.73 10.14 -8.95
N GLY A 90 5.31 9.04 -8.35
CA GLY A 90 4.66 9.08 -7.06
C GLY A 90 3.33 8.37 -7.13
N GLN A 91 2.52 8.75 -8.11
CA GLN A 91 1.27 8.06 -8.40
C GLN A 91 1.61 6.80 -9.22
N PHE A 92 1.30 5.64 -8.68
CA PHE A 92 1.76 4.40 -9.28
C PHE A 92 0.64 3.62 -9.92
N THR A 93 0.99 3.03 -11.05
CA THR A 93 0.13 2.14 -11.79
C THR A 93 0.85 0.79 -11.89
N LEU A 94 0.25 -0.21 -12.53
CA LEU A 94 0.91 -1.51 -12.64
C LEU A 94 1.67 -1.58 -13.95
N GLY A 95 2.84 -2.23 -13.90
CA GLY A 95 3.71 -2.36 -15.05
C GLY A 95 2.99 -2.93 -16.26
N ASN A 96 1.91 -3.67 -16.00
CA ASN A 96 1.03 -4.15 -17.05
C ASN A 96 -0.42 -3.95 -16.62
N ILE A 97 -0.73 -2.75 -16.13
CA ILE A 97 -2.09 -2.38 -15.79
C ILE A 97 -2.87 -2.08 -17.06
N HIS A 98 -2.14 -1.64 -18.06
CA HIS A 98 -2.71 -1.01 -19.24
C HIS A 98 -3.45 -2.01 -20.13
N SER A 99 -3.55 -3.24 -19.67
CA SER A 99 -4.34 -4.26 -20.35
C SER A 99 -5.48 -4.74 -19.45
N TYR A 100 -5.76 -3.94 -18.42
CA TYR A 100 -6.74 -4.27 -17.37
C TYR A 100 -8.10 -4.70 -17.92
N PRO A 101 -8.61 -5.85 -17.42
CA PRO A 101 -9.95 -6.34 -17.76
C PRO A 101 -11.07 -5.64 -16.98
N GLN A 102 -10.94 -5.62 -15.65
CA GLN A 102 -12.00 -5.08 -14.80
C GLN A 102 -11.53 -3.85 -14.04
N ILE A 103 -10.26 -3.52 -14.19
CA ILE A 103 -9.64 -2.45 -13.44
C ILE A 103 -10.08 -1.10 -14.00
N GLN A 104 -10.94 -0.44 -13.25
CA GLN A 104 -11.52 0.82 -13.65
C GLN A 104 -10.46 1.91 -13.60
N SER A 105 -9.58 1.78 -12.63
CA SER A 105 -8.44 2.65 -12.46
C SER A 105 -7.57 2.11 -11.32
N TYR A 106 -6.27 2.23 -11.46
CA TYR A 106 -5.36 1.87 -10.37
C TYR A 106 -4.31 2.95 -10.22
N ASP A 107 -4.37 3.65 -9.11
CA ASP A 107 -3.37 4.64 -8.80
C ASP A 107 -3.11 4.68 -7.31
N VAL A 108 -1.85 4.50 -6.94
CA VAL A 108 -1.46 4.60 -5.55
C VAL A 108 -0.32 5.61 -5.43
N GLN A 109 -0.40 6.51 -4.48
CA GLN A 109 0.73 7.40 -4.25
C GLN A 109 0.91 7.68 -2.79
N VAL A 110 2.15 7.92 -2.43
CA VAL A 110 2.52 8.09 -1.05
C VAL A 110 2.41 9.56 -0.66
N ALA A 111 1.84 9.80 0.52
CA ALA A 111 1.74 11.15 1.07
C ALA A 111 3.14 11.72 1.31
N ASP A 112 4.03 10.86 1.79
CA ASP A 112 5.45 11.19 1.89
C ASP A 112 6.25 9.92 2.13
N THR A 113 7.37 9.77 1.44
CA THR A 113 8.17 8.56 1.51
C THR A 113 9.65 8.87 1.66
N ASP A 114 10.32 8.22 2.61
CA ASP A 114 11.75 8.37 2.81
C ASP A 114 12.40 7.03 3.16
N TYR A 115 13.72 6.95 3.05
CA TYR A 115 14.44 5.72 3.36
C TYR A 115 14.50 5.46 4.86
N ASP A 116 14.64 6.52 5.65
CA ASP A 116 14.75 6.39 7.10
C ASP A 116 13.42 6.70 7.77
N GLN A 117 12.78 7.75 7.28
CA GLN A 117 11.45 8.12 7.72
C GLN A 117 10.42 7.10 7.25
N PHE A 118 9.19 7.29 7.66
CA PHE A 118 8.14 6.34 7.32
C PHE A 118 7.31 6.90 6.19
N ALA A 119 6.46 6.07 5.65
CA ALA A 119 5.71 6.43 4.46
C ALA A 119 4.24 6.06 4.58
N MET A 120 3.40 6.95 4.06
CA MET A 120 1.96 6.80 4.13
C MET A 120 1.38 6.71 2.72
N VAL A 121 0.90 5.54 2.32
CA VAL A 121 0.50 5.36 0.93
C VAL A 121 -0.98 5.05 0.80
N PHE A 122 -1.65 5.79 -0.08
CA PHE A 122 -3.03 5.51 -0.43
C PHE A 122 -3.05 4.68 -1.71
N PHE A 123 -3.52 3.45 -1.59
CA PHE A 123 -3.66 2.54 -2.74
C PHE A 123 -5.12 2.51 -3.17
N GLN A 124 -5.39 2.87 -4.41
CA GLN A 124 -6.76 2.79 -4.94
C GLN A 124 -6.83 1.78 -6.07
N LYS A 125 -7.76 0.84 -5.93
CA LYS A 125 -8.01 -0.14 -6.98
C LYS A 125 -9.50 -0.23 -7.26
N THR A 126 -9.90 0.15 -8.46
CA THR A 126 -11.27 0.04 -8.86
C THR A 126 -11.43 -1.19 -9.74
N SER A 127 -12.39 -2.03 -9.44
CA SER A 127 -12.58 -3.25 -10.21
C SER A 127 -14.04 -3.66 -10.13
N GLU A 128 -14.60 -4.11 -11.26
CA GLU A 128 -16.01 -4.53 -11.31
C GLU A 128 -16.92 -3.37 -10.87
N ASN A 129 -16.51 -2.15 -11.22
CA ASN A 129 -17.25 -0.92 -10.89
C ASN A 129 -17.13 -0.59 -9.41
N LYS A 130 -16.62 -1.54 -8.63
CA LYS A 130 -16.49 -1.35 -7.20
C LYS A 130 -15.12 -0.79 -6.88
N GLN A 131 -15.09 0.21 -6.03
CA GLN A 131 -13.85 0.86 -5.67
C GLN A 131 -13.39 0.37 -4.31
N TYR A 132 -12.16 -0.09 -4.25
CA TYR A 132 -11.56 -0.48 -2.99
C TYR A 132 -10.27 0.27 -2.82
N PHE A 133 -10.03 0.77 -1.63
CA PHE A 133 -8.84 1.54 -1.37
C PHE A 133 -8.35 1.25 0.04
N LYS A 134 -7.11 1.62 0.27
CA LYS A 134 -6.48 1.45 1.57
C LYS A 134 -5.41 2.51 1.75
N VAL A 135 -5.14 2.84 2.99
CA VAL A 135 -3.97 3.62 3.31
C VAL A 135 -3.00 2.72 4.07
N THR A 136 -1.87 2.42 3.45
CA THR A 136 -0.92 1.51 4.03
C THR A 136 0.27 2.27 4.59
N LEU A 137 0.76 1.84 5.73
CA LEU A 137 1.90 2.45 6.35
C LEU A 137 3.08 1.50 6.30
N TYR A 138 4.20 1.96 5.76
CA TYR A 138 5.40 1.15 5.76
C TYR A 138 6.58 1.97 6.26
N GLY A 139 7.61 1.28 6.72
CA GLY A 139 8.73 1.95 7.35
C GLY A 139 10.06 1.38 6.90
N ARG A 140 11.13 2.06 7.29
CA ARG A 140 12.49 1.68 6.90
C ARG A 140 12.78 0.21 7.15
N THR A 141 12.61 -0.22 8.40
CA THR A 141 13.01 -1.56 8.78
C THR A 141 12.41 -1.97 10.13
N LYS A 142 11.10 -2.25 10.13
CA LYS A 142 10.38 -2.80 11.29
C LYS A 142 10.35 -1.86 12.49
N GLY A 143 10.96 -0.71 12.36
CA GLY A 143 11.10 0.17 13.51
C GLY A 143 10.46 1.52 13.30
N LEU A 144 9.16 1.59 13.51
CA LEU A 144 8.44 2.85 13.40
C LEU A 144 7.67 3.13 14.69
N SER A 145 7.75 4.36 15.15
CA SER A 145 7.10 4.80 16.37
C SER A 145 5.58 4.65 16.25
N ASP A 146 4.94 4.38 17.39
CA ASP A 146 3.49 4.25 17.46
C ASP A 146 2.82 5.54 17.03
N GLU A 147 3.57 6.64 17.18
CA GLU A 147 3.10 7.95 16.78
C GLU A 147 2.72 7.95 15.30
N LEU A 148 3.61 7.45 14.46
CA LEU A 148 3.44 7.57 13.02
C LEU A 148 2.36 6.62 12.50
N LYS A 149 2.18 5.47 13.14
CA LYS A 149 1.14 4.55 12.70
C LYS A 149 -0.24 5.05 13.10
N GLU A 150 -0.34 5.54 14.33
CA GLU A 150 -1.58 6.17 14.77
C GLU A 150 -1.94 7.32 13.82
N ARG A 151 -0.92 8.01 13.31
CA ARG A 151 -1.12 9.06 12.33
C ARG A 151 -1.73 8.51 11.04
N PHE A 152 -1.33 7.29 10.64
CA PHE A 152 -1.90 6.68 9.45
C PHE A 152 -3.35 6.25 9.67
N VAL A 153 -3.65 5.69 10.86
CA VAL A 153 -5.01 5.24 11.14
C VAL A 153 -5.95 6.45 11.14
N SER A 154 -5.46 7.58 11.65
CA SER A 154 -6.23 8.81 11.63
C SER A 154 -6.45 9.29 10.19
N PHE A 155 -5.44 9.08 9.35
CA PHE A 155 -5.57 9.39 7.92
C PHE A 155 -6.60 8.46 7.29
N ALA A 156 -6.61 7.20 7.74
CA ALA A 156 -7.59 6.23 7.27
C ALA A 156 -9.01 6.71 7.53
N LYS A 157 -9.25 7.17 8.76
CA LYS A 157 -10.59 7.59 9.18
C LYS A 157 -10.99 8.92 8.53
N SER A 158 -10.03 9.82 8.36
CA SER A 158 -10.31 11.11 7.73
C SER A 158 -10.44 10.96 6.22
N LEU A 159 -9.89 9.88 5.69
CA LEU A 159 -10.00 9.56 4.27
C LEU A 159 -11.35 8.91 3.98
N GLY A 160 -12.06 8.51 5.04
CA GLY A 160 -13.41 8.00 4.89
C GLY A 160 -13.63 6.66 5.56
N LEU A 161 -12.55 6.01 5.97
CA LEU A 161 -12.64 4.67 6.52
C LEU A 161 -12.73 4.68 8.04
N LYS A 162 -12.67 3.49 8.62
CA LYS A 162 -12.90 3.31 10.05
C LYS A 162 -12.04 2.17 10.57
N ASP A 163 -11.66 2.30 11.84
CA ASP A 163 -10.76 1.38 12.53
C ASP A 163 -11.13 -0.07 12.34
N ASN A 164 -12.41 -0.33 12.10
CA ASN A 164 -12.92 -1.69 11.95
C ASN A 164 -12.37 -2.35 10.69
N ASN A 165 -11.68 -1.57 9.86
CA ASN A 165 -10.96 -2.11 8.72
C ASN A 165 -9.55 -1.54 8.69
N ILE A 166 -8.98 -1.29 9.87
CA ILE A 166 -7.62 -0.78 9.98
C ILE A 166 -6.80 -1.69 10.89
N VAL A 167 -5.98 -2.54 10.30
CA VAL A 167 -5.13 -3.45 11.06
C VAL A 167 -3.72 -2.90 11.17
N PHE A 168 -2.92 -3.61 11.94
CA PHE A 168 -1.51 -3.31 12.05
C PHE A 168 -0.74 -4.54 11.59
N SER A 169 0.32 -4.33 10.85
CA SER A 169 1.00 -5.43 10.20
C SER A 169 1.69 -6.34 11.23
N VAL A 170 1.30 -7.60 11.19
CA VAL A 170 1.89 -8.60 12.07
C VAL A 170 3.14 -9.18 11.46
N PRO A 171 4.26 -9.13 12.20
CA PRO A 171 5.51 -9.75 11.78
C PRO A 171 5.36 -11.26 11.61
N THR A 172 5.04 -11.68 10.39
CA THR A 172 4.86 -13.08 10.10
C THR A 172 6.19 -13.81 10.21
N ASP A 173 6.13 -15.08 10.54
CA ASP A 173 7.32 -15.86 10.68
C ASP A 173 7.66 -16.55 9.37
N GLN A 174 8.36 -15.80 8.54
CA GLN A 174 8.81 -16.28 7.24
C GLN A 174 10.02 -15.49 6.78
N CYS A 175 10.46 -15.79 5.58
CA CYS A 175 11.66 -15.18 5.00
C CYS A 175 11.38 -13.75 4.50
N ILE A 176 10.60 -13.00 5.27
CA ILE A 176 10.20 -11.66 4.88
C ILE A 176 11.40 -10.71 4.83
N ASP A 177 12.39 -11.00 5.65
CA ASP A 177 13.58 -10.17 5.74
C ASP A 177 14.45 -10.35 4.50
N ASN A 178 14.65 -9.26 3.78
CA ASN A 178 15.47 -9.28 2.58
C ASN A 178 16.78 -8.56 2.87
N GLN A 1 -23.30 4.51 -11.94
CA GLN A 1 -24.29 3.67 -11.23
C GLN A 1 -23.58 2.77 -10.24
N ASP A 2 -24.09 2.76 -9.01
CA ASP A 2 -23.44 2.01 -7.93
C ASP A 2 -24.44 1.05 -7.30
N SER A 3 -24.81 0.02 -8.05
CA SER A 3 -25.79 -0.96 -7.60
C SER A 3 -25.30 -1.69 -6.36
N THR A 4 -24.00 -1.90 -6.28
CA THR A 4 -23.41 -2.55 -5.12
C THR A 4 -22.47 -1.59 -4.41
N GLN A 5 -22.96 -0.98 -3.33
CA GLN A 5 -22.15 -0.07 -2.52
C GLN A 5 -21.27 -0.88 -1.57
N ASN A 6 -20.42 -1.68 -2.16
CA ASN A 6 -19.45 -2.49 -1.41
C ASN A 6 -18.26 -1.62 -1.07
N LEU A 7 -18.23 -0.49 -1.70
CA LEU A 7 -17.18 0.49 -1.48
C LEU A 7 -17.47 1.34 -0.26
N ILE A 8 -16.42 1.58 0.51
CA ILE A 8 -16.46 2.55 1.59
C ILE A 8 -16.26 3.92 0.96
N PRO A 9 -16.49 4.99 1.72
CA PRO A 9 -16.15 6.35 1.35
C PRO A 9 -15.02 6.44 0.32
N ALA A 10 -15.40 6.39 -0.96
CA ALA A 10 -14.46 6.34 -2.07
C ALA A 10 -13.90 7.73 -2.41
N PRO A 11 -12.62 7.96 -2.05
CA PRO A 11 -11.91 9.19 -2.35
C PRO A 11 -10.99 9.04 -3.57
N PRO A 12 -11.00 10.01 -4.48
CA PRO A 12 -10.10 10.04 -5.62
C PRO A 12 -8.67 10.35 -5.19
N LEU A 13 -7.73 10.14 -6.10
CA LEU A 13 -6.31 10.46 -5.89
C LEU A 13 -6.19 11.85 -5.29
N ILE A 14 -7.08 12.69 -5.70
CA ILE A 14 -6.99 14.11 -5.43
C ILE A 14 -7.33 14.44 -3.97
N SER A 15 -7.68 13.42 -3.19
CA SER A 15 -8.00 13.61 -1.78
C SER A 15 -6.77 13.38 -0.92
N VAL A 16 -5.72 12.84 -1.53
CA VAL A 16 -4.53 12.46 -0.80
C VAL A 16 -3.35 13.36 -1.17
N PRO A 17 -2.64 13.89 -0.16
CA PRO A 17 -1.39 14.63 -0.38
C PRO A 17 -0.34 13.74 -1.02
N LEU A 18 0.60 14.34 -1.73
CA LEU A 18 1.58 13.57 -2.49
C LEU A 18 2.99 14.09 -2.25
N GLN A 19 3.96 13.20 -2.39
CA GLN A 19 5.37 13.58 -2.29
C GLN A 19 5.78 14.32 -3.56
N PRO A 20 6.11 15.62 -3.44
CA PRO A 20 6.54 16.42 -4.57
C PRO A 20 8.03 16.34 -4.80
N GLY A 21 8.42 15.97 -6.01
CA GLY A 21 9.82 15.75 -6.30
C GLY A 21 10.23 14.34 -5.93
N PHE A 22 9.38 13.38 -6.29
CA PHE A 22 9.63 11.98 -5.99
C PHE A 22 10.81 11.46 -6.81
N TRP A 23 11.67 10.70 -6.17
CA TRP A 23 12.88 10.19 -6.82
C TRP A 23 12.86 8.67 -6.91
N THR A 24 12.83 8.20 -8.16
CA THR A 24 12.88 6.77 -8.48
C THR A 24 13.97 6.03 -7.71
N GLU A 25 15.16 6.59 -7.74
CA GLU A 25 16.33 5.93 -7.17
C GLU A 25 16.33 5.98 -5.64
N ARG A 26 15.97 7.13 -5.10
CA ARG A 26 16.17 7.40 -3.67
C ARG A 26 15.05 6.81 -2.81
N PHE A 27 13.89 6.61 -3.41
CA PHE A 27 12.75 6.04 -2.68
C PHE A 27 12.63 4.55 -3.01
N GLN A 28 13.69 4.01 -3.62
CA GLN A 28 13.75 2.60 -4.00
C GLN A 28 14.33 1.76 -2.87
N GLY A 29 13.86 0.53 -2.77
CA GLY A 29 14.38 -0.38 -1.76
C GLY A 29 13.28 -1.08 -0.98
N ARG A 30 13.59 -1.43 0.26
CA ARG A 30 12.67 -2.21 1.09
C ARG A 30 11.63 -1.31 1.75
N TRP A 31 10.38 -1.69 1.62
CA TRP A 31 9.29 -1.03 2.31
C TRP A 31 8.46 -2.05 3.09
N PHE A 32 8.53 -1.98 4.40
CA PHE A 32 7.83 -2.91 5.26
C PHE A 32 6.47 -2.35 5.67
N VAL A 33 5.46 -3.21 5.67
CA VAL A 33 4.12 -2.81 6.07
C VAL A 33 3.98 -2.87 7.58
N VAL A 34 4.18 -1.75 8.24
CA VAL A 34 4.10 -1.69 9.68
C VAL A 34 2.68 -1.33 10.13
N GLY A 35 1.82 -1.06 9.17
CA GLY A 35 0.41 -0.83 9.46
C GLY A 35 -0.42 -0.82 8.19
N LEU A 36 -1.73 -0.99 8.33
CA LEU A 36 -2.61 -1.03 7.16
C LEU A 36 -4.04 -0.67 7.53
N ALA A 37 -4.61 0.19 6.73
CA ALA A 37 -5.99 0.63 6.89
C ALA A 37 -6.69 0.47 5.56
N GLY A 38 -8.00 0.28 5.56
CA GLY A 38 -8.68 0.20 4.29
C GLY A 38 -9.91 -0.68 4.34
N ASN A 39 -10.89 -0.34 3.52
CA ASN A 39 -12.14 -1.08 3.47
C ASN A 39 -11.88 -2.51 3.01
N ALA A 40 -10.83 -2.70 2.22
CA ALA A 40 -10.47 -4.01 1.70
C ALA A 40 -9.48 -4.73 2.63
N VAL A 41 -9.13 -4.05 3.71
CA VAL A 41 -8.23 -4.60 4.72
C VAL A 41 -8.85 -5.80 5.45
N GLN A 42 -8.02 -6.82 5.70
CA GLN A 42 -8.45 -7.98 6.46
C GLN A 42 -8.42 -7.65 7.95
N LYS A 43 -9.48 -6.99 8.39
CA LYS A 43 -9.56 -6.46 9.75
C LYS A 43 -10.55 -7.31 10.55
N GLU A 44 -10.04 -8.33 11.23
CA GLU A 44 -10.88 -9.30 11.93
C GLU A 44 -11.43 -8.70 13.21
N ARG A 45 -10.53 -8.10 13.95
CA ARG A 45 -10.84 -7.46 15.21
C ARG A 45 -9.60 -6.73 15.70
N GLN A 46 -8.44 -7.15 15.22
CA GLN A 46 -7.19 -6.51 15.62
C GLN A 46 -6.21 -6.46 14.46
N SER A 47 -5.78 -7.62 13.99
CA SER A 47 -4.70 -7.73 13.03
C SER A 47 -4.68 -9.12 12.40
N ARG A 48 -5.61 -9.38 11.49
CA ARG A 48 -5.59 -10.63 10.76
C ARG A 48 -4.64 -10.49 9.58
N PHE A 49 -4.28 -9.26 9.31
CA PHE A 49 -3.26 -8.94 8.33
C PHE A 49 -1.89 -9.32 8.88
N THR A 50 -0.91 -9.35 8.02
CA THR A 50 0.45 -9.70 8.38
C THR A 50 1.39 -9.01 7.41
N MET A 51 2.50 -8.47 7.90
CA MET A 51 3.35 -7.63 7.06
C MET A 51 4.04 -8.43 5.98
N TYR A 52 4.12 -7.82 4.82
CA TYR A 52 4.94 -8.34 3.76
C TYR A 52 5.94 -7.26 3.39
N SER A 53 6.94 -7.59 2.59
CA SER A 53 7.92 -6.61 2.19
C SER A 53 7.66 -6.20 0.76
N THR A 54 7.41 -4.93 0.55
CA THR A 54 7.28 -4.41 -0.79
C THR A 54 8.63 -3.80 -1.17
N ILE A 55 9.39 -4.52 -1.98
CA ILE A 55 10.72 -4.06 -2.36
C ILE A 55 10.68 -3.55 -3.79
N TYR A 56 10.68 -2.23 -3.95
CA TYR A 56 10.62 -1.66 -5.29
C TYR A 56 11.99 -1.75 -5.94
N GLU A 57 12.15 -2.68 -6.87
CA GLU A 57 13.41 -2.85 -7.56
C GLU A 57 13.36 -2.12 -8.90
N LEU A 58 14.23 -1.14 -9.07
CA LEU A 58 14.23 -0.30 -10.26
C LEU A 58 14.71 -1.05 -11.50
N GLN A 59 14.01 -0.83 -12.61
CA GLN A 59 14.35 -1.47 -13.85
C GLN A 59 14.81 -0.44 -14.85
N GLU A 60 15.03 -0.86 -16.08
CA GLU A 60 15.58 -0.01 -17.14
C GLU A 60 14.81 1.30 -17.30
N ASP A 61 13.52 1.30 -17.07
CA ASP A 61 12.75 2.53 -17.22
C ASP A 61 11.79 2.70 -16.08
N ASN A 62 12.35 2.68 -14.87
CA ASN A 62 11.64 3.00 -13.61
C ASN A 62 10.36 2.18 -13.40
N SER A 63 10.14 1.15 -14.19
CA SER A 63 9.15 0.16 -13.83
C SER A 63 9.76 -0.67 -12.72
N TYR A 64 9.13 -0.68 -11.57
CA TYR A 64 9.73 -1.33 -10.44
C TYR A 64 9.31 -2.77 -10.43
N ASN A 65 10.26 -3.66 -10.27
CA ASN A 65 9.92 -5.04 -10.05
C ASN A 65 9.88 -5.23 -8.56
N VAL A 66 8.69 -5.19 -8.03
CA VAL A 66 8.53 -5.14 -6.61
C VAL A 66 8.40 -6.53 -6.04
N THR A 67 9.24 -6.79 -5.08
CA THR A 67 9.36 -8.11 -4.53
C THR A 67 8.53 -8.20 -3.26
N SER A 68 7.31 -8.71 -3.37
CA SER A 68 6.41 -8.78 -2.23
C SER A 68 6.42 -10.18 -1.63
N ILE A 69 7.20 -10.34 -0.57
CA ILE A 69 7.30 -11.63 0.09
C ILE A 69 6.12 -11.87 1.01
N LEU A 70 5.47 -12.99 0.78
CA LEU A 70 4.33 -13.40 1.57
C LEU A 70 4.41 -14.89 1.82
N VAL A 71 3.95 -15.29 2.97
CA VAL A 71 4.02 -16.68 3.37
C VAL A 71 2.96 -17.47 2.64
N ARG A 72 3.41 -18.36 1.75
CA ARG A 72 2.51 -19.13 0.92
C ARG A 72 2.31 -20.50 1.53
N GLY A 73 1.40 -20.58 2.50
CA GLY A 73 1.18 -21.81 3.22
C GLY A 73 2.16 -21.99 4.36
N GLN A 74 3.03 -22.98 4.24
CA GLN A 74 4.03 -23.25 5.26
C GLN A 74 5.42 -22.99 4.71
N GLY A 75 5.58 -21.85 4.07
CA GLY A 75 6.86 -21.47 3.52
C GLY A 75 6.91 -20.01 3.14
N CYS A 76 8.07 -19.52 2.79
CA CYS A 76 8.23 -18.11 2.47
C CYS A 76 8.51 -17.98 0.97
N ARG A 77 7.80 -17.10 0.30
CA ARG A 77 8.05 -16.89 -1.11
C ARG A 77 7.90 -15.43 -1.48
N TYR A 78 8.78 -14.96 -2.34
CA TYR A 78 8.72 -13.61 -2.85
C TYR A 78 7.81 -13.58 -4.07
N TRP A 79 6.75 -12.79 -4.01
CA TRP A 79 5.89 -12.61 -5.15
C TRP A 79 6.20 -11.27 -5.78
N ILE A 80 6.88 -11.29 -6.91
CA ILE A 80 7.38 -10.07 -7.52
C ILE A 80 6.45 -9.60 -8.63
N ARG A 81 6.01 -8.35 -8.52
CA ARG A 81 5.12 -7.74 -9.50
C ARG A 81 5.60 -6.33 -9.82
N THR A 82 5.24 -5.81 -10.98
CA THR A 82 5.79 -4.56 -11.43
C THR A 82 4.95 -3.37 -11.00
N PHE A 83 5.62 -2.34 -10.48
CA PHE A 83 5.00 -1.05 -10.20
C PHE A 83 5.54 -0.04 -11.20
N VAL A 84 4.76 0.97 -11.50
CA VAL A 84 5.13 1.98 -12.48
C VAL A 84 4.46 3.31 -12.13
N PRO A 85 5.05 4.43 -12.54
CA PRO A 85 4.45 5.76 -12.33
C PRO A 85 3.14 5.90 -13.08
N SER A 86 2.16 6.48 -12.41
CA SER A 86 0.86 6.75 -13.01
C SER A 86 0.92 8.05 -13.80
N SER A 87 -0.12 8.87 -13.72
CA SER A 87 -0.17 10.12 -14.44
C SER A 87 0.84 11.14 -13.89
N ARG A 88 1.38 10.85 -12.71
CA ARG A 88 2.41 11.70 -12.11
C ARG A 88 3.22 10.91 -11.07
N PRO A 89 4.51 11.27 -10.89
CA PRO A 89 5.38 10.61 -9.90
C PRO A 89 4.79 10.70 -8.50
N GLY A 90 4.77 9.57 -7.81
CA GLY A 90 4.15 9.49 -6.51
C GLY A 90 2.86 8.70 -6.59
N GLN A 91 2.09 8.98 -7.64
CA GLN A 91 0.91 8.22 -7.97
C GLN A 91 1.36 6.96 -8.69
N PHE A 92 1.06 5.79 -8.17
CA PHE A 92 1.63 4.57 -8.75
C PHE A 92 0.58 3.63 -9.29
N THR A 93 0.95 2.96 -10.35
CA THR A 93 0.14 1.93 -10.97
C THR A 93 0.99 0.67 -11.05
N LEU A 94 0.42 -0.42 -11.54
CA LEU A 94 1.18 -1.65 -11.71
C LEU A 94 1.70 -1.72 -13.14
N GLY A 95 2.92 -2.23 -13.26
CA GLY A 95 3.58 -2.38 -14.54
C GLY A 95 2.76 -3.18 -15.53
N ASN A 96 1.85 -3.97 -14.99
CA ASN A 96 0.92 -4.75 -15.78
C ASN A 96 -0.50 -4.66 -15.21
N ILE A 97 -0.84 -3.52 -14.61
CA ILE A 97 -2.14 -3.33 -13.96
C ILE A 97 -3.27 -3.47 -14.96
N HIS A 98 -3.04 -3.01 -16.18
CA HIS A 98 -4.09 -2.98 -17.17
C HIS A 98 -4.20 -4.33 -17.87
N SER A 99 -3.43 -5.29 -17.39
CA SER A 99 -3.54 -6.67 -17.84
C SER A 99 -4.59 -7.38 -16.99
N TYR A 100 -5.01 -6.70 -15.92
CA TYR A 100 -6.09 -7.18 -15.09
C TYR A 100 -7.42 -6.74 -15.70
N PRO A 101 -8.34 -7.69 -15.90
CA PRO A 101 -9.56 -7.48 -16.69
C PRO A 101 -10.63 -6.63 -16.01
N GLN A 102 -10.83 -6.84 -14.72
CA GLN A 102 -11.91 -6.19 -14.00
C GLN A 102 -11.45 -4.86 -13.42
N ILE A 103 -10.14 -4.70 -13.28
CA ILE A 103 -9.58 -3.52 -12.66
C ILE A 103 -9.84 -2.27 -13.50
N GLN A 104 -10.58 -1.36 -12.90
CA GLN A 104 -10.93 -0.09 -13.51
C GLN A 104 -9.70 0.81 -13.54
N SER A 105 -9.07 0.91 -12.38
CA SER A 105 -7.86 1.67 -12.20
C SER A 105 -7.17 1.19 -10.94
N TYR A 106 -5.89 1.48 -10.82
CA TYR A 106 -5.17 1.17 -9.61
C TYR A 106 -4.10 2.22 -9.38
N ASP A 107 -4.29 3.05 -8.37
CA ASP A 107 -3.37 4.13 -8.07
C ASP A 107 -2.98 4.10 -6.60
N VAL A 108 -1.70 3.96 -6.35
CA VAL A 108 -1.15 3.99 -5.00
C VAL A 108 -0.17 5.13 -4.89
N GLN A 109 -0.47 6.06 -4.02
CA GLN A 109 0.31 7.26 -3.94
C GLN A 109 0.59 7.62 -2.49
N VAL A 110 1.86 7.79 -2.20
CA VAL A 110 2.28 8.00 -0.83
C VAL A 110 2.15 9.47 -0.43
N ALA A 111 1.48 9.69 0.69
CA ALA A 111 1.21 11.04 1.17
C ALA A 111 2.41 11.58 1.92
N ASP A 112 3.14 10.71 2.58
CA ASP A 112 4.30 11.10 3.36
C ASP A 112 5.34 10.00 3.29
N THR A 113 6.42 10.27 2.58
CA THR A 113 7.45 9.26 2.35
C THR A 113 8.84 9.87 2.53
N ASP A 114 9.73 9.12 3.16
CA ASP A 114 11.15 9.49 3.20
C ASP A 114 12.00 8.24 3.05
N TYR A 115 13.30 8.41 2.95
CA TYR A 115 14.20 7.29 2.69
C TYR A 115 14.34 6.42 3.94
N ASP A 116 14.60 7.07 5.07
CA ASP A 116 14.83 6.33 6.32
C ASP A 116 13.66 6.52 7.27
N GLN A 117 12.95 7.61 7.08
CA GLN A 117 11.71 7.90 7.82
C GLN A 117 10.60 6.93 7.38
N PHE A 118 9.43 7.06 8.00
CA PHE A 118 8.33 6.13 7.81
C PHE A 118 7.37 6.73 6.78
N ALA A 119 6.68 5.89 6.03
CA ALA A 119 5.85 6.36 4.94
C ALA A 119 4.39 5.97 5.13
N MET A 120 3.52 6.77 4.54
CA MET A 120 2.08 6.59 4.67
C MET A 120 1.42 6.71 3.29
N VAL A 121 0.75 5.65 2.84
CA VAL A 121 0.32 5.57 1.44
C VAL A 121 -1.19 5.35 1.33
N PHE A 122 -1.76 5.77 0.20
CA PHE A 122 -3.12 5.41 -0.16
C PHE A 122 -3.08 4.54 -1.42
N PHE A 123 -3.55 3.30 -1.29
CA PHE A 123 -3.66 2.37 -2.43
C PHE A 123 -5.11 2.31 -2.90
N GLN A 124 -5.34 2.57 -4.18
CA GLN A 124 -6.69 2.53 -4.73
C GLN A 124 -6.83 1.39 -5.73
N LYS A 125 -7.79 0.51 -5.48
CA LYS A 125 -8.10 -0.60 -6.36
C LYS A 125 -9.53 -0.49 -6.86
N THR A 126 -9.72 -0.37 -8.15
CA THR A 126 -11.07 -0.32 -8.69
C THR A 126 -11.35 -1.56 -9.53
N SER A 127 -12.52 -2.15 -9.39
CA SER A 127 -12.88 -3.30 -10.20
C SER A 127 -14.39 -3.45 -10.30
N GLU A 128 -14.91 -3.37 -11.53
CA GLU A 128 -16.34 -3.49 -11.79
C GLU A 128 -17.11 -2.46 -10.97
N ASN A 129 -16.64 -1.22 -11.07
CA ASN A 129 -17.25 -0.08 -10.36
C ASN A 129 -17.00 -0.14 -8.85
N LYS A 130 -16.62 -1.30 -8.36
CA LYS A 130 -16.33 -1.46 -6.95
C LYS A 130 -14.97 -0.84 -6.66
N GLN A 131 -14.96 0.20 -5.87
CA GLN A 131 -13.74 0.88 -5.55
C GLN A 131 -13.26 0.45 -4.15
N TYR A 132 -12.03 -0.01 -4.10
CA TYR A 132 -11.42 -0.44 -2.84
C TYR A 132 -10.23 0.48 -2.55
N PHE A 133 -10.06 0.86 -1.30
CA PHE A 133 -9.00 1.77 -0.93
C PHE A 133 -8.40 1.35 0.39
N LYS A 134 -7.13 1.65 0.55
CA LYS A 134 -6.43 1.31 1.76
C LYS A 134 -5.31 2.32 2.02
N VAL A 135 -5.14 2.69 3.28
CA VAL A 135 -4.07 3.58 3.68
C VAL A 135 -3.04 2.77 4.46
N THR A 136 -1.82 2.77 3.96
CA THR A 136 -0.80 1.90 4.49
C THR A 136 0.16 2.66 5.40
N LEU A 137 0.90 1.90 6.20
CA LEU A 137 2.00 2.43 6.96
C LEU A 137 3.25 1.64 6.59
N TYR A 138 4.17 2.30 5.91
CA TYR A 138 5.39 1.67 5.47
C TYR A 138 6.57 2.16 6.29
N GLY A 139 7.54 1.30 6.49
CA GLY A 139 8.75 1.69 7.17
C GLY A 139 9.97 1.10 6.49
N ARG A 140 11.09 1.78 6.63
CA ARG A 140 12.34 1.34 6.00
C ARG A 140 12.91 0.11 6.73
N THR A 141 12.33 -0.23 7.87
CA THR A 141 12.81 -1.35 8.66
C THR A 141 11.70 -1.85 9.60
N LYS A 142 12.01 -2.93 10.33
CA LYS A 142 11.05 -3.55 11.25
C LYS A 142 10.96 -2.77 12.57
N GLY A 143 11.35 -1.49 12.53
CA GLY A 143 11.41 -0.71 13.74
C GLY A 143 10.76 0.65 13.58
N LEU A 144 9.43 0.67 13.57
CA LEU A 144 8.68 1.93 13.54
C LEU A 144 7.87 2.06 14.82
N SER A 145 7.95 3.25 15.43
CA SER A 145 7.26 3.53 16.67
C SER A 145 5.75 3.48 16.49
N ASP A 146 5.03 3.20 17.59
CA ASP A 146 3.58 3.13 17.55
C ASP A 146 3.00 4.52 17.24
N GLU A 147 3.78 5.53 17.57
CA GLU A 147 3.42 6.92 17.30
C GLU A 147 3.13 7.14 15.81
N LEU A 148 4.03 6.67 14.95
CA LEU A 148 3.88 6.89 13.52
C LEU A 148 2.74 6.04 12.95
N LYS A 149 2.50 4.87 13.57
CA LYS A 149 1.41 4.01 13.12
C LYS A 149 0.07 4.61 13.52
N GLU A 150 -0.01 5.11 14.73
CA GLU A 150 -1.22 5.76 15.21
C GLU A 150 -1.55 6.95 14.31
N ARG A 151 -0.51 7.58 13.79
CA ARG A 151 -0.68 8.68 12.84
C ARG A 151 -1.23 8.17 11.49
N PHE A 152 -0.87 6.94 11.10
CA PHE A 152 -1.39 6.40 9.84
C PHE A 152 -2.88 6.14 9.96
N VAL A 153 -3.32 5.63 11.11
CA VAL A 153 -4.74 5.36 11.32
C VAL A 153 -5.51 6.68 11.27
N SER A 154 -4.88 7.74 11.76
CA SER A 154 -5.46 9.07 11.71
C SER A 154 -5.65 9.50 10.26
N PHE A 155 -4.66 9.22 9.42
CA PHE A 155 -4.75 9.52 7.99
C PHE A 155 -5.78 8.62 7.33
N ALA A 156 -5.89 7.39 7.83
CA ALA A 156 -6.87 6.44 7.33
C ALA A 156 -8.28 7.04 7.40
N LYS A 157 -8.54 7.77 8.47
CA LYS A 157 -9.85 8.37 8.68
C LYS A 157 -10.07 9.55 7.73
N SER A 158 -8.96 10.14 7.27
CA SER A 158 -9.02 11.32 6.42
C SER A 158 -9.60 10.99 5.05
N LEU A 159 -9.55 9.72 4.67
CA LEU A 159 -10.13 9.28 3.41
C LEU A 159 -11.57 8.81 3.62
N GLY A 160 -12.07 8.93 4.85
CA GLY A 160 -13.44 8.55 5.14
C GLY A 160 -13.54 7.17 5.77
N LEU A 161 -12.42 6.46 5.84
CA LEU A 161 -12.39 5.11 6.39
C LEU A 161 -12.44 5.14 7.91
N LYS A 162 -12.66 3.97 8.48
CA LYS A 162 -12.88 3.85 9.91
C LYS A 162 -11.92 2.84 10.51
N ASP A 163 -11.68 2.98 11.81
CA ASP A 163 -10.82 2.06 12.58
C ASP A 163 -11.24 0.61 12.41
N ASN A 164 -12.51 0.42 12.07
CA ASN A 164 -13.09 -0.90 11.90
C ASN A 164 -12.41 -1.66 10.76
N ASN A 165 -11.74 -0.92 9.89
CA ASN A 165 -11.04 -1.52 8.76
C ASN A 165 -9.56 -1.15 8.79
N ILE A 166 -9.02 -0.96 9.99
CA ILE A 166 -7.60 -0.62 10.11
C ILE A 166 -6.87 -1.57 11.04
N VAL A 167 -5.93 -2.33 10.48
CA VAL A 167 -5.15 -3.30 11.24
C VAL A 167 -3.72 -2.81 11.41
N PHE A 168 -2.94 -3.56 12.16
CA PHE A 168 -1.55 -3.22 12.40
C PHE A 168 -0.65 -4.36 12.00
N SER A 169 0.62 -4.06 11.77
CA SER A 169 1.58 -5.06 11.30
C SER A 169 1.72 -6.20 12.29
N VAL A 170 1.69 -7.41 11.75
CA VAL A 170 2.05 -8.60 12.48
C VAL A 170 3.45 -9.03 12.09
N PRO A 171 4.36 -9.15 13.06
CA PRO A 171 5.72 -9.65 12.84
C PRO A 171 5.70 -11.04 12.22
N THR A 172 5.83 -11.09 10.91
CA THR A 172 5.74 -12.32 10.16
C THR A 172 6.90 -13.25 10.46
N ASP A 173 6.60 -14.50 10.73
CA ASP A 173 7.61 -15.50 10.99
C ASP A 173 7.91 -16.26 9.70
N GLN A 174 8.82 -15.70 8.94
CA GLN A 174 9.27 -16.27 7.67
C GLN A 174 10.53 -15.55 7.22
N CYS A 175 10.97 -15.85 6.00
CA CYS A 175 12.18 -15.27 5.43
C CYS A 175 11.96 -13.83 4.96
N ILE A 176 11.10 -13.10 5.65
CA ILE A 176 10.76 -11.73 5.26
C ILE A 176 11.84 -10.75 5.74
N ASP A 177 12.80 -10.49 4.87
CA ASP A 177 13.87 -9.54 5.18
C ASP A 177 14.32 -8.82 3.92
N ASN A 178 14.61 -9.61 2.88
CA ASN A 178 15.06 -9.08 1.59
C ASN A 178 16.39 -8.36 1.73
#